data_7KVD
#
_entry.id   7KVD
#
_cell.length_a   1.00
_cell.length_b   1.00
_cell.length_c   1.00
_cell.angle_alpha   90.00
_cell.angle_beta   90.00
_cell.angle_gamma   90.00
#
_symmetry.space_group_name_H-M   'P 1'
#
_entity_poly.entity_id   1
_entity_poly.type   'polypeptide(L)'
_entity_poly.pdbx_seq_one_letter_code
;MRGSHHHHHHGMASMTGGQQMGRDLYDDDDKDRWGSELEICSWYHGGRGNSIADLERRTFGSYKIEEITIKNDQQQKTTN
QQQISNNEQRISTKKIPILDDGIFDLINYLLNGTHFDKTHYCGFDYSHLPTLERDFNTASNYVSENYSIIVEEIDLNKYE
RSESISLKSPDFTVVLEYFKKHVEGQTEQEENKTESTSSELPAKIVRELPLLPIMCRESEDSISEDILEGEGAVIQVLKM
FMKGFLVHLGENPNSYDRQLTIEKYRPLLISIIGYEFTVGTRATHTKINHIYYQLATFDNYPFDLLRFQLQSLIDTPNVI
KERIEKDGLFKVITTTNARGQYQSVLLRGINGSESYLNLKRYRKFKVRVVGNVDNVIKNDFSSLKLDV
;
_entity_poly.pdbx_strand_id   A,B,C,D,E,F,G,H,I,J,K,L
#
# COMPACT_ATOMS: atom_id res chain seq x y z
N GLU A 56 12.01 -3.58 54.80
CA GLU A 56 12.02 -4.50 53.67
C GLU A 56 13.13 -5.53 53.88
N ARG A 57 13.39 -5.86 55.14
CA ARG A 57 14.45 -6.82 55.41
C ARG A 57 14.03 -8.20 54.89
N ARG A 58 15.02 -9.05 54.63
CA ARG A 58 14.79 -10.44 54.29
C ARG A 58 15.93 -11.29 54.82
N THR A 59 15.68 -12.60 54.88
CA THR A 59 16.75 -13.51 55.28
C THR A 59 17.85 -13.49 54.21
N PHE A 60 19.08 -13.76 54.66
CA PHE A 60 20.21 -13.75 53.73
C PHE A 60 20.15 -14.94 52.80
N GLY A 61 20.76 -14.78 51.62
CA GLY A 61 20.81 -15.83 50.62
C GLY A 61 19.47 -16.27 50.07
N SER A 62 18.54 -15.35 49.91
CA SER A 62 17.17 -15.74 49.61
C SER A 62 16.96 -15.84 48.10
N TYR A 63 15.76 -16.27 47.71
CA TYR A 63 15.34 -16.27 46.32
C TYR A 63 13.86 -15.93 46.32
N LYS A 64 13.33 -15.51 45.17
CA LYS A 64 11.89 -15.26 45.16
C LYS A 64 11.35 -15.73 43.81
N ILE A 65 10.05 -15.93 43.74
CA ILE A 65 9.41 -16.50 42.55
C ILE A 65 8.30 -15.58 42.10
N GLU A 66 8.35 -15.19 40.82
CA GLU A 66 7.43 -14.21 40.26
C GLU A 66 6.78 -14.77 39.01
N GLU A 67 5.51 -14.43 38.81
CA GLU A 67 4.71 -14.96 37.71
C GLU A 67 4.56 -13.94 36.59
N ILE A 68 4.61 -14.43 35.35
CA ILE A 68 4.31 -13.66 34.15
C ILE A 68 3.55 -14.57 33.21
N THR A 69 2.63 -14.00 32.43
CA THR A 69 1.92 -14.79 31.44
C THR A 69 1.41 -13.89 30.32
N ILE A 70 1.04 -14.53 29.22
CA ILE A 70 0.48 -13.82 28.07
C ILE A 70 -1.03 -13.69 28.21
N LYS A 95 1.75 -18.81 32.56
CA LYS A 95 2.00 -18.62 33.98
C LYS A 95 3.43 -18.97 34.31
N ILE A 96 4.34 -18.60 33.40
CA ILE A 96 5.76 -18.90 33.60
C ILE A 96 6.27 -18.18 34.84
N PRO A 97 6.98 -18.86 35.72
CA PRO A 97 7.67 -18.18 36.83
C PRO A 97 9.12 -17.86 36.47
N ILE A 98 9.66 -16.89 37.19
CA ILE A 98 11.07 -16.55 37.13
C ILE A 98 11.58 -16.47 38.56
N LEU A 99 12.88 -16.69 38.73
CA LEU A 99 13.50 -16.66 40.03
C LEU A 99 14.28 -15.36 40.24
N ASP A 100 14.25 -14.87 41.47
CA ASP A 100 15.17 -13.86 41.95
C ASP A 100 16.30 -14.55 42.69
N ASP A 101 17.53 -14.20 42.29
CA ASP A 101 18.76 -14.90 42.59
C ASP A 101 19.26 -14.62 44.01
N GLY A 102 19.36 -13.35 44.38
CA GLY A 102 20.25 -12.94 45.45
C GLY A 102 21.69 -12.74 45.04
N ILE A 103 21.93 -12.33 43.79
CA ILE A 103 23.27 -12.17 43.23
C ILE A 103 23.49 -10.76 42.70
N PHE A 104 22.59 -10.30 41.83
CA PHE A 104 22.70 -8.93 41.31
C PHE A 104 22.84 -7.94 42.47
N ASP A 105 21.94 -8.04 43.44
CA ASP A 105 22.05 -7.22 44.64
C ASP A 105 23.33 -7.58 45.39
N LEU A 106 23.63 -8.88 45.47
CA LEU A 106 24.85 -9.32 46.15
C LEU A 106 26.07 -8.72 45.47
N ILE A 107 26.10 -8.74 44.13
CA ILE A 107 27.21 -8.14 43.40
C ILE A 107 27.33 -6.66 43.76
N ASN A 108 26.22 -5.93 43.75
CA ASN A 108 26.29 -4.50 44.07
C ASN A 108 26.80 -4.27 45.49
N TYR A 109 26.32 -5.09 46.43
CA TYR A 109 26.77 -4.97 47.82
C TYR A 109 28.28 -5.19 47.93
N LEU A 110 28.80 -6.22 47.26
CA LEU A 110 30.25 -6.41 47.25
C LEU A 110 30.95 -5.27 46.53
N LEU A 111 30.29 -4.64 45.55
CA LEU A 111 30.86 -3.48 44.90
C LEU A 111 31.09 -2.37 45.90
N ASN A 112 30.12 -2.15 46.79
CA ASN A 112 30.20 -1.03 47.72
C ASN A 112 30.86 -1.40 49.03
N GLY A 113 31.23 -2.67 49.23
CA GLY A 113 31.79 -3.07 50.51
C GLY A 113 30.81 -2.97 51.65
N THR A 114 29.52 -2.86 51.34
CA THR A 114 28.49 -2.69 52.35
C THR A 114 28.47 -3.86 53.34
N HIS A 115 28.21 -3.53 54.60
CA HIS A 115 28.13 -4.47 55.70
C HIS A 115 26.69 -4.93 55.90
N PHE A 116 26.57 -6.13 56.50
CA PHE A 116 25.28 -6.81 56.59
C PHE A 116 24.22 -5.99 57.30
N ASP A 117 24.61 -5.18 58.28
CA ASP A 117 23.64 -4.35 59.00
C ASP A 117 22.89 -3.43 58.04
N LYS A 118 23.62 -2.68 57.20
CA LYS A 118 22.98 -1.78 56.25
C LYS A 118 22.73 -2.49 54.92
N THR A 119 22.07 -3.64 55.03
CA THR A 119 21.69 -4.46 53.89
C THR A 119 20.19 -4.70 53.95
N HIS A 120 19.62 -5.25 52.88
CA HIS A 120 18.20 -5.55 52.85
C HIS A 120 17.91 -6.80 53.69
N TYR A 121 18.88 -7.15 54.54
CA TYR A 121 18.88 -8.41 55.27
C TYR A 121 19.24 -8.18 56.74
N ASP A 125 17.98 -14.48 62.02
CA ASP A 125 17.71 -15.86 61.66
C ASP A 125 18.87 -16.46 60.90
N TYR A 126 20.06 -16.42 61.49
CA TYR A 126 21.25 -16.97 60.84
C TYR A 126 22.09 -17.76 61.83
N SER A 127 21.42 -18.45 62.76
CA SER A 127 22.13 -19.16 63.82
C SER A 127 23.09 -20.18 63.23
N HIS A 128 22.59 -20.99 62.29
CA HIS A 128 23.37 -22.02 61.62
C HIS A 128 24.35 -21.46 60.60
N LEU A 129 24.66 -20.16 60.68
CA LEU A 129 25.66 -19.52 59.82
C LEU A 129 26.89 -19.11 60.61
N PRO A 130 27.80 -20.04 60.92
CA PRO A 130 28.97 -19.70 61.74
C PRO A 130 29.87 -18.66 61.08
N THR A 131 30.41 -17.76 61.92
CA THR A 131 31.39 -16.74 61.55
C THR A 131 31.00 -15.95 60.30
N LEU A 132 29.71 -15.79 60.09
CA LEU A 132 29.20 -15.16 58.87
C LEU A 132 29.65 -13.72 58.71
N GLU A 133 29.55 -12.91 59.77
CA GLU A 133 29.80 -11.48 59.63
C GLU A 133 31.25 -11.12 59.34
N ARG A 134 32.22 -11.76 60.03
CA ARG A 134 33.60 -11.35 59.82
C ARG A 134 34.05 -11.66 58.39
N ASP A 135 33.72 -12.84 57.88
CA ASP A 135 34.04 -13.14 56.49
C ASP A 135 33.27 -12.23 55.56
N PHE A 136 31.99 -12.00 55.88
CA PHE A 136 31.15 -11.13 55.07
C PHE A 136 31.83 -9.79 54.84
N ASN A 137 32.13 -9.08 55.92
CA ASN A 137 32.63 -7.73 55.77
C ASN A 137 34.07 -7.70 55.25
N THR A 138 34.91 -8.67 55.63
CA THR A 138 36.26 -8.71 55.05
C THR A 138 36.19 -8.85 53.53
N ALA A 139 35.40 -9.80 53.04
CA ALA A 139 35.26 -9.95 51.60
C ALA A 139 34.61 -8.72 50.97
N SER A 140 33.64 -8.11 51.66
CA SER A 140 33.02 -6.90 51.14
C SER A 140 34.06 -5.82 50.91
N ASN A 141 34.95 -5.61 51.90
CA ASN A 141 35.99 -4.60 51.73
C ASN A 141 36.93 -4.98 50.60
N TYR A 142 37.37 -6.24 50.55
CA TYR A 142 38.33 -6.65 49.54
C TYR A 142 37.76 -6.41 48.14
N VAL A 143 36.52 -6.83 47.92
CA VAL A 143 35.87 -6.60 46.63
C VAL A 143 35.69 -5.11 46.42
N SER A 144 35.47 -4.34 47.48
CA SER A 144 35.29 -2.90 47.34
C SER A 144 36.54 -2.25 46.75
N GLU A 145 37.73 -2.55 47.31
CA GLU A 145 38.90 -1.91 46.71
C GLU A 145 39.14 -2.46 45.31
N ASN A 146 38.93 -3.76 45.10
CA ASN A 146 39.15 -4.31 43.77
C ASN A 146 38.25 -3.60 42.76
N TYR A 147 37.00 -3.34 43.13
CA TYR A 147 36.08 -2.59 42.29
C TYR A 147 36.60 -1.17 42.07
N SER A 148 37.09 -0.54 43.14
CA SER A 148 37.64 0.81 43.01
C SER A 148 38.79 0.86 42.02
N ILE A 149 39.51 -0.25 41.87
CA ILE A 149 40.67 -0.32 40.97
C ILE A 149 40.27 0.14 39.58
N ILE A 150 39.04 -0.20 39.16
CA ILE A 150 38.52 0.26 37.88
C ILE A 150 37.51 1.39 38.04
N VAL A 151 36.98 1.61 39.26
CA VAL A 151 36.13 2.76 39.50
C VAL A 151 36.89 4.05 39.26
N GLU A 152 38.19 4.05 39.54
CA GLU A 152 38.97 5.28 39.40
C GLU A 152 38.91 5.82 37.97
N GLU A 153 39.04 4.93 36.97
CA GLU A 153 39.08 5.34 35.57
C GLU A 153 37.73 5.74 35.00
N ILE A 154 36.62 5.50 35.71
CA ILE A 154 35.31 5.60 35.07
C ILE A 154 34.99 7.06 34.74
N ASP A 155 34.46 7.28 33.55
CA ASP A 155 33.90 8.57 33.19
C ASP A 155 32.77 8.94 34.14
N LEU A 156 32.53 10.24 34.29
CA LEU A 156 31.31 10.70 34.94
C LEU A 156 30.08 10.18 34.20
N ASN A 157 29.91 10.60 32.94
CA ASN A 157 28.77 10.13 32.15
C ASN A 157 28.86 8.63 31.91
N LYS A 158 29.98 8.16 31.40
CA LYS A 158 30.19 6.73 31.21
C LYS A 158 30.76 6.12 32.49
N SER A 162 22.57 1.82 31.12
CA SER A 162 21.95 0.70 31.80
C SER A 162 22.98 -0.13 32.56
N GLU A 163 22.56 -1.27 33.09
CA GLU A 163 23.45 -2.18 33.80
C GLU A 163 23.13 -3.61 33.39
N SER A 164 24.12 -4.30 32.81
CA SER A 164 23.94 -5.65 32.31
C SER A 164 25.12 -6.53 32.74
N ILE A 165 25.44 -6.47 34.04
CA ILE A 165 26.59 -7.15 34.59
C ILE A 165 26.62 -8.61 34.18
N SER A 166 27.82 -9.14 33.95
CA SER A 166 27.96 -10.52 33.53
C SER A 166 29.14 -11.16 34.26
N LEU A 167 29.13 -12.49 34.31
CA LEU A 167 30.14 -13.25 35.03
C LEU A 167 30.70 -14.31 34.11
N LYS A 168 31.99 -14.60 34.26
CA LYS A 168 32.63 -15.67 33.51
C LYS A 168 33.35 -16.63 34.44
N SER A 169 33.05 -17.92 34.30
CA SER A 169 33.91 -18.98 34.81
C SER A 169 35.17 -19.08 33.96
N PRO A 170 36.26 -19.67 34.50
CA PRO A 170 36.50 -20.18 35.85
C PRO A 170 37.32 -19.22 36.68
N ASP A 171 37.77 -18.13 36.06
CA ASP A 171 38.39 -17.06 36.82
C ASP A 171 37.35 -16.11 37.41
N PHE A 172 36.08 -16.34 37.10
CA PHE A 172 34.95 -15.73 37.77
C PHE A 172 35.10 -14.20 37.72
N THR A 173 35.03 -13.71 36.49
CA THR A 173 35.29 -12.31 36.20
C THR A 173 33.98 -11.57 35.99
N VAL A 174 33.91 -10.36 36.55
CA VAL A 174 32.75 -9.50 36.43
C VAL A 174 32.89 -8.63 35.20
N VAL A 175 31.75 -8.25 34.63
CA VAL A 175 31.68 -7.53 33.36
C VAL A 175 30.63 -6.43 33.48
N LEU A 176 31.03 -5.20 33.15
CA LEU A 176 30.21 -4.01 33.29
C LEU A 176 30.09 -3.29 31.95
N GLU A 177 29.10 -2.40 31.87
CA GLU A 177 28.99 -1.49 30.74
C GLU A 177 28.49 -0.14 31.25
N TYR A 178 28.82 0.91 30.52
CA TYR A 178 28.39 2.27 30.86
C TYR A 178 28.39 3.12 29.60
N PHE A 179 27.32 3.89 29.41
CA PHE A 179 27.13 4.71 28.22
C PHE A 179 27.08 6.18 28.61
N LYS A 180 26.95 7.05 27.60
CA LYS A 180 27.03 8.49 27.84
C LYS A 180 25.81 8.98 28.61
N LYS A 181 24.61 8.59 28.19
CA LYS A 181 23.38 9.16 28.73
C LYS A 181 23.27 8.94 30.24
N VAL A 206 32.03 -0.42 30.73
CA VAL A 206 32.33 -1.29 29.60
C VAL A 206 33.62 -2.02 29.94
N ARG A 207 33.70 -2.55 31.16
CA ARG A 207 34.96 -3.08 31.64
C ARG A 207 34.78 -4.46 32.27
N GLU A 208 35.83 -4.96 32.93
CA GLU A 208 35.80 -6.29 33.50
C GLU A 208 36.76 -6.32 34.68
N LEU A 209 36.69 -7.39 35.45
CA LEU A 209 37.71 -7.65 36.45
C LEU A 209 37.75 -9.14 36.76
N PRO A 210 38.93 -9.77 36.69
CA PRO A 210 39.01 -11.21 37.02
C PRO A 210 39.09 -11.42 38.52
N LEU A 211 37.91 -11.51 39.15
CA LEU A 211 37.83 -11.56 40.61
C LEU A 211 38.68 -12.68 41.21
N LEU A 212 38.51 -13.91 40.72
CA LEU A 212 39.19 -15.07 41.27
C LEU A 212 39.91 -15.83 40.17
N PRO A 213 41.04 -15.32 39.70
CA PRO A 213 41.81 -16.05 38.66
C PRO A 213 42.49 -17.29 39.20
N ILE A 214 41.95 -18.47 38.87
CA ILE A 214 42.51 -19.73 39.33
C ILE A 214 43.04 -20.58 38.18
N MET A 215 42.87 -20.14 36.93
CA MET A 215 43.38 -20.88 35.78
C MET A 215 44.89 -21.13 35.88
N CYS A 216 45.67 -20.08 36.11
CA CYS A 216 47.12 -20.24 36.26
C CYS A 216 47.60 -19.17 37.22
N ARG A 217 48.28 -19.60 38.29
CA ARG A 217 48.81 -18.69 39.31
C ARG A 217 50.17 -19.24 39.72
N GLU A 218 51.22 -18.80 39.05
CA GLU A 218 52.58 -19.17 39.42
C GLU A 218 53.18 -18.13 40.36
N SER A 219 52.41 -17.76 41.37
CA SER A 219 52.82 -16.80 42.39
C SER A 219 52.29 -17.22 43.75
N GLU A 220 52.40 -18.52 44.05
CA GLU A 220 51.76 -19.06 45.24
C GLU A 220 52.31 -18.41 46.52
N ASP A 221 53.62 -18.20 46.58
CA ASP A 221 54.23 -17.42 47.64
C ASP A 221 54.57 -16.00 47.23
N SER A 222 54.65 -15.71 45.93
CA SER A 222 54.94 -14.35 45.48
C SER A 222 53.78 -13.40 45.79
N ILE A 223 52.55 -13.90 45.68
CA ILE A 223 51.39 -13.11 46.08
C ILE A 223 51.33 -13.05 47.60
N SER A 224 51.14 -11.85 48.14
CA SER A 224 51.15 -11.69 49.59
C SER A 224 50.00 -12.46 50.23
N GLU A 225 50.19 -12.83 51.50
CA GLU A 225 49.23 -13.69 52.16
C GLU A 225 47.95 -12.95 52.52
N ASP A 226 48.01 -11.63 52.71
CA ASP A 226 46.79 -10.88 52.97
C ASP A 226 45.85 -10.89 51.76
N ILE A 227 46.40 -10.72 50.55
CA ILE A 227 45.59 -10.84 49.34
C ILE A 227 44.99 -12.23 49.23
N LEU A 228 45.81 -13.27 49.48
CA LEU A 228 45.34 -14.64 49.42
C LEU A 228 44.21 -14.87 50.41
N GLU A 229 44.33 -14.33 51.62
CA GLU A 229 43.28 -14.45 52.61
C GLU A 229 42.02 -13.70 52.14
N GLY A 230 42.21 -12.57 51.45
CA GLY A 230 41.07 -11.87 50.89
C GLY A 230 40.29 -12.73 49.90
N GLU A 231 41.01 -13.37 48.96
CA GLU A 231 40.31 -14.25 48.02
C GLU A 231 39.69 -15.44 48.73
N GLY A 232 40.40 -16.02 49.70
CA GLY A 232 39.84 -17.15 50.42
C GLY A 232 38.58 -16.76 51.17
N ALA A 233 38.57 -15.58 51.77
CA ALA A 233 37.37 -15.06 52.39
C ALA A 233 36.25 -14.94 51.38
N VAL A 234 36.55 -14.41 50.19
CA VAL A 234 35.52 -14.27 49.16
C VAL A 234 34.92 -15.64 48.82
N ILE A 235 35.78 -16.61 48.55
CA ILE A 235 35.30 -17.91 48.08
C ILE A 235 34.53 -18.64 49.18
N GLN A 236 35.00 -18.58 50.42
CA GLN A 236 34.22 -19.15 51.52
C GLN A 236 32.89 -18.43 51.68
N VAL A 237 32.89 -17.10 51.58
CA VAL A 237 31.65 -16.34 51.72
C VAL A 237 30.64 -16.85 50.71
N LEU A 238 31.05 -16.98 49.45
CA LEU A 238 30.13 -17.46 48.42
C LEU A 238 29.72 -18.91 48.71
N LYS A 239 30.67 -19.72 49.18
CA LYS A 239 30.37 -21.10 49.53
C LYS A 239 29.24 -21.19 50.55
N MET A 240 29.37 -20.46 51.65
CA MET A 240 28.28 -20.45 52.64
C MET A 240 27.03 -19.81 52.05
N PHE A 241 27.19 -18.82 51.16
CA PHE A 241 26.02 -18.20 50.56
C PHE A 241 25.21 -19.24 49.80
N MET A 242 25.88 -20.10 49.06
CA MET A 242 25.19 -21.19 48.36
C MET A 242 24.57 -22.14 49.36
N LYS A 243 25.29 -22.44 50.44
CA LYS A 243 24.72 -23.35 51.45
C LYS A 243 23.42 -22.77 52.00
N GLY A 244 23.41 -21.45 52.22
CA GLY A 244 22.19 -20.81 52.66
C GLY A 244 21.12 -20.88 51.59
N PHE A 245 21.49 -20.61 50.34
CA PHE A 245 20.52 -20.66 49.25
C PHE A 245 19.84 -22.02 49.19
N LEU A 246 20.61 -23.08 49.43
CA LEU A 246 20.05 -24.42 49.33
C LEU A 246 19.18 -24.72 50.55
N VAL A 247 19.64 -24.31 51.74
CA VAL A 247 18.78 -24.42 52.92
C VAL A 247 17.47 -23.70 52.65
N HIS A 248 17.54 -22.57 51.95
CA HIS A 248 16.33 -21.82 51.63
C HIS A 248 15.44 -22.63 50.71
N LEU A 249 16.05 -23.31 49.73
CA LEU A 249 15.27 -24.12 48.80
C LEU A 249 14.51 -25.19 49.58
N GLY A 250 15.22 -25.89 50.47
CA GLY A 250 14.60 -26.94 51.24
C GLY A 250 13.54 -26.42 52.19
N GLU A 251 13.78 -25.25 52.78
CA GLU A 251 12.88 -24.71 53.79
C GLU A 251 11.47 -24.49 53.22
N ASN A 252 11.39 -23.94 52.01
CA ASN A 252 10.10 -23.65 51.41
C ASN A 252 10.09 -24.25 50.00
N PRO A 253 9.22 -25.22 49.73
CA PRO A 253 9.05 -25.71 48.36
C PRO A 253 7.90 -24.98 47.68
N ASN A 254 7.91 -25.05 46.34
CA ASN A 254 6.98 -24.28 45.53
C ASN A 254 6.37 -25.18 44.47
N SER A 255 5.21 -24.74 43.97
CA SER A 255 4.61 -25.34 42.78
C SER A 255 5.61 -25.40 41.64
N TYR A 256 6.43 -24.37 41.49
CA TYR A 256 7.28 -24.22 40.33
C TYR A 256 8.67 -24.84 40.51
N ASP A 257 8.86 -25.65 41.56
CA ASP A 257 10.15 -26.27 41.82
C ASP A 257 10.63 -27.15 40.68
N ARG A 258 9.73 -27.60 39.82
CA ARG A 258 10.08 -28.45 38.68
C ARG A 258 10.27 -27.68 37.39
N GLN A 259 10.35 -26.35 37.43
CA GLN A 259 10.37 -25.60 36.20
C GLN A 259 11.70 -24.96 35.85
N LEU A 260 12.63 -24.85 36.80
CA LEU A 260 13.91 -24.22 36.53
C LEU A 260 15.03 -24.99 37.21
N THR A 261 16.26 -24.53 36.96
CA THR A 261 17.49 -25.21 37.36
C THR A 261 18.42 -24.24 38.05
N ILE A 262 19.50 -24.78 38.62
CA ILE A 262 20.48 -24.02 39.38
C ILE A 262 21.31 -23.14 38.45
N GLU A 263 21.08 -23.27 37.15
CA GLU A 263 22.01 -22.87 36.09
C GLU A 263 22.80 -21.58 36.30
N LYS A 264 22.23 -20.59 36.99
CA LYS A 264 22.96 -19.34 37.22
C LYS A 264 24.25 -19.56 38.00
N TYR A 265 24.23 -20.46 38.99
CA TYR A 265 25.22 -20.48 40.04
C TYR A 265 26.40 -21.38 39.73
N ARG A 266 26.37 -22.08 38.59
CA ARG A 266 27.42 -23.00 38.17
C ARG A 266 28.82 -22.43 38.39
N PRO A 267 29.17 -21.26 37.81
CA PRO A 267 30.57 -20.84 37.87
C PRO A 267 31.10 -20.68 39.28
N LEU A 268 30.24 -20.27 40.20
CA LEU A 268 30.67 -20.08 41.59
C LEU A 268 31.14 -21.40 42.16
N LEU A 269 30.34 -22.45 41.97
CA LEU A 269 30.75 -23.78 42.40
C LEU A 269 32.06 -24.15 41.73
N ILE A 270 32.19 -23.78 40.45
CA ILE A 270 33.43 -24.03 39.72
C ILE A 270 34.61 -23.39 40.45
N SER A 271 34.46 -22.11 40.81
CA SER A 271 35.55 -21.44 41.52
C SER A 271 35.91 -22.21 42.77
N ILE A 272 34.89 -22.77 43.45
CA ILE A 272 35.14 -23.57 44.64
C ILE A 272 36.15 -24.67 44.33
N ILE A 273 35.85 -25.48 43.32
CA ILE A 273 36.70 -26.63 43.04
C ILE A 273 38.08 -26.15 42.63
N GLY A 274 38.17 -24.97 42.03
CA GLY A 274 39.49 -24.44 41.68
C GLY A 274 40.35 -24.27 42.92
N TYR A 275 39.78 -23.68 43.97
CA TYR A 275 40.49 -23.59 45.24
C TYR A 275 40.83 -24.98 45.73
N GLU A 276 39.90 -25.94 45.56
CA GLU A 276 40.17 -27.30 45.98
C GLU A 276 41.48 -27.79 45.40
N PHE A 277 41.73 -27.49 44.12
CA PHE A 277 43.01 -27.89 43.53
C PHE A 277 44.14 -26.98 44.01
N THR A 278 43.85 -25.72 44.29
CA THR A 278 44.85 -24.76 44.75
C THR A 278 44.74 -24.49 46.24
N VAL A 279 44.38 -25.50 47.02
CA VAL A 279 44.24 -25.36 48.47
C VAL A 279 45.58 -25.03 49.12
N ASN A 289 36.91 -33.09 47.15
CA ASN A 289 35.50 -32.81 47.38
C ASN A 289 34.65 -33.60 46.40
N HIS A 290 33.41 -33.90 46.79
CA HIS A 290 32.43 -34.48 45.88
C HIS A 290 31.16 -33.65 45.74
N ILE A 291 30.68 -33.02 46.81
CA ILE A 291 29.36 -32.40 46.78
C ILE A 291 29.32 -31.25 45.78
N TYR A 292 30.13 -30.22 46.01
CA TYR A 292 30.07 -29.01 45.19
C TYR A 292 30.42 -29.30 43.73
N TYR A 293 31.36 -30.21 43.52
CA TYR A 293 31.72 -30.61 42.16
C TYR A 293 30.49 -31.10 41.40
N GLN A 294 29.87 -32.19 41.88
CA GLN A 294 28.70 -32.73 41.20
C GLN A 294 27.55 -31.73 41.13
N LEU A 295 27.43 -30.85 42.12
CA LEU A 295 26.47 -29.75 42.00
C LEU A 295 26.76 -28.91 40.76
N ALA A 296 28.03 -28.51 40.59
CA ALA A 296 28.40 -27.72 39.42
C ALA A 296 28.18 -28.51 38.12
N THR A 297 28.34 -29.83 38.17
CA THR A 297 28.33 -30.63 36.95
C THR A 297 27.05 -30.45 36.15
N PHE A 298 25.94 -30.10 36.80
CA PHE A 298 24.65 -30.01 36.13
C PHE A 298 24.01 -28.65 36.37
N ASP A 299 24.36 -27.67 35.54
CA ASP A 299 23.65 -26.40 35.59
C ASP A 299 22.16 -26.59 35.37
N ASN A 300 21.81 -27.55 34.52
CA ASN A 300 20.43 -27.95 34.22
C ASN A 300 19.78 -28.79 35.31
N TYR A 301 20.41 -28.93 36.47
CA TYR A 301 19.91 -29.84 37.48
C TYR A 301 18.68 -29.25 38.18
N PRO A 302 17.68 -30.06 38.50
CA PRO A 302 16.45 -29.55 39.12
C PRO A 302 16.49 -29.61 40.64
N PHE A 303 15.68 -28.74 41.24
CA PHE A 303 15.70 -28.41 42.67
C PHE A 303 15.38 -29.59 43.58
N ASP A 304 14.11 -30.02 43.52
CA ASP A 304 13.64 -31.08 44.40
C ASP A 304 14.40 -32.39 44.23
N LEU A 305 15.00 -32.63 43.06
CA LEU A 305 15.94 -33.73 42.97
C LEU A 305 17.00 -33.62 44.07
N LEU A 306 17.76 -32.52 44.06
CA LEU A 306 18.74 -32.30 45.12
C LEU A 306 18.07 -32.44 46.48
N ARG A 307 16.84 -31.93 46.61
CA ARG A 307 16.09 -32.12 47.85
C ARG A 307 16.00 -33.59 48.23
N PHE A 308 15.94 -34.47 47.23
CA PHE A 308 15.87 -35.91 47.48
C PHE A 308 17.22 -36.54 47.80
N GLN A 309 18.19 -36.36 46.91
CA GLN A 309 19.40 -37.16 46.94
C GLN A 309 20.65 -36.38 47.30
N LEU A 310 20.54 -35.52 48.32
CA LEU A 310 21.75 -34.87 48.83
C LEU A 310 22.72 -35.90 49.43
N GLN A 311 22.24 -37.11 49.70
CA GLN A 311 22.92 -38.04 50.61
C GLN A 311 24.04 -38.78 49.89
N SER A 312 23.68 -39.56 48.87
CA SER A 312 24.54 -40.62 48.33
C SER A 312 25.43 -40.14 47.20
N LEU A 313 25.70 -38.83 47.13
CA LEU A 313 26.41 -38.25 46.00
C LEU A 313 27.90 -38.58 46.10
N ILE A 314 28.19 -39.86 45.96
CA ILE A 314 29.57 -40.37 46.03
C ILE A 314 29.75 -41.45 44.98
N ASP A 315 30.89 -41.42 44.32
CA ASP A 315 31.23 -42.42 43.32
C ASP A 315 31.81 -43.68 43.95
N ILE A 320 38.47 -39.84 37.68
CA ILE A 320 37.10 -39.73 38.13
C ILE A 320 37.04 -39.99 39.63
N LYS A 321 37.24 -41.24 40.02
CA LYS A 321 37.49 -41.51 41.43
C LYS A 321 38.77 -40.81 41.89
N GLU A 322 39.85 -40.95 41.12
CA GLU A 322 41.05 -40.13 41.31
C GLU A 322 41.69 -39.62 40.02
N ARG A 323 41.49 -40.29 38.88
CA ARG A 323 42.40 -40.18 37.74
C ARG A 323 42.08 -39.10 36.72
N ILE A 324 40.82 -38.69 36.56
CA ILE A 324 40.54 -37.66 35.55
C ILE A 324 40.79 -36.25 36.08
N GLU A 325 40.96 -36.10 37.40
CA GLU A 325 41.20 -34.79 37.98
C GLU A 325 42.61 -34.59 38.49
N LYS A 326 43.37 -35.67 38.71
CA LYS A 326 44.80 -35.53 38.97
C LYS A 326 45.52 -34.82 37.83
N ASP A 327 44.98 -34.92 36.61
CA ASP A 327 45.63 -34.40 35.40
C ASP A 327 44.91 -33.16 34.87
N GLY A 328 44.50 -32.28 35.79
CA GLY A 328 43.79 -31.07 35.42
C GLY A 328 42.29 -31.21 35.51
N LEU A 329 41.65 -30.29 36.23
CA LEU A 329 40.20 -30.34 36.39
C LEU A 329 39.49 -29.97 35.10
N PHE A 330 40.11 -29.12 34.27
CA PHE A 330 39.48 -28.52 33.11
C PHE A 330 40.39 -28.69 31.91
N LYS A 331 39.87 -28.40 30.72
CA LYS A 331 40.70 -28.34 29.54
C LYS A 331 40.67 -26.91 29.02
N VAL A 332 41.70 -26.53 28.29
CA VAL A 332 41.77 -25.22 27.67
C VAL A 332 41.95 -25.40 26.17
N ILE A 333 41.12 -24.72 25.38
CA ILE A 333 41.22 -24.77 23.92
C ILE A 333 41.05 -23.38 23.35
N THR A 334 41.91 -23.00 22.41
CA THR A 334 41.79 -21.72 21.73
C THR A 334 41.46 -21.97 20.27
N THR A 335 40.48 -21.25 19.74
CA THR A 335 40.13 -21.32 18.32
C THR A 335 40.74 -20.11 17.61
N THR A 336 41.57 -20.40 16.60
CA THR A 336 42.22 -19.40 15.76
C THR A 336 41.23 -18.90 14.72
N ASN A 337 40.37 -17.97 15.14
CA ASN A 337 39.28 -17.49 14.30
C ASN A 337 39.75 -16.55 13.18
N ALA A 338 41.07 -16.45 12.98
CA ALA A 338 41.72 -15.71 11.89
C ALA A 338 41.62 -14.20 12.07
N ARG A 339 40.86 -13.75 13.07
CA ARG A 339 40.89 -12.37 13.51
C ARG A 339 41.23 -12.26 14.99
N GLY A 340 41.33 -13.38 15.69
CA GLY A 340 41.69 -13.37 17.09
C GLY A 340 41.88 -14.79 17.57
N GLN A 341 42.11 -14.92 18.87
CA GLN A 341 42.31 -16.22 19.51
C GLN A 341 41.22 -16.41 20.56
N TYR A 342 40.07 -16.96 20.15
CA TYR A 342 39.02 -17.17 21.14
C TYR A 342 39.42 -18.31 22.06
N GLN A 343 40.03 -17.97 23.18
CA GLN A 343 40.29 -18.93 24.23
C GLN A 343 38.98 -19.39 24.87
N SER A 344 38.98 -20.61 25.41
CA SER A 344 37.81 -21.14 26.08
C SER A 344 38.23 -22.26 27.03
N VAL A 345 37.47 -22.39 28.12
CA VAL A 345 37.70 -23.39 29.14
C VAL A 345 36.56 -24.41 29.05
N LEU A 346 36.90 -25.68 29.20
CA LEU A 346 35.98 -26.78 28.92
C LEU A 346 35.99 -27.67 30.16
N LEU A 347 34.98 -27.53 31.02
CA LEU A 347 35.00 -28.33 32.24
C LEU A 347 34.64 -29.78 31.98
N ARG A 348 35.12 -30.67 32.85
CA ARG A 348 34.74 -32.08 32.83
C ARG A 348 34.06 -32.44 34.14
N GLY A 349 32.97 -33.20 34.02
CA GLY A 349 32.13 -33.54 35.13
C GLY A 349 32.28 -35.01 35.49
N ILE A 350 31.85 -35.33 36.72
CA ILE A 350 32.09 -36.63 37.36
C ILE A 350 31.59 -37.80 36.53
N ASN A 351 30.61 -37.59 35.66
CA ASN A 351 30.30 -38.63 34.68
C ASN A 351 31.46 -38.91 33.75
N GLY A 352 32.54 -38.14 33.86
CA GLY A 352 33.59 -38.23 32.87
C GLY A 352 33.23 -37.52 31.59
N SER A 353 32.43 -36.47 31.67
CA SER A 353 31.97 -35.82 30.44
C SER A 353 32.41 -34.37 30.45
N GLU A 354 31.91 -33.59 29.51
CA GLU A 354 32.39 -32.23 29.36
C GLU A 354 31.23 -31.26 29.19
N SER A 355 31.49 -29.98 29.50
CA SER A 355 30.60 -28.90 29.09
C SER A 355 31.41 -27.63 28.86
N TYR A 356 31.16 -27.02 27.69
CA TYR A 356 31.59 -25.67 27.38
C TYR A 356 31.00 -24.65 28.36
N LEU A 357 31.83 -23.69 28.77
CA LEU A 357 31.36 -22.58 29.59
C LEU A 357 30.83 -21.46 28.70
N ASN A 358 29.75 -20.82 29.14
CA ASN A 358 29.00 -19.89 28.31
C ASN A 358 28.72 -18.59 29.04
N LEU A 359 28.56 -17.52 28.26
CA LEU A 359 28.16 -16.23 28.80
C LEU A 359 26.75 -16.30 29.37
N LYS A 360 26.48 -15.40 30.32
CA LYS A 360 25.11 -15.27 30.86
C LYS A 360 24.88 -13.81 31.26
N ARG A 361 24.27 -13.05 30.35
CA ARG A 361 23.94 -11.67 30.62
C ARG A 361 22.91 -11.59 31.74
N TYR A 362 23.07 -10.62 32.63
CA TYR A 362 22.18 -10.45 33.75
C TYR A 362 21.27 -9.25 33.55
N ARG A 363 20.16 -9.24 34.28
CA ARG A 363 19.37 -8.04 34.49
C ARG A 363 18.95 -8.06 35.96
N LYS A 364 18.09 -7.12 36.36
CA LYS A 364 17.45 -7.24 37.66
C LYS A 364 16.09 -6.55 37.59
N PHE A 365 15.06 -7.27 38.01
CA PHE A 365 13.69 -6.78 37.94
C PHE A 365 13.53 -5.47 38.72
N LYS A 366 12.77 -4.54 38.16
CA LYS A 366 12.48 -3.28 38.83
C LYS A 366 11.44 -3.58 39.91
N VAL A 367 11.90 -3.65 41.16
CA VAL A 367 11.10 -4.07 42.31
C VAL A 367 9.79 -3.32 42.34
N ARG A 368 8.72 -3.99 42.78
CA ARG A 368 7.42 -3.37 42.85
C ARG A 368 7.35 -2.32 43.95
N VAL A 369 6.46 -1.35 43.76
CA VAL A 369 6.28 -0.27 44.72
C VAL A 369 5.55 -0.73 45.97
N VAL A 370 5.04 -1.97 45.95
CA VAL A 370 4.21 -2.55 47.02
C VAL A 370 4.79 -2.28 48.39
N GLY A 371 3.91 -2.01 49.36
CA GLY A 371 4.33 -1.79 50.72
C GLY A 371 3.56 -2.69 51.66
N ASN A 372 4.20 -3.06 52.76
CA ASN A 372 3.59 -3.99 53.70
C ASN A 372 2.31 -3.41 54.28
N VAL A 373 1.24 -4.21 54.25
CA VAL A 373 -0.04 -3.79 54.81
C VAL A 373 0.07 -3.58 56.31
N ASP A 374 0.68 -4.54 57.02
CA ASP A 374 0.94 -4.43 58.46
C ASP A 374 -0.32 -4.01 59.22
N ASN A 375 -1.45 -4.57 58.81
CA ASN A 375 -2.75 -4.15 59.35
C ASN A 375 -2.82 -4.40 60.85
N VAL A 376 -3.37 -3.43 61.57
CA VAL A 376 -3.44 -3.49 63.02
C VAL A 376 -4.87 -3.47 63.56
N ILE A 377 -5.87 -3.10 62.76
CA ILE A 377 -7.20 -2.88 63.32
C ILE A 377 -7.79 -4.16 63.87
N LYS A 378 -7.80 -5.23 63.06
CA LYS A 378 -8.27 -6.56 63.49
C LYS A 378 -9.60 -6.40 64.23
N ASN A 379 -10.54 -5.72 63.59
CA ASN A 379 -11.77 -5.32 64.26
C ASN A 379 -12.76 -6.48 64.36
N ASP A 380 -13.55 -6.46 65.42
CA ASP A 380 -14.62 -7.43 65.58
C ASP A 380 -15.85 -6.98 64.80
N PHE A 381 -16.71 -7.95 64.49
CA PHE A 381 -17.89 -7.70 63.65
C PHE A 381 -19.19 -8.13 64.32
N SER A 382 -19.15 -9.19 65.12
CA SER A 382 -20.32 -9.54 65.92
C SER A 382 -20.77 -8.41 66.84
N SER A 383 -19.86 -7.48 67.16
CA SER A 383 -20.20 -6.38 68.05
C SER A 383 -21.31 -5.50 67.47
N LEU A 384 -21.25 -5.20 66.18
CA LEU A 384 -22.28 -4.36 65.57
C LEU A 384 -23.63 -5.08 65.58
N LYS A 385 -24.69 -4.32 65.82
CA LYS A 385 -26.03 -4.87 66.03
C LYS A 385 -26.67 -5.18 64.67
N LEU A 386 -26.04 -6.10 63.96
CA LEU A 386 -26.63 -6.67 62.76
C LEU A 386 -27.92 -7.39 63.09
N ASP A 387 -28.88 -7.32 62.16
CA ASP A 387 -30.27 -7.68 62.46
C ASP A 387 -30.39 -9.10 63.02
N VAL A 388 -29.75 -10.08 62.40
CA VAL A 388 -29.77 -11.45 62.89
C VAL A 388 -28.46 -12.18 62.64
N GLU B 56 17.32 -53.09 7.57
CA GLU B 56 17.16 -51.92 8.40
C GLU B 56 16.81 -52.35 9.83
N ARG B 57 17.35 -53.49 10.24
CA ARG B 57 17.06 -53.98 11.57
C ARG B 57 17.71 -53.05 12.60
N ARG B 58 17.17 -53.06 13.81
CA ARG B 58 17.77 -52.36 14.95
C ARG B 58 17.48 -53.12 16.23
N THR B 59 18.23 -52.81 17.26
CA THR B 59 17.97 -53.41 18.57
C THR B 59 16.61 -52.95 19.08
N PHE B 60 15.97 -53.81 19.87
CA PHE B 60 14.66 -53.47 20.40
C PHE B 60 14.75 -52.35 21.44
N GLY B 61 13.65 -51.63 21.60
CA GLY B 61 13.57 -50.54 22.57
C GLY B 61 14.53 -49.40 22.34
N SER B 62 14.81 -49.06 21.08
CA SER B 62 15.88 -48.13 20.80
C SER B 62 15.37 -46.68 20.81
N TYR B 63 16.30 -45.74 20.64
CA TYR B 63 15.96 -44.35 20.45
C TYR B 63 16.97 -43.78 19.46
N LYS B 64 16.67 -42.65 18.85
CA LYS B 64 17.67 -42.07 17.96
C LYS B 64 17.65 -40.56 18.14
N ILE B 65 18.71 -39.91 17.70
CA ILE B 65 18.88 -38.48 17.93
C ILE B 65 19.14 -37.79 16.59
N GLU B 66 18.34 -36.77 16.30
CA GLU B 66 18.39 -36.09 15.01
C GLU B 66 18.54 -34.60 15.21
N GLU B 67 19.28 -33.96 14.32
CA GLU B 67 19.59 -32.54 14.42
C GLU B 67 18.75 -31.71 13.46
N ILE B 68 18.33 -30.53 13.94
CA ILE B 68 17.67 -29.51 13.13
C ILE B 68 18.20 -28.16 13.60
N THR B 69 18.31 -27.21 12.67
CA THR B 69 18.72 -25.86 13.04
C THR B 69 18.21 -24.86 12.03
N ILE B 70 18.25 -23.59 12.42
CA ILE B 70 17.84 -22.50 11.55
C ILE B 70 19.02 -22.00 10.73
N LYS B 95 21.05 -25.92 16.51
CA LYS B 95 21.45 -27.32 16.44
C LYS B 95 20.63 -28.15 17.42
N ILE B 96 19.35 -27.82 17.53
CA ILE B 96 18.45 -28.52 18.45
C ILE B 96 18.35 -29.98 18.03
N PRO B 97 18.50 -30.92 18.96
CA PRO B 97 18.21 -32.32 18.67
C PRO B 97 16.79 -32.70 19.07
N ILE B 98 16.31 -33.77 18.44
CA ILE B 98 15.04 -34.38 18.80
C ILE B 98 15.30 -35.88 18.95
N LEU B 99 14.45 -36.52 19.75
CA LEU B 99 14.57 -37.95 20.00
C LEU B 99 13.53 -38.73 19.22
N ASP B 100 13.94 -39.91 18.76
CA ASP B 100 13.03 -40.94 18.28
C ASP B 100 12.79 -41.92 19.40
N ASP B 101 11.51 -42.16 19.67
CA ASP B 101 10.97 -42.81 20.87
C ASP B 101 11.14 -44.32 20.83
N GLY B 102 10.71 -44.96 19.74
CA GLY B 102 10.36 -46.37 19.80
C GLY B 102 8.96 -46.66 20.29
N ILE B 103 8.01 -45.75 20.05
CA ILE B 103 6.65 -45.86 20.54
C ILE B 103 5.63 -45.78 19.40
N PHE B 104 5.72 -44.73 18.58
CA PHE B 104 4.84 -44.62 17.43
C PHE B 104 4.86 -45.91 16.61
N ASP B 105 6.07 -46.36 16.27
CA ASP B 105 6.21 -47.64 15.58
C ASP B 105 5.73 -48.76 16.48
N LEU B 106 6.06 -48.68 17.78
CA LEU B 106 5.61 -49.71 18.72
C LEU B 106 4.10 -49.75 18.77
N ILE B 107 3.45 -48.58 18.81
CA ILE B 107 2.00 -48.54 18.80
C ILE B 107 1.45 -49.21 17.55
N ASN B 108 2.02 -48.89 16.39
CA ASN B 108 1.51 -49.51 15.15
C ASN B 108 1.71 -51.02 15.17
N TYR B 109 2.86 -51.48 15.67
CA TYR B 109 3.11 -52.91 15.76
C TYR B 109 2.09 -53.60 16.65
N LEU B 110 1.79 -53.02 17.81
CA LEU B 110 0.73 -53.58 18.65
C LEU B 110 -0.63 -53.48 17.98
N LEU B 111 -0.83 -52.48 17.12
CA LEU B 111 -2.07 -52.39 16.37
C LEU B 111 -2.23 -53.62 15.48
N ASN B 112 -1.15 -54.03 14.82
CA ASN B 112 -1.23 -55.11 13.86
C ASN B 112 -0.96 -56.47 14.47
N GLY B 113 -0.64 -56.54 15.77
CA GLY B 113 -0.29 -57.81 16.38
C GLY B 113 0.96 -58.43 15.81
N THR B 114 1.77 -57.64 15.13
CA THR B 114 2.98 -58.12 14.49
C THR B 114 3.96 -58.73 15.50
N HIS B 115 4.61 -59.80 15.07
CA HIS B 115 5.59 -60.53 15.85
C HIS B 115 7.00 -60.01 15.60
N PHE B 116 7.87 -60.22 16.59
CA PHE B 116 9.19 -59.61 16.60
C PHE B 116 10.02 -59.96 15.36
N ASP B 117 9.84 -61.17 14.83
CA ASP B 117 10.59 -61.56 13.63
C ASP B 117 10.34 -60.58 12.47
N LYS B 118 9.07 -60.32 12.16
CA LYS B 118 8.75 -59.41 11.07
C LYS B 118 8.60 -57.98 11.60
N THR B 119 9.63 -57.54 12.31
CA THR B 119 9.74 -56.21 12.88
C THR B 119 11.03 -55.58 12.38
N HIS B 120 11.19 -54.28 12.62
CA HIS B 120 12.41 -53.58 12.23
C HIS B 120 13.53 -53.94 13.18
N TYR B 121 13.35 -55.02 13.94
CA TYR B 121 14.21 -55.39 15.04
C TYR B 121 14.53 -56.88 14.99
N ASP B 125 20.61 -59.67 19.93
CA ASP B 125 21.24 -58.94 21.02
C ASP B 125 20.21 -58.63 22.12
N TYR B 126 19.56 -59.67 22.62
CA TYR B 126 18.55 -59.49 23.66
C TYR B 126 18.70 -60.54 24.74
N SER B 127 19.94 -60.93 25.04
CA SER B 127 20.18 -62.01 25.98
C SER B 127 19.59 -61.69 27.34
N HIS B 128 19.86 -60.48 27.83
CA HIS B 128 19.37 -59.99 29.11
C HIS B 128 17.89 -59.63 29.08
N LEU B 129 17.14 -60.12 28.08
CA LEU B 129 15.70 -59.91 27.99
C LEU B 129 14.95 -61.22 28.19
N PRO B 130 14.77 -61.67 29.43
CA PRO B 130 14.10 -62.96 29.67
C PRO B 130 12.67 -62.99 29.16
N THR B 131 12.28 -64.14 28.61
CA THR B 131 10.91 -64.46 28.17
C THR B 131 10.29 -63.36 27.31
N LEU B 132 11.14 -62.66 26.56
CA LEU B 132 10.71 -61.50 25.78
C LEU B 132 9.66 -61.86 24.72
N GLU B 133 9.91 -62.93 23.95
CA GLU B 133 9.07 -63.21 22.80
C GLU B 133 7.65 -63.65 23.17
N ARG B 134 7.49 -64.52 24.17
CA ARG B 134 6.14 -65.01 24.46
C ARG B 134 5.25 -63.87 24.94
N ASP B 135 5.76 -63.04 25.86
CA ASP B 135 4.96 -61.90 26.28
C ASP B 135 4.75 -60.95 25.12
N PHE B 136 5.80 -60.73 24.31
CA PHE B 136 5.71 -59.84 23.17
C PHE B 136 4.52 -60.21 22.30
N ASN B 137 4.50 -61.45 21.80
CA ASN B 137 3.47 -61.82 20.83
C ASN B 137 2.11 -61.97 21.48
N THR B 138 2.03 -62.46 22.74
CA THR B 138 0.72 -62.50 23.39
C THR B 138 0.11 -61.12 23.50
N ALA B 139 0.89 -60.14 23.99
CA ALA B 139 0.37 -58.78 24.07
C ALA B 139 0.08 -58.21 22.70
N SER B 140 0.90 -58.54 21.69
CA SER B 140 0.63 -58.08 20.34
C SER B 140 -0.73 -58.55 19.86
N ASN B 141 -1.03 -59.84 20.07
CA ASN B 141 -2.34 -60.35 19.68
C ASN B 141 -3.46 -59.67 20.46
N TYR B 142 -3.29 -59.54 21.78
CA TYR B 142 -4.36 -58.97 22.60
C TYR B 142 -4.68 -57.55 22.15
N VAL B 143 -3.64 -56.75 21.93
CA VAL B 143 -3.84 -55.38 21.44
C VAL B 143 -4.42 -55.43 20.04
N SER B 144 -4.06 -56.44 19.25
CA SER B 144 -4.59 -56.54 17.90
C SER B 144 -6.10 -56.69 17.90
N GLU B 145 -6.64 -57.62 18.71
CA GLU B 145 -8.10 -57.73 18.70
C GLU B 145 -8.73 -56.49 19.32
N ASN B 146 -8.12 -55.94 20.38
CA ASN B 146 -8.70 -54.74 20.97
C ASN B 146 -8.77 -53.62 19.94
N TYR B 147 -7.73 -53.47 19.12
CA TYR B 147 -7.73 -52.50 18.03
C TYR B 147 -8.82 -52.83 17.02
N SER B 148 -8.96 -54.12 16.67
CA SER B 148 -10.01 -54.52 15.74
C SER B 148 -11.39 -54.14 16.25
N ILE B 149 -11.55 -54.09 17.57
CA ILE B 149 -12.86 -53.77 18.17
C ILE B 149 -13.39 -52.46 17.59
N ILE B 150 -12.50 -51.51 17.34
CA ILE B 150 -12.90 -50.26 16.69
C ILE B 150 -12.49 -50.22 15.23
N VAL B 151 -11.61 -51.11 14.78
CA VAL B 151 -11.30 -51.20 13.36
C VAL B 151 -12.54 -51.59 12.57
N GLU B 152 -13.42 -52.38 13.17
CA GLU B 152 -14.60 -52.85 12.45
C GLU B 152 -15.45 -51.68 11.96
N GLU B 153 -15.66 -50.67 12.82
CA GLU B 153 -16.52 -49.55 12.49
C GLU B 153 -15.91 -48.55 11.51
N ILE B 154 -14.62 -48.66 11.20
CA ILE B 154 -13.95 -47.55 10.50
C ILE B 154 -14.46 -47.45 9.07
N ASP B 155 -14.69 -46.21 8.64
CA ASP B 155 -14.97 -45.94 7.24
C ASP B 155 -13.79 -46.37 6.38
N LEU B 156 -14.08 -46.68 5.12
CA LEU B 156 -13.02 -46.83 4.13
C LEU B 156 -12.19 -45.55 4.02
N ASN B 157 -12.83 -44.45 3.58
CA ASN B 157 -12.12 -43.19 3.48
C ASN B 157 -11.68 -42.68 4.85
N LYS B 158 -12.62 -42.62 5.80
CA LYS B 158 -12.27 -42.23 7.16
C LYS B 158 -11.85 -43.47 7.96
N SER B 162 -4.36 -37.87 7.96
CA SER B 162 -3.08 -37.98 8.66
C SER B 162 -3.19 -38.90 9.87
N GLU B 163 -2.13 -38.94 10.67
CA GLU B 163 -2.11 -39.76 11.88
C GLU B 163 -1.46 -38.95 13.01
N SER B 164 -2.22 -38.72 14.08
CA SER B 164 -1.76 -37.92 15.21
C SER B 164 -2.11 -38.60 16.52
N ILE B 165 -1.77 -39.89 16.60
CA ILE B 165 -2.12 -40.73 17.73
C ILE B 165 -1.74 -40.06 19.04
N SER B 166 -2.55 -40.26 20.07
CA SER B 166 -2.28 -39.66 21.37
C SER B 166 -2.58 -40.65 22.47
N LEU B 167 -2.00 -40.42 23.64
CA LEU B 167 -2.14 -41.32 24.78
C LEU B 167 -2.56 -40.53 26.00
N LYS B 168 -3.39 -41.15 26.85
CA LYS B 168 -3.79 -40.53 28.10
C LYS B 168 -3.51 -41.45 29.28
N SER B 169 -2.81 -40.92 30.28
CA SER B 169 -2.79 -41.52 31.60
C SER B 169 -4.13 -41.27 32.29
N PRO B 170 -4.48 -42.08 33.32
CA PRO B 170 -3.82 -43.27 33.86
C PRO B 170 -4.46 -44.55 33.38
N ASP B 171 -5.56 -44.43 32.63
CA ASP B 171 -6.13 -45.59 31.97
C ASP B 171 -5.43 -45.87 30.65
N PHE B 172 -4.50 -45.01 30.26
CA PHE B 172 -3.54 -45.24 29.18
C PHE B 172 -4.32 -45.59 27.90
N THR B 173 -5.05 -44.58 27.44
CA THR B 173 -5.98 -44.74 26.33
C THR B 173 -5.36 -44.17 25.07
N VAL B 174 -5.55 -44.88 23.97
CA VAL B 174 -5.05 -44.47 22.67
C VAL B 174 -6.11 -43.63 21.96
N VAL B 175 -5.65 -42.71 21.10
CA VAL B 175 -6.49 -41.72 20.45
C VAL B 175 -6.07 -41.63 18.99
N LEU B 176 -7.05 -41.76 18.09
CA LEU B 176 -6.84 -41.78 16.65
C LEU B 176 -7.69 -40.71 15.98
N GLU B 177 -7.33 -40.40 14.73
CA GLU B 177 -8.15 -39.56 13.88
C GLU B 177 -8.07 -40.09 12.46
N TYR B 178 -9.11 -39.80 11.68
CA TYR B 178 -9.18 -40.21 10.29
C TYR B 178 -10.14 -39.29 9.53
N PHE B 179 -9.71 -38.82 8.37
CA PHE B 179 -10.47 -37.87 7.55
C PHE B 179 -10.85 -38.51 6.23
N LYS B 180 -11.59 -37.75 5.41
CA LYS B 180 -12.13 -38.30 4.17
C LYS B 180 -11.03 -38.56 3.15
N LYS B 181 -10.14 -37.60 2.95
CA LYS B 181 -9.15 -37.68 1.87
C LYS B 181 -8.26 -38.91 1.98
N VAL B 206 -10.96 -41.07 14.35
CA VAL B 206 -11.37 -40.02 15.28
C VAL B 206 -11.90 -40.72 16.52
N ARG B 207 -11.17 -41.71 17.00
CA ARG B 207 -11.70 -42.55 18.07
C ARG B 207 -10.69 -42.74 19.19
N GLU B 208 -10.99 -43.65 20.10
CA GLU B 208 -10.14 -43.86 21.27
C GLU B 208 -10.32 -45.30 21.74
N LEU B 209 -9.45 -45.71 22.64
CA LEU B 209 -9.67 -46.98 23.33
C LEU B 209 -8.94 -46.95 24.67
N PRO B 210 -9.61 -47.25 25.78
CA PRO B 210 -8.93 -47.26 27.08
C PRO B 210 -8.19 -48.57 27.29
N LEU B 211 -6.94 -48.62 26.82
CA LEU B 211 -6.16 -49.84 26.81
C LEU B 211 -6.08 -50.50 28.18
N LEU B 212 -5.68 -49.73 29.19
CA LEU B 212 -5.46 -50.26 30.54
C LEU B 212 -6.23 -49.44 31.57
N PRO B 213 -7.54 -49.61 31.65
CA PRO B 213 -8.32 -48.87 32.65
C PRO B 213 -8.07 -49.37 34.07
N ILE B 214 -7.34 -48.61 34.86
CA ILE B 214 -7.02 -48.97 36.24
C ILE B 214 -7.64 -48.01 37.24
N MET B 215 -8.28 -46.93 36.78
CA MET B 215 -8.90 -45.97 37.69
C MET B 215 -9.92 -46.65 38.61
N CYS B 216 -10.86 -47.40 38.05
CA CYS B 216 -11.85 -48.11 38.85
C CYS B 216 -12.21 -49.40 38.13
N ARG B 217 -12.05 -50.53 38.81
CA ARG B 217 -12.36 -51.85 38.24
C ARG B 217 -12.99 -52.67 39.35
N GLU B 218 -14.31 -52.61 39.46
CA GLU B 218 -15.03 -53.45 40.43
C GLU B 218 -15.48 -54.75 39.78
N SER B 219 -14.56 -55.39 39.07
CA SER B 219 -14.79 -56.66 38.40
C SER B 219 -13.57 -57.55 38.52
N GLU B 220 -12.96 -57.59 39.72
CA GLU B 220 -11.68 -58.25 39.88
C GLU B 220 -11.77 -59.73 39.55
N ASP B 221 -12.86 -60.39 39.98
CA ASP B 221 -13.13 -61.75 39.55
C ASP B 221 -14.19 -61.84 38.46
N SER B 222 -14.99 -60.78 38.25
CA SER B 222 -15.99 -60.81 37.19
C SER B 222 -15.33 -60.79 35.81
N ILE B 223 -14.22 -60.06 35.67
CA ILE B 223 -13.47 -60.09 34.42
C ILE B 223 -12.72 -61.42 34.34
N SER B 224 -12.81 -62.07 33.18
CA SER B 224 -12.21 -63.39 33.03
C SER B 224 -10.69 -63.29 33.16
N GLU B 225 -10.08 -64.41 33.57
CA GLU B 225 -8.66 -64.41 33.88
C GLU B 225 -7.80 -64.33 32.62
N ASP B 226 -8.31 -64.81 31.49
CA ASP B 226 -7.55 -64.68 30.24
C ASP B 226 -7.38 -63.21 29.83
N ILE B 227 -8.46 -62.42 29.95
CA ILE B 227 -8.35 -60.99 29.69
C ILE B 227 -7.36 -60.33 30.65
N LEU B 228 -7.45 -60.69 31.93
CA LEU B 228 -6.54 -60.14 32.94
C LEU B 228 -5.09 -60.48 32.60
N GLU B 229 -4.85 -61.71 32.17
CA GLU B 229 -3.51 -62.11 31.76
C GLU B 229 -3.08 -61.33 30.54
N GLY B 230 -4.01 -61.05 29.62
CA GLY B 230 -3.67 -60.21 28.48
C GLY B 230 -3.19 -58.83 28.89
N GLU B 231 -3.92 -58.17 29.79
CA GLU B 231 -3.47 -56.86 30.25
C GLU B 231 -2.15 -56.96 31.03
N GLY B 232 -2.00 -57.99 31.86
CA GLY B 232 -0.76 -58.16 32.59
C GLY B 232 0.42 -58.36 31.64
N ALA B 233 0.21 -59.15 30.59
CA ALA B 233 1.23 -59.29 29.56
C ALA B 233 1.58 -57.95 28.94
N VAL B 234 0.56 -57.14 28.64
CA VAL B 234 0.82 -55.83 28.04
C VAL B 234 1.67 -54.97 28.97
N ILE B 235 1.29 -54.90 30.24
CA ILE B 235 1.97 -54.01 31.17
C ILE B 235 3.39 -54.49 31.44
N GLN B 236 3.59 -55.80 31.60
CA GLN B 236 4.95 -56.31 31.73
C GLN B 236 5.77 -56.06 30.47
N VAL B 237 5.17 -56.24 29.29
CA VAL B 237 5.88 -56.00 28.05
C VAL B 237 6.41 -54.56 28.04
N LEU B 238 5.53 -53.60 28.35
CA LEU B 238 5.97 -52.22 28.36
C LEU B 238 7.02 -51.99 29.45
N LYS B 239 6.85 -52.63 30.60
CA LYS B 239 7.82 -52.52 31.69
C LYS B 239 9.22 -52.91 31.23
N MET B 240 9.34 -54.10 30.62
CA MET B 240 10.63 -54.50 30.10
C MET B 240 11.06 -53.59 28.96
N PHE B 241 10.11 -53.09 28.17
CA PHE B 241 10.47 -52.19 27.08
C PHE B 241 11.18 -50.96 27.63
N MET B 242 10.66 -50.40 28.72
CA MET B 242 11.31 -49.27 29.36
C MET B 242 12.67 -49.69 29.90
N LYS B 243 12.76 -50.88 30.51
CA LYS B 243 14.04 -51.33 31.02
C LYS B 243 15.07 -51.40 29.90
N GLY B 244 14.65 -51.85 28.72
CA GLY B 244 15.53 -51.86 27.57
C GLY B 244 15.88 -50.46 27.16
N PHE B 245 14.89 -49.56 27.11
CA PHE B 245 15.15 -48.18 26.70
C PHE B 245 16.21 -47.55 27.60
N LEU B 246 16.16 -47.87 28.89
CA LEU B 246 17.11 -47.26 29.82
C LEU B 246 18.48 -47.90 29.67
N VAL B 247 18.52 -49.23 29.51
CA VAL B 247 19.80 -49.87 29.19
C VAL B 247 20.39 -49.24 27.95
N HIS B 248 19.54 -48.89 26.98
CA HIS B 248 20.01 -48.26 25.76
C HIS B 248 20.60 -46.90 26.08
N LEU B 249 19.94 -46.15 26.97
CA LEU B 249 20.45 -44.83 27.33
C LEU B 249 21.85 -44.96 27.92
N GLY B 250 22.01 -45.90 28.86
CA GLY B 250 23.30 -46.09 29.49
C GLY B 250 24.35 -46.60 28.53
N GLU B 251 23.96 -47.46 27.59
CA GLU B 251 24.93 -48.07 26.69
C GLU B 251 25.64 -47.02 25.86
N ASN B 252 24.91 -46.06 25.32
CA ASN B 252 25.51 -45.02 24.48
C ASN B 252 25.10 -43.66 25.03
N PRO B 253 26.04 -42.85 25.48
CA PRO B 253 25.74 -41.46 25.84
C PRO B 253 26.00 -40.52 24.67
N ASN B 254 25.38 -39.35 24.75
CA ASN B 254 25.40 -38.40 23.65
C ASN B 254 25.74 -37.02 24.17
N SER B 255 26.23 -36.18 23.25
CA SER B 255 26.38 -34.76 23.51
C SER B 255 25.09 -34.15 24.05
N TYR B 256 23.95 -34.59 23.52
CA TYR B 256 22.67 -33.96 23.80
C TYR B 256 21.94 -34.58 24.99
N ASP B 257 22.63 -35.41 25.78
CA ASP B 257 22.00 -36.06 26.93
C ASP B 257 21.45 -35.07 27.94
N ARG B 258 21.93 -33.82 27.94
CA ARG B 258 21.47 -32.81 28.86
C ARG B 258 20.40 -31.90 28.28
N GLN B 259 19.81 -32.25 27.14
CA GLN B 259 18.88 -31.33 26.49
C GLN B 259 17.43 -31.74 26.56
N LEU B 260 17.11 -32.99 26.88
CA LEU B 260 15.73 -33.43 26.92
C LEU B 260 15.49 -34.33 28.12
N THR B 261 14.23 -34.73 28.29
CA THR B 261 13.75 -35.46 29.45
C THR B 261 12.95 -36.68 29.02
N ILE B 262 12.61 -37.52 30.00
CA ILE B 262 11.89 -38.77 29.77
C ILE B 262 10.43 -38.49 29.39
N GLU B 263 10.05 -37.21 29.40
CA GLU B 263 8.67 -36.76 29.51
C GLU B 263 7.62 -37.56 28.73
N LYS B 264 7.98 -38.14 27.58
CA LYS B 264 7.01 -38.90 26.80
C LYS B 264 6.46 -40.09 27.59
N TYR B 265 7.31 -40.76 28.36
CA TYR B 265 7.05 -42.11 28.83
C TYR B 265 6.36 -42.15 30.19
N ARG B 266 6.13 -40.99 30.80
CA ARG B 266 5.51 -40.86 32.11
C ARG B 266 4.28 -41.76 32.26
N PRO B 267 3.26 -41.65 31.40
CA PRO B 267 2.01 -42.39 31.68
C PRO B 267 2.22 -43.88 31.76
N LEU B 268 3.15 -44.43 30.98
CA LEU B 268 3.39 -45.87 31.01
C LEU B 268 3.84 -46.29 32.38
N LEU B 269 4.81 -45.56 32.95
CA LEU B 269 5.25 -45.82 34.31
C LEU B 269 4.07 -45.71 35.26
N ILE B 270 3.20 -44.73 35.00
CA ILE B 270 1.99 -44.56 35.80
C ILE B 270 1.16 -45.83 35.77
N SER B 271 0.91 -46.37 34.57
CA SER B 271 0.13 -47.58 34.48
C SER B 271 0.76 -48.67 35.32
N ILE B 272 2.10 -48.73 35.33
CA ILE B 272 2.82 -49.71 36.14
C ILE B 272 2.33 -49.63 37.58
N ILE B 273 2.43 -48.44 38.17
CA ILE B 273 2.11 -48.31 39.58
C ILE B 273 0.64 -48.64 39.81
N GLY B 274 -0.21 -48.40 38.82
CA GLY B 274 -1.61 -48.76 38.97
C GLY B 274 -1.77 -50.25 39.21
N TYR B 275 -1.07 -51.05 38.41
CA TYR B 275 -1.06 -52.50 38.65
C TYR B 275 -0.50 -52.79 40.03
N GLU B 276 0.52 -52.04 40.44
CA GLU B 276 1.09 -52.22 41.77
C GLU B 276 -0.01 -52.17 42.82
N PHE B 277 -0.93 -51.21 42.69
CA PHE B 277 -2.04 -51.15 43.63
C PHE B 277 -3.07 -52.23 43.36
N THR B 278 -3.23 -52.64 42.10
CA THR B 278 -4.19 -53.67 41.72
C THR B 278 -3.52 -54.99 41.41
N VAL B 279 -2.44 -55.31 42.13
CA VAL B 279 -1.70 -56.56 41.92
C VAL B 279 -2.58 -57.77 42.24
N ASN B 289 6.56 -50.65 45.37
CA ASN B 289 7.65 -50.31 44.46
C ASN B 289 8.18 -48.91 44.77
N HIS B 290 9.46 -48.67 44.46
CA HIS B 290 10.02 -47.34 44.52
C HIS B 290 10.60 -46.84 43.20
N ILE B 291 11.22 -47.71 42.40
CA ILE B 291 11.97 -47.26 41.24
C ILE B 291 11.05 -46.61 40.21
N TYR B 292 10.10 -47.38 39.67
CA TYR B 292 9.26 -46.89 38.59
C TYR B 292 8.43 -45.69 39.03
N TYR B 293 7.96 -45.71 40.28
CA TYR B 293 7.22 -44.58 40.80
C TYR B 293 8.01 -43.28 40.68
N GLN B 294 9.17 -43.22 41.33
CA GLN B 294 9.97 -42.00 41.28
C GLN B 294 10.43 -41.67 39.87
N LEU B 295 10.63 -42.68 39.01
CA LEU B 295 10.86 -42.38 37.60
C LEU B 295 9.69 -41.61 37.01
N ALA B 296 8.46 -42.07 37.25
CA ALA B 296 7.29 -41.37 36.74
C ALA B 296 7.17 -39.98 37.33
N THR B 297 7.62 -39.80 38.58
CA THR B 297 7.38 -38.55 39.30
C THR B 297 7.92 -37.34 38.56
N PHE B 298 8.94 -37.52 37.72
CA PHE B 298 9.59 -36.39 37.05
C PHE B 298 9.63 -36.64 35.54
N ASP B 299 8.57 -36.25 34.85
CA ASP B 299 8.61 -36.27 33.39
C ASP B 299 9.75 -35.41 32.87
N ASN B 300 10.02 -34.30 33.55
CA ASN B 300 11.11 -33.36 33.28
C ASN B 300 12.47 -33.88 33.72
N TYR B 301 12.60 -35.13 34.12
CA TYR B 301 13.85 -35.61 34.67
C TYR B 301 14.88 -35.84 33.57
N PRO B 302 16.15 -35.51 33.83
CA PRO B 302 17.18 -35.64 32.79
C PRO B 302 17.90 -36.99 32.85
N PHE B 303 18.46 -37.36 31.70
CA PHE B 303 18.98 -38.70 31.41
C PHE B 303 20.15 -39.11 32.29
N ASP B 304 21.29 -38.44 32.07
CA ASP B 304 22.51 -38.79 32.78
C ASP B 304 22.38 -38.66 34.29
N LEU B 305 21.45 -37.85 34.79
CA LEU B 305 21.14 -37.93 36.22
C LEU B 305 20.79 -39.37 36.59
N LEU B 306 19.74 -39.92 35.97
CA LEU B 306 19.40 -41.31 36.23
C LEU B 306 20.62 -42.20 36.03
N ARG B 307 21.42 -41.91 35.00
CA ARG B 307 22.67 -42.64 34.81
C ARG B 307 23.53 -42.61 36.07
N PHE B 308 23.47 -41.52 36.83
CA PHE B 308 24.25 -41.41 38.07
C PHE B 308 23.60 -42.13 39.24
N GLN B 309 22.35 -41.79 39.54
CA GLN B 309 21.76 -42.17 40.82
C GLN B 309 20.63 -43.18 40.70
N LEU B 310 20.84 -44.22 39.88
CA LEU B 310 19.88 -45.32 39.87
C LEU B 310 19.83 -46.03 41.22
N GLN B 311 20.85 -45.82 42.06
CA GLN B 311 21.12 -46.70 43.19
C GLN B 311 20.22 -46.39 44.39
N SER B 312 20.34 -45.17 44.92
CA SER B 312 19.86 -44.84 46.26
C SER B 312 18.43 -44.33 46.26
N LEU B 313 17.65 -44.64 45.23
CA LEU B 313 16.31 -44.08 45.05
C LEU B 313 15.34 -44.73 46.04
N ILE B 314 15.58 -44.46 47.32
CA ILE B 314 14.76 -44.99 48.39
C ILE B 314 14.56 -43.92 49.44
N ASP B 315 13.35 -43.83 49.97
CA ASP B 315 13.03 -42.87 51.02
C ASP B 315 13.40 -43.42 52.40
N ILE B 320 3.66 -41.54 52.16
CA ILE B 320 4.90 -41.38 51.42
C ILE B 320 5.75 -42.62 51.61
N LYS B 321 6.30 -42.78 52.81
CA LYS B 321 6.89 -44.08 53.14
C LYS B 321 5.83 -45.17 53.11
N GLU B 322 4.68 -44.91 53.75
CA GLU B 322 3.50 -45.76 53.58
C GLU B 322 2.19 -45.00 53.44
N ARG B 323 2.07 -43.77 53.95
CA ARG B 323 0.78 -43.19 54.30
C ARG B 323 0.10 -42.38 53.20
N ILE B 324 0.84 -41.79 52.24
CA ILE B 324 0.15 -41.01 51.22
C ILE B 324 -0.38 -41.87 50.09
N GLU B 325 0.04 -43.14 50.02
CA GLU B 325 -0.40 -44.03 48.95
C GLU B 325 -1.35 -45.12 49.43
N LYS B 326 -1.38 -45.40 50.73
CA LYS B 326 -2.43 -46.27 51.28
C LYS B 326 -3.82 -45.71 51.00
N ASP B 327 -3.94 -44.40 50.86
CA ASP B 327 -5.23 -43.73 50.70
C ASP B 327 -5.44 -43.21 49.28
N GLY B 328 -5.06 -44.03 48.30
CA GLY B 328 -5.17 -43.66 46.90
C GLY B 328 -3.90 -43.09 46.32
N LEU B 329 -3.44 -43.64 45.20
CA LEU B 329 -2.23 -43.14 44.57
C LEU B 329 -2.44 -41.79 43.92
N PHE B 330 -3.67 -41.51 43.47
CA PHE B 330 -3.98 -40.34 42.67
C PHE B 330 -5.19 -39.65 43.26
N LYS B 331 -5.46 -38.44 42.77
CA LYS B 331 -6.69 -37.75 43.11
C LYS B 331 -7.51 -37.60 41.83
N VAL B 332 -8.82 -37.47 41.99
CA VAL B 332 -9.71 -37.23 40.86
C VAL B 332 -10.49 -35.95 41.12
N ILE B 333 -10.50 -35.04 40.14
CA ILE B 333 -11.24 -33.78 40.26
C ILE B 333 -11.96 -33.51 38.95
N THR B 334 -13.23 -33.13 39.02
CA THR B 334 -13.99 -32.76 37.84
C THR B 334 -14.32 -31.27 37.93
N THR B 335 -14.11 -30.54 36.83
CA THR B 335 -14.48 -29.14 36.75
C THR B 335 -15.80 -29.01 35.97
N THR B 336 -16.79 -28.43 36.63
CA THR B 336 -18.12 -28.17 36.05
C THR B 336 -18.04 -26.94 35.15
N ASN B 337 -17.57 -27.15 33.94
CA ASN B 337 -17.32 -26.05 33.00
C ASN B 337 -18.61 -25.46 32.40
N ALA B 338 -19.76 -25.86 32.94
CA ALA B 338 -21.09 -25.34 32.59
C ALA B 338 -21.55 -25.78 31.20
N ARG B 339 -20.67 -26.43 30.44
CA ARG B 339 -21.06 -27.13 29.23
C ARG B 339 -20.66 -28.60 29.27
N GLY B 340 -19.95 -29.02 30.31
CA GLY B 340 -19.57 -30.40 30.46
C GLY B 340 -18.91 -30.61 31.79
N GLN B 341 -18.41 -31.82 32.00
CA GLN B 341 -17.72 -32.19 33.24
C GLN B 341 -16.30 -32.61 32.88
N TYR B 342 -15.37 -31.64 32.84
CA TYR B 342 -13.99 -32.03 32.53
C TYR B 342 -13.41 -32.76 33.72
N GLN B 343 -13.49 -34.08 33.69
CA GLN B 343 -12.78 -34.92 34.65
C GLN B 343 -11.27 -34.83 34.44
N SER B 344 -10.52 -35.03 35.51
CA SER B 344 -9.07 -35.01 35.43
C SER B 344 -8.48 -35.79 36.60
N VAL B 345 -7.32 -36.41 36.35
CA VAL B 345 -6.60 -37.20 37.33
C VAL B 345 -5.35 -36.41 37.70
N LEU B 346 -5.00 -36.42 38.99
CA LEU B 346 -3.97 -35.55 39.54
C LEU B 346 -3.02 -36.45 40.32
N LEU B 347 -1.88 -36.81 39.71
CA LEU B 347 -0.99 -37.72 40.41
C LEU B 347 -0.24 -37.03 41.55
N ARG B 348 0.17 -37.82 42.53
CA ARG B 348 1.04 -37.34 43.61
C ARG B 348 2.34 -38.12 43.60
N GLY B 349 3.44 -37.39 43.76
CA GLY B 349 4.78 -37.94 43.66
C GLY B 349 5.44 -38.01 45.03
N ILE B 350 6.49 -38.84 45.11
CA ILE B 350 7.14 -39.22 46.36
C ILE B 350 7.62 -38.04 47.17
N ASN B 351 7.87 -36.90 46.53
CA ASN B 351 8.09 -35.68 47.31
C ASN B 351 6.86 -35.30 48.12
N GLY B 352 5.75 -36.02 47.94
CA GLY B 352 4.51 -35.57 48.52
C GLY B 352 3.89 -34.44 47.74
N SER B 353 4.11 -34.39 46.43
CA SER B 353 3.62 -33.26 45.66
C SER B 353 2.68 -33.77 44.58
N GLU B 354 2.30 -32.88 43.66
CA GLU B 354 1.29 -33.25 42.68
C GLU B 354 1.72 -32.82 41.28
N SER B 355 1.12 -33.47 40.28
CA SER B 355 1.17 -32.96 38.91
C SER B 355 -0.10 -33.37 38.16
N TYR B 356 -0.70 -32.37 37.53
CA TYR B 356 -1.75 -32.56 36.52
C TYR B 356 -1.25 -33.39 35.34
N LEU B 357 -2.09 -34.31 34.87
CA LEU B 357 -1.81 -35.07 33.66
C LEU B 357 -2.28 -34.29 32.43
N ASN B 358 -1.49 -34.35 31.37
CA ASN B 358 -1.69 -33.51 30.20
C ASN B 358 -1.66 -34.31 28.91
N LEU B 359 -2.34 -33.79 27.90
CA LEU B 359 -2.33 -34.37 26.57
C LEU B 359 -0.92 -34.26 25.97
N LYS B 360 -0.63 -35.17 25.03
CA LYS B 360 0.63 -35.09 24.27
C LYS B 360 0.40 -35.65 22.88
N ARG B 361 0.12 -34.75 21.93
CA ARG B 361 -0.06 -35.15 20.54
C ARG B 361 1.23 -35.72 19.99
N TYR B 362 1.12 -36.77 19.19
CA TYR B 362 2.30 -37.42 18.61
C TYR B 362 2.39 -37.11 17.12
N ARG B 363 3.61 -37.28 16.60
CA ARG B 363 3.82 -37.39 15.16
C ARG B 363 4.85 -38.50 14.97
N LYS B 364 5.32 -38.68 13.73
CA LYS B 364 6.47 -39.54 13.52
C LYS B 364 7.21 -39.04 12.29
N PHE B 365 8.51 -38.82 12.43
CA PHE B 365 9.34 -38.29 11.36
C PHE B 365 9.30 -39.18 10.13
N LYS B 366 9.23 -38.56 8.95
CA LYS B 366 9.26 -39.30 7.70
C LYS B 366 10.70 -39.74 7.47
N VAL B 367 10.95 -41.03 7.73
CA VAL B 367 12.30 -41.60 7.72
C VAL B 367 13.03 -41.24 6.44
N ARG B 368 14.35 -41.04 6.54
CA ARG B 368 15.13 -40.67 5.38
C ARG B 368 15.27 -41.83 4.41
N VAL B 369 15.47 -41.49 3.14
CA VAL B 369 15.62 -42.49 2.08
C VAL B 369 16.97 -43.18 2.15
N VAL B 370 17.88 -42.69 3.00
CA VAL B 370 19.25 -43.15 3.12
C VAL B 370 19.35 -44.67 3.13
N GLY B 371 20.37 -45.20 2.48
CA GLY B 371 20.61 -46.62 2.46
C GLY B 371 22.03 -46.93 2.89
N ASN B 372 22.19 -48.10 3.50
CA ASN B 372 23.51 -48.47 4.03
C ASN B 372 24.54 -48.56 2.91
N VAL B 373 25.68 -47.90 3.13
CA VAL B 373 26.76 -47.95 2.15
C VAL B 373 27.31 -49.37 2.00
N ASP B 374 27.56 -50.04 3.12
CA ASP B 374 28.01 -51.44 3.14
C ASP B 374 29.17 -51.66 2.18
N ASN B 375 30.10 -50.70 2.14
CA ASN B 375 31.18 -50.72 1.17
C ASN B 375 32.05 -51.96 1.33
N VAL B 376 32.42 -52.56 0.21
CA VAL B 376 33.19 -53.80 0.22
C VAL B 376 34.54 -53.67 -0.47
N ILE B 377 34.79 -52.63 -1.26
CA ILE B 377 35.99 -52.60 -2.08
C ILE B 377 37.25 -52.55 -1.22
N LYS B 378 37.31 -51.62 -0.27
CA LYS B 378 38.42 -51.51 0.67
C LYS B 378 39.75 -51.63 -0.08
N ASN B 379 39.89 -50.81 -1.12
CA ASN B 379 41.00 -50.96 -2.05
C ASN B 379 42.29 -50.39 -1.48
N ASP B 380 43.41 -51.00 -1.89
CA ASP B 380 44.72 -50.47 -1.53
C ASP B 380 45.11 -49.36 -2.48
N PHE B 381 46.04 -48.51 -2.03
CA PHE B 381 46.45 -47.33 -2.78
C PHE B 381 47.96 -47.27 -3.01
N SER B 382 48.75 -47.77 -2.06
CA SER B 382 50.18 -47.90 -2.31
C SER B 382 50.49 -48.77 -3.53
N SER B 383 49.56 -49.63 -3.93
CA SER B 383 49.79 -50.50 -5.09
C SER B 383 50.01 -49.71 -6.37
N LEU B 384 49.22 -48.66 -6.59
CA LEU B 384 49.39 -47.86 -7.80
C LEU B 384 50.74 -47.16 -7.79
N LYS B 385 51.36 -47.08 -8.97
CA LYS B 385 52.73 -46.58 -9.11
C LYS B 385 52.71 -45.04 -9.12
N LEU B 386 52.27 -44.49 -8.00
CA LEU B 386 52.38 -43.05 -7.76
C LEU B 386 53.85 -42.64 -7.72
N ASP B 387 54.12 -41.43 -8.22
CA ASP B 387 55.49 -41.02 -8.55
C ASP B 387 56.44 -41.17 -7.36
N VAL B 388 56.04 -40.69 -6.19
CA VAL B 388 56.88 -40.82 -5.00
C VAL B 388 56.04 -41.00 -3.73
N GLU C 56 41.36 -32.26 20.22
CA GLU C 56 40.63 -32.18 18.96
C GLU C 56 41.56 -32.57 17.82
N ARG C 57 42.48 -33.50 18.10
CA ARG C 57 43.42 -33.91 17.08
C ARG C 57 42.66 -34.68 15.98
N ARG C 58 43.23 -34.70 14.78
CA ARG C 58 42.73 -35.52 13.69
C ARG C 58 43.88 -36.00 12.83
N THR C 59 43.62 -37.02 12.02
CA THR C 59 44.63 -37.47 11.08
C THR C 59 44.90 -36.37 10.06
N PHE C 60 46.13 -36.35 9.55
CA PHE C 60 46.50 -35.34 8.57
C PHE C 60 45.80 -35.58 7.23
N GLY C 61 45.63 -34.50 6.47
CA GLY C 61 45.01 -34.56 5.16
C GLY C 61 43.57 -35.03 5.15
N SER C 62 42.79 -34.66 6.17
CA SER C 62 41.48 -35.26 6.34
C SER C 62 40.42 -34.46 5.59
N TYR C 63 39.19 -34.96 5.61
CA TYR C 63 38.04 -34.25 5.08
C TYR C 63 36.87 -34.59 5.99
N LYS C 64 35.81 -33.78 5.95
CA LYS C 64 34.66 -34.16 6.77
C LYS C 64 33.40 -33.83 5.97
N ILE C 65 32.28 -34.43 6.37
CA ILE C 65 31.04 -34.32 5.63
C ILE C 65 29.95 -33.82 6.56
N GLU C 66 29.27 -32.73 6.17
CA GLU C 66 28.29 -32.08 7.02
C GLU C 66 26.97 -31.92 6.25
N GLU C 67 25.87 -32.05 6.97
CA GLU C 67 24.53 -32.02 6.37
C GLU C 67 23.85 -30.68 6.60
N ILE C 68 23.13 -30.22 5.59
CA ILE C 68 22.25 -29.05 5.66
C ILE C 68 21.01 -29.37 4.84
N THR C 69 19.86 -28.85 5.27
CA THR C 69 18.63 -29.04 4.51
C THR C 69 17.66 -27.92 4.82
N ILE C 70 16.66 -27.80 3.95
CA ILE C 70 15.59 -26.81 4.13
C ILE C 70 14.46 -27.38 4.97
N LYS C 95 18.81 -32.53 2.23
CA LYS C 95 19.86 -33.19 2.99
C LYS C 95 21.19 -33.08 2.26
N ILE C 96 21.42 -31.92 1.65
CA ILE C 96 22.66 -31.70 0.90
C ILE C 96 23.85 -31.80 1.83
N PRO C 97 24.89 -32.55 1.48
CA PRO C 97 26.14 -32.51 2.23
C PRO C 97 27.14 -31.53 1.63
N ILE C 98 28.08 -31.11 2.48
CA ILE C 98 29.21 -30.29 2.06
C ILE C 98 30.46 -30.95 2.63
N LEU C 99 31.59 -30.70 1.97
CA LEU C 99 32.86 -31.27 2.38
C LEU C 99 33.71 -30.23 3.09
N ASP C 100 34.45 -30.67 4.09
CA ASP C 100 35.55 -29.94 4.67
C ASP C 100 36.84 -30.44 4.04
N ASP C 101 37.63 -29.48 3.54
CA ASP C 101 38.75 -29.66 2.63
C ASP C 101 39.99 -30.18 3.34
N GLY C 102 40.40 -29.51 4.42
CA GLY C 102 41.78 -29.57 4.87
C GLY C 102 42.72 -28.62 4.17
N ILE C 103 42.22 -27.47 3.71
CA ILE C 103 42.98 -26.50 2.93
C ILE C 103 42.97 -25.13 3.60
N PHE C 104 41.78 -24.60 3.89
CA PHE C 104 41.67 -23.32 4.58
C PHE C 104 42.55 -23.32 5.83
N ASP C 105 42.38 -24.35 6.67
CA ASP C 105 43.25 -24.50 7.83
C ASP C 105 44.67 -24.73 7.37
N LEU C 106 44.87 -25.54 6.34
CA LEU C 106 46.21 -25.79 5.82
C LEU C 106 46.85 -24.50 5.35
N ILE C 107 46.08 -23.66 4.64
CA ILE C 107 46.61 -22.37 4.22
C ILE C 107 47.04 -21.55 5.41
N ASN C 108 46.20 -21.48 6.45
CA ASN C 108 46.57 -20.67 7.62
C ASN C 108 47.82 -21.22 8.29
N TYR C 109 47.92 -22.55 8.40
CA TYR C 109 49.11 -23.16 8.99
C TYR C 109 50.36 -22.81 8.22
N LEU C 110 50.31 -22.88 6.89
CA LEU C 110 51.46 -22.45 6.10
C LEU C 110 51.69 -20.95 6.23
N LEU C 111 50.64 -20.17 6.49
CA LEU C 111 50.83 -18.74 6.74
C LEU C 111 51.69 -18.54 7.97
N ASN C 112 51.44 -19.33 9.03
CA ASN C 112 52.14 -19.12 10.29
C ASN C 112 53.40 -19.95 10.40
N GLY C 113 53.72 -20.78 9.41
CA GLY C 113 54.89 -21.65 9.52
C GLY C 113 54.76 -22.66 10.63
N THR C 114 53.56 -22.90 11.12
CA THR C 114 53.33 -23.82 12.23
C THR C 114 53.78 -25.23 11.90
N HIS C 115 54.33 -25.90 12.90
CA HIS C 115 54.84 -27.26 12.82
C HIS C 115 53.75 -28.25 13.22
N PHE C 116 53.90 -29.48 12.71
CA PHE C 116 52.86 -30.50 12.83
C PHE C 116 52.48 -30.79 14.27
N ASP C 117 53.44 -30.71 15.20
CA ASP C 117 53.14 -30.96 16.60
C ASP C 117 52.05 -30.03 17.12
N LYS C 118 52.21 -28.72 16.90
CA LYS C 118 51.22 -27.76 17.37
C LYS C 118 50.18 -27.49 16.28
N THR C 119 49.62 -28.59 15.78
CA THR C 119 48.57 -28.58 14.77
C THR C 119 47.38 -29.35 15.30
N HIS C 120 46.25 -29.27 14.60
CA HIS C 120 45.05 -30.01 15.00
C HIS C 120 45.21 -31.48 14.66
N TYR C 121 46.45 -31.89 14.40
CA TYR C 121 46.78 -33.20 13.85
C TYR C 121 47.93 -33.83 14.61
N ASP C 125 49.48 -41.89 13.29
CA ASP C 125 48.92 -42.71 12.23
C ASP C 125 49.37 -42.19 10.86
N TYR C 126 50.68 -42.08 10.66
CA TYR C 126 51.22 -41.58 9.40
C TYR C 126 52.41 -42.42 8.96
N SER C 127 52.35 -43.73 9.22
CA SER C 127 53.49 -44.61 8.94
C SER C 127 53.83 -44.56 7.46
N HIS C 128 52.81 -44.71 6.60
CA HIS C 128 52.96 -44.69 5.15
C HIS C 128 53.21 -43.29 4.61
N LEU C 129 53.61 -42.34 5.47
CA LEU C 129 53.97 -40.98 5.03
C LEU C 129 55.46 -40.73 5.19
N PRO C 130 56.30 -41.21 4.26
CA PRO C 130 57.75 -41.03 4.40
C PRO C 130 58.17 -39.58 4.43
N THR C 131 59.17 -39.30 5.27
CA THR C 131 59.85 -37.99 5.40
C THR C 131 58.87 -36.82 5.50
N LEU C 132 57.71 -37.08 6.09
CA LEU C 132 56.64 -36.09 6.15
C LEU C 132 57.05 -34.83 6.91
N GLU C 133 57.65 -34.99 8.09
CA GLU C 133 57.89 -33.84 8.97
C GLU C 133 58.93 -32.86 8.42
N ARG C 134 60.04 -33.35 7.88
CA ARG C 134 61.07 -32.41 7.44
C ARG C 134 60.57 -31.54 6.29
N ASP C 135 59.91 -32.16 5.31
CA ASP C 135 59.35 -31.37 4.23
C ASP C 135 58.25 -30.47 4.77
N PHE C 136 57.43 -30.99 5.67
CA PHE C 136 56.35 -30.22 6.26
C PHE C 136 56.87 -28.91 6.82
N ASN C 137 57.81 -29.00 7.77
CA ASN C 137 58.24 -27.78 8.46
C ASN C 137 59.10 -26.90 7.56
N THR C 138 59.92 -27.46 6.66
CA THR C 138 60.66 -26.61 5.74
C THR C 138 59.71 -25.77 4.89
N ALA C 139 58.71 -26.41 4.30
CA ALA C 139 57.74 -25.67 3.50
C ALA C 139 56.95 -24.69 4.36
N SER C 140 56.63 -25.07 5.60
CA SER C 140 55.92 -24.17 6.49
C SER C 140 56.72 -22.89 6.71
N ASN C 141 58.02 -23.03 6.97
CA ASN C 141 58.86 -21.85 7.15
C ASN C 141 58.94 -21.02 5.87
N TYR C 142 59.14 -21.68 4.73
CA TYR C 142 59.29 -20.95 3.48
C TYR C 142 58.05 -20.13 3.18
N VAL C 143 56.88 -20.75 3.32
CA VAL C 143 55.63 -20.04 3.12
C VAL C 143 55.48 -18.96 4.18
N SER C 144 55.98 -19.20 5.40
CA SER C 144 55.88 -18.20 6.45
C SER C 144 56.59 -16.91 6.06
N GLU C 145 57.85 -17.01 5.60
CA GLU C 145 58.51 -15.75 5.23
C GLU C 145 57.85 -15.15 4.00
N ASN C 146 57.45 -15.98 3.04
CA ASN C 146 56.79 -15.44 1.85
C ASN C 146 55.54 -14.66 2.25
N TYR C 147 54.77 -15.20 3.19
CA TYR C 147 53.60 -14.50 3.71
C TYR C 147 54.01 -13.21 4.42
N SER C 148 55.09 -13.26 5.21
CA SER C 148 55.57 -12.06 5.88
C SER C 148 55.92 -10.97 4.90
N ILE C 149 56.32 -11.35 3.67
CA ILE C 149 56.73 -10.39 2.66
C ILE C 149 55.63 -9.36 2.45
N ILE C 150 54.37 -9.79 2.53
CA ILE C 150 53.24 -8.87 2.45
C ILE C 150 52.61 -8.60 3.80
N VAL C 151 52.92 -9.42 4.82
CA VAL C 151 52.46 -9.12 6.17
C VAL C 151 53.04 -7.81 6.65
N GLU C 152 54.26 -7.48 6.21
CA GLU C 152 54.91 -6.26 6.69
C GLU C 152 54.07 -5.02 6.37
N GLU C 153 53.52 -4.95 5.15
CA GLU C 153 52.78 -3.77 4.72
C GLU C 153 51.38 -3.67 5.32
N ILE C 154 50.87 -4.69 6.00
CA ILE C 154 49.45 -4.71 6.33
C ILE C 154 49.14 -3.66 7.37
N ASP C 155 48.02 -2.96 7.16
CA ASP C 155 47.47 -2.06 8.17
C ASP C 155 47.15 -2.86 9.44
N LEU C 156 47.15 -2.16 10.56
CA LEU C 156 46.58 -2.72 11.79
C LEU C 156 45.11 -3.08 11.58
N ASN C 157 44.27 -2.07 11.32
CA ASN C 157 42.86 -2.33 11.08
C ASN C 157 42.66 -3.16 9.82
N LYS C 158 43.23 -2.72 8.71
CA LYS C 158 43.17 -3.49 7.47
C LYS C 158 44.32 -4.49 7.42
N SER C 162 36.53 -9.68 7.24
CA SER C 162 36.33 -11.11 7.05
C SER C 162 37.55 -11.75 6.37
N GLU C 163 37.41 -13.02 6.00
CA GLU C 163 38.47 -13.74 5.30
C GLU C 163 37.85 -14.57 4.19
N SER C 164 38.26 -14.29 2.94
CA SER C 164 37.71 -14.96 1.77
C SER C 164 38.83 -15.37 0.82
N ILE C 165 39.85 -16.03 1.41
CA ILE C 165 41.07 -16.40 0.68
C ILE C 165 40.72 -17.11 -0.62
N SER C 166 41.51 -16.86 -1.66
CA SER C 166 41.26 -17.49 -2.95
C SER C 166 42.57 -17.93 -3.57
N LEU C 167 42.49 -18.87 -4.51
CA LEU C 167 43.67 -19.44 -5.15
C LEU C 167 43.50 -19.37 -6.66
N LYS C 168 44.61 -19.15 -7.36
CA LYS C 168 44.58 -19.17 -8.82
C LYS C 168 45.64 -20.14 -9.37
N SER C 169 45.20 -21.03 -10.25
CA SER C 169 46.10 -21.75 -11.13
C SER C 169 46.62 -20.79 -12.21
N PRO C 170 47.76 -21.11 -12.86
CA PRO C 170 48.70 -22.22 -12.64
C PRO C 170 49.92 -21.77 -11.88
N ASP C 171 50.02 -20.47 -11.60
CA ASP C 171 51.06 -19.98 -10.71
C ASP C 171 50.65 -20.11 -9.26
N PHE C 172 49.41 -20.56 -9.01
CA PHE C 172 48.95 -21.00 -7.70
C PHE C 172 49.16 -19.88 -6.68
N THR C 173 48.43 -18.80 -6.92
CA THR C 173 48.59 -17.56 -6.17
C THR C 173 47.48 -17.44 -5.13
N VAL C 174 47.85 -17.00 -3.95
CA VAL C 174 46.91 -16.79 -2.86
C VAL C 174 46.38 -15.36 -2.91
N VAL C 175 45.16 -15.18 -2.42
CA VAL C 175 44.41 -13.94 -2.51
C VAL C 175 43.74 -13.67 -1.17
N LEU C 176 43.96 -12.47 -0.63
CA LEU C 176 43.49 -12.07 0.68
C LEU C 176 42.67 -10.79 0.56
N GLU C 177 41.90 -10.50 1.61
CA GLU C 177 41.23 -9.22 1.75
C GLU C 177 41.23 -8.83 3.22
N TYR C 178 41.15 -7.52 3.47
CA TYR C 178 41.13 -6.99 4.82
C TYR C 178 40.47 -5.61 4.81
N PHE C 179 39.55 -5.39 5.75
CA PHE C 179 38.77 -4.16 5.82
C PHE C 179 39.08 -3.43 7.13
N LYS C 180 38.47 -2.25 7.29
CA LYS C 180 38.79 -1.40 8.43
C LYS C 180 38.30 -2.01 9.75
N LYS C 181 37.06 -2.48 9.77
CA LYS C 181 36.41 -2.90 11.02
C LYS C 181 37.19 -4.04 11.69
N VAL C 206 43.78 -7.32 1.17
CA VAL C 206 43.28 -7.10 -0.19
C VAL C 206 44.46 -7.31 -1.12
N ARG C 207 45.20 -8.41 -0.90
CA ARG C 207 46.45 -8.59 -1.63
C ARG C 207 46.55 -9.98 -2.23
N GLU C 208 47.74 -10.33 -2.72
CA GLU C 208 47.94 -11.60 -3.38
C GLU C 208 49.40 -11.99 -3.23
N LEU C 209 49.69 -13.23 -3.59
CA LEU C 209 51.09 -13.64 -3.71
C LEU C 209 51.18 -14.83 -4.67
N PRO C 210 52.02 -14.77 -5.69
CA PRO C 210 52.16 -15.91 -6.60
C PRO C 210 53.08 -16.98 -6.02
N LEU C 211 52.49 -17.89 -5.25
CA LEU C 211 53.27 -18.86 -4.49
C LEU C 211 54.21 -19.67 -5.37
N LEU C 212 53.69 -20.25 -6.45
CA LEU C 212 54.46 -21.13 -7.32
C LEU C 212 54.34 -20.68 -8.77
N PRO C 213 55.03 -19.60 -9.14
CA PRO C 213 54.97 -19.15 -10.55
C PRO C 213 55.74 -20.07 -11.48
N ILE C 214 55.02 -20.86 -12.28
CA ILE C 214 55.62 -21.80 -13.22
C ILE C 214 55.32 -21.44 -14.66
N MET C 215 54.48 -20.42 -14.91
CA MET C 215 54.16 -20.02 -16.27
C MET C 215 55.42 -19.68 -17.07
N CYS C 216 56.26 -18.80 -16.55
CA CYS C 216 57.51 -18.45 -17.23
C CYS C 216 58.56 -18.15 -16.16
N ARG C 217 59.69 -18.85 -16.23
CA ARG C 217 60.79 -18.66 -15.29
C ARG C 217 62.08 -18.78 -16.08
N GLU C 218 62.57 -17.65 -16.58
CA GLU C 218 63.87 -17.63 -17.27
C GLU C 218 64.98 -17.28 -16.29
N SER C 219 64.98 -17.96 -15.15
CA SER C 219 65.98 -17.79 -14.11
C SER C 219 66.32 -19.14 -13.49
N GLU C 220 66.47 -20.16 -14.32
CA GLU C 220 66.61 -21.52 -13.81
C GLU C 220 67.84 -21.67 -12.94
N ASP C 221 68.95 -21.06 -13.34
CA ASP C 221 70.13 -20.97 -12.48
C ASP C 221 70.29 -19.61 -11.81
N SER C 222 69.61 -18.58 -12.31
CA SER C 222 69.71 -17.26 -11.67
C SER C 222 69.02 -17.26 -10.31
N ILE C 223 67.92 -17.99 -10.17
CA ILE C 223 67.30 -18.15 -8.86
C ILE C 223 68.14 -19.09 -8.01
N SER C 224 68.39 -18.69 -6.77
CA SER C 224 69.26 -19.49 -5.91
C SER C 224 68.65 -20.85 -5.64
N GLU C 225 69.51 -21.82 -5.34
CA GLU C 225 69.04 -23.20 -5.20
C GLU C 225 68.28 -23.41 -3.89
N ASP C 226 68.56 -22.61 -2.86
CA ASP C 226 67.78 -22.73 -1.63
C ASP C 226 66.32 -22.34 -1.85
N ILE C 227 66.07 -21.26 -2.59
CA ILE C 227 64.70 -20.88 -2.93
C ILE C 227 64.03 -21.99 -3.75
N LEU C 228 64.75 -22.53 -4.74
CA LEU C 228 64.23 -23.61 -5.56
C LEU C 228 63.86 -24.82 -4.72
N GLU C 229 64.72 -25.16 -3.75
CA GLU C 229 64.42 -26.27 -2.86
C GLU C 229 63.21 -25.94 -1.99
N GLY C 230 63.05 -24.68 -1.59
CA GLY C 230 61.86 -24.30 -0.87
C GLY C 230 60.59 -24.55 -1.66
N GLU C 231 60.56 -24.12 -2.92
CA GLU C 231 59.38 -24.38 -3.74
C GLU C 231 59.18 -25.87 -3.98
N GLY C 232 60.28 -26.61 -4.22
CA GLY C 232 60.15 -28.04 -4.41
C GLY C 232 59.60 -28.74 -3.19
N ALA C 233 60.05 -28.31 -2.01
CA ALA C 233 59.48 -28.81 -0.77
C ALA C 233 57.99 -28.52 -0.70
N VAL C 234 57.59 -27.31 -1.06
CA VAL C 234 56.16 -26.96 -1.03
C VAL C 234 55.37 -27.88 -1.94
N ILE C 235 55.83 -28.05 -3.18
CA ILE C 235 55.05 -28.81 -4.15
C ILE C 235 55.01 -30.29 -3.77
N GLN C 236 56.12 -30.86 -3.30
CA GLN C 236 56.08 -32.23 -2.81
C GLN C 236 55.17 -32.37 -1.59
N VAL C 237 55.22 -31.40 -0.67
CA VAL C 237 54.35 -31.45 0.50
C VAL C 237 52.90 -31.54 0.07
N LEU C 238 52.50 -30.68 -0.86
CA LEU C 238 51.12 -30.72 -1.33
C LEU C 238 50.83 -32.03 -2.05
N LYS C 239 51.79 -32.52 -2.83
CA LYS C 239 51.65 -33.79 -3.53
C LYS C 239 51.31 -34.93 -2.56
N MET C 240 52.13 -35.07 -1.50
CA MET C 240 51.82 -36.09 -0.51
C MET C 240 50.53 -35.77 0.21
N PHE C 241 50.21 -34.49 0.40
CA PHE C 241 48.98 -34.13 1.08
C PHE C 241 47.79 -34.67 0.29
N MET C 242 47.83 -34.53 -1.04
CA MET C 242 46.77 -35.09 -1.88
C MET C 242 46.77 -36.60 -1.78
N LYS C 243 47.96 -37.21 -1.77
CA LYS C 243 48.01 -38.67 -1.65
C LYS C 243 47.33 -39.12 -0.36
N GLY C 244 47.56 -38.38 0.72
CA GLY C 244 46.88 -38.68 1.96
C GLY C 244 45.39 -38.47 1.84
N PHE C 245 44.99 -37.36 1.22
CA PHE C 245 43.56 -37.07 1.07
C PHE C 245 42.87 -38.22 0.35
N LEU C 246 43.53 -38.80 -0.65
CA LEU C 246 42.91 -39.86 -1.43
C LEU C 246 42.90 -41.15 -0.64
N VAL C 247 44.00 -41.45 0.07
CA VAL C 247 43.97 -42.59 0.98
C VAL C 247 42.82 -42.44 1.95
N HIS C 248 42.57 -41.21 2.39
CA HIS C 248 41.47 -40.97 3.32
C HIS C 248 40.14 -41.27 2.64
N LEU C 249 40.00 -40.89 1.37
CA LEU C 249 38.76 -41.16 0.64
C LEU C 249 38.52 -42.66 0.60
N GLY C 250 39.55 -43.41 0.24
CA GLY C 250 39.41 -44.85 0.15
C GLY C 250 39.15 -45.50 1.50
N GLU C 251 39.79 -44.98 2.55
CA GLU C 251 39.68 -45.61 3.86
C GLU C 251 38.24 -45.64 4.35
N ASN C 252 37.52 -44.53 4.18
CA ASN C 252 36.14 -44.45 4.64
C ASN C 252 35.27 -43.98 3.49
N PRO C 253 34.33 -44.80 3.03
CA PRO C 253 33.34 -44.34 2.05
C PRO C 253 32.08 -43.85 2.75
N ASN C 254 31.31 -43.05 2.01
CA ASN C 254 30.15 -42.37 2.57
C ASN C 254 28.96 -42.55 1.63
N SER C 255 27.77 -42.39 2.22
CA SER C 255 26.54 -42.28 1.43
C SER C 255 26.67 -41.22 0.35
N TYR C 256 27.34 -40.11 0.65
CA TYR C 256 27.37 -38.95 -0.22
C TYR C 256 28.54 -38.96 -1.18
N ASP C 257 29.23 -40.09 -1.33
CA ASP C 257 30.38 -40.18 -2.22
C ASP C 257 30.03 -39.87 -3.67
N ARG C 258 28.75 -39.98 -4.04
CA ARG C 258 28.32 -39.71 -5.40
C ARG C 258 27.77 -38.31 -5.59
N GLN C 259 27.97 -37.41 -4.64
CA GLN C 259 27.32 -36.11 -4.73
C GLN C 259 28.26 -34.95 -5.04
N LEU C 260 29.57 -35.12 -4.88
CA LEU C 260 30.51 -34.03 -5.13
C LEU C 260 31.74 -34.55 -5.86
N THR C 261 32.63 -33.61 -6.20
CA THR C 261 33.79 -33.85 -7.04
C THR C 261 35.04 -33.27 -6.38
N ILE C 262 36.20 -33.59 -6.96
CA ILE C 262 37.50 -33.17 -6.46
C ILE C 262 37.70 -31.67 -6.67
N GLU C 263 36.74 -31.02 -7.33
CA GLU C 263 36.90 -29.73 -8.00
C GLU C 263 37.77 -28.70 -7.30
N LYS C 264 37.80 -28.68 -5.97
CA LYS C 264 38.62 -27.70 -5.27
C LYS C 264 40.10 -27.84 -5.60
N TYR C 265 40.59 -29.07 -5.73
CA TYR C 265 42.01 -29.37 -5.65
C TYR C 265 42.70 -29.33 -7.00
N ARG C 266 41.96 -29.10 -8.09
CA ARG C 266 42.48 -29.06 -9.45
C ARG C 266 43.78 -28.27 -9.55
N PRO C 267 43.83 -26.99 -9.14
CA PRO C 267 45.04 -26.20 -9.44
C PRO C 267 46.29 -26.78 -8.82
N LEU C 268 46.17 -27.42 -7.66
CA LEU C 268 47.34 -27.99 -7.01
C LEU C 268 47.95 -29.07 -7.89
N LEU C 269 47.10 -29.96 -8.40
CA LEU C 269 47.56 -30.97 -9.33
C LEU C 269 48.20 -30.30 -10.53
N ILE C 270 47.61 -29.20 -10.98
CA ILE C 270 48.16 -28.43 -12.08
C ILE C 270 49.58 -28.01 -11.77
N SER C 271 49.78 -27.42 -10.59
CA SER C 271 51.13 -26.99 -10.21
C SER C 271 52.09 -28.17 -10.30
N ILE C 272 51.62 -29.36 -9.90
CA ILE C 272 52.44 -30.56 -9.99
C ILE C 272 52.99 -30.71 -11.39
N ILE C 273 52.09 -30.75 -12.38
CA ILE C 273 52.50 -31.02 -13.74
C ILE C 273 53.43 -29.91 -14.23
N GLY C 274 53.26 -28.70 -13.71
CA GLY C 274 54.16 -27.62 -14.10
C GLY C 274 55.59 -27.95 -13.72
N TYR C 275 55.78 -28.44 -12.49
CA TYR C 275 57.10 -28.90 -12.09
C TYR C 275 57.56 -30.02 -13.00
N GLU C 276 56.63 -30.91 -13.37
CA GLU C 276 56.97 -32.00 -14.28
C GLU C 276 57.65 -31.46 -15.52
N PHE C 277 57.13 -30.36 -16.08
CA PHE C 277 57.78 -29.77 -17.24
C PHE C 277 59.05 -29.02 -16.84
N THR C 278 59.09 -28.46 -15.64
CA THR C 278 60.25 -27.71 -15.15
C THR C 278 61.06 -28.51 -14.13
N VAL C 279 61.13 -29.82 -14.31
CA VAL C 279 61.87 -30.69 -13.40
C VAL C 279 63.37 -30.36 -13.41
N ASN C 289 54.54 -37.89 -16.45
CA ASN C 289 53.56 -38.39 -15.50
C ASN C 289 52.22 -38.65 -16.19
N HIS C 290 51.43 -39.57 -15.66
CA HIS C 290 50.06 -39.77 -16.11
C HIS C 290 49.02 -39.60 -15.01
N ILE C 291 49.31 -40.03 -13.78
CA ILE C 291 48.27 -40.10 -12.75
C ILE C 291 47.76 -38.69 -12.40
N TYR C 292 48.64 -37.84 -11.89
CA TYR C 292 48.21 -36.52 -11.40
C TYR C 292 47.62 -35.68 -12.53
N TYR C 293 48.17 -35.80 -13.73
CA TYR C 293 47.64 -35.08 -14.88
C TYR C 293 46.16 -35.39 -15.08
N GLN C 294 45.85 -36.67 -15.34
CA GLN C 294 44.46 -37.06 -15.57
C GLN C 294 43.58 -36.78 -14.36
N LEU C 295 44.13 -36.85 -13.14
CA LEU C 295 43.37 -36.40 -11.98
C LEU C 295 42.97 -34.94 -12.13
N ALA C 296 43.91 -34.08 -12.50
CA ALA C 296 43.60 -32.67 -12.70
C ALA C 296 42.60 -32.47 -13.83
N THR C 297 42.64 -33.33 -14.85
CA THR C 297 41.85 -33.11 -16.06
C THR C 297 40.37 -32.98 -15.77
N PHE C 298 39.89 -33.57 -14.68
CA PHE C 298 38.47 -33.57 -14.38
C PHE C 298 38.21 -33.06 -12.97
N ASP C 299 38.07 -31.74 -12.84
CA ASP C 299 37.65 -31.19 -11.56
C ASP C 299 36.30 -31.75 -11.16
N ASN C 300 35.43 -32.00 -12.13
CA ASN C 300 34.12 -32.60 -11.97
C ASN C 300 34.15 -34.11 -11.73
N TYR C 301 35.33 -34.69 -11.52
CA TYR C 301 35.43 -36.14 -11.44
C TYR C 301 34.90 -36.65 -10.09
N PRO C 302 34.21 -37.77 -10.08
CA PRO C 302 33.61 -38.29 -8.84
C PRO C 302 34.53 -39.27 -8.12
N PHE C 303 34.29 -39.38 -6.80
CA PHE C 303 35.18 -40.04 -5.84
C PHE C 303 35.34 -41.53 -6.09
N ASP C 304 34.26 -42.27 -5.86
CA ASP C 304 34.30 -43.72 -5.97
C ASP C 304 34.69 -44.21 -7.35
N LEU C 305 34.49 -43.40 -8.40
CA LEU C 305 35.09 -43.73 -9.68
C LEU C 305 36.59 -43.94 -9.50
N LEU C 306 37.31 -42.90 -9.05
CA LEU C 306 38.73 -43.06 -8.77
C LEU C 306 38.97 -44.26 -7.88
N ARG C 307 38.10 -44.46 -6.89
CA ARG C 307 38.20 -45.65 -6.05
C ARG C 307 38.22 -46.93 -6.90
N PHE C 308 37.51 -46.92 -8.03
CA PHE C 308 37.49 -48.09 -8.92
C PHE C 308 38.70 -48.18 -9.82
N GLN C 309 38.99 -47.13 -10.58
CA GLN C 309 39.92 -47.24 -11.69
C GLN C 309 41.21 -46.45 -11.48
N LEU C 310 41.79 -46.54 -10.29
CA LEU C 310 43.11 -45.97 -10.10
C LEU C 310 44.15 -46.67 -10.98
N GLN C 311 43.83 -47.84 -11.50
CA GLN C 311 44.83 -48.77 -12.03
C GLN C 311 45.26 -48.41 -13.44
N SER C 312 44.30 -48.42 -14.37
CA SER C 312 44.60 -48.48 -15.80
C SER C 312 44.69 -47.10 -16.43
N LEU C 313 44.98 -46.07 -15.64
CA LEU C 313 44.94 -44.69 -16.11
C LEU C 313 46.19 -44.41 -16.96
N ILE C 314 46.23 -45.08 -18.11
CA ILE C 314 47.34 -44.94 -19.05
C ILE C 314 46.77 -44.94 -20.47
N ASP C 315 47.31 -44.06 -21.31
CA ASP C 315 46.92 -43.98 -22.70
C ASP C 315 47.66 -45.01 -23.56
N ILE C 320 49.71 -35.93 -26.95
CA ILE C 320 48.87 -36.66 -26.02
C ILE C 320 49.68 -37.79 -25.42
N LYS C 321 49.96 -38.81 -26.22
CA LYS C 321 50.96 -39.78 -25.80
C LYS C 321 52.31 -39.11 -25.62
N GLU C 322 52.73 -38.30 -26.61
CA GLU C 322 53.88 -37.41 -26.45
C GLU C 322 53.68 -36.02 -27.03
N ARG C 323 52.80 -35.83 -28.02
CA ARG C 323 52.89 -34.70 -28.93
C ARG C 323 52.12 -33.44 -28.52
N ILE C 324 51.05 -33.55 -27.73
CA ILE C 324 50.32 -32.32 -27.38
C ILE C 324 50.95 -31.61 -26.20
N GLU C 325 51.87 -32.26 -25.48
CA GLU C 325 52.51 -31.65 -24.33
C GLU C 325 53.96 -31.29 -24.55
N LYS C 326 54.61 -31.87 -25.56
CA LYS C 326 55.93 -31.39 -25.97
C LYS C 326 55.90 -29.92 -26.37
N ASP C 327 54.75 -29.42 -26.83
CA ASP C 327 54.62 -28.07 -27.35
C ASP C 327 53.83 -27.17 -26.40
N GLY C 328 54.11 -27.30 -25.10
CA GLY C 328 53.42 -26.53 -24.09
C GLY C 328 52.25 -27.26 -23.47
N LEU C 329 52.24 -27.34 -22.14
CA LEU C 329 51.14 -28.02 -21.45
C LEU C 329 49.85 -27.22 -21.52
N PHE C 330 49.94 -25.90 -21.61
CA PHE C 330 48.80 -25.00 -21.49
C PHE C 330 48.83 -24.02 -22.64
N LYS C 331 47.75 -23.27 -22.80
CA LYS C 331 47.72 -22.17 -23.74
C LYS C 331 47.52 -20.89 -22.95
N VAL C 332 47.96 -19.77 -23.51
CA VAL C 332 47.76 -18.47 -22.90
C VAL C 332 47.02 -17.58 -23.89
N ILE C 333 45.94 -16.94 -23.43
CA ILE C 333 45.17 -16.02 -24.26
C ILE C 333 44.82 -14.78 -23.46
N THR C 334 45.00 -13.61 -24.05
CA THR C 334 44.61 -12.36 -23.42
C THR C 334 43.47 -11.74 -24.20
N THR C 335 42.43 -11.29 -23.50
CA THR C 335 41.32 -10.58 -24.13
C THR C 335 41.49 -9.08 -23.89
N THR C 336 41.56 -8.33 -24.99
CA THR C 336 41.68 -6.87 -24.98
C THR C 336 40.31 -6.26 -24.71
N ASN C 337 39.94 -6.22 -23.44
CA ASN C 337 38.61 -5.78 -23.01
C ASN C 337 38.41 -4.26 -23.12
N ALA C 338 39.37 -3.57 -23.74
CA ALA C 338 39.32 -2.14 -24.05
C ALA C 338 39.48 -1.26 -22.80
N ARG C 339 39.49 -1.88 -21.63
CA ARG C 339 39.88 -1.21 -20.40
C ARG C 339 41.03 -1.93 -19.71
N GLY C 340 41.42 -3.10 -20.21
CA GLY C 340 42.53 -3.83 -19.66
C GLY C 340 42.85 -5.02 -20.53
N GLN C 341 43.77 -5.84 -20.05
CA GLN C 341 44.20 -7.04 -20.76
C GLN C 341 43.91 -8.24 -19.87
N TYR C 342 42.70 -8.81 -19.97
CA TYR C 342 42.41 -9.97 -19.14
C TYR C 342 43.18 -11.16 -19.69
N GLN C 343 44.36 -11.40 -19.13
CA GLN C 343 45.10 -12.63 -19.41
C GLN C 343 44.37 -13.84 -18.82
N SER C 344 44.58 -14.99 -19.45
CA SER C 344 43.98 -16.23 -18.96
C SER C 344 44.78 -17.42 -19.48
N VAL C 345 44.79 -18.48 -18.67
CA VAL C 345 45.48 -19.72 -18.98
C VAL C 345 44.43 -20.78 -19.27
N LEU C 346 44.69 -21.61 -20.27
CA LEU C 346 43.69 -22.52 -20.81
C LEU C 346 44.34 -23.91 -20.81
N LEU C 347 44.04 -24.74 -19.82
CA LEU C 347 44.71 -26.04 -19.78
C LEU C 347 44.13 -27.00 -20.83
N ARG C 348 44.96 -27.96 -21.23
CA ARG C 348 44.53 -29.05 -22.11
C ARG C 348 44.70 -30.38 -21.39
N GLY C 349 43.68 -31.23 -21.52
CA GLY C 349 43.62 -32.49 -20.81
C GLY C 349 43.83 -33.65 -21.78
N ILE C 350 44.17 -34.81 -21.19
CA ILE C 350 44.63 -36.00 -21.92
C ILE C 350 43.65 -36.46 -22.97
N ASN C 351 42.37 -36.14 -22.83
CA ASN C 351 41.45 -36.35 -23.94
C ASN C 351 41.83 -35.51 -25.15
N GLY C 352 42.82 -34.64 -25.03
CA GLY C 352 43.10 -33.68 -26.07
C GLY C 352 42.11 -32.53 -26.06
N SER C 353 41.60 -32.18 -24.89
CA SER C 353 40.56 -31.15 -24.84
C SER C 353 41.05 -30.00 -23.96
N GLU C 354 40.16 -29.07 -23.66
CA GLU C 354 40.57 -27.87 -22.95
C GLU C 354 39.63 -27.55 -21.80
N SER C 355 40.13 -26.79 -20.84
CA SER C 355 39.26 -26.13 -19.86
C SER C 355 39.88 -24.81 -19.41
N TYR C 356 39.05 -23.77 -19.46
CA TYR C 356 39.33 -22.49 -18.82
C TYR C 356 39.51 -22.64 -17.31
N LEU C 357 40.50 -21.94 -16.76
CA LEU C 357 40.69 -21.87 -15.32
C LEU C 357 39.84 -20.75 -14.72
N ASN C 358 39.28 -21.02 -13.55
CA ASN C 358 38.26 -20.15 -12.96
C ASN C 358 38.58 -19.85 -11.50
N LEU C 359 38.09 -18.70 -11.05
CA LEU C 359 38.18 -18.30 -9.65
C LEU C 359 37.37 -19.25 -8.77
N LYS C 360 37.78 -19.35 -7.51
CA LYS C 360 37.00 -20.12 -6.53
C LYS C 360 37.16 -19.47 -5.15
N ARG C 361 36.21 -18.62 -4.80
CA ARG C 361 36.22 -17.97 -3.49
C ARG C 361 36.05 -19.03 -2.40
N TYR C 362 36.78 -18.86 -1.29
CA TYR C 362 36.72 -19.80 -0.19
C TYR C 362 35.97 -19.20 0.98
N ARG C 363 35.50 -20.08 1.86
CA ARG C 363 35.08 -19.70 3.20
C ARG C 363 35.59 -20.80 4.13
N LYS C 364 35.21 -20.75 5.41
CA LYS C 364 35.45 -21.88 6.28
C LYS C 364 34.37 -21.89 7.35
N PHE C 365 33.73 -23.05 7.51
CA PHE C 365 32.62 -23.19 8.45
C PHE C 365 33.05 -22.86 9.87
N LYS C 366 32.19 -22.16 10.60
CA LYS C 366 32.45 -21.84 12.00
C LYS C 366 32.22 -23.13 12.80
N VAL C 367 33.31 -23.78 13.20
CA VAL C 367 33.29 -25.09 13.82
C VAL C 367 32.31 -25.11 14.99
N ARG C 368 31.66 -26.25 15.20
CA ARG C 368 30.69 -26.37 16.26
C ARG C 368 31.37 -26.38 17.63
N VAL C 369 30.62 -25.95 18.65
CA VAL C 369 31.13 -25.88 20.01
C VAL C 369 31.23 -27.26 20.63
N VAL C 370 30.70 -28.29 19.95
CA VAL C 370 30.61 -29.66 20.45
C VAL C 370 31.90 -30.12 21.10
N GLY C 371 31.78 -30.88 22.19
CA GLY C 371 32.92 -31.43 22.86
C GLY C 371 32.77 -32.92 23.04
N ASN C 372 33.91 -33.62 23.04
CA ASN C 372 33.88 -35.07 23.12
C ASN C 372 33.23 -35.55 24.41
N VAL C 373 32.28 -36.47 24.29
CA VAL C 373 31.61 -37.02 25.46
C VAL C 373 32.59 -37.78 26.34
N ASP C 374 33.42 -38.64 25.73
CA ASP C 374 34.47 -39.38 26.44
C ASP C 374 33.93 -40.05 27.69
N ASN C 375 32.73 -40.61 27.58
CA ASN C 375 32.04 -41.16 28.74
C ASN C 375 32.84 -42.29 29.37
N VAL C 376 32.89 -42.30 30.70
CA VAL C 376 33.67 -43.28 31.43
C VAL C 376 32.83 -44.16 32.36
N ILE C 377 31.59 -43.79 32.67
CA ILE C 377 30.86 -44.50 33.72
C ILE C 377 30.60 -45.94 33.32
N LYS C 378 30.03 -46.16 32.13
CA LYS C 378 29.79 -47.51 31.60
C LYS C 378 29.16 -48.38 32.68
N ASN C 379 28.08 -47.87 33.27
CA ASN C 379 27.51 -48.48 34.46
C ASN C 379 26.67 -49.71 34.10
N ASP C 380 26.65 -50.68 35.02
CA ASP C 380 25.80 -51.85 34.88
C ASP C 380 24.39 -51.52 35.35
N PHE C 381 23.42 -52.30 34.86
CA PHE C 381 22.01 -52.07 35.14
C PHE C 381 21.31 -53.27 35.76
N SER C 382 21.72 -54.48 35.38
CA SER C 382 21.22 -55.67 36.05
C SER C 382 21.48 -55.64 37.55
N SER C 383 22.49 -54.88 38.00
CA SER C 383 22.81 -54.82 39.41
C SER C 383 21.66 -54.28 40.25
N LEU C 384 20.98 -53.25 39.78
CA LEU C 384 19.86 -52.69 40.53
C LEU C 384 18.72 -53.71 40.62
N LYS C 385 18.07 -53.74 41.79
CA LYS C 385 17.06 -54.76 42.09
C LYS C 385 15.72 -54.36 41.45
N LEU C 386 15.74 -54.30 40.13
CA LEU C 386 14.52 -54.14 39.36
C LEU C 386 13.60 -55.35 39.57
N ASP C 387 12.29 -55.08 39.57
CA ASP C 387 11.31 -56.04 40.09
C ASP C 387 11.42 -57.40 39.40
N VAL C 388 11.50 -57.42 38.07
CA VAL C 388 11.65 -58.68 37.33
C VAL C 388 12.50 -58.51 36.08
N GLU D 56 13.93 -34.08 -42.68
CA GLU D 56 14.39 -33.86 -41.31
C GLU D 56 14.91 -35.18 -40.75
N ARG D 57 15.48 -36.01 -41.62
CA ARG D 57 15.99 -37.28 -41.15
C ARG D 57 17.19 -37.05 -40.23
N ARG D 58 17.45 -38.04 -39.37
CA ARG D 58 18.65 -38.05 -38.54
C ARG D 58 19.11 -39.48 -38.31
N THR D 59 20.36 -39.63 -37.89
CA THR D 59 20.85 -40.95 -37.54
C THR D 59 20.08 -41.48 -36.33
N PHE D 60 19.96 -42.80 -36.26
CA PHE D 60 19.24 -43.41 -35.16
C PHE D 60 20.01 -43.28 -33.85
N GLY D 61 19.27 -43.30 -32.74
CA GLY D 61 19.86 -43.20 -31.42
C GLY D 61 20.60 -41.92 -31.13
N SER D 62 20.12 -40.79 -31.64
CA SER D 62 20.91 -39.57 -31.59
C SER D 62 20.62 -38.79 -30.31
N TYR D 63 21.34 -37.70 -30.13
CA TYR D 63 21.08 -36.76 -29.05
C TYR D 63 21.37 -35.37 -29.60
N LYS D 64 20.86 -34.34 -28.94
CA LYS D 64 21.21 -33.00 -29.44
C LYS D 64 21.42 -32.10 -28.22
N ILE D 65 22.08 -30.98 -28.44
CA ILE D 65 22.47 -30.09 -27.35
C ILE D 65 21.96 -28.69 -27.66
N GLU D 66 21.22 -28.11 -26.71
CA GLU D 66 20.56 -26.82 -26.91
C GLU D 66 20.93 -25.88 -25.76
N GLU D 67 21.07 -24.60 -26.09
CA GLU D 67 21.50 -23.59 -25.13
C GLU D 67 20.34 -22.74 -24.65
N ILE D 68 20.37 -22.40 -23.35
CA ILE D 68 19.45 -21.46 -22.73
C ILE D 68 20.26 -20.64 -21.74
N THR D 69 19.89 -19.37 -21.57
CA THR D 69 20.56 -18.54 -20.58
C THR D 69 19.64 -17.41 -20.15
N ILE D 70 19.99 -16.79 -19.03
CA ILE D 70 19.25 -15.66 -18.50
C ILE D 70 19.77 -14.35 -19.09
N LYS D 95 24.44 -19.86 -19.88
CA LYS D 95 24.62 -20.61 -21.12
C LYS D 95 24.45 -22.10 -20.86
N ILE D 96 23.51 -22.43 -19.98
CA ILE D 96 23.27 -23.84 -19.62
C ILE D 96 22.82 -24.61 -20.86
N PRO D 97 23.41 -25.76 -21.14
CA PRO D 97 22.87 -26.64 -22.18
C PRO D 97 21.93 -27.70 -21.61
N ILE D 98 21.08 -28.22 -22.50
CA ILE D 98 20.21 -29.34 -22.19
C ILE D 98 20.38 -30.35 -23.32
N LEU D 99 20.11 -31.61 -23.01
CA LEU D 99 20.24 -32.68 -23.97
C LEU D 99 18.88 -33.12 -24.49
N ASP D 100 18.83 -33.47 -25.77
CA ASP D 100 17.74 -34.22 -26.35
C ASP D 100 18.11 -35.68 -26.39
N ASP D 101 17.22 -36.50 -25.85
CA ASP D 101 17.43 -37.90 -25.46
C ASP D 101 17.42 -38.83 -26.68
N GLY D 102 16.38 -38.75 -27.50
CA GLY D 102 16.01 -39.87 -28.35
C GLY D 102 15.14 -40.91 -27.68
N ILE D 103 14.31 -40.51 -26.72
CA ILE D 103 13.48 -41.41 -25.93
C ILE D 103 12.01 -41.03 -26.02
N PHE D 104 11.69 -39.77 -25.70
CA PHE D 104 10.31 -39.30 -25.82
C PHE D 104 9.75 -39.65 -27.19
N ASP D 105 10.48 -39.27 -28.24
CA ASP D 105 10.09 -39.66 -29.59
C ASP D 105 10.13 -41.18 -29.73
N LEU D 106 11.16 -41.82 -29.16
CA LEU D 106 11.27 -43.27 -29.22
C LEU D 106 10.06 -43.92 -28.54
N ILE D 107 9.67 -43.39 -27.39
CA ILE D 107 8.49 -43.92 -26.70
C ILE D 107 7.27 -43.80 -27.59
N ASN D 108 7.07 -42.63 -28.22
CA ASN D 108 5.89 -42.47 -29.07
C ASN D 108 5.93 -43.42 -30.26
N TYR D 109 7.11 -43.61 -30.86
CA TYR D 109 7.25 -44.53 -31.97
C TYR D 109 6.88 -45.95 -31.56
N LEU D 110 7.36 -46.40 -30.39
CA LEU D 110 6.96 -47.72 -29.90
C LEU D 110 5.48 -47.75 -29.56
N LEU D 111 4.89 -46.61 -29.18
CA LEU D 111 3.45 -46.55 -28.95
C LEU D 111 2.71 -46.88 -30.24
N ASN D 112 3.17 -46.34 -31.36
CA ASN D 112 2.45 -46.49 -32.61
C ASN D 112 2.91 -47.70 -33.41
N GLY D 113 3.92 -48.43 -32.94
CA GLY D 113 4.44 -49.55 -33.71
C GLY D 113 5.08 -49.13 -35.01
N THR D 114 5.40 -47.85 -35.14
CA THR D 114 5.97 -47.32 -36.37
C THR D 114 7.29 -47.98 -36.74
N HIS D 115 7.48 -48.19 -38.03
CA HIS D 115 8.66 -48.81 -38.60
C HIS D 115 9.70 -47.75 -38.97
N PHE D 116 10.96 -48.19 -39.01
CA PHE D 116 12.09 -47.27 -39.16
C PHE D 116 12.00 -46.42 -40.42
N ASP D 117 11.43 -46.96 -41.50
CA ASP D 117 11.31 -46.19 -42.74
C ASP D 117 10.52 -44.90 -42.50
N LYS D 118 9.35 -45.01 -41.90
CA LYS D 118 8.51 -43.83 -41.65
C LYS D 118 8.82 -43.25 -40.27
N THR D 119 10.11 -43.01 -40.06
CA THR D 119 10.64 -42.43 -38.83
C THR D 119 11.45 -41.19 -39.20
N HIS D 120 11.82 -40.39 -38.20
CA HIS D 120 12.64 -39.21 -38.44
C HIS D 120 14.07 -39.62 -38.71
N TYR D 121 14.27 -40.90 -39.02
CA TYR D 121 15.58 -41.52 -39.12
C TYR D 121 15.69 -42.37 -40.38
N ASP D 125 23.25 -45.02 -42.59
CA ASP D 125 24.46 -44.99 -41.78
C ASP D 125 24.30 -45.85 -40.54
N TYR D 126 23.97 -47.12 -40.74
CA TYR D 126 23.77 -48.04 -39.62
C TYR D 126 24.43 -49.39 -39.90
N SER D 127 25.58 -49.35 -40.58
CA SER D 127 26.24 -50.58 -41.00
C SER D 127 26.58 -51.45 -39.80
N HIS D 128 27.18 -50.84 -38.78
CA HIS D 128 27.57 -51.50 -37.54
C HIS D 128 26.39 -51.80 -36.63
N LEU D 129 25.16 -51.78 -37.18
CA LEU D 129 23.96 -52.13 -36.42
C LEU D 129 23.36 -53.44 -36.94
N PRO D 130 23.91 -54.60 -36.55
CA PRO D 130 23.40 -55.87 -37.07
C PRO D 130 21.94 -56.12 -36.71
N THR D 131 21.21 -56.71 -37.67
CA THR D 131 19.81 -57.17 -37.51
C THR D 131 18.90 -56.12 -36.88
N LEU D 132 19.20 -54.85 -37.12
CA LEU D 132 18.50 -53.75 -36.48
C LEU D 132 17.02 -53.72 -36.84
N GLU D 133 16.67 -53.86 -38.12
CA GLU D 133 15.29 -53.66 -38.55
C GLU D 133 14.33 -54.73 -38.04
N ARG D 134 14.70 -56.01 -38.09
CA ARG D 134 13.75 -57.03 -37.69
C ARG D 134 13.40 -56.92 -36.21
N ASP D 135 14.41 -56.72 -35.37
CA ASP D 135 14.12 -56.52 -33.95
C ASP D 135 13.35 -55.23 -33.76
N PHE D 136 13.75 -54.18 -34.48
CA PHE D 136 13.08 -52.89 -34.38
C PHE D 136 11.58 -53.04 -34.57
N ASN D 137 11.17 -53.59 -35.72
CA ASN D 137 9.75 -53.61 -36.03
C ASN D 137 9.02 -54.66 -35.19
N THR D 138 9.63 -55.80 -34.87
CA THR D 138 8.96 -56.75 -33.98
C THR D 138 8.64 -56.11 -32.63
N ALA D 139 9.64 -55.45 -32.03
CA ALA D 139 9.39 -54.79 -30.76
C ALA D 139 8.39 -53.64 -30.91
N SER D 140 8.45 -52.92 -32.03
CA SER D 140 7.48 -51.86 -32.28
C SER D 140 6.06 -52.40 -32.27
N ASN D 141 5.83 -53.52 -32.95
CA ASN D 141 4.50 -54.12 -32.95
C ASN D 141 4.10 -54.59 -31.56
N TYR D 142 5.02 -55.26 -30.85
CA TYR D 142 4.69 -55.79 -29.54
C TYR D 142 4.28 -54.67 -28.59
N VAL D 143 5.06 -53.60 -28.56
CA VAL D 143 4.73 -52.46 -27.74
C VAL D 143 3.45 -51.81 -28.23
N SER D 144 3.19 -51.86 -29.55
CA SER D 144 1.96 -51.28 -30.08
C SER D 144 0.73 -51.97 -29.51
N GLU D 145 0.69 -53.31 -29.52
CA GLU D 145 -0.50 -53.94 -28.95
C GLU D 145 -0.55 -53.73 -27.45
N ASN D 146 0.61 -53.78 -26.78
CA ASN D 146 0.59 -53.57 -25.34
C ASN D 146 0.02 -52.19 -25.01
N TYR D 147 0.41 -51.18 -25.79
CA TYR D 147 -0.15 -49.85 -25.64
C TYR D 147 -1.65 -49.84 -25.92
N SER D 148 -2.08 -50.55 -26.97
CA SER D 148 -3.50 -50.64 -27.28
C SER D 148 -4.30 -51.23 -26.13
N ILE D 149 -3.64 -52.09 -25.33
CA ILE D 149 -4.32 -52.75 -24.21
C ILE D 149 -4.98 -51.70 -23.31
N ILE D 150 -4.34 -50.55 -23.14
CA ILE D 150 -4.92 -49.46 -22.38
C ILE D 150 -5.45 -48.35 -23.29
N VAL D 151 -5.07 -48.33 -24.56
CA VAL D 151 -5.66 -47.38 -25.50
C VAL D 151 -7.15 -47.63 -25.63
N GLU D 152 -7.57 -48.89 -25.51
CA GLU D 152 -8.99 -49.19 -25.70
C GLU D 152 -9.86 -48.43 -24.71
N GLU D 153 -9.44 -48.36 -23.44
CA GLU D 153 -10.25 -47.72 -22.40
C GLU D 153 -10.23 -46.20 -22.46
N ILE D 154 -9.38 -45.57 -23.27
CA ILE D 154 -9.15 -44.14 -23.12
C ILE D 154 -10.39 -43.37 -23.55
N ASP D 155 -10.73 -42.34 -22.76
CA ASP D 155 -11.75 -41.39 -23.16
C ASP D 155 -11.33 -40.69 -24.45
N LEU D 156 -12.32 -40.21 -25.20
CA LEU D 156 -12.06 -39.28 -26.29
C LEU D 156 -11.35 -38.03 -25.78
N ASN D 157 -12.02 -37.26 -24.92
CA ASN D 157 -11.41 -36.06 -24.35
C ASN D 157 -10.21 -36.42 -23.48
N LYS D 158 -10.41 -37.32 -22.53
CA LYS D 158 -9.29 -37.79 -21.70
C LYS D 158 -8.60 -38.96 -22.39
N SER D 162 -2.07 -32.31 -21.64
CA SER D 162 -0.64 -32.33 -21.93
C SER D 162 -0.10 -33.76 -21.95
N GLU D 163 1.22 -33.88 -22.03
CA GLU D 163 1.88 -35.19 -22.00
C GLU D 163 3.12 -35.10 -21.13
N SER D 164 3.16 -35.91 -20.07
CA SER D 164 4.25 -35.90 -19.10
C SER D 164 4.68 -37.32 -18.78
N ILE D 165 4.89 -38.11 -19.84
CA ILE D 165 5.20 -39.53 -19.72
C ILE D 165 6.33 -39.76 -18.71
N SER D 166 6.25 -40.85 -17.96
CA SER D 166 7.27 -41.15 -16.97
C SER D 166 7.59 -42.64 -17.00
N LEU D 167 8.77 -42.99 -16.49
CA LEU D 167 9.24 -44.37 -16.50
C LEU D 167 9.67 -44.76 -15.10
N LYS D 168 9.44 -46.02 -14.75
CA LYS D 168 9.91 -46.54 -13.47
C LYS D 168 10.74 -47.81 -13.67
N SER D 169 11.94 -47.81 -13.08
CA SER D 169 12.68 -49.04 -12.84
C SER D 169 12.01 -49.82 -11.70
N PRO D 170 12.26 -51.14 -11.60
CA PRO D 170 13.01 -52.04 -12.49
C PRO D 170 12.11 -52.85 -13.39
N ASP D 171 10.79 -52.72 -13.20
CA ASP D 171 9.85 -53.30 -14.14
C ASP D 171 9.62 -52.40 -15.32
N PHE D 172 10.22 -51.20 -15.31
CA PHE D 172 10.34 -50.33 -16.48
C PHE D 172 8.94 -50.05 -17.03
N THR D 173 8.16 -49.37 -16.21
CA THR D 173 6.76 -49.13 -16.48
C THR D 173 6.56 -47.70 -16.98
N VAL D 174 5.72 -47.57 -17.99
CA VAL D 174 5.39 -46.28 -18.59
C VAL D 174 4.19 -45.69 -17.85
N VAL D 175 4.14 -44.35 -17.83
CA VAL D 175 3.17 -43.59 -17.07
C VAL D 175 2.66 -42.44 -17.94
N LEU D 176 1.33 -42.34 -18.06
CA LEU D 176 0.65 -41.38 -18.92
C LEU D 176 -0.32 -40.55 -18.10
N GLU D 177 -0.73 -39.42 -18.68
CA GLU D 177 -1.82 -38.63 -18.13
C GLU D 177 -2.64 -38.06 -19.28
N TYR D 178 -3.91 -37.77 -19.01
CA TYR D 178 -4.81 -37.20 -20.00
C TYR D 178 -5.94 -36.47 -19.28
N PHE D 179 -6.24 -35.26 -19.73
CA PHE D 179 -7.24 -34.40 -19.12
C PHE D 179 -8.39 -34.14 -20.11
N LYS D 180 -9.39 -33.40 -19.63
CA LYS D 180 -10.60 -33.20 -20.42
C LYS D 180 -10.32 -32.31 -21.64
N LYS D 181 -9.63 -31.19 -21.44
CA LYS D 181 -9.48 -30.19 -22.50
C LYS D 181 -8.80 -30.76 -23.74
N VAL D 206 -3.95 -41.02 -17.74
CA VAL D 206 -3.65 -41.04 -16.31
C VAL D 206 -3.42 -42.51 -15.93
N ARG D 207 -2.62 -43.20 -16.75
CA ARG D 207 -2.51 -44.65 -16.57
C ARG D 207 -1.05 -45.08 -16.58
N GLU D 208 -0.84 -46.40 -16.64
CA GLU D 208 0.51 -46.95 -16.57
C GLU D 208 0.51 -48.28 -17.32
N LEU D 209 1.71 -48.79 -17.54
CA LEU D 209 1.84 -50.17 -18.00
C LEU D 209 3.21 -50.72 -17.63
N PRO D 210 3.28 -51.87 -16.97
CA PRO D 210 4.59 -52.43 -16.62
C PRO D 210 5.20 -53.17 -17.80
N LEU D 211 5.93 -52.43 -18.63
CA LEU D 211 6.45 -52.95 -19.89
C LEU D 211 7.26 -54.23 -19.70
N LEU D 212 8.25 -54.19 -18.79
CA LEU D 212 9.17 -55.31 -18.59
C LEU D 212 9.21 -55.70 -17.11
N PRO D 213 8.18 -56.37 -16.61
CA PRO D 213 8.19 -56.79 -15.20
C PRO D 213 9.17 -57.92 -14.95
N ILE D 214 10.30 -57.62 -14.31
CA ILE D 214 11.32 -58.61 -14.01
C ILE D 214 11.50 -58.83 -12.51
N MET D 215 10.81 -58.05 -11.67
CA MET D 215 10.91 -58.22 -10.23
C MET D 215 10.57 -59.64 -9.79
N CYS D 216 9.41 -60.17 -10.21
CA CYS D 216 9.02 -61.53 -9.88
C CYS D 216 8.20 -62.08 -11.03
N ARG D 217 8.63 -63.22 -11.57
CA ARG D 217 7.95 -63.87 -12.69
C ARG D 217 8.02 -65.38 -12.44
N GLU D 218 7.01 -65.90 -11.74
CA GLU D 218 6.92 -67.35 -11.54
C GLU D 218 6.06 -67.99 -12.62
N SER D 219 6.35 -67.62 -13.86
CA SER D 219 5.66 -68.16 -15.03
C SER D 219 6.64 -68.37 -16.17
N GLU D 220 7.83 -68.91 -15.85
CA GLU D 220 8.91 -68.97 -16.83
C GLU D 220 8.52 -69.81 -18.04
N ASP D 221 7.84 -70.93 -17.82
CA ASP D 221 7.24 -71.69 -18.90
C ASP D 221 5.75 -71.47 -19.06
N SER D 222 5.07 -70.93 -18.04
CA SER D 222 3.65 -70.66 -18.15
C SER D 222 3.37 -69.53 -19.15
N ILE D 223 4.24 -68.53 -19.18
CA ILE D 223 4.13 -67.48 -20.19
C ILE D 223 4.57 -68.04 -21.54
N SER D 224 3.77 -67.78 -22.57
CA SER D 224 4.05 -68.34 -23.88
C SER D 224 5.37 -67.79 -24.41
N GLU D 225 6.00 -68.57 -25.30
CA GLU D 225 7.33 -68.22 -25.77
C GLU D 225 7.30 -67.04 -26.75
N ASP D 226 6.19 -66.84 -27.46
CA ASP D 226 6.08 -65.68 -28.34
C ASP D 226 6.10 -64.37 -27.55
N ILE D 227 5.37 -64.32 -26.43
CA ILE D 227 5.42 -63.14 -25.56
C ILE D 227 6.84 -62.93 -25.05
N LEU D 228 7.48 -64.01 -24.59
CA LEU D 228 8.85 -63.92 -24.09
C LEU D 228 9.80 -63.39 -25.15
N GLU D 229 9.64 -63.86 -26.39
CA GLU D 229 10.45 -63.36 -27.48
C GLU D 229 10.15 -61.89 -27.74
N GLY D 230 8.89 -61.49 -27.59
CA GLY D 230 8.57 -60.07 -27.72
C GLY D 230 9.32 -59.21 -26.71
N GLU D 231 9.31 -59.62 -25.44
CA GLU D 231 10.05 -58.85 -24.45
C GLU D 231 11.55 -58.88 -24.72
N GLY D 232 12.07 -60.05 -25.10
CA GLY D 232 13.48 -60.14 -25.41
C GLY D 232 13.87 -59.24 -26.57
N ALA D 233 13.02 -59.19 -27.59
CA ALA D 233 13.24 -58.25 -28.68
C ALA D 233 13.27 -56.82 -28.17
N VAL D 234 12.33 -56.46 -27.28
CA VAL D 234 12.30 -55.11 -26.75
C VAL D 234 13.62 -54.79 -26.04
N ILE D 235 14.05 -55.69 -25.15
CA ILE D 235 15.22 -55.40 -24.32
C ILE D 235 16.48 -55.36 -25.17
N GLN D 236 16.62 -56.26 -26.14
CA GLN D 236 17.75 -56.17 -27.06
C GLN D 236 17.71 -54.90 -27.88
N VAL D 237 16.52 -54.51 -28.36
CA VAL D 237 16.39 -53.28 -29.14
C VAL D 237 16.93 -52.11 -28.32
N LEU D 238 16.49 -51.99 -27.09
CA LEU D 238 16.96 -50.89 -26.25
C LEU D 238 18.46 -51.01 -25.99
N LYS D 239 18.94 -52.24 -25.79
CA LYS D 239 20.37 -52.48 -25.59
C LYS D 239 21.20 -51.92 -26.74
N MET D 240 20.84 -52.30 -27.97
CA MET D 240 21.55 -51.74 -29.12
C MET D 240 21.31 -50.25 -29.23
N PHE D 241 20.12 -49.77 -28.84
CA PHE D 241 19.86 -48.34 -28.91
C PHE D 241 20.85 -47.58 -28.05
N MET D 242 21.11 -48.09 -26.84
CA MET D 242 22.11 -47.48 -25.98
C MET D 242 23.49 -47.59 -26.60
N LYS D 243 23.81 -48.73 -27.21
CA LYS D 243 25.11 -48.87 -27.85
C LYS D 243 25.28 -47.81 -28.93
N GLY D 244 24.21 -47.56 -29.69
CA GLY D 244 24.26 -46.49 -30.68
C GLY D 244 24.42 -45.14 -30.02
N PHE D 245 23.66 -44.89 -28.95
CA PHE D 245 23.74 -43.61 -28.27
C PHE D 245 25.18 -43.33 -27.83
N LEU D 246 25.88 -44.38 -27.37
CA LEU D 246 27.23 -44.17 -26.87
C LEU D 246 28.20 -44.00 -28.03
N VAL D 247 28.02 -44.78 -29.10
CA VAL D 247 28.81 -44.54 -30.30
C VAL D 247 28.62 -43.09 -30.74
N HIS D 248 27.40 -42.58 -30.61
CA HIS D 248 27.12 -41.20 -30.98
C HIS D 248 27.90 -40.25 -30.08
N LEU D 249 27.95 -40.56 -28.78
CA LEU D 249 28.69 -39.70 -27.86
C LEU D 249 30.15 -39.62 -28.28
N GLY D 250 30.74 -40.78 -28.56
CA GLY D 250 32.14 -40.82 -28.95
C GLY D 250 32.38 -40.15 -30.29
N GLU D 251 31.45 -40.30 -31.22
CA GLU D 251 31.65 -39.78 -32.58
C GLU D 251 31.84 -38.27 -32.55
N ASN D 252 31.01 -37.56 -31.79
CA ASN D 252 31.10 -36.10 -31.73
C ASN D 252 31.19 -35.68 -30.28
N PRO D 253 32.29 -35.05 -29.87
CA PRO D 253 32.37 -34.46 -28.53
C PRO D 253 31.98 -32.99 -28.57
N ASN D 254 31.63 -32.48 -27.40
CA ASN D 254 31.07 -31.14 -27.27
C ASN D 254 31.78 -30.40 -26.14
N SER D 255 31.71 -29.07 -26.23
CA SER D 255 32.10 -28.21 -25.12
C SER D 255 31.42 -28.63 -23.83
N TYR D 256 30.16 -29.03 -23.90
CA TYR D 256 29.34 -29.26 -22.73
C TYR D 256 29.39 -30.72 -22.25
N ASP D 257 30.33 -31.51 -22.75
CA ASP D 257 30.44 -32.91 -22.35
C ASP D 257 30.67 -33.09 -20.86
N ARG D 258 31.15 -32.06 -20.17
CA ARG D 258 31.42 -32.13 -18.75
C ARG D 258 30.28 -31.56 -17.90
N GLN D 259 29.11 -31.31 -18.48
CA GLN D 259 28.07 -30.63 -17.73
C GLN D 259 26.89 -31.50 -17.34
N LEU D 260 26.72 -32.68 -17.94
CA LEU D 260 25.59 -33.53 -17.63
C LEU D 260 26.02 -34.99 -17.57
N THR D 261 25.07 -35.84 -17.21
CA THR D 261 25.30 -37.25 -16.92
C THR D 261 24.30 -38.11 -17.68
N ILE D 262 24.52 -39.42 -17.64
CA ILE D 262 23.70 -40.41 -18.35
C ILE D 262 22.32 -40.53 -17.68
N GLU D 263 22.13 -39.83 -16.58
CA GLU D 263 21.11 -40.11 -15.58
C GLU D 263 19.74 -40.56 -16.09
N LYS D 264 19.31 -40.09 -17.26
CA LYS D 264 18.02 -40.50 -17.78
C LYS D 264 17.93 -42.01 -18.00
N TYR D 265 19.01 -42.62 -18.48
CA TYR D 265 18.96 -43.93 -19.10
C TYR D 265 19.19 -45.08 -18.12
N ARG D 266 19.46 -44.76 -16.86
CA ARG D 266 19.73 -45.74 -15.81
C ARG D 266 18.75 -46.91 -15.84
N PRO D 267 17.43 -46.69 -15.76
CA PRO D 267 16.52 -47.83 -15.59
C PRO D 267 16.62 -48.83 -16.73
N LEU D 268 16.87 -48.35 -17.95
CA LEU D 268 16.95 -49.24 -19.09
C LEU D 268 18.09 -50.22 -18.90
N LEU D 269 19.26 -49.71 -18.50
CA LEU D 269 20.38 -50.58 -18.19
C LEU D 269 19.99 -51.55 -17.09
N ILE D 270 19.22 -51.06 -16.12
CA ILE D 270 18.73 -51.90 -15.04
C ILE D 270 17.94 -53.07 -15.61
N SER D 271 17.00 -52.77 -16.51
CA SER D 271 16.20 -53.83 -17.11
C SER D 271 17.11 -54.86 -17.75
N ILE D 272 18.19 -54.39 -18.38
CA ILE D 272 19.16 -55.29 -19.00
C ILE D 272 19.61 -56.33 -17.99
N ILE D 273 20.14 -55.85 -16.85
CA ILE D 273 20.71 -56.78 -15.89
C ILE D 273 19.64 -57.71 -15.36
N GLY D 274 18.38 -57.25 -15.31
CA GLY D 274 17.31 -58.12 -14.87
C GLY D 274 17.20 -59.34 -15.77
N TYR D 275 17.23 -59.11 -17.08
CA TYR D 275 17.26 -60.23 -18.02
C TYR D 275 18.48 -61.09 -17.77
N GLU D 276 19.62 -60.45 -17.46
CA GLU D 276 20.84 -61.19 -17.17
C GLU D 276 20.56 -62.23 -16.09
N PHE D 277 19.82 -61.85 -15.04
CA PHE D 277 19.48 -62.83 -14.02
C PHE D 277 18.40 -63.79 -14.50
N THR D 278 17.51 -63.33 -15.37
CA THR D 278 16.41 -64.16 -15.88
C THR D 278 16.67 -64.60 -17.32
N VAL D 279 17.93 -64.86 -17.66
CA VAL D 279 18.30 -65.29 -19.01
C VAL D 279 17.69 -66.64 -19.35
N ASN D 289 27.48 -60.29 -16.61
CA ASN D 289 27.87 -59.08 -17.32
C ASN D 289 28.60 -58.11 -16.38
N HIS D 290 29.46 -57.27 -16.94
CA HIS D 290 30.06 -56.19 -16.18
C HIS D 290 29.80 -54.81 -16.75
N ILE D 291 29.77 -54.67 -18.08
CA ILE D 291 29.74 -53.33 -18.69
C ILE D 291 28.45 -52.59 -18.32
N TYR D 292 27.31 -53.15 -18.75
CA TYR D 292 26.03 -52.45 -18.56
C TYR D 292 25.72 -52.24 -17.09
N TYR D 293 26.07 -53.20 -16.25
CA TYR D 293 25.87 -53.06 -14.81
C TYR D 293 26.54 -51.80 -14.30
N GLN D 294 27.87 -51.73 -14.42
CA GLN D 294 28.59 -50.57 -13.92
C GLN D 294 28.16 -49.27 -14.61
N LEU D 295 27.73 -49.34 -15.87
CA LEU D 295 27.13 -48.17 -16.49
C LEU D 295 25.90 -47.72 -15.71
N ALA D 296 25.01 -48.66 -15.38
CA ALA D 296 23.82 -48.31 -14.60
C ALA D 296 24.19 -47.79 -13.22
N THR D 297 25.30 -48.27 -12.64
CA THR D 297 25.62 -47.98 -11.25
C THR D 297 25.73 -46.48 -11.00
N PHE D 298 26.06 -45.69 -12.02
CA PHE D 298 26.28 -44.25 -11.83
C PHE D 298 25.42 -43.45 -12.80
N ASP D 299 24.18 -43.16 -12.40
CA ASP D 299 23.38 -42.25 -13.19
C ASP D 299 24.06 -40.89 -13.33
N ASN D 300 24.77 -40.47 -12.29
CA ASN D 300 25.57 -39.24 -12.24
C ASN D 300 26.89 -39.35 -13.00
N TYR D 301 27.11 -40.41 -13.76
CA TYR D 301 28.41 -40.60 -14.39
C TYR D 301 28.58 -39.66 -15.58
N PRO D 302 29.78 -39.12 -15.78
CA PRO D 302 30.00 -38.16 -16.88
C PRO D 302 30.50 -38.83 -18.15
N PHE D 303 30.25 -38.15 -19.26
CA PHE D 303 30.39 -38.67 -20.62
C PHE D 303 31.82 -39.05 -21.00
N ASP D 304 32.66 -38.03 -21.13
CA ASP D 304 34.04 -38.24 -21.57
C ASP D 304 34.82 -39.16 -20.64
N LEU D 305 34.43 -39.28 -19.37
CA LEU D 305 35.00 -40.34 -18.55
C LEU D 305 34.82 -41.69 -19.25
N LEU D 306 33.57 -42.08 -19.51
CA LEU D 306 33.33 -43.31 -20.25
C LEU D 306 34.11 -43.32 -21.55
N ARG D 307 34.18 -42.16 -22.21
CA ARG D 307 35.02 -42.06 -23.41
C ARG D 307 36.46 -42.51 -23.13
N PHE D 308 36.94 -42.28 -21.90
CA PHE D 308 38.30 -42.67 -21.54
C PHE D 308 38.40 -44.15 -21.16
N GLN D 309 37.60 -44.59 -20.21
CA GLN D 309 37.83 -45.88 -19.56
C GLN D 309 36.76 -46.91 -19.87
N LEU D 310 36.37 -47.03 -21.13
CA LEU D 310 35.50 -48.13 -21.51
C LEU D 310 36.18 -49.48 -21.32
N GLN D 311 37.51 -49.47 -21.18
CA GLN D 311 38.31 -50.68 -21.36
C GLN D 311 38.31 -51.56 -20.12
N SER D 312 38.82 -51.02 -19.00
CA SER D 312 39.24 -51.82 -17.87
C SER D 312 38.14 -52.02 -16.85
N LEU D 313 36.87 -51.90 -17.26
CA LEU D 313 35.74 -51.91 -16.34
C LEU D 313 35.47 -53.34 -15.88
N ILE D 314 36.43 -53.87 -15.12
CA ILE D 314 36.35 -55.23 -14.60
C ILE D 314 36.90 -55.23 -13.18
N ASP D 315 36.23 -55.95 -12.29
CA ASP D 315 36.66 -56.10 -10.91
C ASP D 315 37.72 -57.19 -10.76
N ILE D 320 29.88 -59.51 -5.15
CA ILE D 320 30.45 -58.45 -5.98
C ILE D 320 31.15 -59.08 -7.17
N LYS D 321 32.28 -59.73 -6.92
CA LYS D 321 32.84 -60.60 -7.95
C LYS D 321 31.87 -61.72 -8.29
N GLU D 322 31.33 -62.39 -7.26
CA GLU D 322 30.21 -63.32 -7.44
C GLU D 322 29.14 -63.22 -6.37
N ARG D 323 29.45 -62.75 -5.16
CA ARG D 323 28.65 -63.07 -3.98
C ARG D 323 27.53 -62.08 -3.64
N ILE D 324 27.61 -60.81 -4.04
CA ILE D 324 26.53 -59.90 -3.68
C ILE D 324 25.37 -59.97 -4.66
N GLU D 325 25.57 -60.62 -5.81
CA GLU D 325 24.51 -60.72 -6.81
C GLU D 325 23.94 -62.13 -6.94
N LYS D 326 24.64 -63.16 -6.46
CA LYS D 326 24.04 -64.48 -6.34
C LYS D 326 22.80 -64.47 -5.46
N ASP D 327 22.73 -63.53 -4.52
CA ASP D 327 21.66 -63.47 -3.52
C ASP D 327 20.70 -62.31 -3.79
N GLY D 328 20.37 -62.09 -5.06
CA GLY D 328 19.49 -61.02 -5.47
C GLY D 328 20.24 -59.78 -5.90
N LEU D 329 19.90 -59.28 -7.09
CA LEU D 329 20.55 -58.08 -7.60
C LEU D 329 20.11 -56.83 -6.84
N PHE D 330 18.89 -56.84 -6.32
CA PHE D 330 18.27 -55.65 -5.75
C PHE D 330 17.70 -56.01 -4.39
N LYS D 331 17.28 -54.99 -3.65
CA LYS D 331 16.55 -55.22 -2.41
C LYS D 331 15.16 -54.61 -2.59
N VAL D 332 14.20 -55.13 -1.83
CA VAL D 332 12.85 -54.60 -1.84
C VAL D 332 12.48 -54.20 -0.42
N ILE D 333 11.98 -52.98 -0.25
CA ILE D 333 11.54 -52.48 1.06
C ILE D 333 10.23 -51.74 0.90
N THR D 334 9.27 -52.02 1.78
CA THR D 334 8.00 -51.32 1.80
C THR D 334 7.91 -50.49 3.07
N THR D 335 7.50 -49.23 2.94
CA THR D 335 7.26 -48.37 4.09
C THR D 335 5.77 -48.30 4.37
N THR D 336 5.39 -48.70 5.58
CA THR D 336 4.01 -48.67 6.07
C THR D 336 3.65 -47.24 6.47
N ASN D 337 3.31 -46.43 5.49
CA ASN D 337 3.05 -45.01 5.69
C ASN D 337 1.71 -44.72 6.40
N ALA D 338 1.05 -45.78 6.89
CA ALA D 338 -0.17 -45.72 7.69
C ALA D 338 -1.39 -45.32 6.86
N ARG D 339 -1.18 -44.94 5.60
CA ARG D 339 -2.26 -44.80 4.63
C ARG D 339 -2.03 -45.67 3.41
N GLY D 340 -0.89 -46.32 3.32
CA GLY D 340 -0.61 -47.22 2.21
C GLY D 340 0.69 -47.94 2.45
N GLN D 341 1.10 -48.70 1.44
CA GLN D 341 2.35 -49.47 1.51
C GLN D 341 3.25 -48.98 0.39
N TYR D 342 4.06 -47.95 0.65
CA TYR D 342 4.96 -47.49 -0.41
C TYR D 342 6.07 -48.51 -0.59
N GLN D 343 5.87 -49.42 -1.54
CA GLN D 343 6.93 -50.31 -1.97
C GLN D 343 8.04 -49.54 -2.69
N SER D 344 9.25 -50.07 -2.63
CA SER D 344 10.38 -49.45 -3.31
C SER D 344 11.47 -50.48 -3.54
N VAL D 345 12.20 -50.29 -4.63
CA VAL D 345 13.31 -51.17 -5.02
C VAL D 345 14.60 -50.39 -4.82
N LEU D 346 15.62 -51.07 -4.32
CA LEU D 346 16.84 -50.43 -3.86
C LEU D 346 18.00 -51.17 -4.54
N LEU D 347 18.53 -50.60 -5.62
CA LEU D 347 19.58 -51.31 -6.34
C LEU D 347 20.91 -51.27 -5.58
N ARG D 348 21.75 -52.27 -5.83
CA ARG D 348 23.12 -52.29 -5.31
C ARG D 348 24.10 -52.31 -6.48
N GLY D 349 25.14 -51.50 -6.35
CA GLY D 349 26.12 -51.30 -7.40
C GLY D 349 27.44 -51.95 -7.05
N ILE D 350 28.26 -52.16 -8.09
CA ILE D 350 29.49 -52.95 -8.02
C ILE D 350 30.45 -52.48 -6.94
N ASN D 351 30.39 -51.21 -6.55
CA ASN D 351 31.12 -50.80 -5.35
C ASN D 351 30.62 -51.51 -4.11
N GLY D 352 29.57 -52.31 -4.22
CA GLY D 352 28.93 -52.85 -3.05
C GLY D 352 28.07 -51.84 -2.35
N SER D 353 27.49 -50.89 -3.08
CA SER D 353 26.75 -49.83 -2.43
C SER D 353 25.32 -49.84 -2.94
N GLU D 354 24.54 -48.82 -2.59
CA GLU D 354 23.12 -48.84 -2.92
C GLU D 354 22.69 -47.51 -3.51
N SER D 355 21.57 -47.54 -4.24
CA SER D 355 20.86 -46.32 -4.59
C SER D 355 19.36 -46.61 -4.71
N TYR D 356 18.58 -45.77 -4.03
CA TYR D 356 17.13 -45.67 -4.22
C TYR D 356 16.78 -45.30 -5.66
N LEU D 357 15.76 -45.94 -6.20
CA LEU D 357 15.21 -45.59 -7.50
C LEU D 357 14.18 -44.47 -7.36
N ASN D 358 14.19 -43.54 -8.31
CA ASN D 358 13.42 -42.31 -8.19
C ASN D 358 12.63 -42.04 -9.46
N LEU D 359 11.53 -41.31 -9.29
CA LEU D 359 10.72 -40.86 -10.41
C LEU D 359 11.51 -39.86 -11.27
N LYS D 360 11.12 -39.78 -12.55
CA LYS D 360 11.70 -38.77 -13.44
C LYS D 360 10.66 -38.35 -14.47
N ARG D 361 9.95 -37.26 -14.18
CA ARG D 361 8.96 -36.73 -15.10
C ARG D 361 9.64 -36.27 -16.38
N TYR D 362 9.00 -36.53 -17.52
CA TYR D 362 9.54 -36.15 -18.80
C TYR D 362 8.79 -34.97 -19.39
N ARG D 363 9.45 -34.29 -20.33
CA ARG D 363 8.78 -33.38 -21.24
C ARG D 363 9.40 -33.62 -22.62
N LYS D 364 9.05 -32.78 -23.59
CA LYS D 364 9.79 -32.79 -24.84
C LYS D 364 9.70 -31.39 -25.45
N PHE D 365 10.86 -30.84 -25.80
CA PHE D 365 10.95 -29.49 -26.33
C PHE D 365 10.11 -29.34 -27.60
N LYS D 366 9.44 -28.20 -27.72
CA LYS D 366 8.66 -27.90 -28.92
C LYS D 366 9.65 -27.51 -30.00
N VAL D 367 9.90 -28.44 -30.93
CA VAL D 367 10.93 -28.31 -31.95
C VAL D 367 10.81 -26.98 -32.68
N ARG D 368 11.95 -26.40 -33.06
CA ARG D 368 11.94 -25.12 -33.74
C ARG D 368 11.39 -25.24 -35.16
N VAL D 369 10.84 -24.14 -35.65
CA VAL D 369 10.26 -24.10 -36.99
C VAL D 369 11.33 -24.10 -38.07
N VAL D 370 12.59 -23.95 -37.67
CA VAL D 370 13.75 -23.80 -38.57
C VAL D 370 13.70 -24.80 -39.71
N GLY D 371 14.10 -24.36 -40.90
CA GLY D 371 14.15 -25.22 -42.06
C GLY D 371 15.53 -25.15 -42.70
N ASN D 372 15.93 -26.27 -43.31
CA ASN D 372 17.26 -26.34 -43.89
C ASN D 372 17.44 -25.31 -45.00
N VAL D 373 18.54 -24.57 -44.91
CA VAL D 373 18.85 -23.57 -45.93
C VAL D 373 19.08 -24.22 -47.29
N ASP D 374 19.88 -25.29 -47.32
CA ASP D 374 20.13 -26.08 -48.54
C ASP D 374 20.49 -25.17 -49.72
N ASN D 375 21.29 -24.15 -49.44
CA ASN D 375 21.60 -23.14 -50.44
C ASN D 375 22.30 -23.75 -51.65
N VAL D 376 21.89 -23.30 -52.84
CA VAL D 376 22.41 -23.85 -54.08
C VAL D 376 23.12 -22.82 -54.95
N ILE D 377 22.95 -21.52 -54.70
CA ILE D 377 23.45 -20.52 -55.64
C ILE D 377 24.96 -20.56 -55.73
N LYS D 378 25.65 -20.49 -54.58
CA LYS D 378 27.11 -20.59 -54.52
C LYS D 378 27.72 -19.69 -55.60
N ASN D 379 27.30 -18.43 -55.59
CA ASN D 379 27.63 -17.51 -56.67
C ASN D 379 29.07 -16.99 -56.54
N ASP D 380 29.68 -16.71 -57.69
CA ASP D 380 30.99 -16.10 -57.71
C ASP D 380 30.85 -14.59 -57.57
N PHE D 381 31.93 -13.94 -57.12
CA PHE D 381 31.93 -12.51 -56.84
C PHE D 381 33.01 -11.75 -57.59
N SER D 382 34.16 -12.38 -57.83
CA SER D 382 35.17 -11.77 -58.68
C SER D 382 34.63 -11.46 -60.08
N SER D 383 33.57 -12.15 -60.50
CA SER D 383 33.01 -11.94 -61.83
C SER D 383 32.50 -10.51 -62.01
N LEU D 384 31.83 -9.96 -61.01
CA LEU D 384 31.33 -8.59 -61.12
C LEU D 384 32.48 -7.60 -61.21
N LYS D 385 32.30 -6.57 -62.04
CA LYS D 385 33.37 -5.62 -62.36
C LYS D 385 33.48 -4.58 -61.23
N LEU D 386 33.82 -5.08 -60.05
CA LEU D 386 34.18 -4.22 -58.93
C LEU D 386 35.42 -3.40 -59.27
N ASP D 387 35.45 -2.16 -58.76
CA ASP D 387 36.40 -1.15 -59.26
C ASP D 387 37.84 -1.64 -59.17
N VAL D 388 38.25 -2.20 -58.03
CA VAL D 388 39.61 -2.73 -57.89
C VAL D 388 39.66 -3.96 -56.98
N GLU E 56 42.49 -18.71 -31.68
CA GLU E 56 41.18 -18.14 -31.94
C GLU E 56 41.24 -17.34 -33.24
N ARG E 57 42.07 -17.78 -34.18
CA ARG E 57 42.18 -17.06 -35.44
C ARG E 57 40.87 -17.19 -36.21
N ARG E 58 40.63 -16.23 -37.11
CA ARG E 58 39.52 -16.29 -38.04
C ARG E 58 39.91 -15.64 -39.35
N THR E 59 39.14 -15.91 -40.39
CA THR E 59 39.37 -15.24 -41.67
C THR E 59 39.08 -13.75 -41.51
N PHE E 60 39.78 -12.94 -42.32
CA PHE E 60 39.60 -11.50 -42.24
C PHE E 60 38.23 -11.10 -42.79
N GLY E 61 37.74 -9.96 -42.31
CA GLY E 61 36.47 -9.41 -42.75
C GLY E 61 35.26 -10.27 -42.45
N SER E 62 35.26 -10.96 -41.32
CA SER E 62 34.25 -11.97 -41.08
C SER E 62 33.01 -11.36 -40.41
N TYR E 63 31.99 -12.19 -40.22
CA TYR E 63 30.82 -11.82 -39.45
C TYR E 63 30.37 -13.06 -38.70
N LYS E 64 29.57 -12.90 -37.66
CA LYS E 64 29.07 -14.11 -37.00
C LYS E 64 27.62 -13.87 -36.61
N ILE E 65 26.91 -14.95 -36.34
CA ILE E 65 25.47 -14.89 -36.08
C ILE E 65 25.18 -15.55 -34.75
N GLU E 66 24.50 -14.83 -33.86
CA GLU E 66 24.24 -15.29 -32.50
C GLU E 66 22.75 -15.21 -32.19
N GLU E 67 22.27 -16.17 -31.42
CA GLU E 67 20.84 -16.28 -31.11
C GLU E 67 20.54 -15.79 -29.70
N ILE E 68 19.40 -15.11 -29.57
CA ILE E 68 18.84 -14.71 -28.29
C ILE E 68 17.33 -14.89 -28.38
N THR E 69 16.70 -15.24 -27.27
CA THR E 69 15.24 -15.36 -27.26
C THR E 69 14.73 -15.18 -25.83
N ILE E 70 13.43 -14.93 -25.73
CA ILE E 70 12.75 -14.77 -24.46
C ILE E 70 12.28 -16.12 -23.93
N LYS E 95 13.76 -16.22 -31.05
CA LYS E 95 15.00 -16.75 -31.61
C LYS E 95 15.66 -15.71 -32.51
N ILE E 96 15.59 -14.45 -32.07
CA ILE E 96 16.16 -13.35 -32.85
C ILE E 96 17.67 -13.54 -32.98
N PRO E 97 18.23 -13.43 -34.17
CA PRO E 97 19.69 -13.41 -34.31
C PRO E 97 20.23 -11.98 -34.36
N ILE E 98 21.51 -11.86 -34.03
CA ILE E 98 22.25 -10.62 -34.16
C ILE E 98 23.54 -10.94 -34.91
N LEU E 99 24.09 -9.93 -35.57
CA LEU E 99 25.31 -10.09 -36.34
C LEU E 99 26.50 -9.50 -35.60
N ASP E 100 27.64 -10.15 -35.73
CA ASP E 100 28.93 -9.59 -35.40
C ASP E 100 29.56 -9.04 -36.66
N ASP E 101 29.99 -7.78 -36.57
CA ASP E 101 30.35 -6.90 -37.68
C ASP E 101 31.73 -7.22 -38.24
N GLY E 102 32.74 -7.29 -37.38
CA GLY E 102 34.11 -7.08 -37.82
C GLY E 102 34.54 -5.63 -37.90
N ILE E 103 33.97 -4.76 -37.07
CA ILE E 103 34.21 -3.33 -37.11
C ILE E 103 34.70 -2.82 -35.75
N PHE E 104 33.95 -3.10 -34.69
CA PHE E 104 34.38 -2.71 -33.35
C PHE E 104 35.81 -3.16 -33.10
N ASP E 105 36.08 -4.44 -33.34
CA ASP E 105 37.44 -4.94 -33.24
C ASP E 105 38.32 -4.27 -34.28
N LEU E 106 37.80 -4.09 -35.49
CA LEU E 106 38.56 -3.42 -36.53
C LEU E 106 38.92 -2.01 -36.12
N ILE E 107 37.95 -1.29 -35.53
CA ILE E 107 38.24 0.05 -35.05
C ILE E 107 39.35 0.02 -34.02
N ASN E 108 39.28 -0.90 -33.06
CA ASN E 108 40.33 -0.95 -32.03
C ASN E 108 41.69 -1.27 -32.65
N TYR E 109 41.72 -2.20 -33.61
CA TYR E 109 42.98 -2.53 -34.28
C TYR E 109 43.56 -1.32 -34.98
N LEU E 110 42.74 -0.55 -35.70
CA LEU E 110 43.25 0.67 -36.30
C LEU E 110 43.65 1.70 -35.24
N LEU E 111 43.01 1.66 -34.08
CA LEU E 111 43.43 2.53 -32.99
C LEU E 111 44.86 2.22 -32.59
N ASN E 112 45.20 0.94 -32.51
CA ASN E 112 46.52 0.56 -32.02
C ASN E 112 47.54 0.41 -33.13
N GLY E 113 47.15 0.58 -34.39
CA GLY E 113 48.08 0.38 -35.49
C GLY E 113 48.55 -1.06 -35.61
N THR E 114 47.84 -1.98 -34.98
CA THR E 114 48.21 -3.39 -34.99
C THR E 114 48.27 -3.96 -36.39
N HIS E 115 49.25 -4.83 -36.61
CA HIS E 115 49.48 -5.50 -37.87
C HIS E 115 48.76 -6.86 -37.91
N PHE E 116 48.48 -7.31 -39.13
CA PHE E 116 47.62 -8.47 -39.35
C PHE E 116 48.14 -9.72 -38.65
N ASP E 117 49.46 -9.88 -38.55
CA ASP E 117 50.02 -11.05 -37.88
C ASP E 117 49.51 -11.16 -36.43
N LYS E 118 49.63 -10.08 -35.67
CA LYS E 118 49.18 -10.10 -34.27
C LYS E 118 47.73 -9.64 -34.18
N THR E 119 46.89 -10.28 -34.98
CA THR E 119 45.46 -10.03 -35.03
C THR E 119 44.74 -11.35 -34.79
N HIS E 120 43.42 -11.28 -34.59
CA HIS E 120 42.62 -12.49 -34.38
C HIS E 120 42.43 -13.21 -35.70
N TYR E 121 43.24 -12.85 -36.70
CA TYR E 121 43.08 -13.27 -38.07
C TYR E 121 44.40 -13.73 -38.67
N ASP E 125 44.21 -17.77 -45.93
CA ASP E 125 43.07 -17.87 -46.83
C ASP E 125 42.68 -16.48 -47.35
N TYR E 126 43.63 -15.79 -47.96
CA TYR E 126 43.37 -14.45 -48.48
C TYR E 126 44.01 -14.28 -49.86
N SER E 127 44.00 -15.35 -50.65
CA SER E 127 44.68 -15.34 -51.94
C SER E 127 44.09 -14.24 -52.83
N HIS E 128 42.76 -14.19 -52.92
CA HIS E 128 42.04 -13.22 -53.72
C HIS E 128 42.03 -11.83 -53.09
N LEU E 129 42.95 -11.57 -52.14
CA LEU E 129 43.09 -10.24 -51.53
C LEU E 129 44.42 -9.60 -51.93
N PRO E 130 44.51 -9.02 -53.13
CA PRO E 130 45.78 -8.43 -53.59
C PRO E 130 46.26 -7.31 -52.69
N THR E 131 47.59 -7.27 -52.50
CA THR E 131 48.31 -6.19 -51.78
C THR E 131 47.68 -5.84 -50.44
N LEU E 132 47.06 -6.83 -49.80
CA LEU E 132 46.31 -6.61 -48.57
C LEU E 132 47.20 -6.09 -47.43
N GLU E 133 48.36 -6.71 -47.21
CA GLU E 133 49.16 -6.38 -46.03
C GLU E 133 49.77 -4.98 -46.06
N ARG E 134 50.30 -4.54 -47.20
CA ARG E 134 50.96 -3.24 -47.20
C ARG E 134 49.96 -2.12 -46.93
N ASP E 135 48.80 -2.17 -47.60
CA ASP E 135 47.79 -1.17 -47.32
C ASP E 135 47.28 -1.32 -45.89
N PHE E 136 47.11 -2.56 -45.44
CA PHE E 136 46.65 -2.82 -44.08
C PHE E 136 47.50 -2.08 -43.07
N ASN E 137 48.80 -2.37 -43.07
CA ASN E 137 49.65 -1.82 -42.02
C ASN E 137 49.90 -0.34 -42.22
N THR E 138 50.00 0.16 -43.47
CA THR E 138 50.13 1.61 -43.65
C THR E 138 48.94 2.35 -43.05
N ALA E 139 47.73 1.91 -43.37
CA ALA E 139 46.54 2.54 -42.81
C ALA E 139 46.49 2.35 -41.30
N SER E 140 46.91 1.19 -40.79
CA SER E 140 46.94 0.97 -39.36
C SER E 140 47.83 2.00 -38.67
N ASN E 141 49.01 2.25 -39.22
CA ASN E 141 49.90 3.25 -38.63
C ASN E 141 49.28 4.64 -38.72
N TYR E 142 48.72 4.99 -39.88
CA TYR E 142 48.18 6.34 -40.07
C TYR E 142 47.07 6.60 -39.06
N VAL E 143 46.16 5.64 -38.92
CA VAL E 143 45.09 5.77 -37.95
C VAL E 143 45.67 5.78 -36.54
N SER E 144 46.77 5.04 -36.32
CA SER E 144 47.38 5.02 -34.99
C SER E 144 47.84 6.41 -34.58
N GLU E 145 48.58 7.12 -35.44
CA GLU E 145 49.00 8.45 -35.01
C GLU E 145 47.81 9.38 -34.91
N ASN E 146 46.85 9.27 -35.83
CA ASN E 146 45.68 10.13 -35.75
C ASN E 146 44.96 9.93 -34.42
N TYR E 147 44.84 8.67 -33.99
CA TYR E 147 44.26 8.37 -32.68
C TYR E 147 45.11 8.96 -31.56
N SER E 148 46.43 8.84 -31.67
CA SER E 148 47.32 9.42 -30.65
C SER E 148 47.12 10.92 -30.53
N ILE E 149 46.70 11.57 -31.62
CA ILE E 149 46.51 13.02 -31.61
C ILE E 149 45.59 13.42 -30.48
N ILE E 150 44.58 12.60 -30.19
CA ILE E 150 43.70 12.85 -29.06
C ILE E 150 44.01 11.93 -27.88
N VAL E 151 44.78 10.86 -28.09
CA VAL E 151 45.22 10.04 -26.97
C VAL E 151 46.08 10.84 -26.02
N GLU E 152 46.84 11.81 -26.56
CA GLU E 152 47.74 12.58 -25.71
C GLU E 152 46.99 13.30 -24.59
N GLU E 153 45.84 13.90 -24.91
CA GLU E 153 45.08 14.69 -23.95
C GLU E 153 44.31 13.85 -22.94
N ILE E 154 44.22 12.53 -23.11
CA ILE E 154 43.26 11.76 -22.33
C ILE E 154 43.69 11.71 -20.87
N ASP E 155 42.73 11.88 -19.97
CA ASP E 155 42.96 11.64 -18.55
C ASP E 155 43.36 10.19 -18.33
N LEU E 156 44.08 9.95 -17.23
CA LEU E 156 44.28 8.58 -16.76
C LEU E 156 42.95 7.91 -16.47
N ASN E 157 42.19 8.44 -15.50
CA ASN E 157 40.89 7.87 -15.17
C ASN E 157 39.93 8.03 -16.35
N LYS E 158 39.78 9.24 -16.86
CA LYS E 158 38.95 9.47 -18.03
C LYS E 158 39.76 9.27 -19.30
N SER E 162 32.93 2.89 -19.70
CA SER E 162 32.54 1.96 -20.76
C SER E 162 33.07 2.42 -22.11
N GLU E 163 32.64 1.74 -23.17
CA GLU E 163 33.02 2.10 -24.53
C GLU E 163 31.80 2.00 -25.45
N SER E 164 31.43 3.12 -26.05
CA SER E 164 30.25 3.20 -26.91
C SER E 164 30.57 3.93 -28.20
N ILE E 165 31.67 3.53 -28.84
CA ILE E 165 32.20 4.20 -30.01
C ILE E 165 31.10 4.40 -31.06
N SER E 166 31.16 5.52 -31.76
CA SER E 166 30.15 5.82 -32.77
C SER E 166 30.81 6.41 -34.00
N LEU E 167 30.12 6.33 -35.13
CA LEU E 167 30.65 6.80 -36.41
C LEU E 167 29.64 7.72 -37.05
N LYS E 168 30.15 8.73 -37.76
CA LYS E 168 29.27 9.63 -38.52
C LYS E 168 29.73 9.73 -39.97
N SER E 169 28.78 9.51 -40.88
CA SER E 169 28.94 9.92 -42.27
C SER E 169 28.80 11.44 -42.36
N PRO E 170 29.31 12.08 -43.43
CA PRO E 170 30.11 11.55 -44.55
C PRO E 170 31.59 11.84 -44.38
N ASP E 171 31.94 12.58 -43.33
CA ASP E 171 33.33 12.75 -42.97
C ASP E 171 33.84 11.60 -42.13
N PHE E 172 32.94 10.66 -41.78
CA PHE E 172 33.29 9.36 -41.23
C PHE E 172 34.15 9.57 -39.97
N THR E 173 33.52 10.17 -38.98
CA THR E 173 34.19 10.59 -37.77
C THR E 173 33.90 9.60 -36.65
N VAL E 174 34.94 9.29 -35.88
CA VAL E 174 34.83 8.38 -34.74
C VAL E 174 34.49 9.19 -33.50
N VAL E 175 33.80 8.53 -32.56
CA VAL E 175 33.25 9.15 -31.36
C VAL E 175 33.51 8.23 -30.18
N LEU E 176 34.11 8.79 -29.12
CA LEU E 176 34.53 8.05 -27.93
C LEU E 176 33.90 8.69 -26.69
N GLU E 177 33.91 7.92 -25.60
CA GLU E 177 33.56 8.44 -24.29
C GLU E 177 34.45 7.78 -23.25
N TYR E 178 34.65 8.48 -22.13
CA TYR E 178 35.46 7.99 -21.03
C TYR E 178 35.04 8.67 -19.73
N PHE E 179 34.85 7.89 -18.68
CA PHE E 179 34.38 8.37 -17.40
C PHE E 179 35.45 8.17 -16.33
N LYS E 180 35.15 8.62 -15.11
CA LYS E 180 36.14 8.61 -14.04
C LYS E 180 36.46 7.18 -13.59
N LYS E 181 35.43 6.37 -13.36
CA LYS E 181 35.60 5.05 -12.75
C LYS E 181 36.53 4.16 -13.57
N VAL E 206 35.44 11.07 -24.34
CA VAL E 206 34.27 11.88 -24.65
C VAL E 206 34.67 12.77 -25.82
N ARG E 207 35.29 12.18 -26.84
CA ARG E 207 35.86 12.99 -27.90
C ARG E 207 35.48 12.47 -29.28
N GLU E 208 36.12 13.00 -30.32
CA GLU E 208 35.79 12.63 -31.68
C GLU E 208 37.03 12.83 -32.53
N LEU E 209 36.96 12.32 -33.76
CA LEU E 209 37.97 12.67 -34.75
C LEU E 209 37.39 12.49 -36.15
N PRO E 210 37.48 13.50 -37.02
CA PRO E 210 36.96 13.35 -38.38
C PRO E 210 37.95 12.62 -39.26
N LEU E 211 37.86 11.28 -39.27
CA LEU E 211 38.84 10.45 -39.95
C LEU E 211 39.02 10.82 -41.41
N LEU E 212 37.92 10.91 -42.16
CA LEU E 212 37.97 11.15 -43.60
C LEU E 212 37.06 12.32 -43.96
N PRO E 213 37.48 13.54 -43.67
CA PRO E 213 36.66 14.71 -44.04
C PRO E 213 36.65 14.97 -45.53
N ILE E 214 35.54 14.66 -46.20
CA ILE E 214 35.41 14.84 -47.64
C ILE E 214 34.34 15.88 -47.99
N MET E 215 33.62 16.41 -46.98
CA MET E 215 32.59 17.41 -47.25
C MET E 215 33.17 18.63 -47.97
N CYS E 216 34.24 19.22 -47.45
CA CYS E 216 34.88 20.36 -48.10
C CYS E 216 36.37 20.29 -47.80
N ARG E 217 37.18 20.30 -48.85
CA ARG E 217 38.64 20.25 -48.72
C ARG E 217 39.22 21.16 -49.80
N GLU E 218 39.41 22.43 -49.45
CA GLU E 218 40.06 23.37 -50.36
C GLU E 218 41.56 23.43 -50.11
N SER E 219 42.16 22.24 -50.01
CA SER E 219 43.60 22.09 -49.80
C SER E 219 44.12 20.92 -50.62
N GLU E 220 43.67 20.81 -51.87
CA GLU E 220 43.96 19.62 -52.66
C GLU E 220 45.46 19.44 -52.87
N ASP E 221 46.17 20.53 -53.13
CA ASP E 221 47.63 20.50 -53.15
C ASP E 221 48.26 21.06 -51.88
N SER E 222 47.51 21.82 -51.08
CA SER E 222 48.07 22.34 -49.83
C SER E 222 48.32 21.23 -48.82
N ILE E 223 47.44 20.22 -48.80
CA ILE E 223 47.69 19.05 -47.96
C ILE E 223 48.78 18.21 -48.58
N SER E 224 49.75 17.79 -47.77
CA SER E 224 50.89 17.05 -48.30
C SER E 224 50.43 15.72 -48.88
N GLU E 225 51.22 15.20 -49.82
CA GLU E 225 50.81 14.00 -50.54
C GLU E 225 50.93 12.74 -49.68
N ASP E 226 51.82 12.74 -48.69
CA ASP E 226 51.90 11.59 -47.80
C ASP E 226 50.64 11.43 -46.97
N ILE E 227 50.09 12.53 -46.45
CA ILE E 227 48.81 12.48 -45.74
C ILE E 227 47.71 11.98 -46.67
N LEU E 228 47.67 12.52 -47.89
CA LEU E 228 46.67 12.10 -48.87
C LEU E 228 46.77 10.61 -49.15
N GLU E 229 47.99 10.10 -49.30
CA GLU E 229 48.19 8.67 -49.51
C GLU E 229 47.73 7.89 -48.29
N GLY E 230 47.95 8.44 -47.09
CA GLY E 230 47.43 7.78 -45.90
C GLY E 230 45.92 7.61 -45.92
N GLU E 231 45.21 8.70 -46.25
CA GLU E 231 43.75 8.58 -46.33
C GLU E 231 43.33 7.65 -47.46
N GLY E 232 44.01 7.72 -48.61
CA GLY E 232 43.67 6.82 -49.70
C GLY E 232 43.89 5.37 -49.32
N ALA E 233 44.97 5.09 -48.60
CA ALA E 233 45.19 3.75 -48.08
C ALA E 233 44.05 3.33 -47.17
N VAL E 234 43.62 4.23 -46.28
CA VAL E 234 42.51 3.90 -45.38
C VAL E 234 41.26 3.53 -46.16
N ILE E 235 40.91 4.38 -47.14
CA ILE E 235 39.65 4.18 -47.84
C ILE E 235 39.70 2.92 -48.71
N GLN E 236 40.84 2.67 -49.37
CA GLN E 236 40.97 1.41 -50.11
C GLN E 236 40.93 0.22 -49.17
N VAL E 237 41.58 0.31 -48.01
CA VAL E 237 41.56 -0.80 -47.06
C VAL E 237 40.13 -1.14 -46.71
N LEU E 238 39.34 -0.13 -46.37
CA LEU E 238 37.95 -0.39 -46.02
C LEU E 238 37.18 -0.93 -47.22
N LYS E 239 37.46 -0.41 -48.41
CA LYS E 239 36.84 -0.89 -49.64
C LYS E 239 37.03 -2.39 -49.82
N MET E 240 38.29 -2.83 -49.75
CA MET E 240 38.54 -4.26 -49.85
C MET E 240 37.94 -5.00 -48.66
N PHE E 241 37.91 -4.37 -47.48
CA PHE E 241 37.32 -5.03 -46.32
C PHE E 241 35.87 -5.36 -46.59
N MET E 242 35.14 -4.40 -47.19
CA MET E 242 33.76 -4.67 -47.55
C MET E 242 33.68 -5.76 -48.62
N LYS E 243 34.59 -5.72 -49.58
CA LYS E 243 34.59 -6.76 -50.61
C LYS E 243 34.75 -8.14 -49.97
N GLY E 244 35.63 -8.22 -48.98
CA GLY E 244 35.78 -9.47 -48.25
C GLY E 244 34.51 -9.82 -47.49
N PHE E 245 33.92 -8.83 -46.82
CA PHE E 245 32.70 -9.09 -46.05
C PHE E 245 31.62 -9.68 -46.95
N LEU E 246 31.54 -9.19 -48.19
CA LEU E 246 30.48 -9.65 -49.08
C LEU E 246 30.83 -11.04 -49.61
N VAL E 247 32.10 -11.26 -49.96
CA VAL E 247 32.52 -12.61 -50.32
C VAL E 247 32.17 -13.56 -49.19
N HIS E 248 32.32 -13.10 -47.94
CA HIS E 248 31.99 -13.94 -46.80
C HIS E 248 30.50 -14.23 -46.79
N LEU E 249 29.68 -13.22 -47.09
CA LEU E 249 28.23 -13.43 -47.11
C LEU E 249 27.88 -14.51 -48.11
N GLY E 250 28.45 -14.40 -49.32
CA GLY E 250 28.16 -15.37 -50.36
C GLY E 250 28.68 -16.75 -50.02
N GLU E 251 29.85 -16.82 -49.38
CA GLU E 251 30.48 -18.11 -49.12
C GLU E 251 29.60 -18.99 -48.25
N ASN E 252 29.01 -18.41 -47.20
CA ASN E 252 28.17 -19.18 -46.28
C ASN E 252 26.83 -18.47 -46.14
N PRO E 253 25.74 -19.09 -46.55
CA PRO E 253 24.41 -18.54 -46.28
C PRO E 253 23.83 -19.13 -45.00
N ASN E 254 22.85 -18.42 -44.45
CA ASN E 254 22.29 -18.76 -43.15
C ASN E 254 20.77 -18.75 -43.23
N SER E 255 20.16 -19.46 -42.27
CA SER E 255 18.72 -19.36 -42.05
C SER E 255 18.28 -17.91 -41.89
N TYR E 256 19.10 -17.10 -41.23
CA TYR E 256 18.71 -15.76 -40.83
C TYR E 256 19.09 -14.70 -41.87
N ASP E 257 19.47 -15.12 -43.08
CA ASP E 257 19.87 -14.18 -44.12
C ASP E 257 18.78 -13.19 -44.48
N ARG E 258 17.52 -13.52 -44.19
CA ARG E 258 16.39 -12.65 -44.49
C ARG E 258 15.95 -11.79 -43.32
N GLN E 259 16.75 -11.70 -42.25
CA GLN E 259 16.29 -11.02 -41.06
C GLN E 259 16.96 -9.68 -40.79
N LEU E 260 18.10 -9.38 -41.43
CA LEU E 260 18.80 -8.14 -41.18
C LEU E 260 19.33 -7.56 -42.48
N THR E 261 19.92 -6.37 -42.36
CA THR E 261 20.35 -5.56 -43.50
C THR E 261 21.79 -5.10 -43.29
N ILE E 262 22.35 -4.51 -44.34
CA ILE E 262 23.75 -4.04 -44.36
C ILE E 262 23.91 -2.82 -43.46
N GLU E 263 22.80 -2.33 -42.90
CA GLU E 263 22.65 -0.97 -42.38
C GLU E 263 23.85 -0.38 -41.65
N LYS E 264 24.65 -1.20 -40.95
CA LYS E 264 25.81 -0.66 -40.25
C LYS E 264 26.80 0.03 -41.18
N TYR E 265 27.01 -0.54 -42.37
CA TYR E 265 28.18 -0.25 -43.18
C TYR E 265 27.95 0.89 -44.16
N ARG E 266 26.74 1.45 -44.21
CA ARG E 266 26.37 2.52 -45.12
C ARG E 266 27.43 3.63 -45.18
N PRO E 267 27.81 4.25 -44.05
CA PRO E 267 28.69 5.43 -44.17
C PRO E 267 30.00 5.14 -44.84
N LEU E 268 30.53 3.93 -44.65
CA LEU E 268 31.81 3.58 -45.26
C LEU E 268 31.71 3.64 -46.77
N LEU E 269 30.64 3.03 -47.31
CA LEU E 269 30.38 3.11 -48.74
C LEU E 269 30.26 4.56 -49.15
N ILE E 270 29.62 5.36 -48.30
CA ILE E 270 29.48 6.79 -48.56
C ILE E 270 30.85 7.42 -48.72
N SER E 271 31.75 7.15 -47.78
CA SER E 271 33.09 7.72 -47.88
C SER E 271 33.71 7.35 -49.21
N ILE E 272 33.47 6.11 -49.67
CA ILE E 272 33.98 5.67 -50.96
C ILE E 272 33.59 6.65 -52.04
N ILE E 273 32.29 6.90 -52.16
CA ILE E 273 31.81 7.74 -53.25
C ILE E 273 32.36 9.15 -53.11
N GLY E 274 32.63 9.58 -51.87
CA GLY E 274 33.23 10.89 -51.69
C GLY E 274 34.57 10.99 -52.38
N TYR E 275 35.40 9.96 -52.19
CA TYR E 275 36.66 9.90 -52.92
C TYR E 275 36.41 9.89 -54.41
N GLU E 276 35.37 9.16 -54.83
CA GLU E 276 35.02 9.12 -56.25
C GLU E 276 34.89 10.53 -56.79
N PHE E 277 34.23 11.43 -56.04
CA PHE E 277 34.14 12.81 -56.50
C PHE E 277 35.46 13.55 -56.32
N THR E 278 36.24 13.19 -55.30
CA THR E 278 37.53 13.83 -55.03
C THR E 278 38.70 12.96 -55.44
N VAL E 279 38.55 12.21 -56.54
CA VAL E 279 39.61 11.33 -57.03
C VAL E 279 40.83 12.15 -57.46
N ASN E 289 31.29 5.57 -60.58
CA ASN E 289 31.01 4.25 -60.02
C ASN E 289 29.50 4.01 -59.96
N HIS E 290 29.10 2.74 -60.01
CA HIS E 290 27.71 2.37 -59.76
C HIS E 290 27.53 1.39 -58.62
N ILE E 291 28.45 0.44 -58.43
CA ILE E 291 28.20 -0.65 -57.48
C ILE E 291 28.11 -0.11 -56.05
N TYR E 292 29.19 0.49 -55.56
CA TYR E 292 29.24 0.90 -54.15
C TYR E 292 28.17 1.95 -53.85
N TYR E 293 27.91 2.84 -54.80
CA TYR E 293 26.87 3.84 -54.63
C TYR E 293 25.53 3.19 -54.31
N GLN E 294 25.02 2.36 -55.23
CA GLN E 294 23.72 1.72 -55.01
C GLN E 294 23.75 0.81 -53.79
N LEU E 295 24.89 0.21 -53.46
CA LEU E 295 24.99 -0.50 -52.19
C LEU E 295 24.71 0.42 -51.02
N ALA E 296 25.33 1.59 -51.01
CA ALA E 296 25.08 2.56 -49.94
C ALA E 296 23.63 3.02 -49.93
N THR E 297 23.00 3.09 -51.11
CA THR E 297 21.68 3.70 -51.21
C THR E 297 20.65 3.04 -50.30
N PHE E 298 20.85 1.77 -49.96
CA PHE E 298 19.87 1.02 -49.17
C PHE E 298 20.53 0.40 -47.95
N ASP E 299 20.61 1.16 -46.85
CA ASP E 299 21.06 0.57 -45.61
C ASP E 299 20.16 -0.59 -45.20
N ASN E 300 18.86 -0.47 -45.50
CA ASN E 300 17.85 -1.49 -45.26
C ASN E 300 17.89 -2.64 -46.28
N TYR E 301 18.91 -2.72 -47.10
CA TYR E 301 18.92 -3.71 -48.17
C TYR E 301 19.23 -5.10 -47.61
N PRO E 302 18.58 -6.14 -48.12
CA PRO E 302 18.78 -7.50 -47.59
C PRO E 302 19.87 -8.27 -48.35
N PHE E 303 20.43 -9.25 -47.64
CA PHE E 303 21.65 -9.96 -48.02
C PHE E 303 21.51 -10.76 -49.32
N ASP E 304 20.71 -11.82 -49.25
CA ASP E 304 20.56 -12.72 -50.39
C ASP E 304 20.02 -12.02 -51.64
N LEU E 305 19.32 -10.90 -51.49
CA LEU E 305 19.03 -10.09 -52.66
C LEU E 305 20.33 -9.76 -53.40
N LEU E 306 21.26 -9.07 -52.72
CA LEU E 306 22.56 -8.81 -53.33
C LEU E 306 23.17 -10.09 -53.86
N ARG E 307 23.03 -11.19 -53.11
CA ARG E 307 23.50 -12.48 -53.59
C ARG E 307 22.91 -12.80 -54.97
N PHE E 308 21.68 -12.35 -55.23
CA PHE E 308 21.05 -12.60 -56.52
C PHE E 308 21.50 -11.63 -57.60
N GLN E 309 21.37 -10.33 -57.35
CA GLN E 309 21.47 -9.34 -58.42
C GLN E 309 22.69 -8.45 -58.32
N LEU E 310 23.85 -9.04 -58.03
CA LEU E 310 25.08 -8.27 -58.11
C LEU E 310 25.35 -7.79 -59.53
N GLN E 311 24.68 -8.38 -60.52
CA GLN E 311 25.11 -8.30 -61.92
C GLN E 311 24.65 -7.00 -62.56
N SER E 312 23.35 -6.78 -62.64
CA SER E 312 22.75 -5.82 -63.54
C SER E 312 22.58 -4.45 -62.91
N LEU E 313 23.35 -4.13 -61.87
CA LEU E 313 23.16 -2.92 -61.08
C LEU E 313 23.70 -1.72 -61.87
N ILE E 314 23.00 -1.43 -62.97
CA ILE E 314 23.36 -0.32 -63.85
C ILE E 314 22.09 0.34 -64.33
N ASP E 315 22.10 1.67 -64.37
CA ASP E 315 20.98 2.46 -64.85
C ASP E 315 20.99 2.58 -66.37
N ILE E 320 21.43 11.66 -62.39
CA ILE E 320 21.24 10.25 -62.07
C ILE E 320 22.14 9.42 -62.95
N LYS E 321 21.82 9.33 -64.24
CA LYS E 321 22.79 8.80 -65.18
C LYS E 321 24.05 9.66 -65.20
N GLU E 322 23.88 10.99 -65.30
CA GLU E 322 24.96 11.93 -65.09
C GLU E 322 24.59 13.16 -64.28
N ARG E 323 23.32 13.57 -64.25
CA ARG E 323 22.95 14.95 -63.94
C ARG E 323 22.67 15.25 -62.46
N ILE E 324 22.26 14.26 -61.64
CA ILE E 324 21.98 14.60 -60.25
C ILE E 324 23.24 14.57 -59.40
N GLU E 325 24.34 14.04 -59.92
CA GLU E 325 25.59 13.96 -59.16
C GLU E 325 26.66 14.91 -59.67
N LYS E 326 26.55 15.40 -60.91
CA LYS E 326 27.41 16.49 -61.35
C LYS E 326 27.29 17.72 -60.47
N ASP E 327 26.13 17.91 -59.83
CA ASP E 327 25.83 19.10 -59.05
C ASP E 327 25.83 18.80 -57.55
N GLY E 328 26.79 18.01 -57.10
CA GLY E 328 26.90 17.63 -55.71
C GLY E 328 26.24 16.31 -55.40
N LEU E 329 27.00 15.41 -54.76
CA LEU E 329 26.46 14.10 -54.42
C LEU E 329 25.44 14.19 -53.29
N PHE E 330 25.58 15.17 -52.41
CA PHE E 330 24.81 15.26 -51.19
C PHE E 330 24.24 16.67 -51.07
N LYS E 331 23.33 16.85 -50.13
CA LYS E 331 22.86 18.18 -49.79
C LYS E 331 23.27 18.47 -48.35
N VAL E 332 23.38 19.75 -48.02
CA VAL E 332 23.70 20.17 -46.67
C VAL E 332 22.59 21.12 -46.20
N ILE E 333 22.04 20.85 -45.01
CA ILE E 333 21.01 21.70 -44.42
C ILE E 333 21.30 21.89 -42.95
N THR E 334 21.20 23.13 -42.46
CA THR E 334 21.36 23.43 -41.06
C THR E 334 20.03 23.90 -40.50
N THR E 335 19.64 23.37 -39.34
CA THR E 335 18.44 23.82 -38.65
C THR E 335 18.84 24.75 -37.51
N THR E 336 18.32 25.97 -37.56
CA THR E 336 18.54 27.01 -36.54
C THR E 336 17.64 26.73 -35.34
N ASN E 337 18.09 25.81 -34.49
CA ASN E 337 17.30 25.34 -33.36
C ASN E 337 17.20 26.35 -32.21
N ALA E 338 17.67 27.58 -32.46
CA ALA E 338 17.58 28.73 -31.54
C ALA E 338 18.50 28.60 -30.34
N ARG E 339 19.14 27.44 -30.18
CA ARG E 339 20.24 27.27 -29.24
C ARG E 339 21.50 26.79 -29.92
N GLY E 340 21.43 26.47 -31.20
CA GLY E 340 22.59 26.05 -31.96
C GLY E 340 22.24 25.91 -33.42
N GLN E 341 23.19 25.41 -34.18
CA GLN E 341 23.02 25.21 -35.61
C GLN E 341 23.21 23.72 -35.91
N TYR E 342 22.12 22.94 -35.83
CA TYR E 342 22.27 21.52 -36.13
C TYR E 342 22.47 21.34 -37.62
N GLN E 343 23.73 21.28 -38.04
CA GLN E 343 24.06 20.92 -39.40
C GLN E 343 23.71 19.45 -39.67
N SER E 344 23.43 19.14 -40.93
CA SER E 344 23.12 17.77 -41.31
C SER E 344 23.37 17.59 -42.80
N VAL E 345 23.76 16.37 -43.17
CA VAL E 345 24.03 15.99 -44.54
C VAL E 345 22.92 15.05 -45.00
N LEU E 346 22.48 15.22 -46.23
CA LEU E 346 21.28 14.56 -46.74
C LEU E 346 21.68 13.87 -48.04
N LEU E 347 21.95 12.57 -48.00
CA LEU E 347 22.40 11.92 -49.23
C LEU E 347 21.25 11.71 -50.22
N ARG E 348 21.60 11.63 -51.50
CA ARG E 348 20.65 11.28 -52.54
C ARG E 348 21.09 9.99 -53.23
N GLY E 349 20.12 9.11 -53.47
CA GLY E 349 20.37 7.79 -54.00
C GLY E 349 19.89 7.69 -55.43
N ILE E 350 20.41 6.67 -56.13
CA ILE E 350 20.26 6.50 -57.57
C ILE E 350 18.81 6.47 -58.02
N ASN E 351 17.88 6.11 -57.14
CA ASN E 351 16.47 6.32 -57.45
C ASN E 351 16.14 7.79 -57.64
N GLY E 352 17.10 8.67 -57.38
CA GLY E 352 16.79 10.08 -57.33
C GLY E 352 16.10 10.48 -56.05
N SER E 353 16.40 9.78 -54.95
CA SER E 353 15.68 10.06 -53.71
C SER E 353 16.68 10.46 -52.64
N GLU E 354 16.22 10.56 -51.41
CA GLU E 354 17.06 11.09 -50.36
C GLU E 354 16.99 10.22 -49.10
N SER E 355 18.02 10.33 -48.26
CA SER E 355 17.95 9.82 -46.90
C SER E 355 18.82 10.68 -45.98
N TYR E 356 18.21 11.09 -44.87
CA TYR E 356 18.92 11.66 -43.73
C TYR E 356 19.93 10.68 -43.15
N LEU E 357 21.11 11.19 -42.80
CA LEU E 357 22.11 10.40 -42.09
C LEU E 357 21.87 10.46 -40.59
N ASN E 358 22.07 9.32 -39.92
CA ASN E 358 21.67 9.15 -38.53
C ASN E 358 22.79 8.56 -37.69
N LEU E 359 22.76 8.88 -36.41
CA LEU E 359 23.69 8.30 -35.45
C LEU E 359 23.46 6.79 -35.32
N LYS E 360 24.53 6.08 -34.92
CA LYS E 360 24.40 4.65 -34.63
C LYS E 360 25.39 4.29 -33.52
N ARG E 361 24.90 4.27 -32.29
CA ARG E 361 25.73 3.89 -31.15
C ARG E 361 26.14 2.43 -31.28
N TYR E 362 27.38 2.13 -30.91
CA TYR E 362 27.89 0.78 -31.02
C TYR E 362 28.03 0.15 -29.63
N ARG E 363 28.08 -1.17 -29.61
CA ARG E 363 28.56 -1.92 -28.46
C ARG E 363 29.42 -3.05 -29.01
N LYS E 364 29.86 -3.96 -28.14
CA LYS E 364 30.46 -5.19 -28.63
C LYS E 364 30.21 -6.28 -27.60
N PHE E 365 29.69 -7.41 -28.08
CA PHE E 365 29.34 -8.52 -27.20
C PHE E 365 30.54 -9.02 -26.42
N LYS E 366 30.32 -9.34 -25.15
CA LYS E 366 31.38 -9.90 -24.32
C LYS E 366 31.55 -11.36 -24.73
N VAL E 367 32.61 -11.64 -25.50
CA VAL E 367 32.86 -12.92 -26.12
C VAL E 367 32.73 -14.05 -25.10
N ARG E 368 32.24 -15.20 -25.54
CA ARG E 368 32.07 -16.33 -24.63
C ARG E 368 33.41 -16.94 -24.25
N VAL E 369 33.43 -17.56 -23.08
CA VAL E 369 34.64 -18.18 -22.55
C VAL E 369 34.98 -19.47 -23.28
N VAL E 370 34.07 -19.94 -24.14
CA VAL E 370 34.16 -21.21 -24.85
C VAL E 370 35.55 -21.44 -25.44
N GLY E 371 36.01 -22.68 -25.37
CA GLY E 371 37.30 -23.04 -25.93
C GLY E 371 37.14 -24.22 -26.88
N ASN E 372 38.00 -24.26 -27.88
CA ASN E 372 37.90 -25.30 -28.90
C ASN E 372 38.10 -26.68 -28.28
N VAL E 373 37.17 -27.60 -28.60
CA VAL E 373 37.27 -28.96 -28.10
C VAL E 373 38.51 -29.66 -28.65
N ASP E 374 38.75 -29.54 -29.96
CA ASP E 374 39.95 -30.08 -30.60
C ASP E 374 40.20 -31.53 -30.21
N ASN E 375 39.11 -32.30 -30.13
CA ASN E 375 39.19 -33.67 -29.63
C ASN E 375 40.10 -34.52 -30.50
N VAL E 376 40.91 -35.35 -29.84
CA VAL E 376 41.89 -36.17 -30.53
C VAL E 376 41.68 -37.66 -30.32
N ILE E 377 40.89 -38.09 -29.33
CA ILE E 377 40.85 -39.50 -28.99
C ILE E 377 40.28 -40.33 -30.13
N LYS E 378 39.11 -39.95 -30.65
CA LYS E 378 38.49 -40.61 -31.79
C LYS E 378 38.54 -42.14 -31.59
N ASN E 379 38.07 -42.57 -30.44
CA ASN E 379 38.24 -43.95 -30.02
C ASN E 379 37.26 -44.88 -30.73
N ASP E 380 37.69 -46.12 -30.95
CA ASP E 380 36.81 -47.14 -31.50
C ASP E 380 35.98 -47.75 -30.38
N PHE E 381 34.85 -48.36 -30.77
CA PHE E 381 33.89 -48.91 -29.83
C PHE E 381 33.58 -50.38 -30.08
N SER E 382 33.59 -50.80 -31.34
CA SER E 382 33.48 -52.23 -31.64
C SER E 382 34.58 -53.05 -30.97
N SER E 383 35.70 -52.43 -30.62
CA SER E 383 36.81 -53.15 -29.99
C SER E 383 36.40 -53.76 -28.65
N LEU E 384 35.66 -53.02 -27.83
CA LEU E 384 35.24 -53.55 -26.54
C LEU E 384 34.29 -54.72 -26.73
N LYS E 385 34.44 -55.73 -25.86
CA LYS E 385 33.72 -56.99 -26.00
C LYS E 385 32.29 -56.83 -25.44
N LEU E 386 31.54 -55.95 -26.08
CA LEU E 386 30.12 -55.84 -25.82
C LEU E 386 29.40 -57.14 -26.17
N ASP E 387 28.36 -57.46 -25.39
CA ASP E 387 27.79 -58.81 -25.39
C ASP E 387 27.36 -59.25 -26.79
N VAL E 388 26.65 -58.40 -27.52
CA VAL E 388 26.24 -58.73 -28.89
C VAL E 388 26.20 -57.50 -29.79
N GLU F 56 -16.49 9.09 -53.13
CA GLU F 56 -15.30 8.56 -52.46
C GLU F 56 -14.67 7.51 -53.37
N ARG F 57 -14.78 7.71 -54.68
CA ARG F 57 -14.21 6.75 -55.60
C ARG F 57 -12.68 6.78 -55.49
N ARG F 58 -12.05 5.68 -55.89
CA ARG F 58 -10.60 5.61 -56.00
C ARG F 58 -10.22 4.68 -57.14
N THR F 59 -8.97 4.78 -57.59
CA THR F 59 -8.49 3.86 -58.60
C THR F 59 -8.44 2.44 -58.02
N PHE F 60 -8.62 1.46 -58.89
CA PHE F 60 -8.60 0.07 -58.45
C PHE F 60 -7.20 -0.36 -58.02
N GLY F 61 -7.16 -1.35 -57.14
CA GLY F 61 -5.90 -1.90 -56.65
C GLY F 61 -5.02 -0.92 -55.89
N SER F 62 -5.62 -0.03 -55.12
CA SER F 62 -4.85 1.07 -54.55
C SER F 62 -4.27 0.68 -53.19
N TYR F 63 -3.48 1.58 -52.62
CA TYR F 63 -2.99 1.44 -51.27
C TYR F 63 -2.96 2.84 -50.67
N LYS F 64 -2.91 2.94 -49.34
CA LYS F 64 -2.80 4.28 -48.77
C LYS F 64 -1.85 4.21 -47.58
N ILE F 65 -1.34 5.36 -47.17
CA ILE F 65 -0.32 5.42 -46.14
C ILE F 65 -0.79 6.37 -45.04
N GLU F 66 -0.78 5.88 -43.80
CA GLU F 66 -1.33 6.62 -42.66
C GLU F 66 -0.29 6.69 -41.55
N GLU F 67 -0.26 7.81 -40.85
CA GLU F 67 0.73 8.07 -39.82
C GLU F 67 0.15 7.88 -38.42
N ILE F 68 0.95 7.31 -37.53
CA ILE F 68 0.66 7.21 -36.10
C ILE F 68 1.96 7.45 -35.35
N THR F 69 1.87 8.06 -34.17
CA THR F 69 3.05 8.26 -33.36
C THR F 69 2.66 8.40 -31.89
N ILE F 70 3.65 8.24 -31.03
CA ILE F 70 3.46 8.39 -29.58
C ILE F 70 3.65 9.84 -29.17
N LYS F 95 6.48 8.41 -35.70
CA LYS F 95 5.85 8.75 -36.96
C LYS F 95 5.74 7.51 -37.84
N ILE F 96 5.46 6.37 -37.21
CA ILE F 96 5.36 5.11 -37.94
C ILE F 96 4.21 5.19 -38.94
N PRO F 97 4.42 4.80 -40.19
CA PRO F 97 3.31 4.66 -41.14
C PRO F 97 2.79 3.23 -41.20
N ILE F 98 1.54 3.11 -41.65
CA ILE F 98 0.92 1.83 -41.92
C ILE F 98 0.32 1.93 -43.32
N LEU F 99 0.18 0.77 -43.96
CA LEU F 99 -0.37 0.69 -45.30
C LEU F 99 -1.81 0.20 -45.27
N ASP F 100 -2.62 0.75 -46.16
CA ASP F 100 -3.91 0.19 -46.53
C ASP F 100 -3.75 -0.64 -47.78
N ASP F 101 -4.23 -1.87 -47.71
CA ASP F 101 -3.96 -2.97 -48.62
C ASP F 101 -4.74 -2.85 -49.92
N GLY F 102 -6.06 -2.67 -49.83
CA GLY F 102 -6.95 -3.04 -50.91
C GLY F 102 -7.35 -4.50 -50.94
N ILE F 103 -7.42 -5.15 -49.77
CA ILE F 103 -7.71 -6.58 -49.67
C ILE F 103 -8.91 -6.83 -48.76
N PHE F 104 -8.89 -6.29 -47.55
CA PHE F 104 -10.03 -6.43 -46.65
C PHE F 104 -11.31 -6.02 -47.36
N ASP F 105 -11.30 -4.82 -47.94
CA ASP F 105 -12.43 -4.39 -48.75
C ASP F 105 -12.62 -5.32 -49.94
N LEU F 106 -11.51 -5.71 -50.58
CA LEU F 106 -11.58 -6.61 -51.72
C LEU F 106 -12.21 -7.93 -51.31
N ILE F 107 -11.81 -8.46 -50.15
CA ILE F 107 -12.41 -9.69 -49.66
C ILE F 107 -13.90 -9.52 -49.48
N ASN F 108 -14.33 -8.42 -48.85
CA ASN F 108 -15.77 -8.22 -48.65
C ASN F 108 -16.51 -8.11 -49.98
N TYR F 109 -15.92 -7.40 -50.95
CA TYR F 109 -16.53 -7.28 -52.26
C TYR F 109 -16.71 -8.64 -52.92
N LEU F 110 -15.68 -9.49 -52.87
CA LEU F 110 -15.83 -10.84 -53.40
C LEU F 110 -16.83 -11.64 -52.58
N LEU F 111 -16.98 -11.34 -51.29
CA LEU F 111 -18.01 -11.99 -50.49
C LEU F 111 -19.38 -11.70 -51.06
N ASN F 112 -19.63 -10.44 -51.44
CA ASN F 112 -20.95 -10.04 -51.88
C ASN F 112 -21.14 -10.18 -53.38
N GLY F 113 -20.11 -10.59 -54.12
CA GLY F 113 -20.24 -10.65 -55.57
C GLY F 113 -20.44 -9.31 -56.21
N THR F 114 -20.15 -8.24 -55.49
CA THR F 114 -20.37 -6.89 -55.98
C THR F 114 -19.56 -6.60 -57.25
N HIS F 115 -20.19 -5.86 -58.16
CA HIS F 115 -19.62 -5.46 -59.44
C HIS F 115 -18.90 -4.12 -59.32
N PHE F 116 -17.94 -3.90 -60.22
CA PHE F 116 -17.04 -2.76 -60.13
C PHE F 116 -17.77 -1.43 -60.12
N ASP F 117 -18.90 -1.33 -60.82
CA ASP F 117 -19.66 -0.08 -60.84
C ASP F 117 -20.06 0.35 -59.42
N LYS F 118 -20.66 -0.56 -58.66
CA LYS F 118 -21.09 -0.24 -57.30
C LYS F 118 -19.99 -0.59 -56.31
N THR F 119 -18.80 -0.07 -56.59
CA THR F 119 -17.62 -0.24 -55.77
C THR F 119 -17.07 1.14 -55.42
N HIS F 120 -16.12 1.19 -54.49
CA HIS F 120 -15.50 2.45 -54.11
C HIS F 120 -14.53 2.90 -55.20
N TYR F 121 -14.66 2.30 -56.38
CA TYR F 121 -13.70 2.45 -57.48
C TYR F 121 -14.42 2.71 -58.79
N ASP F 125 -9.84 5.20 -65.25
CA ASP F 125 -8.38 5.17 -65.35
C ASP F 125 -7.86 3.74 -65.27
N TYR F 126 -8.35 2.88 -66.15
CA TYR F 126 -7.94 1.48 -66.16
C TYR F 126 -7.68 1.00 -67.59
N SER F 127 -7.14 1.89 -68.43
CA SER F 127 -6.96 1.57 -69.84
C SER F 127 -6.06 0.36 -70.00
N HIS F 128 -4.92 0.37 -69.29
CA HIS F 128 -3.94 -0.71 -69.32
C HIS F 128 -4.39 -1.94 -68.54
N LEU F 129 -5.71 -2.05 -68.26
CA LEU F 129 -6.26 -3.23 -67.59
C LEU F 129 -7.16 -4.01 -68.54
N PRO F 130 -6.59 -4.83 -69.43
CA PRO F 130 -7.41 -5.56 -70.41
C PRO F 130 -8.40 -6.52 -69.75
N THR F 131 -9.60 -6.60 -70.34
CA THR F 131 -10.67 -7.54 -69.98
C THR F 131 -10.95 -7.58 -68.47
N LEU F 132 -10.73 -6.44 -67.81
CA LEU F 132 -10.85 -6.37 -66.36
C LEU F 132 -12.25 -6.71 -65.86
N GLU F 133 -13.29 -6.11 -66.46
CA GLU F 133 -14.64 -6.24 -65.92
C GLU F 133 -15.21 -7.65 -66.00
N ARG F 134 -15.04 -8.34 -67.15
CA ARG F 134 -15.66 -9.66 -67.25
C ARG F 134 -15.07 -10.63 -66.25
N ASP F 135 -13.74 -10.65 -66.13
CA ASP F 135 -13.14 -11.52 -65.12
C ASP F 135 -13.54 -11.06 -63.73
N PHE F 136 -13.56 -9.74 -63.52
CA PHE F 136 -13.93 -9.19 -62.22
C PHE F 136 -15.26 -9.75 -61.76
N ASN F 137 -16.31 -9.54 -62.56
CA ASN F 137 -17.64 -9.92 -62.10
C ASN F 137 -17.83 -11.43 -62.11
N THR F 138 -17.24 -12.17 -63.06
CA THR F 138 -17.35 -13.63 -62.99
C THR F 138 -16.76 -14.16 -61.69
N ALA F 139 -15.55 -13.72 -61.34
CA ALA F 139 -14.96 -14.16 -60.09
C ALA F 139 -15.76 -13.67 -58.89
N SER F 140 -16.31 -12.46 -58.97
CA SER F 140 -17.14 -11.96 -57.88
C SER F 140 -18.32 -12.88 -57.63
N ASN F 141 -19.00 -13.29 -58.70
CA ASN F 141 -20.13 -14.20 -58.54
C ASN F 141 -19.68 -15.55 -57.99
N TYR F 142 -18.58 -16.09 -58.52
CA TYR F 142 -18.13 -17.42 -58.09
C TYR F 142 -17.80 -17.40 -56.60
N VAL F 143 -17.08 -16.38 -56.16
CA VAL F 143 -16.77 -16.26 -54.74
C VAL F 143 -18.04 -16.01 -53.96
N SER F 144 -19.01 -15.32 -54.56
CA SER F 144 -20.27 -15.06 -53.86
C SER F 144 -20.98 -16.36 -53.52
N GLU F 145 -21.15 -17.27 -54.49
CA GLU F 145 -21.83 -18.51 -54.12
C GLU F 145 -20.97 -19.33 -53.17
N ASN F 146 -19.65 -19.35 -53.38
CA ASN F 146 -18.81 -20.12 -52.47
C ASN F 146 -18.96 -19.60 -51.04
N TYR F 147 -19.02 -18.28 -50.88
CA TYR F 147 -19.27 -17.69 -49.57
C TYR F 147 -20.64 -18.09 -49.04
N SER F 148 -21.66 -18.06 -49.91
CA SER F 148 -23.00 -18.47 -49.50
C SER F 148 -23.01 -19.91 -48.98
N ILE F 149 -22.10 -20.74 -49.49
CA ILE F 149 -22.05 -22.15 -49.10
C ILE F 149 -21.96 -22.26 -47.57
N ILE F 150 -21.25 -21.34 -46.93
CA ILE F 150 -21.19 -21.30 -45.48
C ILE F 150 -22.05 -20.18 -44.90
N VAL F 151 -22.49 -19.22 -45.71
CA VAL F 151 -23.43 -18.21 -45.24
C VAL F 151 -24.73 -18.87 -44.82
N GLU F 152 -25.11 -19.96 -45.48
CA GLU F 152 -26.39 -20.60 -45.17
C GLU F 152 -26.46 -21.03 -43.71
N GLU F 153 -25.37 -21.62 -43.20
CA GLU F 153 -25.36 -22.15 -41.84
C GLU F 153 -25.25 -21.08 -40.75
N ILE F 154 -24.98 -19.82 -41.11
CA ILE F 154 -24.59 -18.85 -40.08
C ILE F 154 -25.78 -18.54 -39.18
N ASP F 155 -25.50 -18.47 -37.87
CA ASP F 155 -26.48 -17.96 -36.93
C ASP F 155 -26.84 -16.51 -37.26
N LEU F 156 -28.03 -16.10 -36.84
CA LEU F 156 -28.38 -14.69 -36.86
C LEU F 156 -27.40 -13.89 -36.00
N ASN F 157 -27.38 -14.16 -34.70
CA ASN F 157 -26.45 -13.47 -33.80
C ASN F 157 -25.01 -13.80 -34.15
N LYS F 158 -24.69 -15.09 -34.23
CA LYS F 158 -23.34 -15.50 -34.65
C LYS F 158 -23.27 -15.60 -36.16
N SER F 162 -17.01 -9.06 -33.84
CA SER F 162 -16.02 -8.35 -34.64
C SER F 162 -15.72 -9.10 -35.94
N GLU F 163 -14.71 -8.62 -36.67
CA GLU F 163 -14.28 -9.27 -37.90
C GLU F 163 -12.75 -9.29 -37.94
N SER F 164 -12.18 -10.48 -38.00
CA SER F 164 -10.73 -10.67 -37.99
C SER F 164 -10.31 -11.67 -39.05
N ILE F 165 -10.83 -11.46 -40.27
CA ILE F 165 -10.62 -12.38 -41.38
C ILE F 165 -9.15 -12.74 -41.54
N SER F 166 -8.87 -13.97 -41.91
CA SER F 166 -7.48 -14.40 -42.08
C SER F 166 -7.37 -15.27 -43.33
N LEU F 167 -6.15 -15.38 -43.85
CA LEU F 167 -5.89 -16.12 -45.07
C LEU F 167 -4.75 -17.11 -44.82
N LYS F 168 -4.84 -18.27 -45.47
CA LYS F 168 -3.76 -19.25 -45.40
C LYS F 168 -3.31 -19.67 -46.79
N SER F 169 -2.00 -19.58 -47.03
CA SER F 169 -1.37 -20.28 -48.14
C SER F 169 -1.31 -21.77 -47.83
N PRO F 170 -1.17 -22.64 -48.85
CA PRO F 170 -1.15 -22.39 -50.31
C PRO F 170 -2.47 -22.72 -50.96
N ASP F 171 -3.40 -23.26 -50.17
CA ASP F 171 -4.76 -23.44 -50.66
C ASP F 171 -5.58 -22.16 -50.50
N PHE F 172 -4.98 -21.12 -49.89
CA PHE F 172 -5.49 -19.76 -49.91
C PHE F 172 -6.92 -19.75 -49.37
N THR F 173 -7.01 -20.11 -48.10
CA THR F 173 -8.29 -20.31 -47.42
C THR F 173 -8.61 -19.11 -46.57
N VAL F 174 -9.88 -18.71 -46.61
CA VAL F 174 -10.38 -17.59 -45.81
C VAL F 174 -10.87 -18.10 -44.47
N VAL F 175 -10.79 -17.22 -43.47
CA VAL F 175 -11.06 -17.56 -42.07
C VAL F 175 -11.89 -16.44 -41.45
N LEU F 176 -13.02 -16.80 -40.85
CA LEU F 176 -13.99 -15.87 -40.29
C LEU F 176 -14.23 -16.20 -38.82
N GLU F 177 -14.80 -15.23 -38.10
CA GLU F 177 -15.30 -15.45 -36.76
C GLU F 177 -16.58 -14.65 -36.58
N TYR F 178 -17.42 -15.12 -35.66
CA TYR F 178 -18.68 -14.46 -35.34
C TYR F 178 -19.12 -14.84 -33.94
N PHE F 179 -19.52 -13.86 -33.14
CA PHE F 179 -19.90 -14.04 -31.75
C PHE F 179 -21.37 -13.69 -31.56
N LYS F 180 -21.85 -13.87 -30.33
CA LYS F 180 -23.26 -13.69 -30.04
C LYS F 180 -23.68 -12.23 -30.15
N LYS F 181 -22.91 -11.33 -29.53
CA LYS F 181 -23.31 -9.93 -29.40
C LYS F 181 -23.54 -9.27 -30.77
N VAL F 206 -16.99 -18.14 -37.36
CA VAL F 206 -15.92 -18.93 -36.77
C VAL F 206 -15.64 -20.06 -37.75
N ARG F 207 -15.52 -19.73 -39.03
CA ARG F 207 -15.45 -20.77 -40.05
C ARG F 207 -14.31 -20.50 -41.03
N GLU F 208 -14.28 -21.27 -42.12
CA GLU F 208 -13.21 -21.16 -43.09
C GLU F 208 -13.75 -21.61 -44.44
N LEU F 209 -12.95 -21.35 -45.48
CA LEU F 209 -13.23 -21.94 -46.77
C LEU F 209 -11.96 -22.03 -47.59
N PRO F 210 -11.61 -23.19 -48.13
CA PRO F 210 -10.39 -23.30 -48.95
C PRO F 210 -10.65 -22.81 -50.37
N LEU F 211 -10.48 -21.51 -50.58
CA LEU F 211 -10.84 -20.87 -51.84
C LEU F 211 -10.18 -21.55 -53.04
N LEU F 212 -8.86 -21.71 -52.99
CA LEU F 212 -8.09 -22.25 -54.11
C LEU F 212 -7.23 -23.42 -53.66
N PRO F 213 -7.82 -24.59 -53.42
CA PRO F 213 -7.03 -25.75 -53.01
C PRO F 213 -6.18 -26.30 -54.16
N ILE F 214 -4.87 -26.07 -54.11
CA ILE F 214 -3.95 -26.54 -55.14
C ILE F 214 -2.95 -27.56 -54.60
N MET F 215 -2.96 -27.83 -53.29
CA MET F 215 -2.05 -28.81 -52.71
C MET F 215 -2.19 -30.18 -53.38
N CYS F 216 -3.42 -30.71 -53.45
CA CYS F 216 -3.65 -32.00 -54.11
C CYS F 216 -5.03 -31.96 -54.74
N ARG F 217 -5.10 -32.21 -56.05
CA ARG F 217 -6.36 -32.22 -56.78
C ARG F 217 -6.28 -33.37 -57.79
N GLU F 218 -6.73 -34.55 -57.37
CA GLU F 218 -6.81 -35.69 -58.28
C GLU F 218 -8.18 -35.78 -58.92
N SER F 219 -8.64 -34.63 -59.42
CA SER F 219 -9.93 -34.52 -60.11
C SER F 219 -9.82 -33.57 -61.29
N GLU F 220 -8.72 -33.69 -62.05
CA GLU F 220 -8.42 -32.70 -63.09
C GLU F 220 -9.52 -32.65 -64.14
N ASP F 221 -10.03 -33.81 -64.55
CA ASP F 221 -11.20 -33.88 -65.39
C ASP F 221 -12.49 -34.20 -64.64
N SER F 222 -12.39 -34.74 -63.42
CA SER F 222 -13.59 -35.03 -62.65
C SER F 222 -14.30 -33.75 -62.20
N ILE F 223 -13.52 -32.71 -61.88
CA ILE F 223 -14.11 -31.42 -61.58
C ILE F 223 -14.60 -30.77 -62.87
N SER F 224 -15.82 -30.25 -62.86
CA SER F 224 -16.39 -29.70 -64.08
C SER F 224 -15.60 -28.49 -64.54
N GLU F 225 -15.68 -28.22 -65.84
CA GLU F 225 -14.85 -27.17 -66.43
C GLU F 225 -15.34 -25.77 -66.06
N ASP F 226 -16.64 -25.62 -65.78
CA ASP F 226 -17.14 -24.32 -65.33
C ASP F 226 -16.55 -23.92 -63.98
N ILE F 227 -16.49 -24.87 -63.04
CA ILE F 227 -15.84 -24.60 -61.76
C ILE F 227 -14.37 -24.24 -61.96
N LEU F 228 -13.68 -25.01 -62.81
CA LEU F 228 -12.27 -24.75 -63.10
C LEU F 228 -12.09 -23.35 -63.68
N GLU F 229 -12.97 -22.96 -64.59
CA GLU F 229 -12.91 -21.62 -65.16
C GLU F 229 -13.18 -20.57 -64.08
N GLY F 230 -14.08 -20.87 -63.14
CA GLY F 230 -14.29 -19.97 -62.02
C GLY F 230 -13.03 -19.72 -61.21
N GLU F 231 -12.33 -20.80 -60.85
CA GLU F 231 -11.08 -20.62 -60.10
C GLU F 231 -10.03 -19.91 -60.95
N GLY F 232 -9.94 -20.25 -62.24
CA GLY F 232 -8.98 -19.58 -63.09
C GLY F 232 -9.27 -18.09 -63.20
N ALA F 233 -10.55 -17.74 -63.31
CA ALA F 233 -10.93 -16.33 -63.28
C ALA F 233 -10.48 -15.68 -61.99
N VAL F 234 -10.70 -16.35 -60.85
CA VAL F 234 -10.29 -15.79 -59.57
C VAL F 234 -8.79 -15.52 -59.55
N ILE F 235 -8.00 -16.51 -59.96
CA ILE F 235 -6.55 -16.39 -59.84
C ILE F 235 -6.02 -15.34 -60.81
N GLN F 236 -6.54 -15.29 -62.04
CA GLN F 236 -6.16 -14.23 -62.94
C GLN F 236 -6.57 -12.86 -62.42
N VAL F 237 -7.77 -12.76 -61.85
CA VAL F 237 -8.23 -11.49 -61.29
C VAL F 237 -7.22 -10.99 -60.26
N LEU F 238 -6.84 -11.86 -59.33
CA LEU F 238 -5.88 -11.46 -58.31
C LEU F 238 -4.53 -11.13 -58.94
N LYS F 239 -4.13 -11.90 -59.95
CA LYS F 239 -2.88 -11.65 -60.67
C LYS F 239 -2.83 -10.23 -61.21
N MET F 240 -3.87 -9.84 -61.96
CA MET F 240 -3.92 -8.48 -62.47
C MET F 240 -4.05 -7.49 -61.33
N PHE F 241 -4.74 -7.86 -60.25
CA PHE F 241 -4.88 -6.95 -59.12
C PHE F 241 -3.51 -6.60 -58.56
N MET F 242 -2.64 -7.60 -58.43
CA MET F 242 -1.27 -7.35 -57.98
C MET F 242 -0.54 -6.49 -59.00
N LYS F 243 -0.73 -6.78 -60.29
CA LYS F 243 -0.06 -5.97 -61.31
C LYS F 243 -0.46 -4.51 -61.17
N GLY F 244 -1.74 -4.27 -60.89
CA GLY F 244 -2.19 -2.91 -60.65
C GLY F 244 -1.57 -2.34 -59.39
N PHE F 245 -1.53 -3.14 -58.32
CA PHE F 245 -0.95 -2.66 -57.06
C PHE F 245 0.49 -2.21 -57.28
N LEU F 246 1.22 -2.93 -58.12
CA LEU F 246 2.62 -2.59 -58.32
C LEU F 246 2.75 -1.37 -59.22
N VAL F 247 1.92 -1.30 -60.26
CA VAL F 247 1.86 -0.07 -61.06
C VAL F 247 1.58 1.11 -60.14
N HIS F 248 0.71 0.91 -59.15
CA HIS F 248 0.39 1.97 -58.21
C HIS F 248 1.62 2.35 -57.41
N LEU F 249 2.39 1.34 -56.99
CA LEU F 249 3.60 1.62 -56.21
C LEU F 249 4.55 2.50 -57.03
N GLY F 250 4.76 2.11 -58.28
CA GLY F 250 5.66 2.87 -59.14
C GLY F 250 5.13 4.25 -59.44
N GLU F 251 3.82 4.39 -59.62
CA GLU F 251 3.24 5.66 -60.03
C GLU F 251 3.52 6.75 -58.99
N ASN F 252 3.37 6.43 -57.70
CA ASN F 252 3.59 7.41 -56.65
C ASN F 252 4.55 6.82 -55.63
N PRO F 253 5.73 7.41 -55.46
CA PRO F 253 6.62 7.00 -54.38
C PRO F 253 6.41 7.87 -53.14
N ASN F 254 6.85 7.35 -52.00
CA ASN F 254 6.59 7.96 -50.72
C ASN F 254 7.87 8.03 -49.90
N SER F 255 7.88 8.95 -48.94
CA SER F 255 8.92 8.98 -47.93
C SER F 255 9.09 7.62 -47.26
N TYR F 256 7.99 6.92 -47.03
CA TYR F 256 7.99 5.71 -46.23
C TYR F 256 8.19 4.44 -47.07
N ASP F 257 8.59 4.59 -48.33
CA ASP F 257 8.79 3.43 -49.20
C ASP F 257 9.83 2.46 -48.66
N ARG F 258 10.72 2.91 -47.77
CA ARG F 258 11.75 2.06 -47.20
C ARG F 258 11.38 1.48 -45.84
N GLN F 259 10.12 1.57 -45.44
CA GLN F 259 9.76 1.16 -44.09
C GLN F 259 8.97 -0.13 -43.99
N LEU F 260 8.38 -0.61 -45.09
CA LEU F 260 7.58 -1.82 -45.04
C LEU F 260 7.84 -2.68 -46.27
N THR F 261 7.21 -3.85 -46.29
CA THR F 261 7.44 -4.89 -47.27
C THR F 261 6.12 -5.38 -47.84
N ILE F 262 6.21 -6.22 -48.88
CA ILE F 262 5.05 -6.74 -49.60
C ILE F 262 4.32 -7.77 -48.74
N GLU F 263 4.87 -8.07 -47.56
CA GLU F 263 4.60 -9.29 -46.79
C GLU F 263 3.16 -9.79 -46.77
N LYS F 264 2.17 -8.90 -46.85
CA LYS F 264 0.78 -9.35 -46.83
C LYS F 264 0.46 -10.26 -48.01
N TYR F 265 1.00 -9.96 -49.19
CA TYR F 265 0.48 -10.47 -50.44
C TYR F 265 1.14 -11.77 -50.87
N ARG F 266 2.13 -12.26 -50.12
CA ARG F 266 2.88 -13.47 -50.41
C ARG F 266 1.97 -14.62 -50.85
N PRO F 267 0.97 -15.03 -50.04
CA PRO F 267 0.24 -16.26 -50.40
C PRO F 267 -0.44 -16.17 -51.74
N LEU F 268 -0.90 -14.99 -52.13
CA LEU F 268 -1.58 -14.84 -53.42
C LEU F 268 -0.63 -15.20 -54.55
N LEU F 269 0.59 -14.65 -54.49
CA LEU F 269 1.61 -15.00 -55.47
C LEU F 269 1.85 -16.49 -55.43
N ILE F 270 1.83 -17.07 -54.24
CA ILE F 270 2.00 -18.51 -54.07
C ILE F 270 0.93 -19.24 -54.87
N SER F 271 -0.34 -18.83 -54.68
CA SER F 271 -1.41 -19.48 -55.42
C SER F 271 -1.14 -19.43 -56.91
N ILE F 272 -0.60 -18.30 -57.37
CA ILE F 272 -0.25 -18.15 -58.78
C ILE F 272 0.62 -19.32 -59.22
N ILE F 273 1.75 -19.51 -58.53
CA ILE F 273 2.70 -20.52 -58.97
C ILE F 273 2.07 -21.89 -58.89
N GLY F 274 1.11 -22.09 -57.96
CA GLY F 274 0.43 -23.36 -57.90
C GLY F 274 -0.29 -23.67 -59.20
N TYR F 275 -1.01 -22.68 -59.73
CA TYR F 275 -1.63 -22.84 -61.03
C TYR F 275 -0.56 -23.11 -62.08
N GLU F 276 0.58 -22.43 -61.96
CA GLU F 276 1.68 -22.66 -62.90
C GLU F 276 1.99 -24.14 -62.99
N PHE F 277 2.04 -24.82 -61.84
CA PHE F 277 2.28 -26.27 -61.88
C PHE F 277 1.05 -27.03 -62.34
N THR F 278 -0.14 -26.52 -62.05
CA THR F 278 -1.40 -27.17 -62.43
C THR F 278 -2.07 -26.46 -63.61
N VAL F 279 -1.27 -25.94 -64.54
CA VAL F 279 -1.79 -25.25 -65.71
C VAL F 279 -2.59 -26.18 -66.60
N ASN F 289 7.46 -19.84 -64.93
CA ASN F 289 7.45 -18.43 -64.59
C ASN F 289 8.67 -18.09 -63.73
N HIS F 290 9.12 -16.85 -63.78
CA HIS F 290 10.13 -16.36 -62.87
C HIS F 290 9.70 -15.16 -62.04
N ILE F 291 8.92 -14.25 -62.60
CA ILE F 291 8.65 -12.97 -61.93
C ILE F 291 7.88 -13.19 -60.62
N TYR F 292 6.66 -13.74 -60.72
CA TYR F 292 5.80 -13.87 -59.56
C TYR F 292 6.42 -14.77 -58.50
N TYR F 293 7.11 -15.82 -58.94
CA TYR F 293 7.80 -16.70 -58.00
C TYR F 293 8.75 -15.92 -57.11
N GLN F 294 9.75 -15.28 -57.72
CA GLN F 294 10.73 -14.53 -56.93
C GLN F 294 10.09 -13.39 -56.15
N LEU F 295 9.01 -12.80 -56.66
CA LEU F 295 8.25 -11.86 -55.85
C LEU F 295 7.75 -12.51 -54.57
N ALA F 296 7.14 -13.69 -54.68
CA ALA F 296 6.68 -14.41 -53.50
C ALA F 296 7.82 -14.78 -52.57
N THR F 297 9.01 -15.04 -53.13
CA THR F 297 10.10 -15.59 -52.34
C THR F 297 10.47 -14.70 -51.16
N PHE F 298 10.20 -13.40 -51.25
CA PHE F 298 10.61 -12.45 -50.21
C PHE F 298 9.42 -11.63 -49.74
N ASP F 299 8.68 -12.17 -48.77
CA ASP F 299 7.64 -11.36 -48.14
C ASP F 299 8.23 -10.09 -47.53
N ASN F 300 9.45 -10.19 -47.00
CA ASN F 300 10.22 -9.09 -46.44
C ASN F 300 10.84 -8.17 -47.50
N TYR F 301 10.49 -8.33 -48.76
CA TYR F 301 11.15 -7.57 -49.81
C TYR F 301 10.67 -6.12 -49.81
N PRO F 302 11.57 -5.16 -50.05
CA PRO F 302 11.20 -3.74 -50.02
C PRO F 302 10.80 -3.20 -51.39
N PHE F 303 10.00 -2.13 -51.35
CA PHE F 303 9.27 -1.58 -52.49
C PHE F 303 10.18 -1.05 -53.60
N ASP F 304 10.88 0.04 -53.30
CA ASP F 304 11.72 0.70 -54.29
C ASP F 304 12.81 -0.20 -54.85
N LEU F 305 13.22 -1.23 -54.10
CA LEU F 305 14.06 -2.25 -54.71
C LEU F 305 13.40 -2.78 -55.98
N LEU F 306 12.21 -3.38 -55.84
CA LEU F 306 11.48 -3.83 -57.01
C LEU F 306 11.36 -2.72 -58.03
N ARG F 307 11.13 -1.49 -57.57
CA ARG F 307 11.12 -0.35 -58.48
C ARG F 307 12.40 -0.28 -59.31
N PHE F 308 13.52 -0.71 -58.71
CA PHE F 308 14.80 -0.69 -59.43
C PHE F 308 14.97 -1.88 -60.36
N GLN F 309 14.85 -3.09 -59.83
CA GLN F 309 15.32 -4.27 -60.54
C GLN F 309 14.19 -5.19 -60.98
N LEU F 310 13.11 -4.63 -61.53
CA LEU F 310 12.09 -5.47 -62.15
C LEU F 310 12.64 -6.24 -63.34
N GLN F 311 13.81 -5.82 -63.86
CA GLN F 311 14.24 -6.21 -65.20
C GLN F 311 14.90 -7.58 -65.20
N SER F 312 15.99 -7.73 -64.46
CA SER F 312 16.93 -8.83 -64.65
C SER F 312 16.62 -10.03 -63.78
N LEU F 313 15.36 -10.17 -63.34
CA LEU F 313 14.98 -11.19 -62.36
C LEU F 313 14.92 -12.55 -63.05
N ILE F 314 16.09 -13.02 -63.48
CA ILE F 314 16.22 -14.30 -64.17
C ILE F 314 17.49 -14.97 -63.68
N ASP F 315 17.40 -16.28 -63.46
CA ASP F 315 18.54 -17.08 -63.04
C ASP F 315 19.39 -17.51 -64.24
N ILE F 320 16.13 -25.60 -59.53
CA ILE F 320 16.20 -24.15 -59.44
C ILE F 320 16.03 -23.57 -60.83
N LYS F 321 17.03 -23.73 -61.68
CA LYS F 321 16.81 -23.45 -63.09
C LYS F 321 15.73 -24.37 -63.66
N GLU F 322 15.83 -25.68 -63.38
CA GLU F 322 14.76 -26.62 -63.65
C GLU F 322 14.51 -27.64 -62.53
N ARG F 323 15.51 -27.97 -61.72
CA ARG F 323 15.52 -29.22 -60.98
C ARG F 323 14.90 -29.20 -59.58
N ILE F 324 14.84 -28.05 -58.90
CA ILE F 324 14.24 -28.08 -57.56
C ILE F 324 12.74 -27.96 -57.60
N GLU F 325 12.16 -27.59 -58.75
CA GLU F 325 10.73 -27.44 -58.88
C GLU F 325 10.06 -28.53 -59.71
N LYS F 326 10.83 -29.26 -60.53
CA LYS F 326 10.30 -30.46 -61.16
C LYS F 326 9.81 -31.48 -60.14
N ASP F 327 10.38 -31.47 -58.94
CA ASP F 327 10.10 -32.46 -57.91
C ASP F 327 9.27 -31.87 -56.78
N GLY F 328 8.28 -31.06 -57.13
CA GLY F 328 7.42 -30.41 -56.15
C GLY F 328 7.88 -29.01 -55.80
N LEU F 329 6.95 -28.05 -55.90
CA LEU F 329 7.29 -26.67 -55.57
C LEU F 329 7.47 -26.47 -54.08
N PHE F 330 6.79 -27.27 -53.26
CA PHE F 330 6.72 -27.06 -51.82
C PHE F 330 7.02 -28.38 -51.13
N LYS F 331 7.21 -28.32 -49.81
CA LYS F 331 7.31 -29.53 -49.01
C LYS F 331 6.14 -29.54 -48.05
N VAL F 332 5.76 -30.73 -47.60
CA VAL F 332 4.71 -30.89 -46.62
C VAL F 332 5.28 -31.65 -45.43
N ILE F 333 5.07 -31.12 -44.22
CA ILE F 333 5.52 -31.77 -43.00
C ILE F 333 4.43 -31.68 -41.94
N THR F 334 4.16 -32.79 -41.26
CA THR F 334 3.19 -32.81 -40.17
C THR F 334 3.93 -33.08 -38.88
N THR F 335 3.63 -32.31 -37.83
CA THR F 335 4.19 -32.54 -36.51
C THR F 335 3.15 -33.23 -35.65
N THR F 336 3.51 -34.42 -35.14
CA THR F 336 2.68 -35.23 -34.25
C THR F 336 2.75 -34.66 -32.84
N ASN F 337 1.96 -33.62 -32.60
CA ASN F 337 2.00 -32.88 -31.34
C ASN F 337 1.35 -33.64 -30.17
N ALA F 338 1.01 -34.91 -30.40
CA ALA F 338 0.49 -35.85 -29.39
C ALA F 338 -0.94 -35.52 -28.98
N ARG F 339 -1.47 -34.40 -29.45
CA ARG F 339 -2.90 -34.11 -29.36
C ARG F 339 -3.50 -33.84 -30.72
N GLY F 340 -2.69 -33.79 -31.76
CA GLY F 340 -3.18 -33.58 -33.10
C GLY F 340 -2.05 -33.74 -34.09
N GLN F 341 -2.36 -33.46 -35.35
CA GLN F 341 -1.40 -33.53 -36.43
C GLN F 341 -1.27 -32.16 -37.07
N TYR F 342 -0.38 -31.31 -36.54
CA TYR F 342 -0.22 -30.00 -37.15
C TYR F 342 0.47 -30.14 -38.49
N GLN F 343 -0.32 -30.24 -39.55
CA GLN F 343 0.22 -30.17 -40.90
C GLN F 343 0.75 -28.77 -41.20
N SER F 344 1.73 -28.70 -42.10
CA SER F 344 2.30 -27.42 -42.50
C SER F 344 2.96 -27.56 -43.86
N VAL F 345 2.93 -26.47 -44.62
CA VAL F 345 3.52 -26.39 -45.95
C VAL F 345 4.75 -25.49 -45.86
N LEU F 346 5.81 -25.88 -46.55
CA LEU F 346 7.12 -25.27 -46.40
C LEU F 346 7.58 -24.89 -47.81
N LEU F 347 7.43 -23.62 -48.18
CA LEU F 347 7.82 -23.26 -49.55
C LEU F 347 9.33 -23.19 -49.72
N ARG F 348 9.78 -23.40 -50.95
CA ARG F 348 11.18 -23.21 -51.32
C ARG F 348 11.29 -22.11 -52.37
N GLY F 349 12.29 -21.24 -52.18
CA GLY F 349 12.48 -20.07 -53.01
C GLY F 349 13.69 -20.23 -53.89
N ILE F 350 13.74 -19.41 -54.95
CA ILE F 350 14.70 -19.52 -56.04
C ILE F 350 16.15 -19.50 -55.57
N ASN F 351 16.43 -18.92 -54.41
CA ASN F 351 17.74 -19.11 -53.82
C ASN F 351 18.01 -20.56 -53.49
N GLY F 352 17.02 -21.43 -53.65
CA GLY F 352 17.15 -22.78 -53.16
C GLY F 352 16.95 -22.87 -51.67
N SER F 353 16.13 -21.98 -51.11
CA SER F 353 16.00 -21.97 -49.65
C SER F 353 14.54 -22.20 -49.29
N GLU F 354 14.21 -22.03 -48.02
CA GLU F 354 12.88 -22.38 -47.56
C GLU F 354 12.29 -21.27 -46.70
N SER F 355 10.95 -21.26 -46.60
CA SER F 355 10.28 -20.49 -45.57
C SER F 355 8.98 -21.18 -45.17
N TYR F 356 8.81 -21.33 -43.86
CA TYR F 356 7.54 -21.70 -43.24
C TYR F 356 6.45 -20.68 -43.54
N LEU F 357 5.26 -21.17 -43.83
CA LEU F 357 4.07 -20.32 -44.00
C LEU F 357 3.42 -20.06 -42.65
N ASN F 358 2.96 -18.82 -42.46
CA ASN F 358 2.50 -18.35 -41.16
C ASN F 358 1.15 -17.68 -41.26
N LEU F 359 0.42 -17.71 -40.14
CA LEU F 359 -0.85 -17.01 -40.02
C LEU F 359 -0.63 -15.50 -40.10
N LYS F 360 -1.68 -14.78 -40.52
CA LYS F 360 -1.64 -13.32 -40.50
C LYS F 360 -3.05 -12.79 -40.26
N ARG F 361 -3.36 -12.51 -39.00
CA ARG F 361 -4.65 -11.94 -38.64
C ARG F 361 -4.82 -10.57 -39.26
N TYR F 362 -6.02 -10.27 -39.75
CA TYR F 362 -6.30 -9.00 -40.39
C TYR F 362 -7.14 -8.12 -39.48
N ARG F 363 -7.10 -6.82 -39.77
CA ARG F 363 -8.10 -5.88 -39.27
C ARG F 363 -8.42 -4.94 -40.42
N LYS F 364 -9.20 -3.90 -40.16
CA LYS F 364 -9.34 -2.83 -41.14
C LYS F 364 -9.64 -1.54 -40.39
N PHE F 365 -8.86 -0.50 -40.69
CA PHE F 365 -8.99 0.78 -40.02
C PHE F 365 -10.39 1.35 -40.18
N LYS F 366 -10.91 1.94 -39.11
CA LYS F 366 -12.21 2.60 -39.17
C LYS F 366 -12.01 3.94 -39.88
N VAL F 367 -12.43 3.98 -41.15
CA VAL F 367 -12.18 5.11 -42.05
C VAL F 367 -12.59 6.41 -41.38
N ARG F 368 -11.84 7.48 -41.67
CA ARG F 368 -12.14 8.77 -41.08
C ARG F 368 -13.41 9.37 -41.66
N VAL F 369 -14.05 10.22 -40.86
CA VAL F 369 -15.30 10.86 -41.25
C VAL F 369 -15.07 11.96 -42.28
N VAL F 370 -13.81 12.29 -42.54
CA VAL F 370 -13.38 13.39 -43.41
C VAL F 370 -14.17 13.41 -44.71
N GLY F 371 -14.50 14.61 -45.17
CA GLY F 371 -15.21 14.78 -46.43
C GLY F 371 -14.46 15.75 -47.32
N ASN F 372 -14.58 15.54 -48.63
CA ASN F 372 -13.85 16.36 -49.58
C ASN F 372 -14.27 17.82 -49.49
N VAL F 373 -13.27 18.69 -49.38
CA VAL F 373 -13.53 20.13 -49.31
C VAL F 373 -14.19 20.63 -50.59
N ASP F 374 -13.65 20.23 -51.75
CA ASP F 374 -14.22 20.57 -53.06
C ASP F 374 -14.55 22.05 -53.16
N ASN F 375 -13.65 22.88 -52.65
CA ASN F 375 -13.90 24.31 -52.56
C ASN F 375 -14.09 24.93 -53.93
N VAL F 376 -15.08 25.82 -54.04
CA VAL F 376 -15.42 26.42 -55.31
C VAL F 376 -15.27 27.94 -55.32
N ILE F 377 -15.15 28.60 -54.16
CA ILE F 377 -15.22 30.06 -54.14
C ILE F 377 -14.04 30.67 -54.89
N LYS F 378 -12.82 30.26 -54.57
CA LYS F 378 -11.61 30.71 -55.25
C LYS F 378 -11.67 32.23 -55.42
N ASN F 379 -11.90 32.92 -54.31
CA ASN F 379 -12.18 34.34 -54.36
C ASN F 379 -10.90 35.16 -54.54
N ASP F 380 -11.05 36.31 -55.21
CA ASP F 380 -9.96 37.25 -55.35
C ASP F 380 -9.86 38.12 -54.11
N PHE F 381 -8.67 38.69 -53.89
CA PHE F 381 -8.39 39.48 -52.70
C PHE F 381 -7.89 40.88 -53.01
N SER F 382 -7.15 41.05 -54.11
CA SER F 382 -6.78 42.39 -54.56
C SER F 382 -8.00 43.26 -54.81
N SER F 383 -9.16 42.65 -55.06
CA SER F 383 -10.38 43.43 -55.33
C SER F 383 -10.76 44.32 -54.16
N LEU F 384 -10.68 43.80 -52.93
CA LEU F 384 -11.04 44.60 -51.77
C LEU F 384 -10.07 45.77 -51.60
N LYS F 385 -10.62 46.92 -51.21
CA LYS F 385 -9.86 48.17 -51.15
C LYS F 385 -9.03 48.21 -49.86
N LEU F 386 -8.11 47.25 -49.77
CA LEU F 386 -7.09 47.27 -48.72
C LEU F 386 -6.21 48.52 -48.85
N ASP F 387 -5.79 49.05 -47.70
CA ASP F 387 -5.23 50.40 -47.64
C ASP F 387 -4.05 50.57 -48.59
N VAL F 388 -3.11 49.63 -48.61
CA VAL F 388 -1.97 49.70 -49.52
C VAL F 388 -1.51 48.33 -49.98
N GLU G 56 14.30 23.51 -49.01
CA GLU G 56 13.13 23.56 -48.15
C GLU G 56 12.49 24.94 -48.25
N ARG G 57 12.57 25.55 -49.42
CA ARG G 57 12.00 26.87 -49.60
C ARG G 57 10.47 26.77 -49.50
N ARG G 58 9.84 27.89 -49.17
CA ARG G 58 8.39 28.01 -49.18
C ARG G 58 8.00 29.43 -49.55
N THR G 59 6.74 29.60 -49.95
CA THR G 59 6.24 30.94 -50.21
C THR G 59 6.23 31.75 -48.92
N PHE G 60 6.39 33.06 -49.05
CA PHE G 60 6.41 33.92 -47.88
C PHE G 60 5.02 34.02 -47.26
N GLY G 61 5.00 34.31 -45.96
CA GLY G 61 3.77 34.46 -45.22
C GLY G 61 2.89 33.22 -45.15
N SER G 62 3.49 32.04 -45.07
CA SER G 62 2.72 30.82 -45.23
C SER G 62 2.17 30.34 -43.89
N TYR G 63 1.38 29.28 -43.94
CA TYR G 63 0.92 28.59 -42.74
C TYR G 63 0.89 27.11 -43.08
N LYS G 64 0.85 26.26 -42.05
CA LYS G 64 0.74 24.83 -42.38
C LYS G 64 -0.18 24.19 -41.36
N ILE G 65 -0.70 23.02 -41.69
CA ILE G 65 -1.70 22.35 -40.85
C ILE G 65 -1.21 20.95 -40.54
N GLU G 66 -1.19 20.62 -39.24
CA GLU G 66 -0.64 19.35 -38.77
C GLU G 66 -1.66 18.65 -37.89
N GLU G 67 -1.68 17.33 -37.97
CA GLU G 67 -2.66 16.51 -37.26
C GLU G 67 -2.04 15.84 -36.04
N ILE G 68 -2.83 15.78 -34.95
CA ILE G 68 -2.50 15.03 -33.75
C ILE G 68 -3.79 14.39 -33.26
N THR G 69 -3.67 13.20 -32.66
CA THR G 69 -4.86 12.56 -32.09
C THR G 69 -4.43 11.60 -30.99
N ILE G 70 -5.41 11.21 -30.18
CA ILE G 70 -5.19 10.25 -29.11
C ILE G 70 -5.38 8.82 -29.61
N LYS G 95 -8.34 13.80 -34.01
CA LYS G 95 -7.72 14.28 -35.24
C LYS G 95 -7.62 15.79 -35.22
N ILE G 96 -7.31 16.34 -34.05
CA ILE G 96 -7.21 17.79 -33.91
C ILE G 96 -6.09 18.31 -34.80
N PRO G 97 -6.31 19.36 -35.57
CA PRO G 97 -5.23 20.03 -36.28
C PRO G 97 -4.69 21.23 -35.50
N ILE G 98 -3.45 21.59 -35.82
CA ILE G 98 -2.82 22.80 -35.32
C ILE G 98 -2.24 23.54 -36.51
N LEU G 99 -2.10 24.85 -36.35
CA LEU G 99 -1.58 25.70 -37.41
C LEU G 99 -0.13 26.08 -37.13
N ASP G 100 0.66 26.17 -38.19
CA ASP G 100 1.94 26.83 -38.19
C ASP G 100 1.76 28.24 -38.72
N ASP G 101 2.27 29.20 -37.94
CA ASP G 101 1.98 30.62 -38.03
C ASP G 101 2.74 31.29 -39.16
N GLY G 102 4.06 31.09 -39.23
CA GLY G 102 4.93 32.02 -39.92
C GLY G 102 5.35 33.23 -39.09
N ILE G 103 5.45 33.07 -37.77
CA ILE G 103 5.74 34.16 -36.85
C ILE G 103 6.97 33.85 -36.01
N PHE G 104 6.96 32.70 -35.32
CA PHE G 104 8.12 32.29 -34.54
C PHE G 104 9.39 32.37 -35.38
N ASP G 105 9.35 31.75 -36.57
CA ASP G 105 10.47 31.88 -37.49
C ASP G 105 10.63 33.32 -37.92
N LEU G 106 9.52 34.00 -38.18
CA LEU G 106 9.57 35.41 -38.58
C LEU G 106 10.23 36.24 -37.48
N ILE G 107 9.86 35.98 -36.23
CA ILE G 107 10.48 36.71 -35.12
C ILE G 107 11.98 36.46 -35.11
N ASN G 108 12.40 35.21 -35.26
CA ASN G 108 13.84 34.92 -35.24
C ASN G 108 14.56 35.61 -36.40
N TYR G 109 13.94 35.60 -37.58
CA TYR G 109 14.53 36.29 -38.74
C TYR G 109 14.70 37.77 -38.47
N LEU G 110 13.69 38.42 -37.91
CA LEU G 110 13.84 39.83 -37.55
C LEU G 110 14.87 40.01 -36.45
N LEU G 111 15.03 39.00 -35.58
CA LEU G 111 16.09 39.07 -34.57
C LEU G 111 17.45 39.16 -35.23
N ASN G 112 17.67 38.37 -36.28
CA ASN G 112 18.98 38.31 -36.90
C ASN G 112 19.15 39.29 -38.05
N GLY G 113 18.10 40.06 -38.38
CA GLY G 113 18.21 40.96 -39.51
C GLY G 113 18.39 40.25 -40.84
N THR G 114 18.10 38.95 -40.87
CA THR G 114 18.29 38.15 -42.07
C THR G 114 17.46 38.67 -43.23
N HIS G 115 18.05 38.59 -44.42
CA HIS G 115 17.45 39.02 -45.68
C HIS G 115 16.73 37.86 -46.35
N PHE G 116 15.75 38.21 -47.20
CA PHE G 116 14.83 37.23 -47.77
C PHE G 116 15.55 36.14 -48.55
N ASP G 117 16.68 36.47 -49.20
CA ASP G 117 17.42 35.47 -49.96
C ASP G 117 17.84 34.30 -49.08
N LYS G 118 18.48 34.59 -47.94
CA LYS G 118 18.92 33.53 -47.04
C LYS G 118 17.84 33.23 -46.01
N THR G 119 16.63 32.98 -46.51
CA THR G 119 15.47 32.64 -45.72
C THR G 119 14.92 31.31 -46.24
N HIS G 120 13.98 30.72 -45.49
CA HIS G 120 13.35 29.47 -45.91
C HIS G 120 12.36 29.74 -47.03
N TYR G 121 12.47 30.91 -47.64
CA TYR G 121 11.50 31.45 -48.59
C TYR G 121 12.19 32.01 -49.82
N ASP G 125 7.46 33.76 -56.42
CA ASP G 125 6.00 33.82 -56.45
C ASP G 125 5.50 34.94 -55.53
N TYR G 126 5.98 36.16 -55.77
CA TYR G 126 5.57 37.30 -54.95
C TYR G 126 5.30 38.51 -55.81
N SER G 127 4.74 38.28 -57.00
CA SER G 127 4.54 39.37 -57.95
C SER G 127 3.64 40.45 -57.36
N HIS G 128 2.52 40.02 -56.77
CA HIS G 128 1.55 40.92 -56.14
C HIS G 128 2.03 41.45 -54.80
N LEU G 129 3.34 41.38 -54.53
CA LEU G 129 3.93 41.95 -53.31
C LEU G 129 4.82 43.14 -53.64
N PRO G 130 4.24 44.32 -53.87
CA PRO G 130 5.05 45.49 -54.25
C PRO G 130 6.06 45.89 -53.18
N THR G 131 7.25 46.30 -53.64
CA THR G 131 8.33 46.85 -52.81
C THR G 131 8.65 46.00 -51.58
N LEU G 132 8.43 44.69 -51.71
CA LEU G 132 8.56 43.78 -50.57
C LEU G 132 9.98 43.76 -49.99
N GLU G 133 10.99 43.65 -50.86
CA GLU G 133 12.36 43.43 -50.37
C GLU G 133 12.94 44.63 -49.62
N ARG G 134 12.76 45.85 -50.14
CA ARG G 134 13.40 46.98 -49.48
C ARG G 134 12.84 47.20 -48.08
N ASP G 135 11.51 47.13 -47.94
CA ASP G 135 10.94 47.24 -46.61
C ASP G 135 11.36 46.05 -45.76
N PHE G 136 11.36 44.86 -46.35
CA PHE G 136 11.76 43.66 -45.64
C PHE G 136 13.10 43.84 -44.95
N ASN G 137 14.13 44.15 -45.76
CA ASN G 137 15.48 44.19 -45.19
C ASN G 137 15.69 45.42 -44.31
N THR G 138 15.08 46.57 -44.64
CA THR G 138 15.20 47.71 -43.73
C THR G 138 14.65 47.38 -42.36
N ALA G 139 13.45 46.82 -42.30
CA ALA G 139 12.87 46.44 -41.02
C ALA G 139 13.69 45.35 -40.35
N SER G 140 14.23 44.41 -41.13
CA SER G 140 15.07 43.36 -40.56
C SER G 140 16.28 43.97 -39.85
N ASN G 141 16.94 44.93 -40.49
CA ASN G 141 18.08 45.59 -39.84
C ASN G 141 17.65 46.34 -38.60
N TYR G 142 16.55 47.10 -38.70
CA TYR G 142 16.11 47.91 -37.56
C TYR G 142 15.82 47.04 -36.35
N VAL G 143 15.09 45.95 -36.57
CA VAL G 143 14.81 45.02 -35.50
C VAL G 143 16.10 44.36 -35.03
N SER G 144 17.05 44.14 -35.95
CA SER G 144 18.32 43.53 -35.55
C SER G 144 19.05 44.38 -34.53
N GLU G 145 19.20 45.69 -34.79
CA GLU G 145 19.90 46.49 -33.78
C GLU G 145 19.08 46.59 -32.51
N ASN G 146 17.75 46.73 -32.64
CA ASN G 146 16.93 46.81 -31.44
C ASN G 146 17.11 45.57 -30.59
N TYR G 147 17.16 44.40 -31.23
CA TYR G 147 17.42 43.15 -30.52
C TYR G 147 18.81 43.17 -29.89
N SER G 148 19.81 43.66 -30.63
CA SER G 148 21.16 43.75 -30.08
C SER G 148 21.20 44.61 -28.83
N ILE G 149 20.28 45.58 -28.73
CA ILE G 149 20.26 46.49 -27.57
C ILE G 149 20.21 45.70 -26.28
N ILE G 150 19.49 44.57 -26.29
CA ILE G 150 19.46 43.69 -25.13
C ILE G 150 20.32 42.44 -25.33
N VAL G 151 20.73 42.15 -26.57
CA VAL G 151 21.67 41.05 -26.79
C VAL G 151 22.99 41.34 -26.09
N GLU G 152 23.37 42.61 -26.00
CA GLU G 152 24.66 42.95 -25.41
C GLU G 152 24.76 42.45 -23.97
N GLU G 153 23.69 42.62 -23.18
CA GLU G 153 23.70 42.26 -21.77
C GLU G 153 23.60 40.76 -21.51
N ILE G 154 23.32 39.93 -22.53
CA ILE G 154 22.94 38.55 -22.26
C ILE G 154 24.13 37.77 -21.74
N ASP G 155 23.89 36.95 -20.72
CA ASP G 155 24.87 35.98 -20.27
C ASP G 155 25.21 35.02 -21.39
N LEU G 156 26.41 34.44 -21.32
CA LEU G 156 26.74 33.29 -22.17
C LEU G 156 25.77 32.15 -21.92
N ASN G 157 25.78 31.60 -20.70
CA ASN G 157 24.87 30.52 -20.36
C ASN G 157 23.42 30.99 -20.42
N LYS G 158 23.10 32.08 -19.73
CA LYS G 158 21.76 32.65 -19.79
C LYS G 158 21.66 33.63 -20.96
N SER G 162 15.37 26.95 -22.77
CA SER G 162 14.37 26.82 -23.82
C SER G 162 14.05 28.19 -24.42
N GLU G 163 13.01 28.24 -25.27
CA GLU G 163 12.56 29.48 -25.87
C GLU G 163 11.04 29.52 -25.87
N SER G 164 10.48 30.52 -25.21
CA SER G 164 9.03 30.66 -25.05
C SER G 164 8.60 32.09 -25.32
N ILE G 165 9.09 32.63 -26.44
CA ILE G 165 8.88 34.03 -26.80
C ILE G 165 7.41 34.40 -26.69
N SER G 166 7.13 35.63 -26.26
CA SER G 166 5.76 36.07 -26.11
C SER G 166 5.62 37.50 -26.61
N LEU G 167 4.39 37.89 -26.95
CA LEU G 167 4.12 39.22 -27.49
C LEU G 167 3.00 39.87 -26.70
N LYS G 168 3.09 41.18 -26.54
CA LYS G 168 2.01 41.94 -25.89
C LYS G 168 1.54 43.09 -26.77
N SER G 169 0.23 43.15 -26.98
CA SER G 169 -0.42 44.36 -27.46
C SER G 169 -0.46 45.40 -26.33
N PRO G 170 -0.61 46.69 -26.65
CA PRO G 170 -0.66 47.35 -27.97
C PRO G 170 0.66 48.00 -28.33
N ASP G 171 1.61 47.98 -27.40
CA ASP G 171 2.96 48.40 -27.72
C ASP G 171 3.76 47.29 -28.36
N PHE G 172 3.16 46.09 -28.46
CA PHE G 172 3.65 44.99 -29.28
C PHE G 172 5.10 44.68 -28.88
N THR G 173 5.22 44.21 -27.64
CA THR G 173 6.51 43.99 -27.00
C THR G 173 6.85 42.51 -27.02
N VAL G 174 8.11 42.21 -27.31
CA VAL G 174 8.60 40.85 -27.34
C VAL G 174 9.13 40.47 -25.96
N VAL G 175 9.06 39.18 -25.66
CA VAL G 175 9.36 38.64 -24.33
C VAL G 175 10.19 37.36 -24.52
N LEU G 176 11.33 37.30 -23.83
CA LEU G 176 12.30 36.22 -23.94
C LEU G 176 12.57 35.64 -22.57
N GLU G 177 13.15 34.44 -22.57
CA GLU G 177 13.67 33.83 -21.36
C GLU G 177 14.94 33.08 -21.70
N TYR G 178 15.81 32.92 -20.70
CA TYR G 178 17.07 32.20 -20.87
C TYR G 178 17.54 31.69 -19.51
N PHE G 179 17.94 30.42 -19.46
CA PHE G 179 18.35 29.76 -18.21
C PHE G 179 19.82 29.36 -18.31
N LYS G 180 20.33 28.79 -17.20
CA LYS G 180 21.75 28.49 -17.11
C LYS G 180 22.15 27.36 -18.06
N LYS G 181 21.38 26.27 -18.08
CA LYS G 181 21.77 25.07 -18.80
C LYS G 181 21.96 25.33 -20.30
N VAL G 206 15.38 36.35 -20.30
CA VAL G 206 14.33 36.65 -19.34
C VAL G 206 14.04 38.15 -19.47
N ARG G 207 13.89 38.61 -20.71
CA ARG G 207 13.81 40.06 -20.92
C ARG G 207 12.66 40.42 -21.84
N GLU G 208 12.62 41.68 -22.27
CA GLU G 208 11.53 42.16 -23.09
C GLU G 208 12.04 43.31 -23.95
N LEU G 209 11.22 43.71 -24.92
CA LEU G 209 11.49 44.95 -25.63
C LEU G 209 10.20 45.49 -26.22
N PRO G 210 9.85 46.75 -25.97
CA PRO G 210 8.62 47.31 -26.54
C PRO G 210 8.84 47.75 -27.98
N LEU G 211 8.65 46.81 -28.91
CA LEU G 211 8.99 47.04 -30.31
C LEU G 211 8.31 48.29 -30.87
N LEU G 212 6.99 48.40 -30.71
CA LEU G 212 6.20 49.49 -31.28
C LEU G 212 5.36 50.16 -30.21
N PRO G 213 5.98 50.96 -29.35
CA PRO G 213 5.20 51.67 -28.33
C PRO G 213 4.34 52.79 -28.91
N ILE G 214 3.03 52.57 -28.99
CA ILE G 214 2.09 53.54 -29.52
C ILE G 214 1.12 54.05 -28.46
N MET G 215 1.16 53.51 -27.24
CA MET G 215 0.26 53.96 -26.18
C MET G 215 0.41 55.46 -25.93
N CYS G 216 1.63 55.94 -25.70
CA CYS G 216 1.87 57.36 -25.49
C CYS G 216 3.24 57.70 -26.05
N ARG G 217 3.28 58.67 -26.96
CA ARG G 217 4.53 59.12 -27.57
C ARG G 217 4.44 60.64 -27.72
N GLU G 218 4.92 61.35 -26.70
CA GLU G 218 4.99 62.81 -26.76
C GLU G 218 6.35 63.26 -27.27
N SER G 219 6.80 62.63 -28.35
CA SER G 219 8.06 62.94 -29.00
C SER G 219 7.91 62.86 -30.51
N GLU G 220 6.81 63.41 -31.04
CA GLU G 220 6.48 63.21 -32.44
C GLU G 220 7.56 63.78 -33.35
N ASP G 221 8.07 64.97 -33.01
CA ASP G 221 9.23 65.52 -33.69
C ASP G 221 10.53 65.34 -32.92
N SER G 222 10.46 65.06 -31.61
CA SER G 222 11.68 64.85 -30.84
C SER G 222 12.37 63.56 -31.25
N ILE G 223 11.60 62.52 -31.57
CA ILE G 223 12.19 61.29 -32.10
C ILE G 223 12.63 61.54 -33.54
N SER G 224 13.86 61.11 -33.85
CA SER G 224 14.41 61.37 -35.17
C SER G 224 13.59 60.66 -36.25
N GLU G 225 13.63 61.21 -37.46
CA GLU G 225 12.78 60.69 -38.53
C GLU G 225 13.27 59.35 -39.06
N ASP G 226 14.57 59.07 -38.95
CA ASP G 226 15.06 57.75 -39.37
C ASP G 226 14.50 56.64 -38.49
N ILE G 227 14.46 56.86 -37.17
CA ILE G 227 13.84 55.88 -36.27
C ILE G 227 12.36 55.71 -36.62
N LEU G 228 11.66 56.82 -36.84
CA LEU G 228 10.24 56.78 -37.20
C LEU G 228 10.04 55.98 -38.49
N GLU G 229 10.91 56.20 -39.47
CA GLU G 229 10.81 55.44 -40.71
C GLU G 229 11.09 53.97 -40.46
N GLY G 230 12.01 53.66 -39.53
CA GLY G 230 12.23 52.27 -39.17
C GLY G 230 10.99 51.60 -38.62
N GLU G 231 10.31 52.26 -37.68
CA GLU G 231 9.07 51.68 -37.16
C GLU G 231 8.00 51.59 -38.24
N GLY G 232 7.89 52.62 -39.08
CA GLY G 232 6.90 52.58 -40.14
C GLY G 232 7.16 51.44 -41.11
N ALA G 233 8.44 51.21 -41.44
CA ALA G 233 8.81 50.06 -42.24
C ALA G 233 8.39 48.77 -41.57
N VAL G 234 8.63 48.65 -40.25
CA VAL G 234 8.23 47.43 -39.54
C VAL G 234 6.74 47.21 -39.66
N ILE G 235 5.96 48.24 -39.38
CA ILE G 235 4.50 48.08 -39.32
C ILE G 235 3.94 47.80 -40.71
N GLN G 236 4.44 48.47 -41.75
CA GLN G 236 4.01 48.14 -43.11
C GLN G 236 4.43 46.72 -43.48
N VAL G 237 5.64 46.31 -43.11
CA VAL G 237 6.09 44.95 -43.41
C VAL G 237 5.11 43.94 -42.84
N LEU G 238 4.75 44.11 -41.57
CA LEU G 238 3.81 43.18 -40.97
C LEU G 238 2.44 43.28 -41.64
N LYS G 239 2.02 44.50 -41.99
CA LYS G 239 0.76 44.70 -42.69
C LYS G 239 0.69 43.88 -43.98
N MET G 240 1.71 44.01 -44.82
CA MET G 240 1.73 43.19 -46.03
C MET G 240 1.88 41.72 -45.69
N PHE G 241 2.59 41.39 -44.62
CA PHE G 241 2.75 40.00 -44.23
C PHE G 241 1.38 39.39 -43.96
N MET G 242 0.53 40.13 -43.24
CA MET G 242 -0.83 39.65 -43.00
C MET G 242 -1.60 39.55 -44.31
N LYS G 243 -1.43 40.53 -45.20
CA LYS G 243 -2.12 40.47 -46.48
C LYS G 243 -1.73 39.20 -47.24
N GLY G 244 -0.45 38.85 -47.17
CA GLY G 244 -0.01 37.61 -47.78
C GLY G 244 -0.62 36.41 -47.08
N PHE G 245 -0.62 36.43 -45.74
CA PHE G 245 -1.18 35.31 -45.00
C PHE G 245 -2.63 35.06 -45.41
N LEU G 246 -3.38 36.14 -45.65
CA LEU G 246 -4.79 35.98 -45.98
C LEU G 246 -4.94 35.52 -47.41
N VAL G 247 -4.12 36.07 -48.33
CA VAL G 247 -4.11 35.54 -49.68
C VAL G 247 -3.82 34.05 -49.65
N HIS G 248 -2.93 33.64 -48.74
CA HIS G 248 -2.60 32.22 -48.61
C HIS G 248 -3.81 31.44 -48.15
N LEU G 249 -4.58 32.00 -47.19
CA LEU G 249 -5.77 31.32 -46.71
C LEU G 249 -6.73 31.09 -47.87
N GLY G 250 -6.97 32.14 -48.65
CA GLY G 250 -7.89 32.02 -49.77
C GLY G 250 -7.39 31.07 -50.84
N GLU G 251 -6.08 31.08 -51.08
CA GLU G 251 -5.53 30.28 -52.17
C GLU G 251 -5.80 28.80 -51.97
N ASN G 252 -5.62 28.31 -50.74
CA ASN G 252 -5.83 26.88 -50.47
C ASN G 252 -6.76 26.77 -49.27
N PRO G 253 -7.94 26.19 -49.45
CA PRO G 253 -8.81 25.89 -48.31
C PRO G 253 -8.58 24.46 -47.82
N ASN G 254 -9.00 24.22 -46.58
CA ASN G 254 -8.72 22.96 -45.91
C ASN G 254 -9.99 22.43 -45.26
N SER G 255 -9.99 21.12 -45.03
CA SER G 255 -11.01 20.49 -44.18
C SER G 255 -11.15 21.20 -42.85
N TYR G 256 -10.03 21.64 -42.28
CA TYR G 256 -10.01 22.15 -40.92
C TYR G 256 -10.21 23.67 -40.85
N ASP G 257 -10.65 24.29 -41.95
CA ASP G 257 -10.85 25.74 -41.98
C ASP G 257 -11.87 26.21 -40.95
N ARG G 258 -12.73 25.32 -40.47
CA ARG G 258 -13.75 25.67 -39.49
C ARG G 258 -13.35 25.34 -38.05
N GLN G 259 -12.08 25.04 -37.81
CA GLN G 259 -11.70 24.58 -36.49
C GLN G 259 -10.89 25.57 -35.67
N LEU G 260 -10.31 26.61 -36.29
CA LEU G 260 -9.49 27.57 -35.56
C LEU G 260 -9.78 28.98 -36.05
N THR G 261 -9.13 29.95 -35.38
CA THR G 261 -9.37 31.36 -35.57
C THR G 261 -8.05 32.09 -35.77
N ILE G 262 -8.16 33.37 -36.13
CA ILE G 262 -7.00 34.23 -36.42
C ILE G 262 -6.25 34.56 -35.13
N GLU G 263 -6.78 34.11 -34.00
CA GLU G 263 -6.48 34.65 -32.68
C GLU G 263 -5.03 35.05 -32.40
N LYS G 264 -4.05 34.37 -33.00
CA LYS G 264 -2.66 34.73 -32.75
C LYS G 264 -2.35 36.16 -33.18
N TYR G 265 -2.92 36.61 -34.29
CA TYR G 265 -2.42 37.76 -35.03
C TYR G 265 -3.07 39.06 -34.60
N ARG G 266 -4.04 39.00 -33.68
CA ARG G 266 -4.78 40.16 -33.19
C ARG G 266 -3.86 41.35 -32.89
N PRO G 267 -2.85 41.22 -32.02
CA PRO G 267 -2.10 42.42 -31.60
C PRO G 267 -1.46 43.15 -32.76
N LEU G 268 -1.02 42.41 -33.78
CA LEU G 268 -0.37 43.04 -34.92
C LEU G 268 -1.33 43.99 -35.60
N LEU G 269 -2.55 43.51 -35.86
CA LEU G 269 -3.59 44.36 -36.42
C LEU G 269 -3.82 45.57 -35.51
N ILE G 270 -3.77 45.32 -34.20
CA ILE G 270 -3.91 46.40 -33.24
C ILE G 270 -2.85 47.46 -33.47
N SER G 271 -1.59 47.02 -33.58
CA SER G 271 -0.52 47.99 -33.82
C SER G 271 -0.82 48.81 -35.06
N ILE G 272 -1.39 48.17 -36.08
CA ILE G 272 -1.76 48.87 -37.31
C ILE G 272 -2.62 50.07 -36.96
N ILE G 273 -3.73 49.82 -36.26
CA ILE G 273 -4.69 50.89 -36.00
C ILE G 273 -4.04 51.96 -35.15
N GLY G 274 -3.06 51.58 -34.30
CA GLY G 274 -2.37 52.58 -33.52
C GLY G 274 -1.67 53.59 -34.41
N TYR G 275 -0.97 53.10 -35.43
CA TYR G 275 -0.38 53.99 -36.41
C TYR G 275 -1.46 54.83 -37.08
N GLU G 276 -2.61 54.20 -37.36
CA GLU G 276 -3.71 54.93 -37.96
C GLU G 276 -4.03 56.18 -37.16
N PHE G 277 -4.04 56.06 -35.82
CA PHE G 277 -4.26 57.25 -35.01
C PHE G 277 -3.03 58.15 -34.96
N THR G 278 -1.84 57.56 -35.06
CA THR G 278 -0.59 58.32 -35.01
C THR G 278 0.05 58.44 -36.39
N VAL G 279 -0.78 58.56 -37.43
CA VAL G 279 -0.28 58.67 -38.80
C VAL G 279 0.52 59.97 -38.98
N ASN G 289 -9.56 53.82 -41.13
CA ASN G 289 -9.56 52.47 -41.68
C ASN G 289 -10.77 51.69 -41.15
N HIS G 290 -11.23 50.72 -41.92
CA HIS G 290 -12.24 49.78 -41.45
C HIS G 290 -11.81 48.32 -41.48
N ILE G 291 -11.03 47.91 -42.48
CA ILE G 291 -10.77 46.48 -42.69
C ILE G 291 -9.97 45.91 -41.52
N TYR G 292 -8.76 46.42 -41.31
CA TYR G 292 -7.86 45.84 -40.30
C TYR G 292 -8.46 45.95 -38.91
N TYR G 293 -9.15 47.05 -38.63
CA TYR G 293 -9.80 47.22 -37.34
C TYR G 293 -10.75 46.06 -37.05
N GLN G 294 -11.77 45.90 -37.91
CA GLN G 294 -12.74 44.83 -37.68
C GLN G 294 -12.09 43.45 -37.74
N LEU G 295 -11.03 43.27 -38.52
CA LEU G 295 -10.27 42.03 -38.43
C LEU G 295 -9.73 41.81 -37.02
N ALA G 296 -9.13 42.84 -36.44
CA ALA G 296 -8.63 42.72 -35.07
C ALA G 296 -9.75 42.47 -34.07
N THR G 297 -10.94 43.01 -34.35
CA THR G 297 -12.02 42.99 -33.36
C THR G 297 -12.37 41.57 -32.92
N PHE G 298 -12.12 40.58 -33.76
CA PHE G 298 -12.52 39.20 -33.45
C PHE G 298 -11.32 38.26 -33.58
N ASP G 299 -10.56 38.13 -32.50
CA ASP G 299 -9.51 37.11 -32.49
C ASP G 299 -10.11 35.73 -32.72
N ASN G 300 -11.32 35.49 -32.21
CA ASN G 300 -12.09 34.27 -32.38
C ASN G 300 -12.74 34.14 -33.77
N TYR G 301 -12.40 35.01 -34.71
CA TYR G 301 -13.10 35.00 -35.98
C TYR G 301 -12.64 33.83 -36.85
N PRO G 302 -13.55 33.19 -37.59
CA PRO G 302 -13.19 32.02 -38.40
C PRO G 302 -12.82 32.39 -39.83
N PHE G 303 -12.04 31.50 -40.44
CA PHE G 303 -11.33 31.73 -41.71
C PHE G 303 -12.27 31.94 -42.89
N ASP G 304 -12.97 30.88 -43.27
CA ASP G 304 -13.83 30.93 -44.44
C ASP G 304 -14.93 31.98 -44.34
N LEU G 305 -15.32 32.38 -43.13
CA LEU G 305 -16.16 33.56 -43.01
C LEU G 305 -15.52 34.73 -43.73
N LEU G 306 -14.32 35.13 -43.30
CA LEU G 306 -13.60 36.19 -43.99
C LEU G 306 -13.52 35.89 -45.48
N ARG G 307 -13.28 34.62 -45.83
CA ARG G 307 -13.30 34.23 -47.23
C ARG G 307 -14.61 34.65 -47.91
N PHE G 308 -15.72 34.66 -47.17
CA PHE G 308 -17.00 35.05 -47.73
C PHE G 308 -17.19 36.56 -47.79
N GLN G 309 -17.03 37.23 -46.65
CA GLN G 309 -17.49 38.61 -46.52
C GLN G 309 -16.37 39.62 -46.36
N LEU G 310 -15.31 39.48 -47.16
CA LEU G 310 -14.30 40.52 -47.19
C LEU G 310 -14.87 41.85 -47.69
N GLN G 311 -16.03 41.81 -48.34
CA GLN G 311 -16.50 42.91 -49.18
C GLN G 311 -17.13 44.02 -48.36
N SER G 312 -18.22 43.71 -47.66
CA SER G 312 -19.14 44.70 -47.14
C SER G 312 -18.80 45.17 -45.74
N LEU G 313 -17.54 45.02 -45.33
CA LEU G 313 -17.13 45.28 -43.96
C LEU G 313 -17.06 46.80 -43.72
N ILE G 314 -18.24 47.42 -43.77
CA ILE G 314 -18.36 48.85 -43.57
C ILE G 314 -19.62 49.12 -42.75
N ASP G 315 -19.52 50.05 -41.81
CA ASP G 315 -20.64 50.45 -40.98
C ASP G 315 -21.50 51.49 -41.67
N ILE G 320 -18.06 55.30 -33.20
CA ILE G 320 -18.16 54.08 -33.97
C ILE G 320 -18.01 54.42 -35.44
N LYS G 321 -19.03 55.04 -36.02
CA LYS G 321 -18.83 55.65 -37.33
C LYS G 321 -17.76 56.73 -37.27
N GLU G 322 -17.85 57.62 -36.27
CA GLU G 322 -16.76 58.54 -35.96
C GLU G 322 -16.49 58.72 -34.48
N ARG G 323 -17.47 58.50 -33.60
CA ARG G 323 -17.46 59.09 -32.26
C ARG G 323 -16.80 58.26 -31.16
N ILE G 324 -16.75 56.93 -31.28
CA ILE G 324 -16.13 56.16 -30.19
C ILE G 324 -14.62 56.10 -30.33
N GLU G 325 -14.07 56.48 -31.48
CA GLU G 325 -12.64 56.43 -31.71
C GLU G 325 -11.98 57.80 -31.75
N LYS G 326 -12.75 58.87 -31.98
CA LYS G 326 -12.22 60.22 -31.81
C LYS G 326 -11.71 60.45 -30.39
N ASP G 327 -12.25 59.73 -29.41
CA ASP G 327 -11.94 59.93 -28.00
C ASP G 327 -11.09 58.79 -27.44
N GLY G 328 -10.12 58.34 -28.22
CA GLY G 328 -9.25 57.24 -27.82
C GLY G 328 -9.71 55.91 -28.36
N LEU G 329 -8.81 55.19 -29.02
CA LEU G 329 -9.15 53.88 -29.55
C LEU G 329 -9.31 52.84 -28.46
N PHE G 330 -8.60 53.00 -27.34
CA PHE G 330 -8.50 52.00 -26.29
C PHE G 330 -8.77 52.66 -24.96
N LYS G 331 -8.94 51.84 -23.93
CA LYS G 331 -9.01 52.35 -22.57
C LYS G 331 -7.83 51.80 -21.80
N VAL G 332 -7.43 52.51 -20.75
CA VAL G 332 -6.35 52.06 -19.88
C VAL G 332 -6.90 51.98 -18.46
N ILE G 333 -6.66 50.84 -17.79
CA ILE G 333 -7.09 50.65 -16.41
C ILE G 333 -5.98 49.96 -15.63
N THR G 334 -5.68 50.46 -14.44
CA THR G 334 -4.69 49.84 -13.57
C THR G 334 -5.41 49.30 -12.34
N THR G 335 -5.09 48.07 -11.96
CA THR G 335 -5.63 47.48 -10.73
C THR G 335 -4.55 47.54 -9.64
N THR G 336 -4.91 48.19 -8.54
CA THR G 336 -4.05 48.35 -7.36
C THR G 336 -4.09 47.05 -6.54
N ASN G 337 -3.31 46.08 -6.98
CA ASN G 337 -3.34 44.73 -6.40
C ASN G 337 -2.65 44.67 -5.01
N ALA G 338 -2.31 45.84 -4.45
CA ALA G 338 -1.76 46.00 -3.10
C ALA G 338 -0.32 45.50 -3.00
N ARG G 339 0.19 44.87 -4.04
CA ARG G 339 1.60 44.59 -4.17
C ARG G 339 2.19 45.16 -5.44
N GLY G 340 1.36 45.73 -6.31
CA GLY G 340 1.82 46.36 -7.52
C GLY G 340 0.68 47.05 -8.21
N GLN G 341 0.96 47.56 -9.40
CA GLN G 341 -0.03 48.26 -10.21
C GLN G 341 -0.18 47.51 -11.53
N TYR G 342 -1.07 46.52 -11.58
CA TYR G 342 -1.25 45.80 -12.83
C TYR G 342 -1.98 46.70 -13.82
N GLN G 343 -1.21 47.40 -14.64
CA GLN G 343 -1.76 48.14 -15.77
C GLN G 343 -2.32 47.18 -16.82
N SER G 344 -3.31 47.65 -17.57
CA SER G 344 -3.90 46.84 -18.63
C SER G 344 -4.58 47.75 -19.64
N VAL G 345 -4.59 47.30 -20.89
CA VAL G 345 -5.20 48.02 -22.00
C VAL G 345 -6.43 47.24 -22.42
N LEU G 346 -7.50 47.96 -22.74
CA LEU G 346 -8.82 47.38 -22.94
C LEU G 346 -9.31 47.88 -24.30
N LEU G 347 -9.19 47.08 -25.34
CA LEU G 347 -9.59 47.58 -26.65
C LEU G 347 -11.12 47.63 -26.80
N ARG G 348 -11.59 48.50 -27.68
CA ARG G 348 -12.99 48.57 -28.05
C ARG G 348 -13.14 48.29 -29.54
N GLY G 349 -14.13 47.47 -29.88
CA GLY G 349 -14.35 47.01 -31.23
C GLY G 349 -15.59 47.65 -31.82
N ILE G 350 -15.66 47.60 -33.16
CA ILE G 350 -16.64 48.34 -33.96
C ILE G 350 -18.08 48.05 -33.56
N ASN G 351 -18.34 46.89 -32.96
CA ASN G 351 -19.65 46.69 -32.34
C ASN G 351 -19.90 47.68 -31.21
N GLY G 352 -18.90 48.48 -30.86
CA GLY G 352 -19.00 49.28 -29.67
C GLY G 352 -18.78 48.49 -28.41
N SER G 353 -17.95 47.44 -28.48
CA SER G 353 -17.79 46.57 -27.32
C SER G 353 -16.33 46.56 -26.92
N GLU G 354 -15.97 45.67 -26.01
CA GLU G 354 -14.63 45.69 -25.45
C GLU G 354 -14.04 44.29 -25.42
N SER G 355 -12.70 44.23 -25.37
CA SER G 355 -12.00 43.00 -24.99
C SER G 355 -10.70 43.33 -24.30
N TYR G 356 -10.50 42.68 -23.15
CA TYR G 356 -9.22 42.62 -22.46
C TYR G 356 -8.14 41.98 -23.33
N LEU G 357 -6.94 42.55 -23.30
CA LEU G 357 -5.79 41.96 -23.96
C LEU G 357 -5.11 40.96 -23.03
N ASN G 358 -4.64 39.84 -23.62
CA ASN G 358 -4.18 38.71 -22.84
C ASN G 358 -2.83 38.21 -23.35
N LEU G 359 -2.08 37.60 -22.44
CA LEU G 359 -0.82 36.96 -22.79
C LEU G 359 -1.06 35.78 -23.72
N LYS G 360 -0.02 35.45 -24.51
CA LYS G 360 -0.08 34.25 -25.34
C LYS G 360 1.34 33.69 -25.49
N ARG G 361 1.66 32.72 -24.64
CA ARG G 361 2.96 32.06 -24.70
C ARG G 361 3.09 31.31 -26.03
N TYR G 362 4.29 31.35 -26.61
CA TYR G 362 4.53 30.69 -27.89
C TYR G 362 5.39 29.45 -27.68
N ARG G 363 5.33 28.57 -28.67
CA ARG G 363 6.33 27.52 -28.84
C ARG G 363 6.62 27.43 -30.34
N LYS G 364 7.39 26.43 -30.75
CA LYS G 364 7.49 26.14 -32.17
C LYS G 364 7.80 24.66 -32.32
N PHE G 365 7.01 23.99 -33.16
CA PHE G 365 7.13 22.56 -33.36
C PHE G 365 8.52 22.18 -33.87
N LYS G 366 9.06 21.09 -33.35
CA LYS G 366 10.36 20.59 -33.81
C LYS G 366 10.13 19.93 -35.17
N VAL G 367 10.51 20.64 -36.23
CA VAL G 367 10.24 20.25 -37.61
C VAL G 367 10.64 18.80 -37.85
N ARG G 368 9.89 18.10 -38.69
CA ARG G 368 10.18 16.71 -38.97
C ARG G 368 11.44 16.56 -39.82
N VAL G 369 12.09 15.41 -39.68
CA VAL G 369 13.32 15.13 -40.41
C VAL G 369 13.05 14.84 -41.88
N VAL G 370 11.78 14.72 -42.25
CA VAL G 370 11.33 14.34 -43.59
C VAL G 370 12.09 15.08 -44.68
N GLY G 371 12.40 14.38 -45.76
CA GLY G 371 13.08 14.99 -46.89
C GLY G 371 12.31 14.71 -48.17
N ASN G 372 12.42 15.65 -49.11
CA ASN G 372 11.66 15.54 -50.35
C ASN G 372 12.06 14.30 -51.12
N VAL G 373 11.05 13.53 -51.53
CA VAL G 373 11.30 12.32 -52.33
C VAL G 373 11.93 12.67 -53.67
N ASP G 374 11.38 13.67 -54.37
CA ASP G 374 11.91 14.17 -55.63
C ASP G 374 12.22 13.03 -56.60
N ASN G 375 11.32 12.05 -56.64
CA ASN G 375 11.56 10.83 -57.41
C ASN G 375 11.73 11.14 -58.89
N VAL G 376 12.69 10.49 -59.52
CA VAL G 376 13.01 10.74 -60.92
C VAL G 376 12.83 9.52 -61.81
N ILE G 377 12.74 8.30 -61.25
CA ILE G 377 12.79 7.11 -62.09
C ILE G 377 11.60 7.05 -63.03
N LYS G 378 10.38 7.19 -62.49
CA LYS G 378 9.15 7.22 -63.30
C LYS G 378 9.19 6.09 -64.32
N ASN G 379 9.44 4.89 -63.83
CA ASN G 379 9.70 3.75 -64.71
C ASN G 379 8.42 3.20 -65.30
N ASP G 380 8.54 2.66 -66.52
CA ASP G 380 7.42 1.97 -67.16
C ASP G 380 7.35 0.54 -66.67
N PHE G 381 6.15 -0.05 -66.81
CA PHE G 381 5.89 -1.39 -66.28
C PHE G 381 5.37 -2.35 -67.35
N SER G 382 4.61 -1.84 -68.32
CA SER G 382 4.22 -2.66 -69.46
C SER G 382 5.43 -3.22 -70.20
N SER G 383 6.59 -2.58 -70.08
CA SER G 383 7.79 -3.04 -70.77
C SER G 383 8.19 -4.46 -70.35
N LEU G 384 8.13 -4.75 -69.06
CA LEU G 384 8.50 -6.08 -68.59
C LEU G 384 7.53 -7.13 -69.12
N LYS G 385 8.07 -8.29 -69.48
CA LYS G 385 7.30 -9.33 -70.15
C LYS G 385 6.48 -10.12 -69.11
N LEU G 386 5.58 -9.40 -68.45
CA LEU G 386 4.59 -10.05 -67.60
C LEU G 386 3.69 -10.98 -68.41
N ASP G 387 3.28 -12.08 -67.78
CA ASP G 387 2.71 -13.21 -68.51
C ASP G 387 1.51 -12.80 -69.37
N VAL G 388 0.58 -12.03 -68.80
CA VAL G 388 -0.58 -11.56 -69.57
C VAL G 388 -1.03 -10.18 -69.11
N GLU H 56 -43.53 33.22 -13.33
CA GLU H 56 -42.23 32.91 -13.91
C GLU H 56 -42.33 33.01 -15.43
N ARG H 57 -43.17 33.92 -15.90
CA ARG H 57 -43.33 34.07 -17.34
C ARG H 57 -42.03 34.61 -17.94
N ARG H 58 -41.84 34.36 -19.24
CA ARG H 58 -40.74 34.94 -19.99
C ARG H 58 -41.18 35.16 -21.43
N THR H 59 -40.42 35.99 -22.14
CA THR H 59 -40.69 36.19 -23.55
C THR H 59 -40.44 34.88 -24.31
N PHE H 60 -41.17 34.71 -25.41
CA PHE H 60 -41.02 33.49 -26.19
C PHE H 60 -39.68 33.46 -26.91
N GLY H 61 -39.21 32.25 -27.21
CA GLY H 61 -37.95 32.06 -27.92
C GLY H 61 -36.73 32.58 -27.21
N SER H 62 -36.68 32.48 -25.88
CA SER H 62 -35.63 33.16 -25.14
C SER H 62 -34.40 32.26 -24.98
N TYR H 63 -33.36 32.81 -24.38
CA TYR H 63 -32.18 32.05 -24.01
C TYR H 63 -31.69 32.63 -22.68
N LYS H 64 -30.87 31.88 -21.97
CA LYS H 64 -30.33 32.48 -20.74
C LYS H 64 -28.88 32.04 -20.60
N ILE H 65 -28.13 32.76 -19.77
CA ILE H 65 -26.70 32.55 -19.64
C ILE H 65 -26.36 32.31 -18.18
N GLU H 66 -25.67 31.21 -17.90
CA GLU H 66 -25.38 30.79 -16.54
C GLU H 66 -23.89 30.53 -16.38
N GLU H 67 -23.36 30.86 -15.21
CA GLU H 67 -21.93 30.76 -14.94
C GLU H 67 -21.61 29.54 -14.09
N ILE H 68 -20.48 28.89 -14.41
CA ILE H 68 -19.90 27.82 -13.61
C ILE H 68 -18.39 28.02 -13.64
N THR H 69 -17.74 27.64 -12.54
CA THR H 69 -16.27 27.72 -12.50
C THR H 69 -15.73 26.74 -11.48
N ILE H 70 -14.44 26.47 -11.58
CA ILE H 70 -13.75 25.59 -10.65
C ILE H 70 -13.23 26.39 -9.45
N LYS H 95 -14.86 30.61 -15.14
CA LYS H 95 -16.09 31.39 -15.25
C LYS H 95 -16.78 31.06 -16.56
N ILE H 96 -16.74 29.79 -16.95
CA ILE H 96 -17.36 29.35 -18.19
C ILE H 96 -18.87 29.60 -18.15
N PRO H 97 -19.45 30.21 -19.16
CA PRO H 97 -20.91 30.27 -19.26
C PRO H 97 -21.48 29.14 -20.09
N ILE H 98 -22.77 28.87 -19.86
CA ILE H 98 -23.54 27.93 -20.67
C ILE H 98 -24.83 28.64 -21.04
N LEU H 99 -25.42 28.21 -22.16
CA LEU H 99 -26.65 28.80 -22.65
C LEU H 99 -27.83 27.89 -22.36
N ASP H 100 -28.97 28.51 -22.06
CA ASP H 100 -30.26 27.87 -22.07
C ASP H 100 -30.93 28.16 -23.39
N ASP H 101 -31.39 27.09 -24.04
CA ASP H 101 -31.79 27.03 -25.44
C ASP H 101 -33.17 27.62 -25.67
N GLY H 102 -34.16 27.18 -24.89
CA GLY H 102 -35.54 27.27 -25.33
C GLY H 102 -36.01 26.16 -26.23
N ILE H 103 -35.44 24.95 -26.07
CA ILE H 103 -35.74 23.81 -26.93
C ILE H 103 -36.20 22.61 -26.11
N PHE H 104 -35.42 22.21 -25.10
CA PHE H 104 -35.83 21.12 -24.23
C PHE H 104 -37.25 21.35 -23.73
N ASP H 105 -37.49 22.54 -23.16
CA ASP H 105 -38.83 22.90 -22.75
C ASP H 105 -39.76 22.96 -23.96
N LEU H 106 -39.26 23.52 -25.07
CA LEU H 106 -40.05 23.59 -26.29
C LEU H 106 -40.44 22.20 -26.75
N ILE H 107 -39.48 21.26 -26.72
CA ILE H 107 -39.78 19.89 -27.11
C ILE H 107 -40.89 19.32 -26.21
N ASN H 108 -40.76 19.52 -24.90
CA ASN H 108 -41.79 18.97 -24.01
C ASN H 108 -43.15 19.60 -24.28
N TYR H 109 -43.19 20.91 -24.52
CA TYR H 109 -44.43 21.59 -24.83
C TYR H 109 -45.08 21.01 -26.09
N LEU H 110 -44.28 20.79 -27.15
CA LEU H 110 -44.83 20.15 -28.34
C LEU H 110 -45.23 18.72 -28.05
N LEU H 111 -44.58 18.06 -27.09
CA LEU H 111 -45.00 16.72 -26.70
C LEU H 111 -46.41 16.75 -26.16
N ASN H 112 -46.72 17.74 -25.34
CA ASN H 112 -48.01 17.79 -24.67
C ASN H 112 -49.06 18.56 -25.47
N GLY H 113 -48.69 19.14 -26.60
CA GLY H 113 -49.64 19.96 -27.34
C GLY H 113 -50.07 21.20 -26.60
N THR H 114 -49.33 21.58 -25.57
CA THR H 114 -49.67 22.72 -24.74
C THR H 114 -49.75 24.02 -25.55
N HIS H 115 -50.71 24.86 -25.20
CA HIS H 115 -50.95 26.14 -25.83
C HIS H 115 -50.20 27.25 -25.09
N PHE H 116 -49.94 28.33 -25.83
CA PHE H 116 -49.05 29.39 -25.36
C PHE H 116 -49.53 30.01 -24.04
N ASP H 117 -50.84 30.09 -23.83
CA ASP H 117 -51.36 30.65 -22.58
C ASP H 117 -50.82 29.90 -21.36
N LYS H 118 -50.94 28.57 -21.36
CA LYS H 118 -50.46 27.77 -20.23
C LYS H 118 -49.02 27.34 -20.48
N THR H 119 -48.19 28.32 -20.78
CA THR H 119 -46.76 28.14 -21.02
C THR H 119 -46.01 29.07 -20.06
N HIS H 120 -44.69 28.88 -19.97
CA HIS H 120 -43.86 29.74 -19.13
C HIS H 120 -43.68 31.09 -19.80
N TYR H 121 -44.52 31.39 -20.78
CA TYR H 121 -44.37 32.52 -21.68
C TYR H 121 -45.70 33.25 -21.84
N ASP H 125 -45.55 40.76 -25.40
CA ASP H 125 -44.43 41.36 -26.12
C ASP H 125 -44.08 40.54 -27.36
N TYR H 126 -45.07 40.33 -28.22
CA TYR H 126 -44.86 39.54 -29.44
C TYR H 126 -45.52 40.21 -30.63
N SER H 127 -45.50 41.55 -30.65
CA SER H 127 -46.20 42.29 -31.69
C SER H 127 -45.67 41.92 -33.07
N HIS H 128 -44.34 41.91 -33.21
CA HIS H 128 -43.65 41.58 -34.44
C HIS H 128 -43.67 40.09 -34.75
N LEU H 129 -44.57 39.33 -34.10
CA LEU H 129 -44.73 37.90 -34.37
C LEU H 129 -46.08 37.61 -35.03
N PRO H 130 -46.21 37.84 -36.34
CA PRO H 130 -47.50 37.64 -37.00
C PRO H 130 -47.99 36.21 -36.93
N THR H 131 -49.31 36.07 -36.75
CA THR H 131 -50.05 34.79 -36.77
C THR H 131 -49.41 33.71 -35.90
N LEU H 132 -48.75 34.15 -34.82
CA LEU H 132 -47.98 33.23 -33.97
C LEU H 132 -48.85 32.16 -33.33
N GLU H 133 -50.00 32.55 -32.75
CA GLU H 133 -50.78 31.60 -31.96
C GLU H 133 -51.41 30.49 -32.78
N ARG H 134 -51.99 30.79 -33.94
CA ARG H 134 -52.67 29.73 -34.68
C ARG H 134 -51.70 28.66 -35.15
N ASP H 135 -50.55 29.08 -35.69
CA ASP H 135 -49.55 28.10 -36.07
C ASP H 135 -49.02 27.38 -34.84
N PHE H 136 -48.80 28.13 -33.77
CA PHE H 136 -48.30 27.55 -32.53
C PHE H 136 -49.16 26.36 -32.10
N ASN H 137 -50.45 26.61 -31.89
CA ASN H 137 -51.29 25.56 -31.33
C ASN H 137 -51.58 24.47 -32.36
N THR H 138 -51.72 24.79 -33.65
CA THR H 138 -51.88 23.72 -34.64
C THR H 138 -50.71 22.76 -34.62
N ALA H 139 -49.48 23.31 -34.66
CA ALA H 139 -48.31 22.45 -34.60
C ALA H 139 -48.21 21.72 -33.27
N SER H 140 -48.59 22.38 -32.18
CA SER H 140 -48.60 21.72 -30.87
C SER H 140 -49.49 20.48 -30.89
N ASN H 141 -50.69 20.61 -31.44
CA ASN H 141 -51.60 19.46 -31.52
C ASN H 141 -51.01 18.38 -32.42
N TYR H 142 -50.49 18.77 -33.59
CA TYR H 142 -49.98 17.78 -34.53
C TYR H 142 -48.85 16.97 -33.91
N VAL H 143 -47.92 17.66 -33.26
CA VAL H 143 -46.83 16.97 -32.57
C VAL H 143 -47.38 16.17 -31.42
N SER H 144 -48.46 16.64 -30.78
CA SER H 144 -49.04 15.89 -29.67
C SER H 144 -49.53 14.52 -30.12
N GLU H 145 -50.30 14.45 -31.21
CA GLU H 145 -50.74 13.12 -31.63
C GLU H 145 -49.57 12.30 -32.12
N ASN H 146 -48.63 12.92 -32.84
CA ASN H 146 -47.48 12.16 -33.31
C ASN H 146 -46.73 11.55 -32.13
N TYR H 147 -46.56 12.31 -31.05
CA TYR H 147 -45.95 11.79 -29.83
C TYR H 147 -46.79 10.67 -29.24
N SER H 148 -48.12 10.84 -29.22
CA SER H 148 -48.99 9.80 -28.71
C SER H 148 -48.83 8.49 -29.48
N ILE H 149 -48.45 8.60 -30.75
CA ILE H 149 -48.30 7.42 -31.60
C ILE H 149 -47.36 6.42 -30.94
N ILE H 150 -46.33 6.92 -30.26
CA ILE H 150 -45.43 6.05 -29.50
C ILE H 150 -45.69 6.10 -28.00
N VAL H 151 -46.44 7.11 -27.53
CA VAL H 151 -46.84 7.13 -26.12
C VAL H 151 -47.70 5.92 -25.80
N GLU H 152 -48.48 5.46 -26.78
CA GLU H 152 -49.39 4.34 -26.51
C GLU H 152 -48.63 3.10 -26.04
N GLU H 153 -47.50 2.79 -26.69
CA GLU H 153 -46.74 1.58 -26.39
C GLU H 153 -45.94 1.68 -25.09
N ILE H 154 -45.81 2.84 -24.47
CA ILE H 154 -44.82 3.01 -23.42
C ILE H 154 -45.22 2.20 -22.19
N ASP H 155 -44.25 1.53 -21.59
CA ASP H 155 -44.43 0.91 -20.29
C ASP H 155 -44.80 1.96 -19.26
N LEU H 156 -45.49 1.52 -18.20
CA LEU H 156 -45.65 2.36 -17.02
C LEU H 156 -44.30 2.73 -16.42
N ASN H 157 -43.54 1.73 -15.96
CA ASN H 157 -42.21 1.99 -15.41
C ASN H 157 -41.27 2.54 -16.48
N LYS H 158 -41.17 1.84 -17.61
CA LYS H 158 -40.36 2.34 -18.72
C LYS H 158 -41.20 3.25 -19.61
N SER H 162 -34.23 8.62 -16.44
CA SER H 162 -33.85 9.98 -16.77
C SER H 162 -34.41 10.40 -18.12
N GLU H 163 -33.98 11.57 -18.60
CA GLU H 163 -34.41 12.07 -19.91
C GLU H 163 -33.20 12.67 -20.62
N SER H 164 -32.87 12.12 -21.79
CA SER H 164 -31.71 12.54 -22.56
C SER H 164 -32.07 12.69 -24.03
N ILE H 165 -33.18 13.40 -24.27
CA ILE H 165 -33.74 13.55 -25.61
C ILE H 165 -32.67 13.98 -26.60
N SER H 166 -32.77 13.49 -27.83
CA SER H 166 -31.80 13.83 -28.85
C SER H 166 -32.50 14.06 -30.17
N LEU H 167 -31.82 14.79 -31.07
CA LEU H 167 -32.39 15.15 -32.36
C LEU H 167 -31.41 14.77 -33.46
N LYS H 168 -31.95 14.36 -34.61
CA LYS H 168 -31.13 14.06 -35.77
C LYS H 168 -31.61 14.83 -36.99
N SER H 169 -30.68 15.53 -37.63
CA SER H 169 -30.87 16.00 -39.00
C SER H 169 -30.77 14.82 -39.97
N PRO H 170 -31.33 14.93 -41.18
CA PRO H 170 -32.13 16.01 -41.76
C PRO H 170 -33.61 15.69 -41.74
N ASP H 171 -33.96 14.48 -41.31
CA ASP H 171 -35.35 14.15 -41.08
C ASP H 171 -35.81 14.60 -39.71
N PHE H 172 -34.90 15.15 -38.91
CA PHE H 172 -35.19 15.88 -37.69
C PHE H 172 -36.03 15.00 -36.77
N THR H 173 -35.39 13.92 -36.33
CA THR H 173 -36.05 12.88 -35.56
C THR H 173 -35.71 13.02 -34.09
N VAL H 174 -36.72 12.84 -33.25
CA VAL H 174 -36.57 12.92 -31.81
C VAL H 174 -36.23 11.53 -31.27
N VAL H 175 -35.50 11.52 -30.15
CA VAL H 175 -34.94 10.31 -29.55
C VAL H 175 -35.15 10.37 -28.04
N LEU H 176 -35.75 9.32 -27.50
CA LEU H 176 -36.12 9.21 -26.08
C LEU H 176 -35.49 7.98 -25.47
N GLU H 177 -35.45 7.97 -24.13
CA GLU H 177 -35.09 6.78 -23.38
C GLU H 177 -35.95 6.72 -22.13
N TYR H 178 -36.13 5.50 -21.62
CA TYR H 178 -36.91 5.27 -20.41
C TYR H 178 -36.48 3.96 -19.77
N PHE H 179 -36.26 3.98 -18.46
CA PHE H 179 -35.77 2.82 -17.71
C PHE H 179 -36.81 2.38 -16.70
N LYS H 180 -36.50 1.30 -15.97
CA LYS H 180 -37.46 0.70 -15.06
C LYS H 180 -37.73 1.60 -13.86
N LYS H 181 -36.68 2.11 -13.23
CA LYS H 181 -36.82 2.83 -11.96
C LYS H 181 -37.74 4.04 -12.09
N VAL H 206 -37.03 4.69 -24.89
CA VAL H 206 -35.89 4.20 -25.66
C VAL H 206 -36.32 4.15 -27.11
N ARG H 207 -36.95 5.23 -27.58
CA ARG H 207 -37.58 5.20 -28.89
C ARG H 207 -37.21 6.43 -29.71
N GLU H 208 -37.88 6.60 -30.85
CA GLU H 208 -37.57 7.69 -31.75
C GLU H 208 -38.83 8.04 -32.53
N LEU H 209 -38.77 9.17 -33.23
CA LEU H 209 -39.81 9.46 -34.20
C LEU H 209 -39.26 10.42 -35.26
N PRO H 210 -39.39 10.10 -36.54
CA PRO H 210 -38.89 11.01 -37.59
C PRO H 210 -39.88 12.13 -37.85
N LEU H 211 -39.76 13.21 -37.09
CA LEU H 211 -40.74 14.29 -37.11
C LEU H 211 -40.96 14.84 -38.51
N LEU H 212 -39.88 15.20 -39.21
CA LEU H 212 -39.95 15.84 -40.52
C LEU H 212 -39.08 15.09 -41.52
N PRO H 213 -39.52 13.93 -41.98
CA PRO H 213 -38.75 13.19 -42.99
C PRO H 213 -38.78 13.86 -44.36
N ILE H 214 -37.68 14.49 -44.74
CA ILE H 214 -37.57 15.17 -46.03
C ILE H 214 -36.54 14.52 -46.95
N MET H 215 -35.80 13.52 -46.46
CA MET H 215 -34.81 12.84 -47.30
C MET H 215 -35.43 12.28 -48.57
N CYS H 216 -36.50 11.49 -48.45
CA CYS H 216 -37.18 10.95 -49.62
C CYS H 216 -38.66 10.85 -49.30
N ARG H 217 -39.50 11.46 -50.13
CA ARG H 217 -40.95 11.43 -49.95
C ARG H 217 -41.57 11.32 -51.34
N GLU H 218 -41.79 10.09 -51.79
CA GLU H 218 -42.47 9.85 -53.06
C GLU H 218 -43.97 9.68 -52.83
N SER H 219 -44.55 10.58 -52.05
CA SER H 219 -45.97 10.60 -51.75
C SER H 219 -46.48 12.03 -51.71
N GLU H 220 -46.05 12.85 -52.68
CA GLU H 220 -46.33 14.27 -52.62
C GLU H 220 -47.83 14.56 -52.64
N ASP H 221 -48.58 13.82 -53.47
CA ASP H 221 -50.03 13.87 -53.42
C ASP H 221 -50.65 12.69 -52.70
N SER H 222 -49.90 11.59 -52.51
CA SER H 222 -50.45 10.45 -51.79
C SER H 222 -50.65 10.76 -50.31
N ILE H 223 -49.75 11.57 -49.72
CA ILE H 223 -49.94 12.03 -48.36
C ILE H 223 -51.04 13.09 -48.34
N SER H 224 -51.98 12.96 -47.42
CA SER H 224 -53.11 13.88 -47.37
C SER H 224 -52.63 15.29 -47.08
N GLU H 225 -53.42 16.27 -47.53
CA GLU H 225 -53.01 17.66 -47.42
C GLU H 225 -53.08 18.18 -46.00
N ASP H 226 -53.94 17.62 -45.16
CA ASP H 226 -53.98 18.04 -43.76
C ASP H 226 -52.69 17.67 -43.04
N ILE H 227 -52.16 16.47 -43.26
CA ILE H 227 -50.87 16.10 -42.70
C ILE H 227 -49.77 17.03 -43.20
N LEU H 228 -49.77 17.30 -44.51
CA LEU H 228 -48.78 18.20 -45.09
C LEU H 228 -48.86 19.58 -44.46
N GLU H 229 -50.07 20.08 -44.23
CA GLU H 229 -50.23 21.37 -43.58
C GLU H 229 -49.74 21.30 -42.14
N GLY H 230 -49.94 20.16 -41.48
CA GLY H 230 -49.38 19.99 -40.13
C GLY H 230 -47.87 20.13 -40.11
N GLU H 231 -47.19 19.44 -41.02
CA GLU H 231 -45.73 19.56 -41.07
C GLU H 231 -45.31 20.99 -41.45
N GLY H 232 -46.01 21.59 -42.41
CA GLY H 232 -45.68 22.95 -42.78
C GLY H 232 -45.85 23.92 -41.63
N ALA H 233 -46.92 23.74 -40.85
CA ALA H 233 -47.09 24.53 -39.64
C ALA H 233 -45.92 24.32 -38.68
N VAL H 234 -45.49 23.07 -38.50
CA VAL H 234 -44.36 22.80 -37.61
C VAL H 234 -43.12 23.56 -38.07
N ILE H 235 -42.80 23.44 -39.36
CA ILE H 235 -41.55 24.00 -39.87
C ILE H 235 -41.60 25.52 -39.83
N GLN H 236 -42.74 26.12 -40.19
CA GLN H 236 -42.86 27.57 -40.06
C GLN H 236 -42.77 28.00 -38.60
N VAL H 237 -43.40 27.25 -37.70
CA VAL H 237 -43.34 27.60 -36.28
C VAL H 237 -41.89 27.66 -35.83
N LEU H 238 -41.11 26.64 -36.16
CA LEU H 238 -39.71 26.63 -35.77
C LEU H 238 -38.96 27.78 -36.46
N LYS H 239 -39.28 28.04 -37.73
CA LYS H 239 -38.67 29.14 -38.46
C LYS H 239 -38.83 30.47 -37.74
N MET H 240 -40.07 30.80 -37.38
CA MET H 240 -40.29 32.02 -36.61
C MET H 240 -39.65 31.92 -35.24
N PHE H 241 -39.61 30.73 -34.65
CA PHE H 241 -38.99 30.58 -33.34
C PHE H 241 -37.53 30.99 -33.41
N MET H 242 -36.83 30.56 -34.46
CA MET H 242 -35.45 30.98 -34.66
C MET H 242 -35.37 32.48 -34.89
N LYS H 243 -36.30 33.02 -35.68
CA LYS H 243 -36.28 34.46 -35.91
C LYS H 243 -36.41 35.22 -34.58
N GLY H 244 -37.26 34.71 -33.69
CA GLY H 244 -37.38 35.30 -32.37
C GLY H 244 -36.09 35.14 -31.59
N PHE H 245 -35.50 33.94 -31.63
CA PHE H 245 -34.26 33.69 -30.90
C PHE H 245 -33.18 34.69 -31.32
N LEU H 246 -33.14 35.00 -32.62
CA LEU H 246 -32.09 35.90 -33.11
C LEU H 246 -32.41 37.34 -32.73
N VAL H 247 -33.69 37.73 -32.83
CA VAL H 247 -34.09 39.04 -32.33
C VAL H 247 -33.69 39.16 -30.87
N HIS H 248 -33.83 38.06 -30.12
CA HIS H 248 -33.45 38.07 -28.71
C HIS H 248 -31.96 38.29 -28.57
N LEU H 249 -31.17 37.64 -29.43
CA LEU H 249 -29.72 37.80 -29.37
C LEU H 249 -29.36 39.26 -29.57
N GLY H 250 -29.95 39.88 -30.60
CA GLY H 250 -29.66 41.26 -30.89
C GLY H 250 -30.14 42.20 -29.80
N GLU H 251 -31.30 41.89 -29.20
CA GLU H 251 -31.89 42.79 -28.22
C GLU H 251 -30.97 43.00 -27.03
N ASN H 252 -30.37 41.91 -26.52
CA ASN H 252 -29.50 42.00 -25.36
C ASN H 252 -28.18 41.33 -25.70
N PRO H 253 -27.08 42.07 -25.71
CA PRO H 253 -25.76 41.44 -25.85
C PRO H 253 -25.13 41.18 -24.48
N ASN H 254 -24.16 40.28 -24.48
CA ASN H 254 -23.57 39.78 -23.24
C ASN H 254 -22.05 39.81 -23.36
N SER H 255 -21.40 39.83 -22.19
CA SER H 255 -19.97 39.61 -22.10
C SER H 255 -19.56 38.34 -22.83
N TYR H 256 -20.37 37.30 -22.73
CA TYR H 256 -20.00 35.98 -23.22
C TYR H 256 -20.43 35.72 -24.65
N ASP H 257 -20.84 36.76 -25.38
CA ASP H 257 -21.28 36.60 -26.77
C ASP H 257 -20.21 36.01 -27.67
N ARG H 258 -18.94 36.09 -27.27
CA ARG H 258 -17.84 35.56 -28.06
C ARG H 258 -17.40 34.17 -27.62
N GLN H 259 -18.18 33.48 -26.78
CA GLN H 259 -17.71 32.22 -26.22
C GLN H 259 -18.40 30.99 -26.77
N LEU H 260 -19.56 31.13 -27.42
CA LEU H 260 -20.28 29.97 -27.92
C LEU H 260 -20.86 30.26 -29.30
N THR H 261 -21.49 29.24 -29.88
CA THR H 261 -21.95 29.24 -31.25
C THR H 261 -23.39 28.76 -31.31
N ILE H 262 -24.00 28.89 -32.50
CA ILE H 262 -25.39 28.53 -32.74
C ILE H 262 -25.57 27.01 -32.71
N GLU H 263 -24.46 26.29 -32.57
CA GLU H 263 -24.34 24.88 -32.94
C GLU H 263 -25.53 23.98 -32.66
N LYS H 264 -26.30 24.24 -31.60
CA LYS H 264 -27.46 23.40 -31.29
C LYS H 264 -28.47 23.40 -32.42
N TYR H 265 -28.70 24.55 -33.05
CA TYR H 265 -29.89 24.79 -33.85
C TYR H 265 -29.72 24.44 -35.32
N ARG H 266 -28.52 24.01 -35.72
CA ARG H 266 -28.20 23.67 -37.09
C ARG H 266 -29.28 22.81 -37.75
N PRO H 267 -29.65 21.64 -37.19
CA PRO H 267 -30.55 20.75 -37.94
C PRO H 267 -31.88 21.39 -38.28
N LEU H 268 -32.38 22.27 -37.40
CA LEU H 268 -33.66 22.92 -37.66
C LEU H 268 -33.58 23.75 -38.91
N LEU H 269 -32.52 24.55 -39.04
CA LEU H 269 -32.30 25.32 -40.25
C LEU H 269 -32.20 24.38 -41.44
N ILE H 270 -31.57 23.23 -41.23
CA ILE H 270 -31.47 22.21 -42.27
C ILE H 270 -32.86 21.80 -42.73
N SER H 271 -33.74 21.48 -41.78
CA SER H 271 -35.08 21.09 -42.15
C SER H 271 -35.73 22.17 -43.00
N ILE H 272 -35.46 23.44 -42.66
CA ILE H 272 -35.99 24.56 -43.43
C ILE H 272 -35.64 24.38 -44.90
N ILE H 273 -34.35 24.24 -45.18
CA ILE H 273 -33.92 24.19 -46.57
C ILE H 273 -34.50 22.96 -47.26
N GLY H 274 -34.75 21.90 -46.50
CA GLY H 274 -35.38 20.72 -47.09
C GLY H 274 -36.73 21.06 -47.66
N TYR H 275 -37.54 21.79 -46.89
CA TYR H 275 -38.82 22.27 -47.41
C TYR H 275 -38.59 23.15 -48.61
N GLU H 276 -37.54 23.98 -48.58
CA GLU H 276 -37.22 24.83 -49.70
C GLU H 276 -37.14 24.01 -50.98
N PHE H 277 -36.49 22.83 -50.91
CA PHE H 277 -36.44 21.98 -52.08
C PHE H 277 -37.77 21.28 -52.34
N THR H 278 -38.52 20.99 -51.27
CA THR H 278 -39.81 20.31 -51.38
C THR H 278 -40.98 21.27 -51.18
N VAL H 279 -40.83 22.51 -51.63
CA VAL H 279 -41.88 23.52 -51.49
C VAL H 279 -43.13 23.13 -52.28
N ASN H 289 -33.50 30.22 -51.29
CA ASN H 289 -33.18 30.96 -50.07
C ASN H 289 -31.67 31.11 -49.92
N HIS H 290 -31.23 32.17 -49.24
CA HIS H 290 -29.84 32.32 -48.87
C HIS H 290 -29.60 32.44 -47.37
N ILE H 291 -30.48 33.11 -46.63
CA ILE H 291 -30.20 33.44 -45.24
C ILE H 291 -30.09 32.19 -44.39
N TYR H 292 -31.17 31.41 -44.30
CA TYR H 292 -31.20 30.25 -43.41
C TYR H 292 -30.15 29.22 -43.80
N TYR H 293 -29.94 29.04 -45.10
CA TYR H 293 -28.91 28.13 -45.57
C TYR H 293 -27.56 28.46 -44.97
N GLN H 294 -27.05 29.66 -45.26
CA GLN H 294 -25.74 30.05 -44.74
C GLN H 294 -25.70 30.09 -43.22
N LEU H 295 -26.84 30.39 -42.57
CA LEU H 295 -26.89 30.23 -41.12
C LEU H 295 -26.60 28.79 -40.72
N ALA H 296 -27.25 27.83 -41.37
CA ALA H 296 -27.01 26.42 -41.07
C ALA H 296 -25.57 26.03 -41.37
N THR H 297 -24.96 26.65 -42.38
CA THR H 297 -23.66 26.21 -42.87
C THR H 297 -22.60 26.21 -41.78
N PHE H 298 -22.76 27.05 -40.76
CA PHE H 298 -21.74 27.18 -39.71
C PHE H 298 -22.36 26.98 -38.33
N ASP H 299 -22.43 25.74 -37.89
CA ASP H 299 -22.84 25.50 -36.52
C ASP H 299 -21.91 26.19 -35.54
N ASN H 300 -20.62 26.26 -35.88
CA ASN H 300 -19.57 26.95 -35.13
C ASN H 300 -19.62 28.46 -35.29
N TYR H 301 -20.65 29.02 -35.89
CA TYR H 301 -20.66 30.45 -36.17
C TYR H 301 -20.93 31.25 -34.90
N PRO H 302 -20.26 32.39 -34.73
CA PRO H 302 -20.43 33.19 -33.50
C PRO H 302 -21.49 34.26 -33.64
N PHE H 303 -22.03 34.66 -32.48
CA PHE H 303 -23.23 35.47 -32.34
C PHE H 303 -23.11 36.87 -32.93
N ASP H 304 -22.28 37.69 -32.29
CA ASP H 304 -22.12 39.08 -32.69
C ASP H 304 -21.64 39.23 -34.13
N LEU H 305 -20.95 38.23 -34.68
CA LEU H 305 -20.71 38.25 -36.11
C LEU H 305 -22.03 38.42 -36.86
N LEU H 306 -22.96 37.48 -36.68
CA LEU H 306 -24.28 37.62 -37.29
C LEU H 306 -24.87 38.97 -36.96
N ARG H 307 -24.69 39.43 -35.71
CA ARG H 307 -25.14 40.77 -35.35
C ARG H 307 -24.57 41.82 -36.30
N PHE H 308 -23.36 41.61 -36.81
CA PHE H 308 -22.74 42.55 -37.73
C PHE H 308 -23.24 42.40 -39.16
N GLN H 309 -23.14 41.20 -39.71
CA GLN H 309 -23.28 41.01 -41.15
C GLN H 309 -24.52 40.23 -41.55
N LEU H 310 -25.66 40.56 -40.94
CA LEU H 310 -26.92 39.99 -41.41
C LEU H 310 -27.23 40.43 -42.84
N GLN H 311 -26.56 41.48 -43.31
CA GLN H 311 -27.02 42.22 -44.48
C GLN H 311 -26.61 41.54 -45.79
N SER H 312 -25.30 41.40 -46.01
CA SER H 312 -24.74 41.13 -47.33
C SER H 312 -24.60 39.65 -47.62
N LEU H 313 -25.35 38.80 -46.92
CA LEU H 313 -25.18 37.35 -47.00
C LEU H 313 -25.75 36.84 -48.33
N ILE H 314 -25.10 37.24 -49.40
CA ILE H 314 -25.50 36.86 -50.75
C ILE H 314 -24.25 36.57 -51.57
N ASP H 315 -24.30 35.51 -52.37
CA ASP H 315 -23.20 35.15 -53.25
C ASP H 315 -23.25 35.94 -54.56
N ILE H 320 -23.83 26.25 -56.59
CA ILE H 320 -23.60 27.21 -55.52
C ILE H 320 -24.50 28.40 -55.73
N LYS H 321 -24.20 29.21 -56.74
CA LYS H 321 -25.18 30.21 -57.16
C LYS H 321 -26.46 29.53 -57.64
N GLU H 322 -26.31 28.51 -58.50
CA GLU H 322 -27.43 27.62 -58.84
C GLU H 322 -27.06 26.15 -58.90
N ARG H 323 -25.80 25.79 -59.16
CA ARG H 323 -25.46 24.48 -59.72
C ARG H 323 -25.15 23.38 -58.70
N ILE H 324 -24.70 23.70 -57.48
CA ILE H 324 -24.40 22.62 -56.54
C ILE H 324 -25.64 22.15 -55.81
N GLU H 325 -26.75 22.89 -55.88
CA GLU H 325 -27.96 22.53 -55.18
C GLU H 325 -29.07 22.06 -56.11
N LYS H 326 -29.00 22.37 -57.41
CA LYS H 326 -29.90 21.76 -58.38
C LYS H 326 -29.78 20.24 -58.38
N ASP H 327 -28.62 19.71 -58.01
CA ASP H 327 -28.33 18.29 -58.07
C ASP H 327 -28.29 17.65 -56.68
N GLY H 328 -29.23 18.04 -55.83
CA GLY H 328 -29.29 17.54 -54.46
C GLY H 328 -28.60 18.44 -53.46
N LEU H 329 -29.32 18.80 -52.41
CA LEU H 329 -28.75 19.66 -51.37
C LEU H 329 -27.71 18.92 -50.54
N PHE H 330 -27.86 17.61 -50.40
CA PHE H 330 -27.06 16.81 -49.48
C PHE H 330 -26.53 15.61 -50.22
N LYS H 331 -25.60 14.90 -49.59
CA LYS H 331 -25.15 13.62 -50.10
C LYS H 331 -25.53 12.55 -49.09
N VAL H 332 -25.68 11.32 -49.56
CA VAL H 332 -25.97 10.18 -48.69
C VAL H 332 -24.87 9.14 -48.89
N ILE H 333 -24.30 8.66 -47.79
CA ILE H 333 -23.27 7.62 -47.84
C ILE H 333 -23.54 6.60 -46.74
N THR H 334 -23.46 5.32 -47.08
CA THR H 334 -23.60 4.26 -46.10
C THR H 334 -22.27 3.54 -45.96
N THR H 335 -21.84 3.29 -44.72
CA THR H 335 -20.64 2.52 -44.46
C THR H 335 -21.04 1.09 -44.06
N THR H 336 -20.54 0.12 -44.83
CA THR H 336 -20.76 -1.30 -44.59
C THR H 336 -19.84 -1.78 -43.47
N ASN H 337 -20.25 -1.52 -42.24
CA ASN H 337 -19.42 -1.80 -41.07
C ASN H 337 -19.33 -3.30 -40.74
N ALA H 338 -19.83 -4.15 -41.64
CA ALA H 338 -19.75 -5.61 -41.56
C ALA H 338 -20.64 -6.20 -40.48
N ARG H 339 -21.25 -5.35 -39.66
CA ARG H 339 -22.32 -5.76 -38.76
C ARG H 339 -23.59 -4.95 -38.99
N GLY H 340 -23.53 -3.94 -39.85
CA GLY H 340 -24.70 -3.16 -40.19
C GLY H 340 -24.37 -2.20 -41.31
N GLN H 341 -25.33 -1.34 -41.61
CA GLN H 341 -25.19 -0.34 -42.66
C GLN H 341 -25.34 1.04 -42.03
N TYR H 342 -24.24 1.62 -41.54
CA TYR H 342 -24.36 2.94 -40.95
C TYR H 342 -24.59 3.96 -42.06
N GLN H 343 -25.85 4.26 -42.33
CA GLN H 343 -26.20 5.36 -43.21
C GLN H 343 -25.83 6.70 -42.58
N SER H 344 -25.56 7.68 -43.43
CA SER H 344 -25.22 9.02 -42.96
C SER H 344 -25.49 10.04 -44.06
N VAL H 345 -25.87 11.25 -43.64
CA VAL H 345 -26.16 12.36 -44.53
C VAL H 345 -25.04 13.37 -44.38
N LEU H 346 -24.62 13.96 -45.50
CA LEU H 346 -23.42 14.78 -45.55
C LEU H 346 -23.83 16.09 -46.22
N LEU H 347 -24.07 17.13 -45.41
CA LEU H 347 -24.52 18.38 -46.01
C LEU H 347 -23.39 19.11 -46.74
N ARG H 348 -23.77 19.93 -47.72
CA ARG H 348 -22.83 20.82 -48.39
C ARG H 348 -23.26 22.26 -48.19
N GLY H 349 -22.28 23.11 -47.89
CA GLY H 349 -22.50 24.50 -47.55
C GLY H 349 -22.05 25.41 -48.67
N ILE H 350 -22.56 26.65 -48.64
CA ILE H 350 -22.43 27.63 -49.70
C ILE H 350 -20.99 27.90 -50.11
N ASN H 351 -20.04 27.68 -49.20
CA ASN H 351 -18.64 27.68 -49.63
C ASN H 351 -18.35 26.59 -50.64
N GLY H 352 -19.32 25.73 -50.92
CA GLY H 352 -19.04 24.55 -51.71
C GLY H 352 -18.35 23.48 -50.91
N SER H 353 -18.60 23.41 -49.61
CA SER H 353 -17.86 22.45 -48.78
C SER H 353 -18.85 21.51 -48.13
N GLU H 354 -18.36 20.70 -47.19
CA GLU H 354 -19.20 19.67 -46.62
C GLU H 354 -19.08 19.66 -45.09
N SER H 355 -20.10 19.08 -44.45
CA SER H 355 -19.98 18.70 -43.04
C SER H 355 -20.86 17.48 -42.76
N TYR H 356 -20.24 16.49 -42.12
CA TYR H 356 -20.93 15.36 -41.50
C TYR H 356 -21.91 15.83 -40.42
N LEU H 357 -23.08 15.22 -40.40
CA LEU H 357 -24.06 15.45 -39.35
C LEU H 357 -23.78 14.54 -38.16
N ASN H 358 -23.95 15.07 -36.94
CA ASN H 358 -23.51 14.40 -35.73
C ASN H 358 -24.61 14.40 -34.68
N LEU H 359 -24.55 13.40 -33.81
CA LEU H 359 -25.45 13.31 -32.67
C LEU H 359 -25.19 14.47 -31.70
N LYS H 360 -26.22 14.81 -30.93
CA LYS H 360 -26.06 15.81 -29.87
C LYS H 360 -27.01 15.47 -28.72
N ARG H 361 -26.50 14.76 -27.72
CA ARG H 361 -27.29 14.42 -26.55
C ARG H 361 -27.67 15.68 -25.79
N TYR H 362 -28.89 15.72 -25.29
CA TYR H 362 -29.39 16.88 -24.56
C TYR H 362 -29.47 16.58 -23.07
N ARG H 363 -29.49 17.66 -22.28
CA ARG H 363 -29.94 17.59 -20.90
C ARG H 363 -30.78 18.83 -20.66
N LYS H 364 -31.18 19.08 -19.41
CA LYS H 364 -31.77 20.36 -19.07
C LYS H 364 -31.46 20.65 -17.62
N PHE H 365 -30.92 21.84 -17.35
CA PHE H 365 -30.52 22.23 -16.01
C PHE H 365 -31.71 22.19 -15.05
N LYS H 366 -31.45 21.72 -13.83
CA LYS H 366 -32.48 21.70 -12.80
C LYS H 366 -32.61 23.13 -12.29
N VAL H 367 -33.69 23.80 -12.72
CA VAL H 367 -33.91 25.22 -12.47
C VAL H 367 -33.75 25.53 -10.99
N ARG H 368 -33.23 26.72 -10.68
CA ARG H 368 -33.01 27.11 -9.30
C ARG H 368 -34.34 27.38 -8.59
N VAL H 369 -34.31 27.21 -7.27
CA VAL H 369 -35.49 27.42 -6.45
C VAL H 369 -35.82 28.89 -6.28
N VAL H 370 -34.92 29.77 -6.74
CA VAL H 370 -34.99 31.21 -6.58
C VAL H 370 -36.38 31.76 -6.87
N GLY H 371 -36.82 32.73 -6.09
CA GLY H 371 -38.10 33.36 -6.30
C GLY H 371 -37.94 34.86 -6.38
N ASN H 372 -38.82 35.49 -7.15
CA ASN H 372 -38.72 36.93 -7.37
C ASN H 372 -38.88 37.70 -6.06
N VAL H 373 -37.94 38.61 -5.82
CA VAL H 373 -37.98 39.43 -4.62
C VAL H 373 -39.22 40.33 -4.61
N ASP H 374 -39.49 41.00 -5.74
CA ASP H 374 -40.69 41.82 -5.93
C ASP H 374 -40.89 42.77 -4.75
N ASN H 375 -39.79 43.35 -4.27
CA ASN H 375 -39.82 44.16 -3.06
C ASN H 375 -40.73 45.38 -3.24
N VAL H 376 -41.51 45.67 -2.20
CA VAL H 376 -42.48 46.75 -2.26
C VAL H 376 -42.23 47.84 -1.22
N ILE H 377 -41.41 47.60 -0.20
CA ILE H 377 -41.33 48.54 0.91
C ILE H 377 -40.77 49.88 0.45
N LYS H 378 -39.61 49.86 -0.24
CA LYS H 378 -39.00 51.07 -0.80
C LYS H 378 -39.02 52.18 0.25
N ASN H 379 -38.50 51.86 1.43
CA ASN H 379 -38.64 52.75 2.57
C ASN H 379 -37.64 53.91 2.51
N ASP H 380 -38.06 55.05 3.07
CA ASP H 380 -37.17 56.19 3.19
C ASP H 380 -36.30 56.03 4.42
N PHE H 381 -35.17 56.75 4.42
CA PHE H 381 -34.17 56.63 5.48
C PHE H 381 -33.84 57.98 6.13
N SER H 382 -33.86 59.06 5.35
CA SER H 382 -33.71 60.38 5.93
C SER H 382 -34.77 60.67 6.99
N SER H 383 -35.91 59.98 6.94
CA SER H 383 -36.98 60.20 7.90
C SER H 383 -36.54 59.91 9.33
N LEU H 384 -35.81 58.83 9.54
CA LEU H 384 -35.35 58.50 10.89
C LEU H 384 -34.37 59.56 11.39
N LYS H 385 -34.48 59.88 12.69
CA LYS H 385 -33.73 60.98 13.29
C LYS H 385 -32.30 60.52 13.61
N LEU H 386 -31.58 60.17 12.54
CA LEU H 386 -30.15 59.91 12.65
C LEU H 386 -29.41 61.17 13.09
N ASP H 387 -28.35 60.96 13.89
CA ASP H 387 -27.75 62.06 14.66
C ASP H 387 -27.35 63.23 13.76
N VAL H 388 -26.66 62.95 12.65
CA VAL H 388 -26.27 64.02 11.72
C VAL H 388 -26.28 63.55 10.27
N GLU I 56 -15.04 52.20 -14.44
CA GLU I 56 -15.48 51.24 -13.44
C GLU I 56 -15.94 51.99 -12.20
N ARG I 57 -16.51 53.17 -12.40
CA ARG I 57 -16.96 53.96 -11.27
C ARG I 57 -18.14 53.25 -10.61
N ARG I 58 -18.36 53.55 -9.33
CA ARG I 58 -19.53 53.09 -8.60
C ARG I 58 -19.95 54.13 -7.58
N THR I 59 -21.18 54.02 -7.10
CA THR I 59 -21.62 54.90 -6.03
C THR I 59 -20.81 54.62 -4.76
N PHE I 60 -20.65 55.66 -3.95
CA PHE I 60 -19.87 55.51 -2.72
C PHE I 60 -20.63 54.66 -1.70
N GLY I 61 -19.87 54.03 -0.82
CA GLY I 61 -20.42 53.19 0.23
C GLY I 61 -21.19 51.98 -0.25
N SER I 62 -20.76 51.35 -1.33
CA SER I 62 -21.57 50.34 -1.97
C SER I 62 -21.28 48.96 -1.38
N TYR I 63 -22.03 47.97 -1.83
CA TYR I 63 -21.77 46.58 -1.51
C TYR I 63 -22.11 45.77 -2.76
N LYS I 64 -21.62 44.54 -2.83
CA LYS I 64 -22.02 43.74 -3.99
C LYS I 64 -22.22 42.30 -3.52
N ILE I 65 -22.92 41.51 -4.32
CA ILE I 65 -23.31 40.17 -3.94
C ILE I 65 -22.85 39.19 -5.01
N GLU I 66 -22.10 38.16 -4.59
CA GLU I 66 -21.49 37.23 -5.53
C GLU I 66 -21.85 35.80 -5.13
N GLU I 67 -22.03 34.95 -6.13
CA GLU I 67 -22.48 33.58 -5.92
C GLU I 67 -21.32 32.59 -6.05
N ILE I 68 -21.35 31.57 -5.19
CA ILE I 68 -20.43 30.43 -5.27
C ILE I 68 -21.24 29.20 -4.90
N THR I 69 -20.90 28.06 -5.51
CA THR I 69 -21.57 26.82 -5.15
C THR I 69 -20.67 25.63 -5.49
N ILE I 70 -21.02 24.49 -4.92
CA ILE I 70 -20.30 23.24 -5.17
C ILE I 70 -20.87 22.52 -6.38
N LYS I 95 -25.40 27.52 -3.68
CA LYS I 95 -25.57 28.85 -4.25
C LYS I 95 -25.36 29.91 -3.18
N ILE I 96 -24.39 29.67 -2.31
CA ILE I 96 -24.10 30.60 -1.22
C ILE I 96 -23.66 31.94 -1.80
N PRO I 97 -24.21 33.06 -1.34
CA PRO I 97 -23.69 34.37 -1.69
C PRO I 97 -22.70 34.89 -0.66
N ILE I 98 -21.86 35.81 -1.12
CA ILE I 98 -20.95 36.55 -0.25
C ILE I 98 -21.12 38.03 -0.57
N LEU I 99 -20.80 38.87 0.39
CA LEU I 99 -20.92 40.31 0.24
C LEU I 99 -19.56 40.94 0.01
N ASP I 100 -19.53 41.97 -0.82
CA ASP I 100 -18.44 42.91 -0.91
C ASP I 100 -18.77 44.13 -0.08
N ASP I 101 -17.83 44.48 0.80
CA ASP I 101 -17.99 45.39 1.92
C ASP I 101 -17.99 46.85 1.48
N GLY I 102 -16.97 47.26 0.72
CA GLY I 102 -16.59 48.66 0.67
C GLY I 102 -15.67 49.12 1.78
N ILE I 103 -14.84 48.22 2.30
CA ILE I 103 -13.97 48.49 3.43
C ILE I 103 -12.51 48.21 3.09
N PHE I 104 -12.21 47.00 2.60
CA PHE I 104 -10.85 46.68 2.19
C PHE I 104 -10.31 47.75 1.26
N ASP I 105 -11.08 48.06 0.21
CA ASP I 105 -10.71 49.16 -0.69
C ASP I 105 -10.72 50.47 0.08
N LEU I 106 -11.71 50.67 0.94
CA LEU I 106 -11.77 51.89 1.74
C LEU I 106 -10.54 52.02 2.62
N ILE I 107 -10.13 50.91 3.25
CA ILE I 107 -8.92 50.94 4.07
C ILE I 107 -7.72 51.34 3.22
N ASN I 108 -7.57 50.75 2.03
CA ASN I 108 -6.42 51.10 1.20
C ASN I 108 -6.46 52.56 0.78
N TYR I 109 -7.65 53.07 0.45
CA TYR I 109 -7.78 54.48 0.08
C TYR I 109 -7.37 55.38 1.23
N LEU I 110 -7.81 55.09 2.45
CA LEU I 110 -7.36 55.87 3.60
C LEU I 110 -5.86 55.68 3.83
N LEU I 111 -5.31 54.52 3.47
CA LEU I 111 -3.86 54.33 3.57
C LEU I 111 -3.14 55.33 2.68
N ASN I 112 -3.65 55.55 1.46
CA ASN I 112 -2.95 56.40 0.51
C ASN I 112 -3.40 57.85 0.57
N GLY I 113 -4.38 58.18 1.43
CA GLY I 113 -4.88 59.54 1.45
C GLY I 113 -5.56 59.96 0.18
N THR I 114 -5.92 59.00 -0.66
CA THR I 114 -6.54 59.27 -1.96
C THR I 114 -7.84 60.04 -1.81
N HIS I 115 -8.06 60.96 -2.74
CA HIS I 115 -9.24 61.81 -2.80
C HIS I 115 -10.32 61.17 -3.68
N PHE I 116 -11.57 61.56 -3.42
CA PHE I 116 -12.73 60.91 -4.01
C PHE I 116 -12.69 60.94 -5.54
N ASP I 117 -12.15 62.00 -6.13
CA ASP I 117 -12.07 62.09 -7.59
C ASP I 117 -11.31 60.90 -8.18
N LYS I 118 -10.11 60.62 -7.66
CA LYS I 118 -9.31 59.51 -8.18
C LYS I 118 -9.60 58.24 -7.37
N THR I 119 -10.90 57.93 -7.28
CA THR I 119 -11.41 56.75 -6.60
C THR I 119 -12.26 55.97 -7.59
N HIS I 120 -12.64 54.75 -7.22
CA HIS I 120 -13.49 53.92 -8.07
C HIS I 120 -14.92 54.43 -8.01
N TYR I 121 -15.09 55.65 -7.52
CA TYR I 121 -16.38 56.23 -7.18
C TYR I 121 -16.50 57.65 -7.71
N ASP I 125 -24.02 61.17 -7.71
CA ASP I 125 -25.21 60.68 -7.01
C ASP I 125 -24.99 60.67 -5.51
N TYR I 126 -24.64 61.82 -4.95
CA TYR I 126 -24.39 61.91 -3.51
C TYR I 126 -25.01 63.18 -2.95
N SER I 127 -26.18 63.56 -3.47
CA SER I 127 -26.81 64.82 -3.08
C SER I 127 -27.09 64.82 -1.59
N HIS I 128 -27.69 63.74 -1.09
CA HIS I 128 -28.04 63.57 0.31
C HIS I 128 -26.82 63.29 1.19
N LEU I 129 -25.61 63.57 0.69
CA LEU I 129 -24.37 63.41 1.46
C LEU I 129 -23.75 64.77 1.77
N PRO I 130 -24.25 65.50 2.78
CA PRO I 130 -23.71 66.83 3.08
C PRO I 130 -22.25 66.80 3.45
N THR I 131 -21.52 67.83 2.99
CA THR I 131 -20.11 68.11 3.34
C THR I 131 -19.21 66.87 3.20
N LEU I 132 -19.57 65.98 2.28
CA LEU I 132 -18.88 64.70 2.14
C LEU I 132 -17.40 64.87 1.79
N GLU I 133 -17.09 65.72 0.81
CA GLU I 133 -15.72 65.79 0.28
C GLU I 133 -14.71 66.37 1.28
N ARG I 134 -15.06 67.44 1.99
CA ARG I 134 -14.06 68.04 2.88
C ARG I 134 -13.68 67.08 4.01
N ASP I 135 -14.68 66.44 4.63
CA ASP I 135 -14.35 65.47 5.65
C ASP I 135 -13.62 64.28 5.03
N PHE I 136 -14.06 63.85 3.85
CA PHE I 136 -13.43 62.75 3.16
C PHE I 136 -11.93 62.96 3.04
N ASN I 137 -11.54 64.06 2.40
CA ASN I 137 -10.12 64.25 2.12
C ASN I 137 -9.34 64.61 3.37
N THR I 138 -9.91 65.36 4.31
CA THR I 138 -9.20 65.61 5.56
C THR I 138 -8.86 64.31 6.28
N ALA I 139 -9.85 63.44 6.43
CA ALA I 139 -9.60 62.15 7.08
C ALA I 139 -8.64 61.30 6.25
N SER I 140 -8.74 61.36 4.92
CA SER I 140 -7.81 60.62 4.07
C SER I 140 -6.37 61.05 4.35
N ASN I 141 -6.13 62.35 4.42
CA ASN I 141 -4.78 62.82 4.72
C ASN I 141 -4.34 62.40 6.11
N TYR I 142 -5.23 62.55 7.11
CA TYR I 142 -4.84 62.22 8.48
C TYR I 142 -4.45 60.75 8.59
N VAL I 143 -5.26 59.87 8.01
CA VAL I 143 -4.94 58.46 8.01
C VAL I 143 -3.68 58.22 7.19
N SER I 144 -3.46 59.01 6.14
CA SER I 144 -2.26 58.84 5.33
C SER I 144 -1.00 59.04 6.15
N GLU I 145 -0.92 60.16 6.90
CA GLU I 145 0.31 60.32 7.68
C GLU I 145 0.39 59.28 8.78
N ASN I 146 -0.75 58.95 9.42
CA ASN I 146 -0.71 57.94 10.46
C ASN I 146 -0.16 56.62 9.90
N TYR I 147 -0.60 56.25 8.71
CA TYR I 147 -0.08 55.07 8.03
C TYR I 147 1.41 55.22 7.76
N SER I 148 1.83 56.40 7.29
CA SER I 148 3.25 56.63 7.03
C SER I 148 4.08 56.45 8.29
N ILE I 149 3.48 56.68 9.46
CA ILE I 149 4.21 56.57 10.72
C ILE I 149 4.85 55.20 10.83
N ILE I 150 4.18 54.16 10.32
CA ILE I 150 4.76 52.82 10.29
C ILE I 150 5.23 52.44 8.89
N VAL I 151 4.82 53.17 7.85
CA VAL I 151 5.35 52.93 6.52
C VAL I 151 6.84 53.19 6.49
N GLU I 152 7.32 54.14 7.31
CA GLU I 152 8.73 54.49 7.28
C GLU I 152 9.61 53.28 7.61
N GLU I 153 9.22 52.50 8.62
CA GLU I 153 10.02 51.36 9.08
C GLU I 153 9.96 50.16 8.15
N ILE I 154 9.07 50.13 7.16
CA ILE I 154 8.81 48.87 6.46
C ILE I 154 10.01 48.48 5.62
N ASP I 155 10.34 47.19 5.66
CA ASP I 155 11.31 46.63 4.74
C ASP I 155 10.84 46.81 3.30
N LEU I 156 11.80 46.83 2.38
CA LEU I 156 11.49 46.72 0.96
C LEU I 156 10.75 45.41 0.68
N ASN I 157 11.43 44.28 0.91
CA ASN I 157 10.79 42.98 0.71
C ASN I 157 9.63 42.78 1.66
N LYS I 158 9.87 42.96 2.96
CA LYS I 158 8.80 42.87 3.94
C LYS I 158 8.12 44.24 4.09
N SER I 162 1.42 38.44 1.09
CA SER I 162 -0.02 38.63 0.93
C SER I 162 -0.51 39.81 1.76
N GLU I 163 -1.83 39.98 1.81
CA GLU I 163 -2.45 41.03 2.61
C GLU I 163 -3.67 40.47 3.32
N SER I 164 -3.66 40.52 4.65
CA SER I 164 -4.73 39.96 5.47
C SER I 164 -5.11 40.94 6.57
N ILE I 165 -5.33 42.19 6.18
CA ILE I 165 -5.58 43.29 7.11
C ILE I 165 -6.68 42.90 8.09
N SER I 166 -6.54 43.36 9.33
CA SER I 166 -7.54 43.04 10.36
C SER I 166 -7.81 44.27 11.21
N LEU I 167 -8.96 44.27 11.87
CA LEU I 167 -9.40 45.41 12.67
C LEU I 167 -9.78 44.92 14.06
N LYS I 168 -9.51 45.75 15.07
CA LYS I 168 -9.94 45.44 16.43
C LYS I 168 -10.73 46.58 17.03
N SER I 169 -11.90 46.26 17.56
CA SER I 169 -12.61 47.13 18.48
C SER I 169 -11.89 47.11 19.84
N PRO I 170 -12.10 48.13 20.69
CA PRO I 170 -12.85 49.38 20.51
C PRO I 170 -11.95 50.56 20.21
N ASP I 171 -10.63 50.32 20.25
CA ASP I 171 -9.69 51.33 19.79
C ASP I 171 -9.51 51.28 18.29
N PHE I 172 -10.16 50.31 17.63
CA PHE I 172 -10.32 50.27 16.18
C PHE I 172 -8.95 50.36 15.51
N THR I 173 -8.17 49.30 15.77
CA THR I 173 -6.78 49.25 15.35
C THR I 173 -6.64 48.39 14.11
N VAL I 174 -5.82 48.85 13.17
CA VAL I 174 -5.55 48.13 11.94
C VAL I 174 -4.35 47.21 12.14
N VAL I 175 -4.34 46.12 11.39
CA VAL I 175 -3.37 45.04 11.52
C VAL I 175 -2.92 44.60 10.14
N LEU I 176 -1.60 44.57 9.93
CA LEU I 176 -0.97 44.29 8.65
C LEU I 176 0.00 43.12 8.80
N GLU I 177 0.37 42.53 7.67
CA GLU I 177 1.45 41.56 7.62
C GLU I 177 2.21 41.76 6.31
N TYR I 178 3.48 41.36 6.33
CA TYR I 178 4.34 41.45 5.16
C TYR I 178 5.47 40.43 5.27
N PHE I 179 5.72 39.70 4.20
CA PHE I 179 6.71 38.63 4.17
C PHE I 179 7.81 38.97 3.17
N LYS I 180 8.82 38.09 3.09
CA LYS I 180 9.99 38.37 2.28
C LYS I 180 9.67 38.36 0.79
N LYS I 181 8.95 37.34 0.33
CA LYS I 181 8.74 37.12 -1.10
C LYS I 181 8.05 38.32 -1.76
N VAL I 206 3.66 43.27 9.24
CA VAL I 206 3.39 42.46 10.43
C VAL I 206 3.21 43.44 11.58
N ARG I 207 2.41 44.49 11.35
CA ARG I 207 2.34 45.56 12.34
C ARG I 207 0.90 45.94 12.64
N GLU I 208 0.72 47.05 13.35
CA GLU I 208 -0.60 47.47 13.78
C GLU I 208 -0.59 48.99 13.94
N LEU I 209 -1.78 49.55 14.10
CA LEU I 209 -1.87 50.94 14.52
C LEU I 209 -3.21 51.18 15.20
N PRO I 210 -3.24 51.74 16.41
CA PRO I 210 -4.53 52.02 17.07
C PRO I 210 -5.15 53.30 16.55
N LEU I 211 -5.92 53.18 15.47
CA LEU I 211 -6.45 54.34 14.76
C LEU I 211 -7.22 55.28 15.69
N LEU I 212 -8.17 54.74 16.44
CA LEU I 212 -9.06 55.54 17.29
C LEU I 212 -9.06 55.00 18.72
N PRO I 213 -7.99 55.25 19.48
CA PRO I 213 -7.96 54.78 20.87
C PRO I 213 -8.90 55.57 21.77
N ILE I 214 -10.02 54.96 22.15
CA ILE I 214 -11.01 55.61 23.01
C ILE I 214 -11.13 54.92 24.36
N MET I 215 -10.44 53.79 24.58
CA MET I 215 -10.51 53.09 25.85
C MET I 215 -10.12 54.00 27.02
N CYS I 216 -8.96 54.65 26.93
CA CYS I 216 -8.52 55.58 27.98
C CYS I 216 -7.72 56.68 27.32
N ARG I 217 -8.13 57.93 27.55
CA ARG I 217 -7.43 59.09 27.00
C ARG I 217 -7.46 60.18 28.08
N GLU I 218 -6.43 60.20 28.91
CA GLU I 218 -6.29 61.26 29.91
C GLU I 218 -5.44 62.40 29.37
N SER I 219 -5.77 62.83 28.15
CA SER I 219 -5.09 63.93 27.48
C SER I 219 -6.11 64.77 26.71
N GLU I 220 -7.25 65.04 27.33
CA GLU I 220 -8.36 65.67 26.61
C GLU I 220 -7.97 67.04 26.08
N ASP I 221 -7.25 67.82 26.89
CA ASP I 221 -6.67 69.07 26.43
C ASP I 221 -5.18 68.96 26.12
N SER I 222 -4.50 67.92 26.61
CA SER I 222 -3.08 67.76 26.31
C SER I 222 -2.86 67.40 24.84
N ILE I 223 -3.77 66.61 24.26
CA ILE I 223 -3.71 66.34 22.83
C ILE I 223 -4.16 67.58 22.07
N SER I 224 -3.39 67.96 21.05
CA SER I 224 -3.70 69.18 20.32
C SER I 224 -5.04 69.05 19.60
N GLU I 225 -5.67 70.20 19.37
CA GLU I 225 -7.02 70.20 18.82
C GLU I 225 -7.05 69.82 17.35
N ASP I 226 -5.96 70.06 16.61
CA ASP I 226 -5.91 69.61 15.22
C ASP I 226 -5.95 68.09 15.10
N ILE I 227 -5.20 67.39 15.96
CA ILE I 227 -5.26 65.94 15.99
C ILE I 227 -6.67 65.46 16.34
N LEU I 228 -7.27 66.09 17.36
CA LEU I 228 -8.63 65.75 17.77
C LEU I 228 -9.61 65.93 16.63
N GLU I 229 -9.47 67.03 15.88
CA GLU I 229 -10.33 67.26 14.73
C GLU I 229 -10.08 66.21 13.67
N GLY I 230 -8.83 65.79 13.51
CA GLY I 230 -8.55 64.70 12.57
C GLY I 230 -9.29 63.42 12.92
N GLU I 231 -9.24 63.02 14.19
CA GLU I 231 -9.98 61.82 14.59
C GLU I 231 -11.49 62.03 14.45
N GLY I 232 -11.98 63.21 14.82
CA GLY I 232 -13.40 63.47 14.69
C GLY I 232 -13.85 63.41 13.23
N ALA I 233 -13.02 63.94 12.33
CA ALA I 233 -13.29 63.82 10.90
C ALA I 233 -13.35 62.35 10.51
N VAL I 234 -12.40 61.55 10.98
CA VAL I 234 -12.40 60.12 10.64
C VAL I 234 -13.70 59.46 11.08
N ILE I 235 -14.08 59.69 12.34
CA ILE I 235 -15.24 58.99 12.89
C ILE I 235 -16.53 59.46 12.22
N GLN I 236 -16.66 60.76 11.96
CA GLN I 236 -17.83 61.22 11.20
C GLN I 236 -17.83 60.66 9.79
N VAL I 237 -16.67 60.61 9.14
CA VAL I 237 -16.60 60.05 7.78
C VAL I 237 -17.15 58.64 7.79
N LEU I 238 -16.68 57.82 8.72
CA LEU I 238 -17.17 56.44 8.78
C LEU I 238 -18.66 56.41 9.12
N LYS I 239 -19.10 57.29 10.01
CA LYS I 239 -20.51 57.39 10.36
C LYS I 239 -21.38 57.61 9.14
N MET I 240 -21.04 58.62 8.33
CA MET I 240 -21.80 58.84 7.10
C MET I 240 -21.60 57.68 6.14
N PHE I 241 -20.43 57.06 6.13
CA PHE I 241 -20.20 55.93 5.25
C PHE I 241 -21.20 54.83 5.54
N MET I 242 -21.41 54.55 6.83
CA MET I 242 -22.40 53.55 7.22
C MET I 242 -23.80 54.02 6.82
N LYS I 243 -24.09 55.31 7.00
CA LYS I 243 -25.40 55.80 6.62
C LYS I 243 -25.64 55.57 5.12
N GLY I 244 -24.59 55.78 4.32
CA GLY I 244 -24.70 55.49 2.90
C GLY I 244 -24.88 54.00 2.66
N PHE I 245 -24.10 53.18 3.36
CA PHE I 245 -24.22 51.74 3.18
C PHE I 245 -25.64 51.27 3.43
N LEU I 246 -26.30 51.86 4.44
CA LEU I 246 -27.64 51.42 4.78
C LEU I 246 -28.64 51.95 3.76
N VAL I 247 -28.47 53.21 3.33
CA VAL I 247 -29.29 53.71 2.25
C VAL I 247 -29.16 52.80 1.04
N HIS I 248 -27.95 52.29 0.81
CA HIS I 248 -27.73 51.38 -0.30
C HIS I 248 -28.50 50.09 -0.09
N LEU I 249 -28.52 49.58 1.14
CA LEU I 249 -29.26 48.35 1.44
C LEU I 249 -30.73 48.56 1.11
N GLY I 250 -31.29 49.66 1.57
CA GLY I 250 -32.69 49.94 1.32
C GLY I 250 -32.99 50.16 -0.14
N GLU I 251 -32.08 50.82 -0.85
CA GLU I 251 -32.33 51.18 -2.24
C GLU I 251 -32.56 49.94 -3.10
N ASN I 252 -31.74 48.91 -2.92
CA ASN I 252 -31.86 47.69 -3.71
C ASN I 252 -31.93 46.50 -2.77
N PRO I 253 -33.04 45.77 -2.75
CA PRO I 253 -33.10 44.51 -2.01
C PRO I 253 -32.76 43.33 -2.89
N ASN I 254 -32.40 42.23 -2.25
CA ASN I 254 -31.87 41.06 -2.94
C ASN I 254 -32.57 39.81 -2.44
N SER I 255 -32.54 38.77 -3.27
CA SER I 255 -32.93 37.43 -2.84
C SER I 255 -32.21 37.02 -1.57
N TYR I 256 -30.93 37.38 -1.45
CA TYR I 256 -30.08 36.89 -0.39
C TYR I 256 -30.08 37.79 0.85
N ASP I 257 -31.02 38.74 0.92
CA ASP I 257 -31.07 39.65 2.07
C ASP I 257 -31.25 38.94 3.40
N ARG I 258 -31.76 37.71 3.38
CA ARG I 258 -31.97 36.94 4.59
C ARG I 258 -30.84 35.97 4.91
N GLN I 259 -29.69 36.09 4.25
CA GLN I 259 -28.66 35.09 4.43
C GLN I 259 -27.44 35.57 5.21
N LEU I 260 -27.25 36.87 5.39
CA LEU I 260 -26.08 37.38 6.10
C LEU I 260 -26.48 38.53 7.01
N THR I 261 -25.48 39.02 7.76
CA THR I 261 -25.67 40.01 8.81
C THR I 261 -24.66 41.13 8.66
N ILE I 262 -24.84 42.19 9.46
CA ILE I 262 -24.01 43.39 9.42
C ILE I 262 -22.63 43.09 9.98
N GLU I 263 -22.42 41.87 10.47
CA GLU I 263 -21.36 41.52 11.41
C GLU I 263 -20.00 42.16 11.20
N LYS I 264 -19.62 42.46 9.96
CA LYS I 264 -18.32 43.09 9.72
C LYS I 264 -18.20 44.44 10.41
N TYR I 265 -19.27 45.22 10.42
CA TYR I 265 -19.20 46.66 10.66
C TYR I 265 -19.37 47.01 12.12
N ARG I 266 -19.61 46.03 12.99
CA ARG I 266 -19.83 46.23 14.41
C ARG I 266 -18.81 47.19 15.02
N PRO I 267 -17.50 46.94 14.93
CA PRO I 267 -16.56 47.79 15.69
C PRO I 267 -16.64 49.24 15.33
N LEU I 268 -16.95 49.56 14.07
CA LEU I 268 -17.03 50.95 13.66
C LEU I 268 -18.13 51.66 14.43
N LEU I 269 -19.31 51.02 14.50
CA LEU I 269 -20.40 51.56 15.30
C LEU I 269 -19.95 51.71 16.74
N ILE I 270 -19.17 50.74 17.22
CA ILE I 270 -18.63 50.81 18.57
C ILE I 270 -17.82 52.08 18.74
N SER I 271 -16.90 52.34 17.80
CA SER I 271 -16.09 53.55 17.90
C SER I 271 -17.00 54.77 18.01
N ILE I 272 -18.10 54.76 17.27
CA ILE I 272 -19.06 55.86 17.31
C ILE I 272 -19.45 56.12 18.76
N ILE I 273 -19.96 55.09 19.43
CA ILE I 273 -20.49 55.29 20.77
C ILE I 273 -19.37 55.72 21.70
N GLY I 274 -18.13 55.31 21.42
CA GLY I 274 -17.03 55.76 22.25
C GLY I 274 -16.90 57.27 22.22
N TYR I 275 -16.97 57.85 21.02
CA TYR I 275 -16.99 59.30 20.90
C TYR I 275 -18.19 59.87 21.65
N GLU I 276 -19.33 59.18 21.56
CA GLU I 276 -20.51 59.63 22.28
C GLU I 276 -20.19 59.85 23.75
N PHE I 277 -19.43 58.93 24.36
CA PHE I 277 -19.03 59.13 25.74
C PHE I 277 -17.93 60.18 25.87
N THR I 278 -17.08 60.30 24.86
CA THR I 278 -15.98 61.26 24.88
C THR I 278 -16.25 62.46 23.97
N VAL I 279 -17.51 62.88 23.89
CA VAL I 279 -17.90 64.01 23.05
C VAL I 279 -17.26 65.30 23.54
N ASN I 289 -27.17 58.63 22.46
CA ASN I 289 -27.61 58.06 21.19
C ASN I 289 -28.34 56.74 21.43
N HIS I 290 -29.24 56.38 20.52
CA HIS I 290 -29.87 55.07 20.54
C HIS I 290 -29.66 54.27 19.26
N ILE I 291 -29.65 54.92 18.09
CA ILE I 291 -29.68 54.18 16.83
C ILE I 291 -28.40 53.36 16.65
N TYR I 292 -27.25 54.04 16.58
CA TYR I 292 -26.00 53.36 16.28
C TYR I 292 -25.65 52.32 17.35
N TYR I 293 -25.96 52.63 18.61
CA TYR I 293 -25.72 51.69 19.69
C TYR I 293 -26.41 50.37 19.41
N GLN I 294 -27.75 50.39 19.32
CA GLN I 294 -28.50 49.16 19.08
C GLN I 294 -28.11 48.50 17.76
N LEU I 295 -27.72 49.29 16.74
CA LEU I 295 -27.16 48.68 15.54
C LEU I 295 -25.93 47.85 15.87
N ALA I 296 -25.01 48.41 16.65
CA ALA I 296 -23.82 47.66 17.04
C ALA I 296 -24.16 46.44 17.88
N THR I 297 -25.25 46.52 18.67
CA THR I 297 -25.55 45.48 19.64
C THR I 297 -25.69 44.10 18.99
N PHE I 298 -26.06 44.05 17.71
CA PHE I 298 -26.31 42.78 17.04
C PHE I 298 -25.51 42.68 15.76
N ASP I 299 -24.27 42.20 15.87
CA ASP I 299 -23.51 41.91 14.67
C ASP I 299 -24.24 40.88 13.80
N ASN I 300 -24.94 39.94 14.44
CA ASN I 300 -25.76 38.93 13.80
C ASN I 300 -27.10 39.47 13.28
N TYR I 301 -27.31 40.77 13.28
CA TYR I 301 -28.61 41.30 12.93
C TYR I 301 -28.85 41.23 11.42
N PRO I 302 -30.06 40.91 10.99
CA PRO I 302 -30.35 40.76 9.56
C PRO I 302 -30.85 42.05 8.92
N PHE I 303 -30.65 42.13 7.60
CA PHE I 303 -30.80 43.35 6.80
C PHE I 303 -32.23 43.89 6.76
N ASP I 304 -33.11 43.14 6.11
CA ASP I 304 -34.48 43.58 5.92
C ASP I 304 -35.22 43.80 7.24
N LEU I 305 -34.80 43.16 8.32
CA LEU I 305 -35.31 43.56 9.63
C LEU I 305 -35.12 45.06 9.83
N LEU I 306 -33.85 45.52 9.80
CA LEU I 306 -33.59 46.94 9.89
C LEU I 306 -34.41 47.71 8.87
N ARG I 307 -34.54 47.16 7.67
CA ARG I 307 -35.41 47.78 6.67
C ARG I 307 -36.82 47.99 7.20
N PHE I 308 -37.28 47.09 8.09
CA PHE I 308 -38.62 47.23 8.66
C PHE I 308 -38.67 48.20 9.82
N GLN I 309 -37.82 48.01 10.84
CA GLN I 309 -38.01 48.68 12.11
C GLN I 309 -36.92 49.70 12.43
N LEU I 310 -36.54 50.51 11.44
CA LEU I 310 -35.65 51.62 11.73
C LEU I 310 -36.29 52.62 12.70
N GLN I 311 -37.61 52.55 12.86
CA GLN I 311 -38.39 53.65 13.43
C GLN I 311 -38.33 53.65 14.95
N SER I 312 -38.82 52.57 15.58
CA SER I 312 -39.19 52.57 16.98
C SER I 312 -38.06 52.14 17.89
N LEU I 313 -36.81 52.25 17.43
CA LEU I 313 -35.66 51.72 18.15
C LEU I 313 -35.34 52.63 19.34
N ILE I 314 -36.26 52.63 20.30
CA ILE I 314 -36.13 53.43 21.51
C ILE I 314 -36.64 52.61 22.69
N ASP I 315 -35.93 52.69 23.80
CA ASP I 315 -36.32 52.01 25.03
C ASP I 315 -37.34 52.83 25.81
N ILE I 320 -29.30 51.39 31.43
CA ILE I 320 -29.92 51.02 30.18
C ILE I 320 -30.63 52.22 29.60
N LYS I 321 -31.74 52.63 30.22
CA LYS I 321 -32.30 53.93 29.90
C LYS I 321 -31.31 55.03 30.24
N GLU I 322 -30.72 54.98 31.43
CA GLU I 322 -29.58 55.83 31.79
C GLU I 322 -28.48 55.11 32.57
N ARG I 323 -28.78 54.04 33.29
CA ARG I 323 -27.94 53.60 34.40
C ARG I 323 -26.84 52.60 34.08
N ILE I 324 -26.97 51.79 33.02
CA ILE I 324 -25.90 50.82 32.74
C ILE I 324 -24.77 51.44 31.94
N GLU I 325 -24.97 52.64 31.38
CA GLU I 325 -23.94 53.30 30.59
C GLU I 325 -23.33 54.50 31.27
N LYS I 326 -23.99 55.07 32.29
CA LYS I 326 -23.35 56.08 33.12
C LYS I 326 -22.08 55.54 33.79
N ASP I 327 -22.02 54.23 34.02
CA ASP I 327 -20.92 53.60 34.75
C ASP I 327 -20.01 52.80 33.82
N GLY I 328 -19.71 53.37 32.66
CA GLY I 328 -18.88 52.70 31.67
C GLY I 328 -19.67 51.96 30.62
N LEU I 329 -19.38 52.24 29.35
CA LEU I 329 -20.09 51.55 28.27
C LEU I 329 -19.66 50.10 28.15
N PHE I 330 -18.42 49.78 28.53
CA PHE I 330 -17.83 48.48 28.29
C PHE I 330 -17.21 47.98 29.58
N LYS I 331 -16.81 46.72 29.59
CA LYS I 331 -16.04 46.18 30.69
C LYS I 331 -14.67 45.78 30.16
N VAL I 332 -13.68 45.75 31.03
CA VAL I 332 -12.34 45.31 30.67
C VAL I 332 -11.96 44.15 31.59
N ILE I 333 -11.48 43.05 30.99
CA ILE I 333 -11.03 41.89 31.75
C ILE I 333 -9.74 41.36 31.15
N THR I 334 -8.76 41.07 32.00
CA THR I 334 -7.51 40.48 31.56
C THR I 334 -7.41 39.07 32.12
N THR I 335 -7.04 38.11 31.26
CA THR I 335 -6.81 36.74 31.70
C THR I 335 -5.30 36.51 31.83
N THR I 336 -4.88 36.13 33.03
CA THR I 336 -3.49 35.81 33.37
C THR I 336 -3.16 34.41 32.86
N ASN I 337 -2.87 34.31 31.57
CA ASN I 337 -2.65 33.03 30.91
C ASN I 337 -1.30 32.38 31.26
N ALA I 338 -0.61 32.95 32.25
CA ALA I 338 0.63 32.43 32.82
C ALA I 338 1.83 32.57 31.88
N ARG I 339 1.57 32.99 30.64
CA ARG I 339 2.62 33.42 29.73
C ARG I 339 2.40 34.84 29.24
N GLY I 340 1.27 35.45 29.58
CA GLY I 340 1.00 36.81 29.21
C GLY I 340 -0.28 37.27 29.87
N GLN I 341 -0.70 38.48 29.51
CA GLN I 341 -1.92 39.08 30.05
C GLN I 341 -2.87 39.35 28.89
N TYR I 342 -3.70 38.36 28.53
CA TYR I 342 -4.63 38.60 27.44
C TYR I 342 -5.72 39.55 27.92
N GLN I 343 -5.52 40.85 27.65
CA GLN I 343 -6.56 41.83 27.87
C GLN I 343 -7.71 41.62 26.88
N SER I 344 -8.91 42.03 27.28
CA SER I 344 -10.06 41.93 26.41
C SER I 344 -11.13 42.92 26.86
N VAL I 345 -11.90 43.40 25.89
CA VAL I 345 -12.98 44.35 26.11
C VAL I 345 -14.29 43.61 25.88
N LEU I 346 -15.28 43.89 26.72
CA LEU I 346 -16.51 43.12 26.77
C LEU I 346 -17.66 44.13 26.67
N LEU I 347 -18.24 44.29 25.48
CA LEU I 347 -19.28 45.30 25.36
C LEU I 347 -20.60 44.83 26.00
N ARG I 348 -21.41 45.81 26.40
CA ARG I 348 -22.76 45.54 26.88
C ARG I 348 -23.77 46.24 25.99
N GLY I 349 -24.84 45.51 25.66
CA GLY I 349 -25.85 45.96 24.72
C GLY I 349 -27.14 46.30 25.44
N ILE I 350 -27.98 47.07 24.74
CA ILE I 350 -29.18 47.70 25.30
C ILE I 350 -30.13 46.70 25.94
N ASN I 351 -30.09 45.44 25.52
CA ASN I 351 -30.80 44.42 26.28
C ASN I 351 -30.26 44.28 27.70
N GLY I 352 -29.18 44.98 28.02
CA GLY I 352 -28.50 44.74 29.27
C GLY I 352 -27.66 43.50 29.22
N SER I 353 -27.12 43.15 28.06
CA SER I 353 -26.39 41.89 27.95
C SER I 353 -24.97 42.19 27.49
N GLU I 354 -24.22 41.14 27.15
CA GLU I 354 -22.81 41.34 26.85
C GLU I 354 -22.42 40.59 25.58
N SER I 355 -21.33 41.03 24.96
CA SER I 355 -20.66 40.23 23.94
C SER I 355 -19.16 40.51 23.96
N TYR I 356 -18.39 39.43 23.99
CA TYR I 356 -16.96 39.44 23.73
C TYR I 356 -16.65 39.96 22.32
N LEU I 357 -15.61 40.79 22.22
CA LEU I 357 -15.12 41.26 20.93
C LEU I 357 -14.11 40.26 20.37
N ASN I 358 -14.17 40.04 19.05
CA ASN I 358 -13.44 38.97 18.41
C ASN I 358 -12.68 39.47 17.19
N LEU I 359 -11.60 38.77 16.87
CA LEU I 359 -10.84 39.04 15.66
C LEU I 359 -11.67 38.73 14.42
N LYS I 360 -11.32 39.39 13.31
CA LYS I 360 -11.95 39.09 12.02
C LYS I 360 -10.94 39.34 10.91
N ARG I 361 -10.27 38.27 10.49
CA ARG I 361 -9.31 38.37 9.39
C ARG I 361 -10.04 38.74 8.11
N TYR I 362 -9.42 39.60 7.30
CA TYR I 362 -10.01 40.04 6.05
C TYR I 362 -9.30 39.40 4.87
N ARG I 363 -10.00 39.40 3.74
CA ARG I 363 -9.38 39.18 2.44
C ARG I 363 -10.03 40.17 1.48
N LYS I 364 -9.73 40.06 0.19
CA LYS I 364 -10.50 40.79 -0.81
C LYS I 364 -10.47 40.00 -2.10
N PHE I 365 -11.65 39.77 -2.66
CA PHE I 365 -11.79 38.97 -3.88
C PHE I 365 -10.99 39.57 -5.03
N LYS I 366 -10.35 38.71 -5.81
CA LYS I 366 -9.61 39.16 -6.99
C LYS I 366 -10.64 39.47 -8.07
N VAL I 367 -10.89 40.77 -8.27
CA VAL I 367 -11.95 41.26 -9.14
C VAL I 367 -11.89 40.59 -10.51
N ARG I 368 -13.05 40.37 -11.11
CA ARG I 368 -13.09 39.70 -12.41
C ARG I 368 -12.58 40.63 -13.51
N VAL I 369 -12.07 40.00 -14.57
CA VAL I 369 -11.52 40.74 -15.70
C VAL I 369 -12.62 41.36 -16.55
N VAL I 370 -13.88 41.03 -16.27
CA VAL I 370 -15.05 41.44 -17.03
C VAL I 370 -15.01 42.92 -17.40
N GLY I 371 -15.45 43.25 -18.60
CA GLY I 371 -15.51 44.62 -19.05
C GLY I 371 -16.90 44.95 -19.55
N ASN I 372 -17.28 46.22 -19.40
CA ASN I 372 -18.62 46.63 -19.77
C ASN I 372 -18.86 46.43 -21.27
N VAL I 373 -19.99 45.78 -21.59
CA VAL I 373 -20.33 45.56 -22.98
C VAL I 373 -20.58 46.88 -23.70
N ASP I 374 -21.36 47.77 -23.08
CA ASP I 374 -21.61 49.12 -23.61
C ASP I 374 -22.02 49.07 -25.09
N ASN I 375 -22.85 48.09 -25.42
CA ASN I 375 -23.21 47.84 -26.81
C ASN I 375 -23.93 49.05 -27.42
N VAL I 376 -23.56 49.37 -28.66
CA VAL I 376 -24.09 50.54 -29.33
C VAL I 376 -24.86 50.20 -30.61
N ILE I 377 -24.71 48.99 -31.17
CA ILE I 377 -25.27 48.74 -32.50
C ILE I 377 -26.78 48.83 -32.49
N LYS I 378 -27.44 48.12 -31.57
CA LYS I 378 -28.89 48.18 -31.40
C LYS I 378 -29.56 48.07 -32.78
N ASN I 379 -29.18 47.03 -33.52
CA ASN I 379 -29.57 46.92 -34.91
C ASN I 379 -31.01 46.43 -35.05
N ASP I 380 -31.66 46.88 -36.13
CA ASP I 380 -32.99 46.39 -36.45
C ASP I 380 -32.88 45.08 -37.22
N PHE I 381 -33.98 44.31 -37.19
CA PHE I 381 -34.00 42.97 -37.78
C PHE I 381 -35.13 42.80 -38.79
N SER I 382 -36.26 43.46 -38.57
CA SER I 382 -37.31 43.47 -39.59
C SER I 382 -36.82 44.02 -40.93
N SER I 383 -35.75 44.82 -40.92
CA SER I 383 -35.23 45.41 -42.15
C SER I 383 -34.77 44.34 -43.14
N LEU I 384 -34.09 43.30 -42.67
CA LEU I 384 -33.63 42.25 -43.56
C LEU I 384 -34.81 41.50 -44.17
N LYS I 385 -34.68 41.15 -45.44
CA LYS I 385 -35.79 40.56 -46.21
C LYS I 385 -35.90 39.06 -45.88
N LEU I 386 -36.20 38.79 -44.62
CA LEU I 386 -36.55 37.44 -44.19
C LEU I 386 -37.82 36.98 -44.90
N ASP I 387 -37.88 35.68 -45.20
CA ASP I 387 -38.87 35.16 -46.15
C ASP I 387 -40.29 35.51 -45.74
N VAL I 388 -40.66 35.32 -44.47
CA VAL I 388 -41.99 35.67 -44.01
C VAL I 388 -41.98 36.16 -42.55
N GLU J 56 -40.15 14.20 36.92
CA GLU J 56 -39.47 14.85 35.80
C GLU J 56 -40.42 15.84 35.14
N ARG J 57 -41.30 16.43 35.94
CA ARG J 57 -42.25 17.38 35.37
C ARG J 57 -41.50 18.61 34.88
N ARG J 58 -42.13 19.33 33.95
CA ARG J 58 -41.64 20.62 33.49
C ARG J 58 -42.80 21.52 33.10
N THR J 59 -42.54 22.81 33.01
CA THR J 59 -43.57 23.73 32.55
C THR J 59 -43.92 23.42 31.10
N PHE J 60 -45.16 23.70 30.72
CA PHE J 60 -45.59 23.42 29.36
C PHE J 60 -44.94 24.38 28.37
N GLY J 61 -44.83 23.93 27.13
CA GLY J 61 -44.25 24.72 26.06
C GLY J 61 -42.80 25.10 26.24
N SER J 62 -41.99 24.21 26.84
CA SER J 62 -40.66 24.60 27.26
C SER J 62 -39.65 24.37 26.13
N TYR J 63 -38.41 24.77 26.37
CA TYR J 63 -37.30 24.46 25.48
C TYR J 63 -36.09 24.22 26.36
N LYS J 64 -35.06 23.58 25.82
CA LYS J 64 -33.86 23.41 26.65
C LYS J 64 -32.64 23.58 25.75
N ILE J 65 -31.50 23.84 26.36
CA ILE J 65 -30.28 24.16 25.63
C ILE J 65 -29.18 23.21 26.06
N GLU J 66 -28.55 22.55 25.09
CA GLU J 66 -27.56 21.52 25.36
C GLU J 66 -26.28 21.82 24.58
N GLU J 67 -25.15 21.51 25.19
CA GLU J 67 -23.84 21.82 24.62
C GLU J 67 -23.19 20.57 24.02
N ILE J 68 -22.52 20.78 22.88
CA ILE J 68 -21.68 19.77 22.24
C ILE J 68 -20.45 20.49 21.70
N THR J 69 -19.31 19.81 21.70
CA THR J 69 -18.11 20.40 21.12
C THR J 69 -17.15 19.29 20.69
N ILE J 70 -16.19 19.67 19.86
CA ILE J 70 -15.15 18.76 19.39
C ILE J 70 -13.98 18.75 20.35
N LYS J 95 -18.26 24.56 21.24
CA LYS J 95 -19.25 24.68 22.29
C LYS J 95 -20.60 25.01 21.69
N ILE J 96 -20.90 24.40 20.55
CA ILE J 96 -22.17 24.67 19.86
C ILE J 96 -23.32 24.22 20.74
N PRO J 97 -24.35 25.05 20.93
CA PRO J 97 -25.57 24.59 21.58
C PRO J 97 -26.62 24.14 20.58
N ILE J 98 -27.55 23.31 21.08
CA ILE J 98 -28.72 22.89 20.33
C ILE J 98 -29.92 23.11 21.23
N LEU J 99 -31.08 23.29 20.59
CA LEU J 99 -32.31 23.53 21.31
C LEU J 99 -33.18 22.28 21.34
N ASP J 100 -33.86 22.07 22.46
CA ASP J 100 -34.97 21.15 22.56
C ASP J 100 -36.27 21.93 22.40
N ASP J 101 -37.10 21.44 21.48
CA ASP J 101 -38.24 22.12 20.89
C ASP J 101 -39.44 22.14 21.83
N GLY J 102 -39.83 20.97 22.34
CA GLY J 102 -41.19 20.78 22.81
C GLY J 102 -42.19 20.41 21.74
N ILE J 103 -41.74 19.71 20.68
CA ILE J 103 -42.57 19.36 19.53
C ILE J 103 -42.58 17.86 19.29
N PHE J 104 -41.39 17.25 19.18
CA PHE J 104 -41.31 15.81 19.01
C PHE J 104 -42.14 15.11 20.06
N ASP J 105 -41.89 15.46 21.33
CA ASP J 105 -42.71 14.93 22.41
C ASP J 105 -44.16 15.38 22.25
N LEU J 106 -44.36 16.65 21.86
CA LEU J 106 -45.71 17.16 21.64
C LEU J 106 -46.41 16.36 20.55
N ILE J 107 -45.70 16.07 19.47
CA ILE J 107 -46.28 15.28 18.40
C ILE J 107 -46.69 13.91 18.94
N ASN J 108 -45.81 13.26 19.70
CA ASN J 108 -46.17 11.93 20.21
C ASN J 108 -47.37 12.00 21.15
N TYR J 109 -47.44 13.03 21.99
CA TYR J 109 -48.57 13.21 22.89
C TYR J 109 -49.87 13.37 22.11
N LEU J 110 -49.86 14.19 21.05
CA LEU J 110 -51.06 14.29 20.22
C LEU J 110 -51.34 12.99 19.49
N LEU J 111 -50.30 12.19 19.21
CA LEU J 111 -50.52 10.88 18.61
C LEU J 111 -51.34 10.01 19.54
N ASN J 112 -51.03 10.05 20.83
CA ASN J 112 -51.68 9.17 21.79
C ASN J 112 -52.93 9.79 22.42
N GLY J 113 -53.25 11.04 22.09
CA GLY J 113 -54.38 11.69 22.74
C GLY J 113 -54.19 11.90 24.21
N THR J 114 -52.95 11.80 24.70
CA THR J 114 -52.66 11.92 26.11
C THR J 114 -53.07 13.28 26.67
N HIS J 115 -53.57 13.25 27.90
CA HIS J 115 -54.04 14.42 28.62
C HIS J 115 -52.90 15.00 29.48
N PHE J 116 -53.03 16.30 29.77
CA PHE J 116 -51.95 17.06 30.39
C PHE J 116 -51.52 16.47 31.73
N ASP J 117 -52.44 15.88 32.49
CA ASP J 117 -52.08 15.28 33.77
C ASP J 117 -51.01 14.21 33.61
N LYS J 118 -51.22 13.27 32.70
CA LYS J 118 -50.24 12.20 32.48
C LYS J 118 -49.25 12.60 31.39
N THR J 119 -48.67 13.78 31.58
CA THR J 119 -47.67 14.35 30.69
C THR J 119 -46.42 14.67 31.51
N HIS J 120 -45.32 15.00 30.83
CA HIS J 120 -44.10 15.36 31.52
C HIS J 120 -44.22 16.77 32.09
N TYR J 121 -45.45 17.26 32.18
CA TYR J 121 -45.75 18.65 32.48
C TYR J 121 -46.87 18.74 33.52
N ASP J 125 -48.18 26.12 37.11
CA ASP J 125 -47.65 27.41 36.68
C ASP J 125 -48.16 27.76 35.29
N TYR J 126 -49.48 27.79 35.13
CA TYR J 126 -50.08 28.10 33.83
C TYR J 126 -51.26 29.05 34.01
N SER J 127 -51.14 29.98 34.96
CA SER J 127 -52.25 30.86 35.29
C SER J 127 -52.66 31.68 34.06
N HIS J 128 -51.67 32.27 33.39
CA HIS J 128 -51.86 33.09 32.21
C HIS J 128 -52.17 32.26 30.97
N LEU J 129 -52.59 30.99 31.15
CA LEU J 129 -52.99 30.13 30.04
C LEU J 129 -54.49 29.84 30.10
N PRO J 130 -55.34 30.77 29.64
CA PRO J 130 -56.79 30.56 29.74
C PRO J 130 -57.26 29.35 28.94
N THR J 131 -58.24 28.64 29.52
CA THR J 131 -58.95 27.50 28.91
C THR J 131 -58.01 26.47 28.28
N LEU J 132 -56.82 26.33 28.86
CA LEU J 132 -55.78 25.48 28.29
C LEU J 132 -56.20 24.02 28.22
N GLU J 133 -56.75 23.48 29.31
CA GLU J 133 -57.00 22.03 29.38
C GLU J 133 -58.09 21.56 28.43
N ARG J 134 -59.21 22.27 28.31
CA ARG J 134 -60.28 21.76 27.46
C ARG J 134 -59.86 21.70 26.00
N ASP J 135 -59.21 22.77 25.52
CA ASP J 135 -58.71 22.73 24.15
C ASP J 135 -57.62 21.67 24.02
N PHE J 136 -56.75 21.58 25.04
CA PHE J 136 -55.68 20.61 25.02
C PHE J 136 -56.21 19.21 24.75
N ASN J 137 -57.13 18.75 25.62
CA ASN J 137 -57.57 17.36 25.52
C ASN J 137 -58.48 17.16 24.31
N THR J 138 -59.32 18.13 23.95
CA THR J 138 -60.13 17.97 22.73
C THR J 138 -59.23 17.76 21.51
N ALA J 139 -58.23 18.62 21.34
CA ALA J 139 -57.32 18.45 20.22
C ALA J 139 -56.53 17.15 20.34
N SER J 140 -56.14 16.77 21.55
CA SER J 140 -55.44 15.50 21.74
C SER J 140 -56.27 14.34 21.23
N ASN J 141 -57.56 14.31 21.58
CA ASN J 141 -58.43 13.24 21.09
C ASN J 141 -58.58 13.29 19.58
N TYR J 142 -58.80 14.49 19.03
CA TYR J 142 -59.03 14.61 17.59
C TYR J 142 -57.81 14.10 16.82
N VAL J 143 -56.62 14.51 17.24
CA VAL J 143 -55.41 14.04 16.60
C VAL J 143 -55.24 12.55 16.85
N SER J 144 -55.70 12.05 18.00
CA SER J 144 -55.59 10.63 18.29
C SER J 144 -56.36 9.81 17.28
N GLU J 145 -57.63 10.15 17.02
CA GLU J 145 -58.34 9.34 16.02
C GLU J 145 -57.75 9.54 14.64
N ASN J 146 -57.35 10.77 14.31
CA ASN J 146 -56.76 10.99 12.99
C ASN J 146 -55.52 10.12 12.82
N TYR J 147 -54.69 10.03 13.86
CA TYR J 147 -53.54 9.14 13.84
C TYR J 147 -53.96 7.69 13.70
N SER J 148 -55.01 7.28 14.42
CA SER J 148 -55.50 5.91 14.31
C SER J 148 -55.93 5.59 12.89
N ILE J 149 -56.36 6.60 12.14
CA ILE J 149 -56.83 6.39 10.77
C ILE J 149 -55.77 5.67 9.95
N ILE J 150 -54.49 5.96 10.22
CA ILE J 150 -53.40 5.24 9.57
C ILE J 150 -52.73 4.25 10.50
N VAL J 151 -52.98 4.34 11.81
CA VAL J 151 -52.48 3.31 12.73
C VAL J 151 -53.09 1.96 12.39
N GLU J 152 -54.33 1.96 11.91
CA GLU J 152 -55.00 0.69 11.64
C GLU J 152 -54.22 -0.15 10.62
N GLU J 153 -53.71 0.48 9.56
CA GLU J 153 -53.03 -0.23 8.49
C GLU J 153 -51.61 -0.68 8.86
N ILE J 154 -51.05 -0.24 9.98
CA ILE J 154 -49.61 -0.41 10.20
C ILE J 154 -49.30 -1.88 10.43
N ASP J 155 -48.21 -2.33 9.80
CA ASP J 155 -47.66 -3.65 10.10
C ASP J 155 -47.26 -3.72 11.58
N LEU J 156 -47.24 -4.95 12.10
CA LEU J 156 -46.61 -5.19 13.39
C LEU J 156 -45.15 -4.78 13.37
N ASN J 157 -44.34 -5.47 12.53
CA ASN J 157 -42.93 -5.12 12.42
C ASN J 157 -42.75 -3.73 11.84
N LYS J 158 -43.38 -3.45 10.71
CA LYS J 158 -43.34 -2.10 10.14
C LYS J 158 -44.46 -1.24 10.72
N SER J 162 -36.52 3.06 13.16
CA SER J 162 -36.29 4.34 13.82
C SER J 162 -37.50 5.26 13.68
N GLU J 163 -37.33 6.51 14.10
CA GLU J 163 -38.40 7.51 13.98
C GLU J 163 -37.79 8.83 13.51
N SER J 164 -38.25 9.31 12.36
CA SER J 164 -37.72 10.53 11.75
C SER J 164 -38.86 11.41 11.26
N ILE J 165 -39.84 11.62 12.16
CA ILE J 165 -41.05 12.35 11.83
C ILE J 165 -40.74 13.68 11.16
N SER J 166 -41.57 14.08 10.19
CA SER J 166 -41.34 15.32 9.48
C SER J 166 -42.67 16.06 9.29
N LEU J 167 -42.58 17.36 9.05
CA LEU J 167 -43.76 18.20 8.91
C LEU J 167 -43.65 19.00 7.63
N LYS J 168 -44.79 19.24 6.98
CA LYS J 168 -44.82 20.09 5.80
C LYS J 168 -45.86 21.18 5.94
N SER J 169 -45.43 22.43 5.71
CA SER J 169 -46.34 23.53 5.44
C SER J 169 -46.92 23.37 4.04
N PRO J 170 -48.07 24.00 3.74
CA PRO J 170 -48.97 24.79 4.59
C PRO J 170 -50.18 23.99 5.02
N ASP J 171 -50.30 22.77 4.51
CA ASP J 171 -51.33 21.87 5.01
C ASP J 171 -50.86 21.14 6.26
N PHE J 172 -49.60 21.36 6.66
CA PHE J 172 -49.07 20.97 7.96
C PHE J 172 -49.29 19.47 8.17
N THR J 173 -48.60 18.71 7.32
CA THR J 173 -48.78 17.27 7.24
C THR J 173 -47.63 16.57 7.96
N VAL J 174 -47.98 15.53 8.70
CA VAL J 174 -47.01 14.73 9.44
C VAL J 174 -46.54 13.59 8.55
N VAL J 175 -45.30 13.16 8.79
CA VAL J 175 -44.60 12.18 7.96
C VAL J 175 -43.88 11.19 8.88
N LEU J 176 -44.13 9.90 8.66
CA LEU J 176 -43.62 8.81 9.48
C LEU J 176 -42.85 7.82 8.61
N GLU J 177 -42.05 6.99 9.27
CA GLU J 177 -41.42 5.85 8.63
C GLU J 177 -41.39 4.70 9.61
N TYR J 178 -41.34 3.47 9.06
CA TYR J 178 -41.28 2.26 9.87
C TYR J 178 -40.67 1.14 9.04
N PHE J 179 -39.72 0.41 9.63
CA PHE J 179 -38.99 -0.65 8.95
C PHE J 179 -39.28 -1.99 9.62
N LYS J 180 -38.70 -3.05 9.06
CA LYS J 180 -39.00 -4.40 9.52
C LYS J 180 -38.44 -4.66 10.92
N LYS J 181 -37.18 -4.30 11.15
CA LYS J 181 -36.49 -4.66 12.39
C LYS J 181 -37.20 -4.11 13.62
N VAL J 206 -44.04 4.64 7.19
CA VAL J 206 -43.61 5.23 5.93
C VAL J 206 -44.81 5.95 5.34
N ARG J 207 -45.50 6.72 6.17
CA ARG J 207 -46.78 7.29 5.74
C ARG J 207 -46.85 8.77 6.06
N GLU J 208 -48.04 9.35 5.90
CA GLU J 208 -48.22 10.78 6.10
C GLU J 208 -49.67 11.02 6.51
N LEU J 209 -49.93 12.25 6.94
CA LEU J 209 -51.31 12.67 7.13
C LEU J 209 -51.41 14.18 7.04
N PRO J 210 -52.29 14.73 6.20
CA PRO J 210 -52.41 16.19 6.10
C PRO J 210 -53.28 16.73 7.23
N LEU J 211 -52.64 17.03 8.37
CA LEU J 211 -53.35 17.40 9.58
C LEU J 211 -54.30 18.57 9.36
N LEU J 212 -53.79 19.67 8.78
CA LEU J 212 -54.57 20.89 8.60
C LEU J 212 -54.52 21.35 7.16
N PRO J 213 -55.25 20.69 6.26
CA PRO J 213 -55.26 21.11 4.85
C PRO J 213 -56.03 22.42 4.65
N ILE J 214 -55.31 23.52 4.42
CA ILE J 214 -55.92 24.82 4.21
C ILE J 214 -55.67 25.36 2.81
N MET J 215 -54.87 24.64 1.99
CA MET J 215 -54.62 25.09 0.61
C MET J 215 -55.91 25.28 -0.17
N CYS J 216 -56.78 24.26 -0.20
CA CYS J 216 -58.05 24.37 -0.90
C CYS J 216 -59.07 23.52 -0.15
N ARG J 217 -60.18 24.15 0.25
CA ARG J 217 -61.25 23.47 0.97
C ARG J 217 -62.57 24.02 0.45
N GLU J 218 -63.11 23.38 -0.58
CA GLU J 218 -64.43 23.76 -1.10
C GLU J 218 -65.52 22.92 -0.44
N SER J 219 -65.45 22.84 0.88
CA SER J 219 -66.42 22.10 1.68
C SER J 219 -66.70 22.85 2.98
N GLU J 220 -66.85 24.18 2.88
CA GLU J 220 -66.92 25.01 4.08
C GLU J 220 -68.11 24.63 4.95
N ASP J 221 -69.26 24.37 4.32
CA ASP J 221 -70.41 23.82 5.03
C ASP J 221 -70.59 22.32 4.82
N SER J 222 -69.97 21.75 3.78
CA SER J 222 -70.08 20.31 3.56
C SER J 222 -69.35 19.51 4.64
N ILE J 223 -68.22 20.03 5.13
CA ILE J 223 -67.54 19.42 6.25
C ILE J 223 -68.32 19.71 7.52
N SER J 224 -68.54 18.67 8.33
CA SER J 224 -69.36 18.84 9.52
C SER J 224 -68.69 19.79 10.50
N GLU J 225 -69.51 20.43 11.34
CA GLU J 225 -69.00 21.47 12.23
C GLU J 225 -68.17 20.90 13.38
N ASP J 226 -68.44 19.66 13.78
CA ASP J 226 -67.61 19.04 14.82
C ASP J 226 -66.18 18.85 14.36
N ILE J 227 -65.99 18.37 13.11
CA ILE J 227 -64.65 18.26 12.55
C ILE J 227 -63.97 19.62 12.49
N LEU J 228 -64.71 20.63 12.01
CA LEU J 228 -64.18 21.99 11.93
C LEU J 228 -63.74 22.50 13.30
N GLU J 229 -64.56 22.23 14.32
CA GLU J 229 -64.19 22.62 15.68
C GLU J 229 -62.97 21.86 16.14
N GLY J 230 -62.84 20.60 15.74
CA GLY J 230 -61.62 19.85 16.05
C GLY J 230 -60.37 20.50 15.49
N GLU J 231 -60.41 20.88 14.20
CA GLU J 231 -59.25 21.55 13.63
C GLU J 231 -59.02 22.91 14.28
N GLY J 232 -60.09 23.66 14.56
CA GLY J 232 -59.93 24.95 15.20
C GLY J 232 -59.31 24.81 16.58
N ALA J 233 -59.73 23.78 17.32
CA ALA J 233 -59.10 23.49 18.60
C ALA J 233 -57.62 23.20 18.42
N VAL J 234 -57.26 22.40 17.41
CA VAL J 234 -55.85 22.09 17.17
C VAL J 234 -55.06 23.37 16.92
N ILE J 235 -55.56 24.22 16.02
CA ILE J 235 -54.80 25.40 15.63
C ILE J 235 -54.69 26.39 16.78
N GLN J 236 -55.77 26.59 17.54
CA GLN J 236 -55.67 27.44 18.72
C GLN J 236 -54.71 26.85 19.74
N VAL J 237 -54.75 25.53 19.95
CA VAL J 237 -53.85 24.89 20.90
C VAL J 237 -52.41 25.21 20.53
N LEU J 238 -52.07 25.03 19.26
CA LEU J 238 -50.70 25.31 18.84
C LEU J 238 -50.39 26.80 18.98
N LYS J 239 -51.38 27.65 18.66
CA LYS J 239 -51.22 29.09 18.81
C LYS J 239 -50.81 29.47 20.23
N MET J 240 -51.58 28.99 21.21
CA MET J 240 -51.21 29.26 22.60
C MET J 240 -49.90 28.58 22.95
N PHE J 241 -49.62 27.41 22.36
CA PHE J 241 -48.37 26.73 22.65
C PHE J 241 -47.19 27.61 22.26
N MET J 242 -47.28 28.25 21.09
CA MET J 242 -46.24 29.18 20.67
C MET J 242 -46.19 30.38 21.62
N LYS J 243 -47.36 30.88 22.03
CA LYS J 243 -47.36 32.01 22.96
C LYS J 243 -46.62 31.64 24.25
N GLY J 244 -46.83 30.41 24.71
CA GLY J 244 -46.10 29.95 25.87
C GLY J 244 -44.62 29.83 25.58
N PHE J 245 -44.27 29.27 24.41
CA PHE J 245 -42.86 29.11 24.06
C PHE J 245 -42.16 30.47 24.09
N LEU J 246 -42.85 31.51 23.64
CA LEU J 246 -42.20 32.82 23.57
C LEU J 246 -42.13 33.44 24.96
N VAL J 247 -43.19 33.28 25.76
CA VAL J 247 -43.11 33.70 27.16
C VAL J 247 -41.92 33.01 27.82
N HIS J 248 -41.69 31.75 27.47
CA HIS J 248 -40.56 31.01 28.03
C HIS J 248 -39.25 31.64 27.59
N LEU J 249 -39.18 32.04 26.32
CA LEU J 249 -37.95 32.67 25.82
C LEU J 249 -37.65 33.93 26.62
N GLY J 250 -38.69 34.76 26.81
CA GLY J 250 -38.50 36.00 27.55
C GLY J 250 -38.17 35.75 29.01
N GLU J 251 -38.78 34.74 29.61
CA GLU J 251 -38.62 34.49 31.04
C GLU J 251 -37.16 34.23 31.39
N ASN J 252 -36.48 33.41 30.58
CA ASN J 252 -35.08 33.07 30.86
C ASN J 252 -34.27 33.35 29.59
N PRO J 253 -33.33 34.27 29.64
CA PRO J 253 -32.39 34.45 28.53
C PRO J 253 -31.11 33.64 28.76
N ASN J 254 -30.40 33.40 27.66
CA ASN J 254 -29.25 32.52 27.68
C ASN J 254 -28.08 33.19 26.95
N SER J 255 -26.88 32.72 27.28
CA SER J 255 -25.69 33.06 26.52
C SER J 255 -25.89 32.81 25.03
N TYR J 256 -26.57 31.74 24.68
CA TYR J 256 -26.67 31.29 23.30
C TYR J 256 -27.88 31.85 22.58
N ASP J 257 -28.54 32.86 23.14
CA ASP J 257 -29.72 33.46 22.52
C ASP J 257 -29.43 34.03 21.13
N ARG J 258 -28.17 34.32 20.83
CA ARG J 258 -27.79 34.88 19.54
C ARG J 258 -27.28 33.83 18.56
N GLN J 259 -27.48 32.54 18.83
CA GLN J 259 -26.88 31.52 17.99
C GLN J 259 -27.86 30.75 17.12
N LEU J 260 -29.17 30.82 17.40
CA LEU J 260 -30.14 30.07 16.63
C LEU J 260 -31.39 30.92 16.38
N THR J 261 -32.31 30.35 15.61
CA THR J 261 -33.49 31.03 15.12
C THR J 261 -34.73 30.19 15.38
N ILE J 262 -35.90 30.79 15.13
CA ILE J 262 -37.20 30.18 15.37
C ILE J 262 -37.46 29.06 14.36
N GLU J 263 -36.54 28.90 13.41
CA GLU J 263 -36.78 28.24 12.13
C GLU J 263 -37.65 26.98 12.15
N LYS J 264 -37.64 26.21 13.23
CA LYS J 264 -38.46 25.01 13.29
C LYS J 264 -39.95 25.33 13.16
N TYR J 265 -40.40 26.41 13.78
CA TYR J 265 -41.80 26.61 14.09
C TYR J 265 -42.55 27.36 12.99
N ARG J 266 -41.85 27.78 11.93
CA ARG J 266 -42.42 28.54 10.82
C ARG J 266 -43.75 27.96 10.35
N PRO J 267 -43.82 26.68 9.95
CA PRO J 267 -45.06 26.20 9.32
C PRO J 267 -46.27 26.34 10.21
N LEU J 268 -46.10 26.19 11.52
CA LEU J 268 -47.22 26.29 12.44
C LEU J 268 -47.82 27.68 12.36
N LEU J 269 -46.96 28.70 12.41
CA LEU J 269 -47.43 30.07 12.25
C LEU J 269 -48.13 30.22 10.90
N ILE J 270 -47.59 29.55 9.88
CA ILE J 270 -48.21 29.57 8.57
C ILE J 270 -49.63 29.05 8.65
N SER J 271 -49.81 27.89 9.30
CA SER J 271 -51.15 27.34 9.42
C SER J 271 -52.08 28.36 10.06
N ILE J 272 -51.55 29.10 11.05
CA ILE J 272 -52.34 30.15 11.71
C ILE J 272 -52.93 31.07 10.67
N ILE J 273 -52.05 31.66 9.84
CA ILE J 273 -52.52 32.66 8.89
C ILE J 273 -53.50 32.04 7.91
N GLY J 274 -53.35 30.74 7.63
CA GLY J 274 -54.29 30.09 6.74
C GLY J 274 -55.70 30.16 7.30
N TYR J 275 -55.84 29.85 8.60
CA TYR J 275 -57.13 30.02 9.26
C TYR J 275 -57.57 31.45 9.17
N GLU J 276 -56.63 32.39 9.33
CA GLU J 276 -56.96 33.80 9.23
C GLU J 276 -57.71 34.07 7.93
N PHE J 277 -57.24 33.50 6.82
CA PHE J 277 -57.96 33.66 5.56
C PHE J 277 -59.23 32.84 5.52
N THR J 278 -59.25 31.69 6.19
CA THR J 278 -60.42 30.80 6.22
C THR J 278 -61.16 30.88 7.55
N VAL J 279 -61.20 32.06 8.15
CA VAL J 279 -61.88 32.26 9.42
C VAL J 279 -63.37 32.01 9.30
N ASN J 289 -54.42 39.88 10.69
CA ASN J 289 -53.40 39.73 11.72
C ASN J 289 -52.08 40.33 11.22
N HIS J 290 -51.24 40.77 12.14
CA HIS J 290 -49.88 41.17 11.82
C HIS J 290 -48.80 40.40 12.58
N ILE J 291 -49.04 40.06 13.84
CA ILE J 291 -47.97 39.52 14.68
C ILE J 291 -47.48 38.17 14.14
N TYR J 292 -48.37 37.18 14.11
CA TYR J 292 -47.97 35.83 13.74
C TYR J 292 -47.44 35.76 12.31
N TYR J 293 -48.03 36.55 11.42
CA TYR J 293 -47.56 36.62 10.05
C TYR J 293 -46.09 36.99 9.99
N GLN J 294 -45.75 38.17 10.49
CA GLN J 294 -44.35 38.61 10.45
C GLN J 294 -43.44 37.69 11.25
N LEU J 295 -43.94 37.05 12.31
CA LEU J 295 -43.15 36.02 12.96
C LEU J 295 -42.81 34.90 11.99
N ALA J 296 -43.80 34.41 11.25
CA ALA J 296 -43.54 33.36 10.27
C ALA J 296 -42.59 33.84 9.18
N THR J 297 -42.63 35.13 8.84
CA THR J 297 -41.91 35.63 7.68
C THR J 297 -40.41 35.35 7.77
N PHE J 298 -39.87 35.21 8.98
CA PHE J 298 -38.43 35.04 9.17
C PHE J 298 -38.14 33.81 10.00
N ASP J 299 -38.05 32.65 9.35
CA ASP J 299 -37.60 31.46 10.07
C ASP J 299 -36.21 31.68 10.66
N ASN J 300 -35.37 32.43 9.96
CA ASN J 300 -34.03 32.84 10.38
C ASN J 300 -34.02 33.94 11.43
N TYR J 301 -35.16 34.30 11.98
CA TYR J 301 -35.22 35.44 12.89
C TYR J 301 -34.63 35.08 14.25
N PRO J 302 -33.89 36.00 14.87
CA PRO J 302 -33.24 35.70 16.16
C PRO J 302 -34.09 36.10 17.35
N PHE J 303 -33.82 35.44 18.48
CA PHE J 303 -34.64 35.44 19.69
C PHE J 303 -34.77 36.81 20.35
N ASP J 304 -33.65 37.28 20.90
CA ASP J 304 -33.64 38.53 21.65
C ASP J 304 -34.07 39.72 20.80
N LEU J 305 -33.93 39.66 19.48
CA LEU J 305 -34.57 40.66 18.65
C LEU J 305 -36.06 40.74 18.98
N LEU J 306 -36.78 39.63 18.79
CA LEU J 306 -38.19 39.62 19.18
C LEU J 306 -38.37 40.09 20.60
N ARG J 307 -37.46 39.69 21.49
CA ARG J 307 -37.48 40.19 22.86
C ARG J 307 -37.49 41.72 22.90
N PHE J 308 -36.83 42.36 21.92
CA PHE J 308 -36.79 43.82 21.86
C PHE J 308 -38.04 44.42 21.24
N GLN J 309 -38.38 43.99 20.03
CA GLN J 309 -39.35 44.72 19.22
C GLN J 309 -40.64 43.97 19.00
N LEU J 310 -41.19 43.37 20.06
CA LEU J 310 -42.53 42.79 19.96
C LEU J 310 -43.57 43.87 19.69
N GLN J 311 -43.22 45.14 19.91
CA GLN J 311 -44.22 46.20 20.07
C GLN J 311 -44.70 46.71 18.72
N SER J 312 -43.78 47.26 17.91
CA SER J 312 -44.12 48.12 16.79
C SER J 312 -44.29 47.36 15.49
N LEU J 313 -44.58 46.05 15.57
CA LEU J 313 -44.61 45.19 14.38
C LEU J 313 -45.88 45.46 13.58
N ILE J 314 -45.94 46.65 13.03
CA ILE J 314 -47.09 47.09 12.23
C ILE J 314 -46.57 47.89 11.05
N ASP J 315 -47.18 47.67 9.89
CA ASP J 315 -46.83 48.39 8.67
C ASP J 315 -47.57 49.73 8.60
N ILE J 320 -50.04 44.22 0.73
CA ILE J 320 -49.14 44.29 1.87
C ILE J 320 -49.88 44.88 3.05
N LYS J 321 -50.17 46.18 2.99
CA LYS J 321 -51.12 46.75 3.93
C LYS J 321 -52.49 46.09 3.75
N GLU J 322 -52.97 46.00 2.50
CA GLU J 322 -54.13 45.18 2.18
C GLU J 322 -54.00 44.37 0.90
N ARG J 323 -53.17 44.77 -0.06
CA ARG J 323 -53.33 44.36 -1.45
C ARG J 323 -52.57 43.10 -1.87
N ILE J 324 -51.48 42.72 -1.20
CA ILE J 324 -50.78 41.51 -1.65
C ILE J 324 -51.39 40.26 -1.06
N GLU J 325 -52.25 40.39 -0.06
CA GLU J 325 -52.87 39.24 0.57
C GLU J 325 -54.35 39.07 0.26
N LYS J 326 -55.02 40.13 -0.22
CA LYS J 326 -56.36 39.97 -0.76
C LYS J 326 -56.39 39.00 -1.93
N ASP J 327 -55.28 38.85 -2.64
CA ASP J 327 -55.21 38.04 -3.85
C ASP J 327 -54.42 36.74 -3.61
N GLY J 328 -54.64 36.12 -2.46
CA GLY J 328 -53.95 34.89 -2.10
C GLY J 328 -52.73 35.14 -1.24
N LEU J 329 -52.67 34.44 -0.10
CA LEU J 329 -51.53 34.59 0.80
C LEU J 329 -50.27 33.97 0.22
N PHE J 330 -50.41 32.94 -0.60
CA PHE J 330 -49.29 32.13 -1.07
C PHE J 330 -49.39 31.98 -2.58
N LYS J 331 -48.34 31.45 -3.17
CA LYS J 331 -48.39 31.08 -4.58
C LYS J 331 -48.19 29.58 -4.67
N VAL J 332 -48.69 28.98 -5.75
CA VAL J 332 -48.52 27.56 -5.99
C VAL J 332 -47.84 27.40 -7.36
N ILE J 333 -46.77 26.60 -7.39
CA ILE J 333 -46.05 26.32 -8.63
C ILE J 333 -45.71 24.84 -8.70
N THR J 334 -45.95 24.21 -9.85
CA THR J 334 -45.58 22.82 -10.06
C THR J 334 -44.49 22.76 -11.11
N THR J 335 -43.44 21.99 -10.84
CA THR J 335 -42.39 21.75 -11.81
C THR J 335 -42.59 20.39 -12.47
N THR J 336 -42.72 20.39 -13.79
CA THR J 336 -42.89 19.20 -14.61
C THR J 336 -41.53 18.53 -14.80
N ASN J 337 -41.11 17.77 -13.79
CA ASN J 337 -39.79 17.16 -13.77
C ASN J 337 -39.64 15.97 -14.74
N ALA J 338 -40.65 15.76 -15.59
CA ALA J 338 -40.67 14.77 -16.66
C ALA J 338 -40.79 13.34 -16.14
N ARG J 339 -40.74 13.17 -14.82
CA ARG J 339 -41.12 11.92 -14.17
C ARG J 339 -42.21 12.13 -13.14
N GLY J 340 -42.58 13.37 -12.87
CA GLY J 340 -43.65 13.67 -11.94
C GLY J 340 -43.96 15.14 -11.96
N GLN J 341 -44.84 15.54 -11.06
CA GLN J 341 -45.25 16.94 -10.94
C GLN J 341 -44.89 17.42 -9.53
N TYR J 342 -43.67 17.93 -9.35
CA TYR J 342 -43.31 18.41 -8.03
C TYR J 342 -44.06 19.71 -7.75
N GLN J 343 -45.21 19.59 -7.10
CA GLN J 343 -45.92 20.76 -6.60
C GLN J 343 -45.13 21.42 -5.46
N SER J 344 -45.32 22.72 -5.30
CA SER J 344 -44.67 23.45 -4.23
C SER J 344 -45.44 24.73 -3.93
N VAL J 345 -45.39 25.13 -2.66
CA VAL J 345 -46.06 26.34 -2.18
C VAL J 345 -44.98 27.36 -1.86
N LEU J 346 -45.25 28.62 -2.20
CA LEU J 346 -44.25 29.67 -2.16
C LEU J 346 -44.84 30.82 -1.36
N LEU J 347 -44.48 30.93 -0.07
CA LEU J 347 -45.10 31.98 0.72
C LEU J 347 -44.54 33.36 0.39
N ARG J 348 -45.35 34.38 0.65
CA ARG J 348 -44.91 35.77 0.53
C ARG J 348 -45.01 36.46 1.88
N GLY J 349 -43.98 37.23 2.22
CA GLY J 349 -43.85 37.86 3.51
C GLY J 349 -44.05 39.35 3.39
N ILE J 350 -44.34 39.97 4.55
CA ILE J 350 -44.78 41.36 4.65
C ILE J 350 -43.82 42.35 4.00
N ASN J 351 -42.54 41.99 3.87
CA ASN J 351 -41.67 42.80 3.04
C ASN J 351 -42.11 42.80 1.59
N GLY J 352 -43.13 42.03 1.25
CA GLY J 352 -43.46 41.82 -0.15
C GLY J 352 -42.53 40.88 -0.83
N SER J 353 -41.98 39.91 -0.10
CA SER J 353 -40.98 39.03 -0.70
C SER J 353 -41.47 37.60 -0.60
N GLU J 354 -40.61 36.65 -0.94
CA GLU J 354 -41.04 35.26 -1.03
C GLU J 354 -40.05 34.35 -0.31
N SER J 355 -40.54 33.15 0.07
CA SER J 355 -39.66 32.06 0.46
C SER J 355 -40.31 30.73 0.10
N TYR J 356 -39.53 29.89 -0.57
CA TYR J 356 -39.82 28.47 -0.76
C TYR J 356 -39.94 27.74 0.57
N LEU J 357 -40.93 26.87 0.66
CA LEU J 357 -41.07 25.98 1.81
C LEU J 357 -40.24 24.72 1.63
N ASN J 358 -39.62 24.26 2.72
CA ASN J 358 -38.62 23.21 2.66
C ASN J 358 -38.89 22.12 3.69
N LEU J 359 -38.42 20.92 3.38
CA LEU J 359 -38.49 19.80 4.31
C LEU J 359 -37.61 20.07 5.53
N LYS J 360 -37.96 19.42 6.64
CA LYS J 360 -37.13 19.49 7.84
C LYS J 360 -37.27 18.18 8.62
N ARG J 361 -36.33 17.27 8.38
CA ARG J 361 -36.31 16.00 9.09
C ARG J 361 -36.07 16.23 10.57
N TYR J 362 -36.77 15.47 11.41
CA TYR J 362 -36.65 15.62 12.85
C TYR J 362 -35.87 14.44 13.43
N ARG J 363 -35.34 14.67 14.64
CA ARG J 363 -34.89 13.59 15.50
C ARG J 363 -35.33 13.95 16.91
N LYS J 364 -34.90 13.18 17.91
CA LYS J 364 -35.08 13.62 19.29
C LYS J 364 -33.96 13.01 20.11
N PHE J 365 -33.27 13.86 20.88
CA PHE J 365 -32.12 13.43 21.68
C PHE J 365 -32.53 12.34 22.66
N LYS J 366 -31.65 11.36 22.83
CA LYS J 366 -31.88 10.30 23.81
C LYS J 366 -31.57 10.89 25.19
N VAL J 367 -32.64 11.20 25.94
CA VAL J 367 -32.55 11.92 27.21
C VAL J 367 -31.53 11.26 28.12
N ARG J 368 -30.84 12.08 28.91
CA ARG J 368 -29.82 11.56 29.81
C ARG J 368 -30.45 10.80 30.96
N VAL J 369 -29.68 9.85 31.52
CA VAL J 369 -30.14 9.03 32.62
C VAL J 369 -30.18 9.80 33.93
N VAL J 370 -29.64 11.02 33.92
CA VAL J 370 -29.49 11.87 35.10
C VAL J 370 -30.73 11.89 35.97
N GLY J 371 -30.55 11.89 37.28
CA GLY J 371 -31.66 11.95 38.20
C GLY J 371 -31.44 13.08 39.19
N ASN J 372 -32.55 13.66 39.65
CA ASN J 372 -32.47 14.81 40.54
C ASN J 372 -31.77 14.44 41.84
N VAL J 373 -30.80 15.27 42.21
CA VAL J 373 -30.07 15.06 43.46
C VAL J 373 -30.99 15.19 44.67
N ASP J 374 -31.81 16.24 44.70
CA ASP J 374 -32.82 16.46 45.74
C ASP J 374 -32.21 16.28 47.14
N ASN J 375 -31.00 16.79 47.31
CA ASN J 375 -30.25 16.58 48.54
C ASN J 375 -30.98 17.16 49.74
N VAL J 376 -30.98 16.41 50.83
CA VAL J 376 -31.71 16.80 52.04
C VAL J 376 -30.81 16.98 53.25
N ILE J 377 -29.58 16.50 53.24
CA ILE J 377 -28.78 16.47 54.46
C ILE J 377 -28.49 17.88 54.95
N LYS J 378 -27.95 18.74 54.07
CA LYS J 378 -27.69 20.15 54.38
C LYS J 378 -27.00 20.23 55.75
N ASN J 379 -25.91 19.47 55.89
CA ASN J 379 -25.28 19.30 57.19
C ASN J 379 -24.43 20.50 57.56
N ASP J 380 -24.33 20.77 58.86
CA ASP J 380 -23.45 21.80 59.37
C ASP J 380 -22.04 21.26 59.49
N PHE J 381 -21.06 22.17 59.51
CA PHE J 381 -19.65 21.81 59.53
C PHE J 381 -18.89 22.44 60.69
N SER J 382 -19.28 23.66 61.09
CA SER J 382 -18.70 24.25 62.29
C SER J 382 -18.91 23.37 63.52
N SER J 383 -19.93 22.50 63.50
CA SER J 383 -20.21 21.63 64.64
C SER J 383 -19.05 20.70 64.97
N LEU J 384 -18.42 20.12 63.95
CA LEU J 384 -17.29 19.23 64.20
C LEU J 384 -16.12 20.00 64.80
N LYS J 385 -15.43 19.36 65.75
CA LYS J 385 -14.37 20.01 66.52
C LYS J 385 -13.07 20.04 65.72
N LEU J 386 -13.14 20.76 64.58
CA LEU J 386 -11.95 21.06 63.81
C LEU J 386 -10.99 21.91 64.63
N ASP J 387 -9.68 21.69 64.42
CA ASP J 387 -8.65 22.18 65.34
C ASP J 387 -8.75 23.69 65.55
N VAL J 388 -8.87 24.46 64.48
CA VAL J 388 -9.01 25.91 64.60
C VAL J 388 -9.90 26.50 63.52
N GLU K 56 -16.18 38.66 37.46
CA GLU K 56 -16.03 37.21 37.47
C GLU K 56 -15.61 36.76 38.86
N ARG K 57 -16.08 37.48 39.88
CA ARG K 57 -15.73 37.12 41.25
C ARG K 57 -16.36 35.77 41.60
N ARG K 58 -15.77 35.09 42.57
CA ARG K 58 -16.34 33.87 43.13
C ARG K 58 -15.97 33.77 44.61
N THR K 59 -16.71 32.92 45.32
CA THR K 59 -16.37 32.68 46.72
C THR K 59 -15.00 32.02 46.81
N PHE K 60 -14.30 32.26 47.91
CA PHE K 60 -12.98 31.68 48.09
C PHE K 60 -13.07 30.18 48.32
N GLY K 61 -11.98 29.49 47.97
CA GLY K 61 -11.89 28.05 48.15
C GLY K 61 -12.90 27.24 47.37
N SER K 62 -13.23 27.66 46.16
CA SER K 62 -14.35 27.06 45.45
C SER K 62 -13.88 25.87 44.61
N TYR K 63 -14.84 25.20 43.99
CA TYR K 63 -14.56 24.15 43.02
C TYR K 63 -15.62 24.25 41.94
N LYS K 64 -15.37 23.66 40.78
CA LYS K 64 -16.44 23.69 39.78
C LYS K 64 -16.45 22.35 39.06
N ILE K 65 -17.55 22.04 38.40
CA ILE K 65 -17.75 20.74 37.78
C ILE K 65 -18.09 20.94 36.31
N GLU K 66 -17.33 20.27 35.43
CA GLU K 66 -17.45 20.45 33.99
C GLU K 66 -17.64 19.10 33.32
N GLU K 67 -18.44 19.07 32.27
CA GLU K 67 -18.79 17.85 31.56
C GLU K 67 -18.02 17.71 30.26
N ILE K 68 -17.61 16.47 29.96
CA ILE K 68 -17.02 16.09 28.68
C ILE K 68 -17.56 14.71 28.33
N THR K 69 -17.74 14.46 27.04
CA THR K 69 -18.19 13.14 26.61
C THR K 69 -17.75 12.90 25.17
N ILE K 70 -17.79 11.62 24.78
CA ILE K 70 -17.46 11.21 23.42
C ILE K 70 -18.69 11.27 22.52
N LYS K 95 -20.36 11.23 29.60
CA LYS K 95 -20.72 12.42 30.36
C LYS K 95 -19.83 12.54 31.59
N ILE K 96 -18.56 12.20 31.42
CA ILE K 96 -17.61 12.26 32.53
C ILE K 96 -17.47 13.70 33.02
N PRO K 97 -17.56 13.95 34.32
CA PRO K 97 -17.24 15.26 34.85
C PRO K 97 -15.79 15.34 35.34
N ILE K 98 -15.30 16.58 35.40
CA ILE K 98 -14.00 16.88 35.97
C ILE K 98 -14.20 18.03 36.96
N LEU K 99 -13.31 18.11 37.94
CA LEU K 99 -13.38 19.13 38.96
C LEU K 99 -12.35 20.22 38.71
N ASP K 100 -12.73 21.46 39.01
CA ASP K 100 -11.82 22.56 39.16
C ASP K 100 -11.50 22.74 40.63
N ASP K 101 -10.20 22.79 40.92
CA ASP K 101 -9.60 22.64 42.24
C ASP K 101 -9.72 23.91 43.07
N GLY K 102 -9.32 25.05 42.53
CA GLY K 102 -8.93 26.17 43.35
C GLY K 102 -7.50 26.14 43.84
N ILE K 103 -6.59 25.52 43.08
CA ILE K 103 -5.20 25.32 43.48
C ILE K 103 -4.25 25.91 42.44
N PHE K 104 -4.39 25.51 41.17
CA PHE K 104 -3.57 26.07 40.12
C PHE K 104 -3.59 27.59 40.18
N ASP K 105 -4.79 28.16 40.20
CA ASP K 105 -4.92 29.61 40.39
C ASP K 105 -4.37 30.02 41.73
N LEU K 106 -4.65 29.23 42.77
CA LEU K 106 -4.13 29.53 44.10
C LEU K 106 -2.61 29.53 44.10
N ILE K 107 -2.01 28.55 43.43
CA ILE K 107 -0.55 28.52 43.33
C ILE K 107 -0.05 29.78 42.66
N ASN K 108 -0.66 30.18 41.54
CA ASN K 108 -0.19 31.38 40.85
C ASN K 108 -0.34 32.62 41.73
N TYR K 109 -1.45 32.72 42.45
CA TYR K 109 -1.65 33.85 43.36
C TYR K 109 -0.58 33.90 44.42
N LEU K 110 -0.24 32.76 45.04
CA LEU K 110 0.85 32.76 45.99
C LEU K 110 2.19 33.05 45.31
N LEU K 111 2.32 32.70 44.03
CA LEU K 111 3.53 33.07 43.29
C LEU K 111 3.68 34.58 43.25
N ASN K 112 2.59 35.28 43.01
CA ASN K 112 2.66 36.73 42.82
C ASN K 112 2.46 37.50 44.11
N GLY K 113 2.19 36.82 45.23
CA GLY K 113 1.92 37.53 46.47
C GLY K 113 0.66 38.35 46.42
N THR K 114 -0.21 38.09 45.44
CA THR K 114 -1.43 38.85 45.26
C THR K 114 -2.34 38.79 46.48
N HIS K 115 -2.98 39.91 46.77
CA HIS K 115 -3.89 40.07 47.89
C HIS K 115 -5.33 39.78 47.45
N PHE K 116 -6.15 39.39 48.43
CA PHE K 116 -7.49 38.89 48.16
C PHE K 116 -8.36 39.88 47.39
N ASP K 117 -8.17 41.17 47.61
CA ASP K 117 -8.95 42.18 46.89
C ASP K 117 -8.78 42.04 45.38
N LYS K 118 -7.54 41.99 44.91
CA LYS K 118 -7.28 41.86 43.47
C LYS K 118 -7.16 40.38 43.10
N THR K 119 -8.17 39.62 43.49
CA THR K 119 -8.29 38.21 43.20
C THR K 119 -9.62 37.97 42.50
N HIS K 120 -9.81 36.76 41.96
CA HIS K 120 -11.07 36.41 41.31
C HIS K 120 -12.15 36.17 42.36
N TYR K 121 -11.89 36.62 43.58
CA TYR K 121 -12.69 36.30 44.75
C TYR K 121 -12.98 37.56 45.57
N ASP K 125 -18.76 37.06 51.52
CA ASP K 125 -19.36 35.83 52.04
C ASP K 125 -18.30 34.97 52.71
N TYR K 126 -17.59 35.53 53.68
CA TYR K 126 -16.55 34.79 54.38
C TYR K 126 -16.61 35.05 55.88
N SER K 127 -17.83 35.19 56.40
CA SER K 127 -18.00 35.55 57.80
C SER K 127 -17.36 34.51 58.70
N HIS K 128 -17.65 33.24 58.44
CA HIS K 128 -17.13 32.11 59.20
C HIS K 128 -15.65 31.83 58.89
N LEU K 129 -14.94 32.80 58.29
CA LEU K 129 -13.50 32.68 58.03
C LEU K 129 -12.71 33.64 58.90
N PRO K 130 -12.46 33.31 60.17
CA PRO K 130 -11.75 34.24 61.06
C PRO K 130 -10.33 34.54 60.59
N THR K 131 -9.94 35.80 60.77
CA THR K 131 -8.58 36.31 60.51
C THR K 131 -8.03 35.90 59.15
N LEU K 132 -8.93 35.74 58.18
CA LEU K 132 -8.56 35.23 56.86
C LEU K 132 -7.56 36.14 56.14
N GLU K 133 -7.80 37.44 56.12
CA GLU K 133 -6.99 38.35 55.29
C GLU K 133 -5.55 38.49 55.77
N ARG K 134 -5.33 38.64 57.08
CA ARG K 134 -3.96 38.87 57.52
C ARG K 134 -3.07 37.67 57.24
N ASP K 135 -3.57 36.45 57.54
CA ASP K 135 -2.79 35.27 57.20
C ASP K 135 -2.66 35.15 55.69
N PHE K 136 -3.74 35.43 54.97
CA PHE K 136 -3.72 35.35 53.51
C PHE K 136 -2.57 36.15 52.94
N ASN K 137 -2.54 37.44 53.24
CA ASN K 137 -1.54 38.30 52.59
C ASN K 137 -0.14 38.04 53.15
N THR K 138 0.00 37.75 54.45
CA THR K 138 1.33 37.40 54.95
C THR K 138 1.91 36.20 54.22
N ALA K 139 1.13 35.13 54.11
CA ALA K 139 1.60 33.95 53.38
C ALA K 139 1.82 34.26 51.91
N SER K 140 0.97 35.10 51.32
CA SER K 140 1.16 35.49 49.92
C SER K 140 2.52 36.16 49.73
N ASN K 141 2.87 37.09 50.62
CA ASN K 141 4.18 37.75 50.51
C ASN K 141 5.31 36.74 50.71
N TYR K 142 5.19 35.88 51.73
CA TYR K 142 6.27 34.94 52.03
C TYR K 142 6.53 34.03 50.83
N VAL K 143 5.46 33.49 50.26
CA VAL K 143 5.60 32.65 49.08
C VAL K 143 6.12 33.48 47.92
N SER K 144 5.75 34.76 47.86
CA SER K 144 6.23 35.61 46.78
C SER K 144 7.75 35.73 46.78
N GLU K 145 8.34 36.04 47.95
CA GLU K 145 9.81 36.12 47.93
C GLU K 145 10.42 34.76 47.69
N ASN K 146 9.85 33.70 48.29
CA ASN K 146 10.40 32.38 48.06
C ASN K 146 10.41 32.04 46.58
N TYR K 147 9.32 32.39 45.88
CA TYR K 147 9.26 32.20 44.44
C TYR K 147 10.31 33.05 43.74
N SER K 148 10.48 34.30 44.17
CA SER K 148 11.49 35.17 43.57
C SER K 148 12.88 34.57 43.71
N ILE K 149 13.10 33.76 44.76
CA ILE K 149 14.42 33.16 45.00
C ILE K 149 14.88 32.42 43.76
N ILE K 150 13.96 31.78 43.05
CA ILE K 150 14.29 31.11 41.80
C ILE K 150 13.83 31.91 40.59
N VAL K 151 12.95 32.90 40.76
CA VAL K 151 12.58 33.78 39.67
C VAL K 151 13.80 34.55 39.17
N GLU K 152 14.73 34.87 40.08
CA GLU K 152 15.89 35.65 39.69
C GLU K 152 16.69 34.96 38.58
N GLU K 153 16.90 33.65 38.70
CA GLU K 153 17.72 32.91 37.75
C GLU K 153 17.03 32.65 36.41
N ILE K 154 15.73 32.90 36.28
CA ILE K 154 15.00 32.40 35.12
C ILE K 154 15.45 33.12 33.86
N ASP K 155 15.62 32.36 32.79
CA ASP K 155 15.84 32.92 31.47
C ASP K 155 14.63 33.77 31.07
N LEU K 156 14.88 34.73 30.19
CA LEU K 156 13.77 35.43 29.52
C LEU K 156 12.91 34.43 28.75
N ASN K 157 13.49 33.78 27.73
CA ASN K 157 12.75 32.79 26.96
C ASN K 157 12.35 31.60 27.82
N LYS K 158 13.31 31.01 28.52
CA LYS K 158 13.02 29.92 29.45
C LYS K 158 12.67 30.48 30.81
N SER K 162 5.01 25.88 28.04
CA SER K 162 3.77 25.57 28.74
C SER K 162 3.96 25.66 30.24
N GLU K 163 2.93 25.23 30.99
CA GLU K 163 2.99 25.20 32.44
C GLU K 163 2.37 23.91 32.94
N SER K 164 3.16 23.11 33.66
CA SER K 164 2.73 21.81 34.15
C SER K 164 3.15 21.62 35.61
N ILE K 165 2.85 22.64 36.41
CA ILE K 165 3.28 22.70 37.81
C ILE K 165 2.93 21.40 38.53
N SER K 166 3.80 20.98 39.45
CA SER K 166 3.57 19.75 40.18
C SER K 166 3.94 19.94 41.64
N LEU K 167 3.40 19.08 42.50
CA LEU K 167 3.61 19.19 43.94
C LEU K 167 4.07 17.83 44.46
N LYS K 168 4.94 17.86 45.47
CA LYS K 168 5.37 16.63 46.13
C LYS K 168 5.18 16.72 47.64
N SER K 169 4.50 15.72 48.20
CA SER K 169 4.55 15.46 49.62
C SER K 169 5.92 14.87 49.99
N PRO K 170 6.34 14.95 51.26
CA PRO K 170 5.73 15.61 52.42
C PRO K 170 6.39 16.95 52.72
N ASP K 171 7.45 17.28 51.98
CA ASP K 171 8.02 18.60 52.06
C ASP K 171 7.29 19.58 51.17
N PHE K 172 6.30 19.09 50.41
CA PHE K 172 5.31 19.91 49.71
C PHE K 172 6.05 20.91 48.81
N THR K 173 6.74 20.34 47.82
CA THR K 173 7.61 21.10 46.95
C THR K 173 6.93 21.35 45.62
N VAL K 174 7.09 22.57 45.11
CA VAL K 174 6.53 22.96 43.82
C VAL K 174 7.54 22.67 42.72
N VAL K 175 7.01 22.41 41.53
CA VAL K 175 7.79 21.96 40.37
C VAL K 175 7.31 22.71 39.14
N LEU K 176 8.25 23.32 38.42
CA LEU K 176 7.99 24.17 37.27
C LEU K 176 8.77 23.66 36.06
N GLU K 177 8.35 24.12 34.88
CA GLU K 177 9.11 23.91 33.67
C GLU K 177 8.98 25.15 32.79
N TYR K 178 9.98 25.36 31.94
CA TYR K 178 10.00 26.48 31.02
C TYR K 178 10.90 26.15 29.83
N PHE K 179 10.41 26.42 28.63
CA PHE K 179 11.11 26.10 27.38
C PHE K 179 11.44 27.38 26.64
N LYS K 180 12.13 27.22 25.50
CA LYS K 180 12.64 28.37 24.75
C LYS K 180 11.50 29.17 24.13
N LYS K 181 10.57 28.50 23.46
CA LYS K 181 9.54 29.18 22.66
C LYS K 181 8.70 30.13 23.51
N VAL K 206 11.99 24.88 34.76
CA VAL K 206 12.39 23.49 34.91
C VAL K 206 13.00 23.35 36.29
N ARG K 207 12.32 23.90 37.29
CA ARG K 207 12.92 23.98 38.62
C ARG K 207 11.96 23.50 39.70
N GLU K 208 12.33 23.73 40.95
CA GLU K 208 11.54 23.25 42.08
C GLU K 208 11.78 24.17 43.26
N LEU K 209 10.96 24.00 44.29
CA LEU K 209 11.25 24.64 45.57
C LEU K 209 10.57 23.87 46.69
N PRO K 210 11.30 23.48 47.73
CA PRO K 210 10.67 22.76 48.84
C PRO K 210 9.98 23.71 49.80
N LEU K 211 8.71 24.01 49.50
CA LEU K 211 7.97 25.04 50.22
C LEU K 211 7.97 24.80 51.73
N LEU K 212 7.59 23.59 52.15
CA LEU K 212 7.44 23.26 53.57
C LEU K 212 8.22 22.00 53.90
N PRO K 213 9.54 22.09 54.00
CA PRO K 213 10.34 20.92 54.37
C PRO K 213 10.17 20.53 55.82
N ILE K 214 9.45 19.45 56.08
CA ILE K 214 9.20 18.96 57.44
C ILE K 214 9.82 17.60 57.68
N MET K 215 10.42 16.98 56.66
CA MET K 215 11.05 15.67 56.84
C MET K 215 12.12 15.71 57.92
N CYS K 216 13.07 16.64 57.83
CA CYS K 216 14.11 16.77 58.85
C CYS K 216 14.47 18.24 58.96
N ARG K 217 14.38 18.79 60.18
CA ARG K 217 14.70 20.19 60.44
C ARG K 217 15.40 20.24 61.80
N GLU K 218 16.72 20.13 61.78
CA GLU K 218 17.51 20.26 63.01
C GLU K 218 17.97 21.70 63.19
N SER K 219 17.04 22.64 63.01
CA SER K 219 17.29 24.06 63.17
C SER K 219 16.09 24.72 63.84
N GLU K 220 15.54 24.08 64.88
CA GLU K 220 14.29 24.53 65.45
C GLU K 220 14.41 25.94 66.01
N ASP K 221 15.53 26.24 66.69
CA ASP K 221 15.83 27.60 67.09
C ASP K 221 16.85 28.29 66.19
N SER K 222 17.59 27.54 65.38
CA SER K 222 18.55 28.16 64.47
C SER K 222 17.84 28.92 63.36
N ILE K 223 16.70 28.41 62.89
CA ILE K 223 15.90 29.15 61.92
C ILE K 223 15.19 30.29 62.63
N SER K 224 15.25 31.48 62.04
CA SER K 224 14.68 32.65 62.69
C SER K 224 13.17 32.49 62.84
N GLU K 225 12.62 33.19 63.84
CA GLU K 225 11.20 33.01 64.17
C GLU K 225 10.30 33.66 63.13
N ASP K 226 10.76 34.70 62.44
CA ASP K 226 9.95 35.30 61.38
C ASP K 226 9.74 34.32 60.22
N ILE K 227 10.78 33.60 59.82
CA ILE K 227 10.61 32.57 58.80
C ILE K 227 9.65 31.49 59.27
N LEU K 228 9.81 31.05 60.51
CA LEU K 228 8.92 30.04 61.08
C LEU K 228 7.47 30.51 61.07
N GLU K 229 7.25 31.77 61.43
CA GLU K 229 5.90 32.32 61.39
C GLU K 229 5.39 32.38 59.96
N GLY K 230 6.28 32.67 59.00
CA GLY K 230 5.87 32.62 57.60
C GLY K 230 5.37 31.25 57.19
N GLU K 231 6.11 30.20 57.51
CA GLU K 231 5.64 28.86 57.18
C GLU K 231 4.36 28.51 57.94
N GLY K 232 4.28 28.89 59.21
CA GLY K 232 3.08 28.61 59.96
C GLY K 232 1.86 29.31 59.38
N ALA K 233 2.05 30.56 58.93
CA ALA K 233 0.99 31.26 58.23
C ALA K 233 0.58 30.50 56.98
N VAL K 234 1.56 30.02 56.21
CA VAL K 234 1.24 29.27 54.99
C VAL K 234 0.40 28.05 55.32
N ILE K 235 0.84 27.27 56.31
CA ILE K 235 0.16 26.01 56.59
C ILE K 235 -1.22 26.24 57.16
N GLN K 236 -1.38 27.23 58.04
CA GLN K 236 -2.73 27.58 58.52
C GLN K 236 -3.60 28.08 57.37
N VAL K 237 -3.04 28.90 56.48
CA VAL K 237 -3.83 29.41 55.35
C VAL K 237 -4.38 28.24 54.56
N LEU K 238 -3.53 27.28 54.23
CA LEU K 238 -4.01 26.13 53.47
C LEU K 238 -5.02 25.32 54.29
N LYS K 239 -4.78 25.18 55.60
CA LYS K 239 -5.70 24.49 56.47
C LYS K 239 -7.11 25.07 56.39
N MET K 240 -7.21 26.40 56.57
CA MET K 240 -8.52 27.02 56.44
C MET K 240 -9.03 26.93 55.00
N PHE K 241 -8.13 26.95 54.02
CA PHE K 241 -8.56 26.84 52.64
C PHE K 241 -9.28 25.52 52.43
N MET K 242 -8.72 24.44 52.98
CA MET K 242 -9.39 23.14 52.90
C MET K 242 -10.71 23.17 53.65
N LYS K 243 -10.73 23.81 54.82
CA LYS K 243 -11.98 23.89 55.58
C LYS K 243 -13.05 24.58 54.74
N GLY K 244 -12.66 25.63 54.02
CA GLY K 244 -13.59 26.28 53.12
C GLY K 244 -14.01 25.37 51.99
N PHE K 245 -13.04 24.66 51.40
CA PHE K 245 -13.36 23.76 50.30
C PHE K 245 -14.40 22.73 50.73
N LEU K 246 -14.30 22.26 51.97
CA LEU K 246 -15.22 21.22 52.43
C LEU K 246 -16.58 21.84 52.75
N VAL K 247 -16.58 23.03 53.37
CA VAL K 247 -17.84 23.74 53.54
C VAL K 247 -18.51 23.92 52.19
N HIS K 248 -17.71 24.19 51.16
CA HIS K 248 -18.26 24.36 49.82
C HIS K 248 -18.87 23.05 49.34
N LEU K 249 -18.21 21.93 49.61
CA LEU K 249 -18.74 20.64 49.19
C LEU K 249 -20.10 20.41 49.82
N GLY K 250 -20.19 20.66 51.13
CA GLY K 250 -21.44 20.46 51.83
C GLY K 250 -22.53 21.42 51.37
N GLU K 251 -22.15 22.67 51.08
CA GLU K 251 -23.13 23.68 50.73
C GLU K 251 -23.92 23.29 49.50
N ASN K 252 -23.24 22.80 48.47
CA ASN K 252 -23.91 22.43 47.22
C ASN K 252 -23.51 20.99 46.87
N PRO K 253 -24.45 20.07 46.84
CA PRO K 253 -24.17 18.72 46.33
C PRO K 253 -24.51 18.62 44.85
N ASN K 254 -23.94 17.60 44.21
CA ASN K 254 -24.02 17.44 42.78
C ASN K 254 -24.39 16.01 42.44
N SER K 255 -24.94 15.85 41.22
CA SER K 255 -25.12 14.52 40.65
C SER K 255 -23.83 13.72 40.67
N TYR K 256 -22.70 14.38 40.44
CA TYR K 256 -21.43 13.70 40.24
C TYR K 256 -20.64 13.54 41.53
N ASP K 257 -21.27 13.77 42.69
CA ASP K 257 -20.57 13.66 43.97
C ASP K 257 -20.00 12.27 44.20
N ARG K 258 -20.51 11.24 43.52
CA ARG K 258 -20.05 9.88 43.68
C ARG K 258 -19.04 9.46 42.64
N GLN K 259 -18.48 10.40 41.87
CA GLN K 259 -17.62 10.00 40.76
C GLN K 259 -16.15 10.30 40.97
N LEU K 260 -15.77 11.15 41.93
CA LEU K 260 -14.37 11.49 42.14
C LEU K 260 -14.07 11.55 43.64
N THR K 261 -12.79 11.79 43.93
CA THR K 261 -12.24 11.72 45.28
C THR K 261 -11.42 12.97 45.57
N ILE K 262 -11.02 13.10 46.83
CA ILE K 262 -10.26 14.26 47.32
C ILE K 262 -8.84 14.24 46.77
N GLU K 263 -8.49 13.18 46.04
CA GLU K 263 -7.12 12.75 45.79
C GLU K 263 -6.08 13.85 45.54
N LYS K 264 -6.47 14.97 44.95
CA LYS K 264 -5.51 16.04 44.70
C LYS K 264 -4.90 16.58 45.99
N TYR K 265 -5.70 16.70 47.05
CA TYR K 265 -5.37 17.54 48.19
C TYR K 265 -4.63 16.80 49.28
N ARG K 266 -4.41 15.49 49.12
CA ARG K 266 -3.73 14.64 50.10
C ARG K 266 -2.47 15.30 50.67
N PRO K 267 -1.49 15.71 49.84
CA PRO K 267 -0.21 16.15 50.42
C PRO K 267 -0.37 17.33 51.35
N LEU K 268 -1.32 18.22 51.07
CA LEU K 268 -1.51 19.39 51.91
C LEU K 268 -1.89 18.95 53.31
N LEU K 269 -2.85 18.03 53.41
CA LEU K 269 -3.23 17.48 54.70
C LEU K 269 -2.02 16.85 55.35
N ILE K 270 -1.19 16.19 54.55
CA ILE K 270 0.05 15.60 55.04
C ILE K 270 0.91 16.65 55.70
N SER K 271 1.12 17.77 55.00
CA SER K 271 1.94 18.83 55.57
C SER K 271 1.38 19.25 56.92
N ILE K 272 0.05 19.29 57.02
CA ILE K 272 -0.61 19.64 58.29
C ILE K 272 -0.07 18.76 59.40
N ILE K 273 -0.16 17.44 59.22
CA ILE K 273 0.20 16.53 60.29
C ILE K 273 1.69 16.67 60.59
N GLY K 274 2.49 17.04 59.59
CA GLY K 274 3.91 17.25 59.84
C GLY K 274 4.11 18.34 60.88
N TYR K 275 3.40 19.46 60.71
CA TYR K 275 3.45 20.50 61.72
C TYR K 275 2.96 19.96 63.06
N GLU K 276 1.94 19.11 63.03
CA GLU K 276 1.43 18.52 64.24
C GLU K 276 2.57 17.87 65.02
N PHE K 277 3.46 17.15 64.32
CA PHE K 277 4.60 16.56 65.01
C PHE K 277 5.65 17.62 65.35
N THR K 278 5.77 18.66 64.53
CA THR K 278 6.75 19.72 64.75
C THR K 278 6.09 21.00 65.28
N VAL K 279 5.06 20.85 66.11
CA VAL K 279 4.35 21.99 66.69
C VAL K 279 5.28 22.81 67.59
N ASN K 289 -3.93 15.18 66.59
CA ASN K 289 -5.08 15.41 65.72
C ASN K 289 -5.63 14.09 65.21
N HIS K 290 -6.92 14.08 64.89
CA HIS K 290 -7.53 12.94 64.20
C HIS K 290 -8.17 13.28 62.87
N ILE K 291 -8.79 14.45 62.75
CA ILE K 291 -9.61 14.74 61.57
C ILE K 291 -8.75 14.79 60.30
N TYR K 292 -7.80 15.73 60.24
CA TYR K 292 -7.02 15.93 59.03
C TYR K 292 -6.21 14.70 58.67
N TYR K 293 -5.70 14.00 59.68
CA TYR K 293 -4.95 12.77 59.44
C TYR K 293 -5.79 11.78 58.63
N GLN K 294 -6.93 11.34 59.20
CA GLN K 294 -7.78 10.38 58.51
C GLN K 294 -8.29 10.91 57.18
N LEU K 295 -8.49 12.23 57.06
CA LEU K 295 -8.79 12.79 55.75
C LEU K 295 -7.67 12.49 54.76
N ALA K 296 -6.43 12.73 55.16
CA ALA K 296 -5.30 12.44 54.28
C ALA K 296 -5.20 10.95 53.98
N THR K 297 -5.60 10.09 54.92
CA THR K 297 -5.37 8.66 54.80
C THR K 297 -5.98 8.09 53.52
N PHE K 298 -7.03 8.72 52.99
CA PHE K 298 -7.73 8.17 51.84
C PHE K 298 -7.84 9.23 50.74
N ASP K 299 -6.81 9.29 49.89
CA ASP K 299 -6.92 10.15 48.72
C ASP K 299 -8.10 9.73 47.85
N ASN K 300 -8.37 8.42 47.79
CA ASN K 300 -9.50 7.82 47.10
C ASN K 300 -10.84 7.99 47.81
N TYR K 301 -10.89 8.79 48.86
CA TYR K 301 -12.11 8.88 49.67
C TYR K 301 -13.19 9.69 48.93
N PRO K 302 -14.45 9.28 49.03
CA PRO K 302 -15.52 9.98 48.30
C PRO K 302 -16.20 11.06 49.15
N PHE K 303 -16.79 12.01 48.44
CA PHE K 303 -17.28 13.29 48.98
C PHE K 303 -18.40 13.12 50.00
N ASP K 304 -19.56 12.69 49.51
CA ASP K 304 -20.74 12.58 50.35
C ASP K 304 -20.56 11.62 51.52
N LEU K 305 -19.64 10.67 51.42
CA LEU K 305 -19.26 9.92 52.62
C LEU K 305 -18.86 10.88 53.72
N LEU K 306 -17.81 11.70 53.48
CA LEU K 306 -17.42 12.70 54.46
C LEU K 306 -18.62 13.55 54.86
N ARG K 307 -19.47 13.88 53.89
CA ARG K 307 -20.71 14.60 54.21
C ARG K 307 -21.52 13.86 55.28
N PHE K 308 -21.45 12.53 55.28
CA PHE K 308 -22.18 11.74 56.27
C PHE K 308 -21.47 11.66 57.61
N GLN K 309 -20.21 11.21 57.61
CA GLN K 309 -19.55 10.79 58.84
C GLN K 309 -18.41 11.70 59.26
N LEU K 310 -18.61 13.02 59.18
CA LEU K 310 -17.63 13.93 59.75
C LEU K 310 -17.50 13.74 61.25
N GLN K 311 -18.48 13.09 61.89
CA GLN K 311 -18.68 13.18 63.32
C GLN K 311 -17.75 12.24 64.08
N SER K 312 -17.87 10.94 63.83
CA SER K 312 -17.35 9.91 64.73
C SER K 312 -15.93 9.48 64.36
N LEU K 313 -15.19 10.33 63.66
CA LEU K 313 -13.88 9.96 63.12
C LEU K 313 -12.85 9.94 64.26
N ILE K 314 -13.04 8.99 65.16
CA ILE K 314 -12.16 8.82 66.30
C ILE K 314 -11.96 7.33 66.55
N ASP K 315 -10.73 6.96 66.87
CA ASP K 315 -10.38 5.57 67.17
C ASP K 315 -10.68 5.24 68.63
N ILE K 320 -1.03 3.82 66.87
CA ILE K 320 -2.30 4.12 66.23
C ILE K 320 -3.10 5.02 67.13
N LYS K 321 -3.61 4.48 68.24
CA LYS K 321 -4.13 5.35 69.29
C LYS K 321 -3.04 6.26 69.82
N GLU K 322 -1.87 5.70 70.14
CA GLU K 322 -0.68 6.48 70.42
C GLU K 322 0.61 5.94 69.81
N ARG K 323 0.70 4.64 69.53
CA ARG K 323 1.99 3.96 69.41
C ARG K 323 2.60 3.91 68.01
N ILE K 324 1.81 3.98 66.93
CA ILE K 324 2.43 3.91 65.61
C ILE K 324 2.93 5.26 65.14
N GLU K 325 2.55 6.35 65.83
CA GLU K 325 2.97 7.68 65.44
C GLU K 325 3.97 8.31 66.40
N LYS K 326 4.07 7.80 67.62
CA LYS K 326 5.16 8.21 68.51
C LYS K 326 6.52 7.92 67.90
N ASP K 327 6.60 6.91 67.02
CA ASP K 327 7.86 6.44 66.45
C ASP K 327 7.99 6.82 64.98
N GLY K 328 7.59 8.05 64.65
CA GLY K 328 7.64 8.55 63.30
C GLY K 328 6.33 8.39 62.56
N LEU K 329 5.84 9.49 61.98
CA LEU K 329 4.59 9.44 61.24
C LEU K 329 4.73 8.69 59.92
N PHE K 330 5.93 8.72 59.34
CA PHE K 330 6.17 8.22 57.98
C PHE K 330 7.38 7.30 58.01
N LYS K 331 7.59 6.59 56.92
CA LYS K 331 8.82 5.84 56.75
C LYS K 331 9.57 6.42 55.57
N VAL K 332 10.88 6.23 55.55
CA VAL K 332 11.72 6.67 54.45
C VAL K 332 12.47 5.46 53.90
N ILE K 333 12.41 5.27 52.58
CA ILE K 333 13.12 4.18 51.92
C ILE K 333 13.78 4.69 50.64
N THR K 334 15.04 4.33 50.43
CA THR K 334 15.73 4.69 49.20
C THR K 334 16.02 3.42 48.41
N THR K 335 15.75 3.45 47.12
CA THR K 335 16.07 2.34 46.22
C THR K 335 17.34 2.68 45.46
N THR K 336 18.36 1.82 45.61
CA THR K 336 19.64 1.94 44.92
C THR K 336 19.50 1.43 43.50
N ASN K 337 18.97 2.29 42.64
CA ASN K 337 18.64 1.91 41.25
C ASN K 337 19.90 1.77 40.36
N ALA K 338 21.08 1.80 40.97
CA ALA K 338 22.38 1.56 40.32
C ALA K 338 22.80 2.71 39.41
N ARG K 339 21.91 3.68 39.20
CA ARG K 339 22.26 4.95 38.57
C ARG K 339 21.92 6.13 39.46
N GLY K 340 21.26 5.89 40.58
CA GLY K 340 20.93 6.94 41.51
C GLY K 340 20.32 6.35 42.77
N GLN K 341 19.87 7.23 43.64
CA GLN K 341 19.26 6.84 44.90
C GLN K 341 17.83 7.39 44.93
N TYR K 342 16.87 6.62 44.40
CA TYR K 342 15.50 7.12 44.42
C TYR K 342 14.97 7.04 45.85
N GLN K 343 15.09 8.15 46.57
CA GLN K 343 14.46 8.29 47.87
C GLN K 343 12.94 8.34 47.72
N SER K 344 12.24 7.90 48.77
CA SER K 344 10.79 7.93 48.76
C SER K 344 10.28 7.91 50.20
N VAL K 345 9.12 8.56 50.39
CA VAL K 345 8.47 8.64 51.68
C VAL K 345 7.21 7.79 51.61
N LEU K 346 6.92 7.08 52.69
CA LEU K 346 5.89 6.05 52.71
C LEU K 346 4.99 6.34 53.90
N LEU K 347 3.84 6.99 53.67
CA LEU K 347 3.01 7.35 54.81
C LEU K 347 2.28 6.13 55.38
N ARG K 348 1.94 6.22 56.66
CA ARG K 348 1.11 5.21 57.33
C ARG K 348 -0.18 5.87 57.82
N GLY K 349 -1.29 5.17 57.61
CA GLY K 349 -2.61 5.68 57.90
C GLY K 349 -3.20 4.97 59.09
N ILE K 350 -4.23 5.61 59.68
CA ILE K 350 -4.81 5.22 60.96
C ILE K 350 -5.29 3.78 60.99
N ASN K 351 -5.61 3.20 59.83
CA ASN K 351 -5.83 1.76 59.79
C ASN K 351 -4.58 0.98 60.18
N GLY K 352 -3.46 1.67 60.38
CA GLY K 352 -2.21 0.98 60.53
C GLY K 352 -1.65 0.49 59.23
N SER K 353 -1.93 1.19 58.14
CA SER K 353 -1.51 0.69 56.83
C SER K 353 -0.61 1.73 56.18
N GLU K 354 -0.28 1.51 54.91
CA GLU K 354 0.69 2.37 54.26
C GLU K 354 0.20 2.81 52.88
N SER K 355 0.77 3.92 52.39
CA SER K 355 0.65 4.28 50.98
C SER K 355 1.90 5.04 50.54
N TYR K 356 2.44 4.57 49.41
CA TYR K 356 3.45 5.30 48.65
C TYR K 356 2.93 6.65 48.17
N LEU K 357 3.77 7.67 48.26
CA LEU K 357 3.46 8.99 47.71
C LEU K 357 3.86 9.05 46.23
N ASN K 358 3.03 9.70 45.43
CA ASN K 358 3.15 9.67 43.98
C ASN K 358 3.10 11.06 43.38
N LEU K 359 3.72 11.20 42.22
CA LEU K 359 3.66 12.44 41.45
C LEU K 359 2.23 12.69 40.97
N LYS K 360 1.93 13.97 40.72
CA LYS K 360 0.64 14.33 40.13
C LYS K 360 0.83 15.59 39.28
N ARG K 361 1.04 15.39 37.98
CA ARG K 361 1.18 16.51 37.06
C ARG K 361 -0.12 17.29 36.99
N TYR K 362 -0.02 18.62 36.93
CA TYR K 362 -1.19 19.47 36.87
C TYR K 362 -1.37 20.05 35.49
N ARG K 363 -2.59 20.50 35.21
CA ARG K 363 -2.86 21.40 34.10
C ARG K 363 -3.87 22.43 34.62
N LYS K 364 -4.38 23.28 33.74
CA LYS K 364 -5.52 24.10 34.11
C LYS K 364 -6.32 24.40 32.85
N PHE K 365 -7.62 24.14 32.92
CA PHE K 365 -8.50 24.31 31.77
C PHE K 365 -8.48 25.74 31.27
N LYS K 366 -8.49 25.90 29.95
CA LYS K 366 -8.54 27.22 29.34
C LYS K 366 -9.98 27.72 29.47
N VAL K 367 -10.19 28.63 30.42
CA VAL K 367 -11.51 29.11 30.81
C VAL K 367 -12.31 29.53 29.59
N ARG K 368 -13.62 29.31 29.63
CA ARG K 368 -14.47 29.67 28.50
C ARG K 368 -14.62 31.18 28.38
N VAL K 369 -14.88 31.63 27.15
CA VAL K 369 -15.04 33.05 26.86
C VAL K 369 -16.36 33.58 27.37
N VAL K 370 -17.24 32.69 27.84
CA VAL K 370 -18.60 33.01 28.27
C VAL K 370 -18.65 34.24 29.15
N GLY K 371 -19.69 35.06 28.96
CA GLY K 371 -19.87 36.25 29.76
C GLY K 371 -21.27 36.25 30.36
N ASN K 372 -21.38 36.87 31.54
CA ASN K 372 -22.65 36.87 32.25
C ASN K 372 -23.73 37.59 31.44
N VAL K 373 -24.87 36.92 31.30
CA VAL K 373 -26.00 37.50 30.58
C VAL K 373 -26.51 38.76 31.29
N ASP K 374 -26.69 38.69 32.61
CA ASP K 374 -27.09 39.82 33.43
C ASP K 374 -28.29 40.56 32.82
N ASN K 375 -29.24 39.79 32.30
CA ASN K 375 -30.36 40.35 31.57
C ASN K 375 -31.19 41.29 32.45
N VAL K 376 -31.59 42.41 31.89
CA VAL K 376 -32.32 43.43 32.63
C VAL K 376 -33.71 43.71 32.07
N ILE K 377 -34.02 43.30 30.84
CA ILE K 377 -35.25 43.75 30.22
C ILE K 377 -36.47 43.23 30.97
N LYS K 378 -36.53 41.92 31.21
CA LYS K 378 -37.60 41.29 32.00
C LYS K 378 -38.95 41.82 31.50
N ASN K 379 -39.15 41.74 30.20
CA ASN K 379 -40.30 42.40 29.57
C ASN K 379 -41.58 41.61 29.78
N ASP K 380 -42.70 42.33 29.85
CA ASP K 380 -44.01 41.69 29.92
C ASP K 380 -44.48 41.32 28.52
N PHE K 381 -45.40 40.36 28.46
CA PHE K 381 -45.89 39.82 27.19
C PHE K 381 -47.40 39.92 27.05
N SER K 382 -48.14 39.79 28.15
CA SER K 382 -49.57 40.03 28.10
C SER K 382 -49.90 41.44 27.60
N SER K 383 -48.97 42.38 27.71
CA SER K 383 -49.22 43.75 27.27
C SER K 383 -49.52 43.83 25.77
N LEU K 384 -48.77 43.08 24.95
CA LEU K 384 -49.02 43.11 23.52
C LEU K 384 -50.39 42.53 23.19
N LYS K 385 -51.06 43.14 22.22
CA LYS K 385 -52.44 42.81 21.88
C LYS K 385 -52.47 41.55 21.01
N LEU K 386 -51.99 40.46 21.59
CA LEU K 386 -52.15 39.14 20.99
C LEU K 386 -53.63 38.78 20.85
N ASP K 387 -53.96 38.07 19.77
CA ASP K 387 -55.35 37.93 19.34
C ASP K 387 -56.24 37.37 20.44
N VAL K 388 -55.81 36.30 21.12
CA VAL K 388 -56.59 35.74 22.23
C VAL K 388 -55.70 35.16 23.32
N GLU L 56 -9.73 -28.96 47.37
CA GLU L 56 -9.77 -27.56 46.96
C GLU L 56 -10.85 -26.84 47.76
N ARG L 57 -11.05 -27.28 49.01
CA ARG L 57 -12.06 -26.65 49.83
C ARG L 57 -11.64 -25.22 50.15
N ARG L 58 -12.63 -24.38 50.46
CA ARG L 58 -12.39 -23.03 50.95
C ARG L 58 -13.48 -22.64 51.93
N THR L 59 -13.21 -21.59 52.71
CA THR L 59 -14.24 -21.07 53.61
C THR L 59 -15.39 -20.51 52.78
N PHE L 60 -16.59 -20.56 53.36
CA PHE L 60 -17.76 -20.05 52.65
C PHE L 60 -17.72 -18.53 52.55
N GLY L 61 -18.40 -18.02 51.52
CA GLY L 61 -18.49 -16.58 51.29
C GLY L 61 -17.17 -15.89 51.02
N SER L 62 -16.25 -16.55 50.32
CA SER L 62 -14.90 -16.04 50.22
C SER L 62 -14.76 -15.11 49.02
N TYR L 63 -13.58 -14.52 48.88
CA TYR L 63 -13.23 -13.73 47.71
C TYR L 63 -11.76 -13.98 47.44
N LYS L 64 -11.29 -13.69 46.22
CA LYS L 64 -9.86 -13.86 45.99
C LYS L 64 -9.38 -12.71 45.12
N ILE L 65 -8.08 -12.49 45.10
CA ILE L 65 -7.50 -11.35 44.41
C ILE L 65 -6.43 -11.84 43.45
N GLU L 66 -6.55 -11.44 42.18
CA GLU L 66 -5.68 -11.92 41.12
C GLU L 66 -5.07 -10.74 40.37
N GLU L 67 -3.83 -10.90 39.95
CA GLU L 67 -3.08 -9.84 39.29
C GLU L 67 -3.01 -10.04 37.79
N ILE L 68 -3.11 -8.94 37.06
CA ILE L 68 -2.89 -8.89 35.61
C ILE L 68 -2.16 -7.59 35.31
N THR L 69 -1.29 -7.62 34.30
CA THR L 69 -0.61 -6.40 33.89
C THR L 69 -0.18 -6.51 32.44
N ILE L 70 0.14 -5.36 31.86
CA ILE L 70 0.63 -5.29 30.49
C ILE L 70 2.14 -5.45 30.44
N LYS L 95 -0.30 -3.72 37.06
CA LYS L 95 -0.48 -4.67 38.14
C LYS L 95 -1.90 -4.59 38.69
N ILE L 96 -2.86 -4.39 37.77
CA ILE L 96 -4.26 -4.28 38.19
C ILE L 96 -4.72 -5.57 38.83
N PRO L 97 -5.37 -5.51 39.98
CA PRO L 97 -6.02 -6.71 40.54
C PRO L 97 -7.49 -6.79 40.15
N ILE L 98 -8.01 -8.02 40.23
CA ILE L 98 -9.44 -8.27 40.05
C ILE L 98 -9.86 -9.15 41.22
N LEU L 99 -11.15 -9.08 41.55
CA LEU L 99 -11.71 -9.84 42.65
C LEU L 99 -12.50 -11.03 42.12
N ASP L 100 -12.41 -12.13 42.86
CA ASP L 100 -13.33 -13.26 42.73
C ASP L 100 -14.40 -13.12 43.80
N ASP L 101 -15.65 -13.19 43.34
CA ASP L 101 -16.86 -12.80 44.04
C ASP L 101 -17.29 -13.84 45.08
N GLY L 102 -17.40 -15.10 44.67
CA GLY L 102 -18.24 -16.04 45.37
C GLY L 102 -19.70 -16.01 45.00
N ILE L 103 -20.01 -15.64 43.75
CA ILE L 103 -21.38 -15.47 43.28
C ILE L 103 -21.66 -16.34 42.05
N PHE L 104 -20.82 -16.22 41.02
CA PHE L 104 -20.97 -17.06 39.83
C PHE L 104 -21.08 -18.52 40.23
N ASP L 105 -20.12 -18.98 41.04
CA ASP L 105 -20.20 -20.33 41.58
C ASP L 105 -21.43 -20.48 42.46
N LEU L 106 -21.70 -19.46 43.28
CA LEU L 106 -22.87 -19.49 44.15
C LEU L 106 -24.14 -19.61 43.32
N ILE L 107 -24.23 -18.85 42.23
CA ILE L 107 -25.39 -18.95 41.35
C ILE L 107 -25.53 -20.36 40.82
N ASN L 108 -24.42 -20.95 40.34
CA ASN L 108 -24.52 -22.31 39.80
C ASN L 108 -24.94 -23.31 40.87
N TYR L 109 -24.42 -23.16 42.09
CA TYR L 109 -24.80 -24.04 43.18
C TYR L 109 -26.29 -23.94 43.47
N LEU L 110 -26.83 -22.72 43.53
CA LEU L 110 -28.27 -22.58 43.71
C LEU L 110 -29.03 -23.11 42.50
N LEU L 111 -28.42 -23.08 41.31
CA LEU L 111 -29.06 -23.68 40.15
C LEU L 111 -29.26 -25.17 40.36
N ASN L 112 -28.25 -25.84 40.92
CA ASN L 112 -28.29 -27.28 41.06
C ASN L 112 -28.88 -27.73 42.39
N GLY L 113 -29.22 -26.80 43.28
CA GLY L 113 -29.71 -27.19 44.60
C GLY L 113 -28.67 -27.91 45.43
N THR L 114 -27.41 -27.80 45.04
CA THR L 114 -26.32 -28.51 45.73
C THR L 114 -26.22 -28.09 47.19
N HIS L 115 -25.91 -29.08 48.03
CA HIS L 115 -25.76 -28.92 49.47
C HIS L 115 -24.31 -28.62 49.83
N PHE L 116 -24.12 -27.97 50.98
CA PHE L 116 -22.83 -27.44 51.38
C PHE L 116 -21.75 -28.52 51.43
N ASP L 117 -22.11 -29.75 51.82
CA ASP L 117 -21.11 -30.83 51.87
C ASP L 117 -20.43 -31.03 50.53
N LYS L 118 -21.21 -31.18 49.47
CA LYS L 118 -20.64 -31.40 48.13
C LYS L 118 -20.45 -30.05 47.43
N THR L 119 -19.76 -29.15 48.12
CA THR L 119 -19.43 -27.82 47.63
C THR L 119 -17.91 -27.65 47.74
N HIS L 120 -17.39 -26.58 47.12
CA HIS L 120 -15.96 -26.30 47.20
C HIS L 120 -15.62 -25.74 48.58
N TYR L 121 -16.52 -25.94 49.54
CA TYR L 121 -16.46 -25.30 50.85
C TYR L 121 -16.75 -26.32 51.94
N ASP L 125 -15.10 -24.09 59.77
CA ASP L 125 -14.81 -22.75 60.25
C ASP L 125 -16.01 -21.82 60.02
N TYR L 126 -17.17 -22.21 60.55
CA TYR L 126 -18.38 -21.42 60.38
C TYR L 126 -19.15 -21.33 61.68
N SER L 127 -18.42 -21.26 62.80
CA SER L 127 -19.06 -21.29 64.12
C SER L 127 -20.03 -20.12 64.27
N HIS L 128 -19.56 -18.92 63.92
CA HIS L 128 -20.35 -17.70 63.99
C HIS L 128 -21.39 -17.60 62.88
N LEU L 129 -21.73 -18.73 62.23
CA LEU L 129 -22.77 -18.78 61.21
C LEU L 129 -23.98 -19.58 61.70
N PRO L 130 -24.85 -18.99 62.53
CA PRO L 130 -25.99 -19.74 63.07
C PRO L 130 -26.93 -20.25 61.99
N THR L 131 -27.44 -21.47 62.21
CA THR L 131 -28.48 -22.12 61.39
C THR L 131 -28.16 -22.07 59.89
N LEU L 132 -26.88 -22.06 59.55
CA LEU L 132 -26.44 -21.88 58.16
C LEU L 132 -26.94 -23.00 57.24
N GLU L 133 -26.80 -24.26 57.66
CA GLU L 133 -27.08 -25.38 56.75
C GLU L 133 -28.55 -25.51 56.39
N ARG L 134 -29.47 -25.39 57.36
CA ARG L 134 -30.87 -25.62 57.03
C ARG L 134 -31.38 -24.56 56.05
N ASP L 135 -31.05 -23.29 56.29
CA ASP L 135 -31.45 -22.27 55.33
C ASP L 135 -30.74 -22.50 54.00
N PHE L 136 -29.45 -22.85 54.07
CA PHE L 136 -28.67 -23.09 52.86
C PHE L 136 -29.38 -24.08 51.96
N ASN L 137 -29.65 -25.29 52.47
CA ASN L 137 -30.19 -26.32 51.60
C ASN L 137 -31.64 -26.06 51.24
N THR L 138 -32.45 -25.49 52.15
CA THR L 138 -33.82 -25.15 51.75
C THR L 138 -33.83 -24.18 50.58
N ALA L 139 -33.05 -23.10 50.66
CA ALA L 139 -32.98 -22.16 49.56
C ALA L 139 -32.38 -22.81 48.31
N SER L 140 -31.40 -23.69 48.49
CA SER L 140 -30.83 -24.40 47.35
C SER L 140 -31.89 -25.18 46.60
N ASN L 141 -32.73 -25.91 47.33
CA ASN L 141 -33.80 -26.67 46.69
C ASN L 141 -34.80 -25.74 46.02
N TYR L 142 -35.20 -24.67 46.71
CA TYR L 142 -36.22 -23.77 46.15
C TYR L 142 -35.72 -23.16 44.85
N VAL L 143 -34.49 -22.69 44.83
CA VAL L 143 -33.91 -22.15 43.61
C VAL L 143 -33.76 -23.25 42.58
N SER L 144 -33.51 -24.48 43.02
CA SER L 144 -33.37 -25.59 42.08
C SER L 144 -34.65 -25.80 41.29
N GLU L 145 -35.80 -25.89 41.98
CA GLU L 145 -37.02 -26.09 41.19
C GLU L 145 -37.33 -24.86 40.36
N ASN L 146 -37.10 -23.65 40.92
CA ASN L 146 -37.37 -22.46 40.13
C ASN L 146 -36.54 -22.46 38.85
N TYR L 147 -35.28 -22.86 38.95
CA TYR L 147 -34.43 -23.01 37.78
C TYR L 147 -34.98 -24.06 36.83
N SER L 148 -35.43 -25.20 37.37
CA SER L 148 -36.01 -26.24 36.54
C SER L 148 -37.21 -25.74 35.75
N ILE L 149 -37.91 -24.74 36.31
CA ILE L 149 -39.11 -24.20 35.66
C ILE L 149 -38.79 -23.77 34.23
N ILE L 150 -37.59 -23.25 34.01
CA ILE L 150 -37.14 -22.91 32.67
C ILE L 150 -36.14 -23.92 32.11
N VAL L 151 -35.56 -24.77 32.96
CA VAL L 151 -34.71 -25.85 32.47
C VAL L 151 -35.51 -26.79 31.59
N GLU L 152 -36.80 -26.96 31.88
CA GLU L 152 -37.61 -27.90 31.11
C GLU L 152 -37.63 -27.54 29.63
N GLU L 153 -37.79 -26.25 29.32
CA GLU L 153 -37.92 -25.80 27.94
C GLU L 153 -36.59 -25.80 27.17
N ILE L 154 -35.45 -25.98 27.82
CA ILE L 154 -34.18 -25.68 27.17
C ILE L 154 -33.92 -26.70 26.07
N ASP L 155 -33.43 -26.21 24.93
CA ASP L 155 -32.93 -27.07 23.88
C ASP L 155 -31.76 -27.89 24.39
N LEU L 156 -31.54 -29.05 23.76
CA LEU L 156 -30.30 -29.78 23.97
C LEU L 156 -29.10 -28.92 23.59
N ASN L 157 -28.99 -28.56 22.32
CA ASN L 157 -27.89 -27.71 21.86
C ASN L 157 -27.95 -26.34 22.52
N LYS L 158 -29.11 -25.68 22.42
CA LYS L 158 -29.29 -24.38 23.09
C LYS L 158 -29.78 -24.61 24.51
N SER L 162 -21.58 -20.19 25.36
CA SER L 162 -20.91 -19.63 26.53
C SER L 162 -21.89 -19.40 27.68
N GLU L 163 -21.40 -18.75 28.74
CA GLU L 163 -22.24 -18.40 29.87
C GLU L 163 -21.92 -16.98 30.33
N SER L 164 -22.92 -16.11 30.29
CA SER L 164 -22.75 -14.70 30.63
C SER L 164 -23.88 -14.23 31.54
N ILE L 165 -24.13 -15.03 32.59
CA ILE L 165 -25.24 -14.79 33.50
C ILE L 165 -25.27 -13.35 33.97
N SER L 166 -26.46 -12.80 34.15
CA SER L 166 -26.59 -11.41 34.60
C SER L 166 -27.71 -11.31 35.62
N LEU L 167 -27.67 -10.25 36.42
CA LEU L 167 -28.64 -10.04 37.49
C LEU L 167 -29.22 -8.65 37.36
N LYS L 168 -30.51 -8.51 37.71
CA LYS L 168 -31.15 -7.20 37.73
C LYS L 168 -31.81 -6.96 39.08
N SER L 169 -31.49 -5.80 39.67
CA SER L 169 -32.29 -5.23 40.74
C SER L 169 -33.59 -4.68 40.16
N PRO L 170 -34.65 -4.51 40.99
CA PRO L 170 -34.81 -4.85 42.41
C PRO L 170 -35.60 -6.13 42.59
N ASP L 171 -36.11 -6.68 41.49
CA ASP L 171 -36.72 -8.00 41.54
C ASP L 171 -35.67 -9.10 41.44
N PHE L 172 -34.40 -8.72 41.24
CA PHE L 172 -33.25 -9.59 41.40
C PHE L 172 -33.43 -10.82 40.51
N THR L 173 -33.44 -10.54 39.20
CA THR L 173 -33.75 -11.54 38.19
C THR L 173 -32.46 -12.02 37.54
N VAL L 174 -32.39 -13.32 37.31
CA VAL L 174 -31.24 -13.96 36.67
C VAL L 174 -31.48 -13.99 35.17
N VAL L 175 -30.37 -13.96 34.43
CA VAL L 175 -30.38 -13.83 32.97
C VAL L 175 -29.35 -14.81 32.40
N LEU L 176 -29.78 -15.64 31.45
CA LEU L 176 -28.99 -16.69 30.85
C LEU L 176 -28.95 -16.52 29.33
N GLU L 177 -27.98 -17.20 28.71
CA GLU L 177 -27.95 -17.32 27.26
C GLU L 177 -27.45 -18.71 26.91
N TYR L 178 -27.83 -19.17 25.72
CA TYR L 178 -27.42 -20.48 25.21
C TYR L 178 -27.50 -20.48 23.70
N PHE L 179 -26.46 -20.98 23.04
CA PHE L 179 -26.35 -21.00 21.59
C PHE L 179 -26.30 -22.44 21.09
N LYS L 180 -26.25 -22.58 19.75
CA LYS L 180 -26.33 -23.90 19.14
C LYS L 180 -25.09 -24.73 19.42
N LYS L 181 -23.91 -24.15 19.25
CA LYS L 181 -22.66 -24.91 19.30
C LYS L 181 -22.47 -25.59 20.66
N VAL L 206 -31.01 -18.23 26.81
CA VAL L 206 -31.35 -16.88 26.39
C VAL L 206 -32.60 -16.49 27.15
N ARG L 207 -32.60 -16.75 28.46
CA ARG L 207 -33.84 -16.58 29.23
C ARG L 207 -33.59 -15.80 30.51
N GLU L 208 -34.59 -15.78 31.39
CA GLU L 208 -34.51 -15.00 32.61
C GLU L 208 -35.42 -15.65 33.64
N LEU L 209 -35.27 -15.19 34.88
CA LEU L 209 -36.24 -15.55 35.90
C LEU L 209 -36.25 -14.50 37.00
N PRO L 210 -37.40 -13.95 37.37
CA PRO L 210 -37.44 -12.95 38.44
C PRO L 210 -37.43 -13.62 39.81
N LEU L 211 -36.23 -13.89 40.32
CA LEU L 211 -36.06 -14.67 41.54
C LEU L 211 -36.86 -14.10 42.70
N LEU L 212 -36.70 -12.80 42.99
CA LEU L 212 -37.32 -12.16 44.14
C LEU L 212 -38.09 -10.92 43.70
N PRO L 213 -39.25 -11.09 43.08
CA PRO L 213 -40.05 -9.92 42.67
C PRO L 213 -40.68 -9.20 43.86
N ILE L 214 -40.13 -8.03 44.22
CA ILE L 214 -40.64 -7.25 45.35
C ILE L 214 -41.22 -5.91 44.89
N MET L 215 -41.11 -5.58 43.60
CA MET L 215 -41.67 -4.31 43.11
C MET L 215 -43.16 -4.18 43.42
N CYS L 216 -43.96 -5.19 43.05
CA CYS L 216 -45.39 -5.16 43.34
C CYS L 216 -45.85 -6.60 43.57
N ARG L 217 -46.45 -6.85 44.72
CA ARG L 217 -46.95 -8.18 45.07
C ARG L 217 -48.29 -7.97 45.81
N GLU L 218 -49.37 -7.97 45.04
CA GLU L 218 -50.71 -7.89 45.65
C GLU L 218 -51.28 -9.28 45.86
N SER L 219 -50.46 -10.15 46.44
CA SER L 219 -50.84 -11.53 46.76
C SER L 219 -50.24 -11.94 48.10
N GLU L 220 -50.30 -11.04 49.08
CA GLU L 220 -49.59 -11.26 50.34
C GLU L 220 -50.09 -12.51 51.05
N ASP L 221 -51.40 -12.73 51.05
CA ASP L 221 -51.96 -14.00 51.52
C ASP L 221 -52.36 -14.94 50.40
N SER L 222 -52.50 -14.44 49.16
CA SER L 222 -52.85 -15.31 48.05
C SER L 222 -51.70 -16.26 47.70
N ILE L 223 -50.46 -15.78 47.83
CA ILE L 223 -49.30 -16.65 47.65
C ILE L 223 -49.17 -17.55 48.86
N SER L 224 -48.96 -18.84 48.63
CA SER L 224 -48.91 -19.79 49.72
C SER L 224 -47.72 -19.50 50.63
N GLU L 225 -47.84 -19.91 51.89
CA GLU L 225 -46.83 -19.56 52.88
C GLU L 225 -45.53 -20.36 52.69
N ASP L 226 -45.62 -21.56 52.11
CA ASP L 226 -44.40 -22.31 51.82
C ASP L 226 -43.52 -21.60 50.78
N ILE L 227 -44.14 -21.07 49.73
CA ILE L 227 -43.39 -20.28 48.75
C ILE L 227 -42.76 -19.06 49.41
N LEU L 228 -43.56 -18.36 50.24
CA LEU L 228 -43.06 -17.19 50.94
C LEU L 228 -41.87 -17.54 51.83
N GLU L 229 -41.95 -18.67 52.53
CA GLU L 229 -40.84 -19.11 53.34
C GLU L 229 -39.63 -19.46 52.48
N GLY L 230 -39.87 -20.01 51.29
CA GLY L 230 -38.76 -20.25 50.37
C GLY L 230 -38.03 -18.97 49.99
N GLU L 231 -38.78 -17.93 49.62
CA GLU L 231 -38.12 -16.66 49.30
C GLU L 231 -37.44 -16.06 50.52
N GLY L 232 -38.08 -16.14 51.68
CA GLY L 232 -37.47 -15.61 52.89
C GLY L 232 -36.17 -16.34 53.22
N ALA L 233 -36.17 -17.66 53.05
CA ALA L 233 -34.94 -18.42 53.21
C ALA L 233 -33.87 -17.94 52.24
N VAL L 234 -34.24 -17.70 50.98
CA VAL L 234 -33.27 -17.22 49.99
C VAL L 234 -32.67 -15.89 50.45
N ILE L 235 -33.52 -14.95 50.83
CA ILE L 235 -33.03 -13.61 51.15
C ILE L 235 -32.20 -13.62 52.41
N GLN L 236 -32.60 -14.37 53.44
CA GLN L 236 -31.77 -14.51 54.61
C GLN L 236 -30.44 -15.19 54.29
N VAL L 237 -30.47 -16.22 53.45
CA VAL L 237 -29.24 -16.90 53.06
C VAL L 237 -28.26 -15.91 52.47
N LEU L 238 -28.74 -15.10 51.52
CA LEU L 238 -27.86 -14.12 50.90
C LEU L 238 -27.41 -13.07 51.92
N LYS L 239 -28.31 -12.68 52.82
CA LYS L 239 -27.98 -11.73 53.88
C LYS L 239 -26.79 -12.21 54.71
N MET L 240 -26.88 -13.45 55.21
CA MET L 240 -25.75 -14.00 55.95
C MET L 240 -24.54 -14.18 55.04
N PHE L 241 -24.76 -14.49 53.77
CA PHE L 241 -23.64 -14.65 52.86
C PHE L 241 -22.84 -13.37 52.77
N MET L 242 -23.54 -12.23 52.68
CA MET L 242 -22.86 -10.94 52.68
C MET L 242 -22.17 -10.71 54.01
N LYS L 243 -22.82 -11.08 55.12
CA LYS L 243 -22.19 -10.89 56.41
C LYS L 243 -20.88 -11.66 56.48
N GLY L 244 -20.88 -12.87 55.92
CA GLY L 244 -19.65 -13.64 55.84
C GLY L 244 -18.64 -12.97 54.95
N PHE L 245 -19.08 -12.49 53.79
CA PHE L 245 -18.15 -11.83 52.86
C PHE L 245 -17.46 -10.66 53.55
N LEU L 246 -18.20 -9.93 54.39
CA LEU L 246 -17.61 -8.75 55.03
C LEU L 246 -16.68 -9.18 56.16
N VAL L 247 -17.08 -10.20 56.93
CA VAL L 247 -16.17 -10.76 57.91
C VAL L 247 -14.88 -11.18 57.22
N HIS L 248 -15.01 -11.73 56.01
CA HIS L 248 -13.84 -12.15 55.26
C HIS L 248 -12.98 -10.95 54.91
N LEU L 249 -13.62 -9.85 54.52
CA LEU L 249 -12.87 -8.64 54.17
C LEU L 249 -12.06 -8.18 55.38
N GLY L 250 -12.70 -8.13 56.53
CA GLY L 250 -12.02 -7.68 57.74
C GLY L 250 -10.93 -8.64 58.17
N GLU L 251 -11.16 -9.94 58.01
CA GLU L 251 -10.21 -10.94 58.49
C GLU L 251 -8.85 -10.78 57.82
N ASN L 252 -8.83 -10.57 56.51
CA ASN L 252 -7.58 -10.44 55.77
C ASN L 252 -7.63 -9.16 54.96
N PRO L 253 -6.77 -8.19 55.23
CA PRO L 253 -6.65 -7.01 54.37
C PRO L 253 -5.55 -7.21 53.33
N ASN L 254 -5.63 -6.41 52.27
CA ASN L 254 -4.77 -6.57 51.11
C ASN L 254 -4.19 -5.22 50.71
N SER L 255 -3.06 -5.30 50.01
CA SER L 255 -2.51 -4.12 49.32
C SER L 255 -3.57 -3.43 48.47
N TYR L 256 -4.41 -4.21 47.81
CA TYR L 256 -5.33 -3.68 46.81
C TYR L 256 -6.69 -3.30 47.40
N ASP L 257 -6.81 -3.22 48.72
CA ASP L 257 -8.08 -2.87 49.35
C ASP L 257 -8.60 -1.51 48.93
N ARG L 258 -7.73 -0.64 48.43
CA ARG L 258 -8.13 0.69 48.00
C ARG L 258 -8.39 0.80 46.50
N GLN L 259 -8.49 -0.33 45.80
CA GLN L 259 -8.59 -0.26 44.35
C GLN L 259 -9.95 -0.60 43.78
N LEU L 260 -10.84 -1.24 44.55
CA LEU L 260 -12.13 -1.63 44.04
C LEU L 260 -13.21 -1.39 45.09
N THR L 261 -14.46 -1.63 44.70
CA THR L 261 -15.64 -1.32 45.47
C THR L 261 -16.56 -2.53 45.54
N ILE L 262 -17.60 -2.41 46.38
CA ILE L 262 -18.56 -3.48 46.63
C ILE L 262 -19.46 -3.69 45.41
N GLU L 263 -19.29 -2.85 44.39
CA GLU L 263 -20.28 -2.59 43.35
C GLU L 263 -21.08 -3.78 42.83
N LYS L 264 -20.50 -4.98 42.82
CA LYS L 264 -21.23 -6.15 42.34
C LYS L 264 -22.48 -6.42 43.18
N TYR L 265 -22.39 -6.24 44.49
CA TYR L 265 -23.33 -6.84 45.43
C TYR L 265 -24.51 -5.93 45.74
N ARG L 266 -24.52 -4.72 45.19
CA ARG L 266 -25.57 -3.72 45.43
C ARG L 266 -26.97 -4.32 45.35
N PRO L 267 -27.37 -4.97 44.24
CA PRO L 267 -28.78 -5.38 44.13
C PRO L 267 -29.22 -6.30 45.23
N LEU L 268 -28.34 -7.16 45.71
CA LEU L 268 -28.70 -8.10 46.77
C LEU L 268 -29.12 -7.34 48.02
N LEU L 269 -28.30 -6.35 48.41
CA LEU L 269 -28.66 -5.50 49.52
C LEU L 269 -29.99 -4.83 49.25
N ILE L 270 -30.21 -4.43 48.00
CA ILE L 270 -31.47 -3.83 47.60
C ILE L 270 -32.61 -4.78 47.91
N SER L 271 -32.48 -6.03 47.47
CA SER L 271 -33.54 -7.00 47.74
C SER L 271 -33.83 -7.07 49.23
N ILE L 272 -32.77 -6.98 50.05
CA ILE L 272 -32.93 -6.99 51.49
C ILE L 272 -33.94 -5.93 51.90
N ILE L 273 -33.67 -4.68 51.52
CA ILE L 273 -34.51 -3.58 51.98
C ILE L 273 -35.93 -3.76 51.45
N GLY L 274 -36.08 -4.41 50.28
CA GLY L 274 -37.41 -4.65 49.77
C GLY L 274 -38.21 -5.50 50.74
N TYR L 275 -37.60 -6.57 51.25
CA TYR L 275 -38.24 -7.37 52.28
C TYR L 275 -38.53 -6.51 53.49
N GLU L 276 -37.59 -5.62 53.83
CA GLU L 276 -37.81 -4.72 54.96
C GLU L 276 -39.14 -4.01 54.83
N PHE L 277 -39.46 -3.53 53.62
CA PHE L 277 -40.77 -2.89 53.43
C PHE L 277 -41.89 -3.92 53.37
N THR L 278 -41.60 -5.13 52.88
CA THR L 278 -42.61 -6.18 52.76
C THR L 278 -42.43 -7.26 53.84
N VAL L 279 -42.00 -6.85 55.03
CA VAL L 279 -41.80 -7.78 56.14
C VAL L 279 -43.10 -8.44 56.56
N ASN L 289 -34.39 -0.56 59.01
CA ASN L 289 -32.98 -0.91 58.98
C ASN L 289 -32.14 0.31 58.56
N HIS L 290 -30.89 0.34 59.00
CA HIS L 290 -29.95 1.35 58.51
C HIS L 290 -28.71 0.76 57.87
N ILE L 291 -28.18 -0.36 58.37
CA ILE L 291 -26.88 -0.84 57.92
C ILE L 291 -26.91 -1.23 56.44
N TYR L 292 -27.74 -2.22 56.09
CA TYR L 292 -27.74 -2.75 54.73
C TYR L 292 -28.15 -1.69 53.73
N TYR L 293 -29.08 -0.83 54.10
CA TYR L 293 -29.50 0.26 53.23
C TYR L 293 -28.31 1.11 52.82
N GLN L 294 -27.64 1.73 53.79
CA GLN L 294 -26.50 2.59 53.46
C GLN L 294 -25.37 1.82 52.79
N LEU L 295 -25.21 0.53 53.10
CA LEU L 295 -24.28 -0.29 52.33
C LEU L 295 -24.66 -0.30 50.85
N ALA L 296 -25.94 -0.54 50.55
CA ALA L 296 -26.39 -0.54 49.17
C ALA L 296 -26.23 0.84 48.53
N THR L 297 -26.34 1.91 49.32
CA THR L 297 -26.39 3.25 48.76
C THR L 297 -25.16 3.58 47.94
N PHE L 298 -24.02 2.93 48.22
CA PHE L 298 -22.77 3.25 47.54
C PHE L 298 -22.15 2.00 46.94
N ASP L 299 -22.55 1.66 45.72
CA ASP L 299 -21.87 0.58 45.02
C ASP L 299 -20.39 0.89 44.86
N ASN L 300 -20.05 2.16 44.67
CA ASN L 300 -18.68 2.67 44.58
C ASN L 300 -17.97 2.77 45.93
N TYR L 301 -18.54 2.22 46.99
CA TYR L 301 -17.96 2.40 48.31
C TYR L 301 -16.72 1.53 48.49
N PRO L 302 -15.68 2.04 49.15
CA PRO L 302 -14.44 1.29 49.30
C PRO L 302 -14.40 0.48 50.60
N PHE L 303 -13.57 -0.57 50.57
CA PHE L 303 -13.53 -1.64 51.55
C PHE L 303 -13.13 -1.18 52.95
N ASP L 304 -11.87 -0.78 53.08
CA ASP L 304 -11.32 -0.40 54.38
C ASP L 304 -12.06 0.77 55.00
N LEU L 305 -12.73 1.62 54.21
CA LEU L 305 -13.65 2.57 54.81
C LEU L 305 -14.64 1.85 55.70
N LEU L 306 -15.43 0.93 55.12
CA LEU L 306 -16.35 0.15 55.94
C LEU L 306 -15.62 -0.50 57.10
N ARG L 307 -14.39 -0.98 56.85
CA ARG L 307 -13.59 -1.51 57.94
C ARG L 307 -13.44 -0.50 59.08
N PHE L 308 -13.41 0.79 58.74
CA PHE L 308 -13.29 1.83 59.76
C PHE L 308 -14.62 2.16 60.44
N GLN L 309 -15.64 2.50 59.66
CA GLN L 309 -16.83 3.12 60.21
C GLN L 309 -18.07 2.26 60.13
N LEU L 310 -17.94 0.98 60.47
CA LEU L 310 -19.13 0.14 60.60
C LEU L 310 -20.04 0.64 61.72
N GLN L 311 -19.52 1.49 62.61
CA GLN L 311 -20.15 1.74 63.91
C GLN L 311 -21.28 2.75 63.80
N SER L 312 -20.96 3.97 63.37
CA SER L 312 -21.82 5.13 63.58
C SER L 312 -22.78 5.37 62.43
N LEU L 313 -23.08 4.33 61.63
CA LEU L 313 -23.86 4.47 60.41
C LEU L 313 -25.33 4.66 60.77
N ILE L 314 -25.61 5.81 61.39
CA ILE L 314 -26.96 6.16 61.81
C ILE L 314 -27.17 7.65 61.55
N ASP L 315 -28.35 7.99 61.06
CA ASP L 315 -28.72 9.38 60.81
C ASP L 315 -29.24 10.05 62.08
N ILE L 320 -36.29 10.33 55.11
CA ILE L 320 -34.89 10.00 55.34
C ILE L 320 -34.76 9.37 56.71
N LYS L 321 -34.91 10.18 57.75
CA LYS L 321 -35.09 9.60 59.08
C LYS L 321 -36.35 8.75 59.13
N GLU L 322 -37.47 9.28 58.63
CA GLU L 322 -38.67 8.49 58.39
C GLU L 322 -39.38 8.79 57.07
N ARG L 323 -39.23 9.99 56.51
CA ARG L 323 -40.21 10.52 55.56
C ARG L 323 -39.95 10.22 54.08
N ILE L 324 -38.71 9.97 53.66
CA ILE L 324 -38.51 9.70 52.23
C ILE L 324 -38.75 8.24 51.89
N GLU L 325 -38.86 7.37 52.89
CA GLU L 325 -39.09 5.96 52.65
C GLU L 325 -40.48 5.48 53.03
N LYS L 326 -41.21 6.24 53.85
CA LYS L 326 -42.62 5.96 54.07
C LYS L 326 -43.42 6.02 52.76
N ASP L 327 -42.95 6.79 51.79
CA ASP L 327 -43.65 7.03 50.54
C ASP L 327 -42.99 6.31 49.37
N GLY L 328 -42.56 5.08 49.60
CA GLY L 328 -41.89 4.30 48.58
C GLY L 328 -40.38 4.38 48.66
N LEU L 329 -39.72 3.21 48.70
CA LEU L 329 -38.27 3.19 48.77
C LEU L 329 -37.64 3.62 47.45
N PHE L 330 -38.32 3.38 46.33
CA PHE L 330 -37.75 3.55 45.00
C PHE L 330 -38.72 4.35 44.16
N LYS L 331 -38.27 4.78 43.00
CA LYS L 331 -39.16 5.40 42.02
C LYS L 331 -39.18 4.51 40.79
N VAL L 332 -40.26 4.59 40.03
CA VAL L 332 -40.39 3.86 38.78
C VAL L 332 -40.64 4.85 37.66
N ILE L 333 -39.86 4.75 36.58
CA ILE L 333 -40.04 5.62 35.41
C ILE L 333 -39.93 4.78 34.14
N THR L 334 -40.83 4.99 33.20
CA THR L 334 -40.78 4.32 31.92
C THR L 334 -40.52 5.36 30.84
N THR L 335 -39.59 5.06 29.94
CA THR L 335 -39.31 5.92 28.80
C THR L 335 -39.97 5.33 27.56
N THR L 336 -40.85 6.12 26.94
CA THR L 336 -41.56 5.77 25.71
C THR L 336 -40.64 5.95 24.52
N ASN L 337 -39.77 4.96 24.30
CA ASN L 337 -38.74 5.03 23.27
C ASN L 337 -39.28 4.89 21.84
N ALA L 338 -40.61 4.91 21.70
CA ALA L 338 -41.33 4.90 20.42
C ALA L 338 -41.25 3.55 19.71
N ARG L 339 -40.46 2.63 20.24
CA ARG L 339 -40.49 1.24 19.83
C ARG L 339 -40.75 0.31 21.00
N GLY L 340 -40.79 0.84 22.21
CA GLY L 340 -41.08 0.04 23.38
C GLY L 340 -41.22 0.94 24.59
N GLN L 341 -41.38 0.30 25.74
CA GLN L 341 -41.52 1.02 27.01
C GLN L 341 -40.37 0.60 27.92
N TYR L 342 -39.24 1.30 27.84
CA TYR L 342 -38.13 0.92 28.72
C TYR L 342 -38.47 1.35 30.14
N GLN L 343 -39.03 0.42 30.91
CA GLN L 343 -39.21 0.62 32.33
C GLN L 343 -37.86 0.65 33.05
N SER L 344 -37.81 1.36 34.17
CA SER L 344 -36.59 1.44 34.96
C SER L 344 -36.94 1.81 36.39
N VAL L 345 -36.13 1.32 37.33
CA VAL L 345 -36.27 1.56 38.75
C VAL L 345 -35.13 2.47 39.18
N LEU L 346 -35.44 3.43 40.04
CA LEU L 346 -34.52 4.51 40.38
C LEU L 346 -34.44 4.55 41.91
N LEU L 347 -33.39 3.96 42.48
CA LEU L 347 -33.33 3.93 43.94
C LEU L 347 -32.96 5.29 44.52
N ARG L 348 -33.38 5.51 45.77
CA ARG L 348 -32.98 6.69 46.53
C ARG L 348 -32.21 6.27 47.78
N GLY L 349 -31.11 6.97 48.04
CA GLY L 349 -30.21 6.64 49.12
C GLY L 349 -30.31 7.64 50.24
N ILE L 350 -29.82 7.23 51.42
CA ILE L 350 -29.99 7.93 52.68
C ILE L 350 -29.52 9.37 52.63
N ASN L 351 -28.59 9.71 51.74
CA ASN L 351 -28.30 11.11 51.51
C ASN L 351 -29.50 11.85 50.96
N GLY L 352 -30.59 11.15 50.67
CA GLY L 352 -31.69 11.76 49.96
C GLY L 352 -31.41 11.91 48.50
N SER L 353 -30.63 11.01 47.92
CA SER L 353 -30.25 11.18 46.52
C SER L 353 -30.70 9.96 45.74
N GLU L 354 -30.27 9.85 44.49
CA GLU L 354 -30.79 8.81 43.62
C GLU L 354 -29.66 8.11 42.88
N SER L 355 -29.94 6.88 42.43
CA SER L 355 -29.09 6.23 41.44
C SER L 355 -29.93 5.30 40.57
N TYR L 356 -29.75 5.46 39.25
CA TYR L 356 -30.23 4.51 38.25
C TYR L 356 -29.61 3.13 38.45
N LEU L 357 -30.42 2.10 38.30
CA LEU L 357 -29.95 0.72 38.32
C LEU L 357 -29.49 0.31 36.93
N ASN L 358 -28.40 -0.45 36.87
CA ASN L 358 -27.71 -0.75 35.62
C ASN L 358 -27.42 -2.23 35.48
N LEU L 359 -27.32 -2.67 34.24
CA LEU L 359 -26.93 -4.04 33.92
C LEU L 359 -25.48 -4.29 34.36
N LYS L 360 -25.18 -5.56 34.62
CA LYS L 360 -23.80 -5.95 34.92
C LYS L 360 -23.57 -7.37 34.41
N ARG L 361 -23.03 -7.48 33.20
CA ARG L 361 -22.70 -8.79 32.63
C ARG L 361 -21.62 -9.47 33.46
N TYR L 362 -21.76 -10.77 33.65
CA TYR L 362 -20.81 -11.54 34.43
C TYR L 362 -19.94 -12.40 33.53
N ARG L 363 -18.79 -12.80 34.08
CA ARG L 363 -18.02 -13.90 33.54
C ARG L 363 -17.52 -14.72 34.73
N LYS L 364 -16.66 -15.70 34.48
CA LYS L 364 -15.96 -16.33 35.59
C LYS L 364 -14.62 -16.84 35.06
N PHE L 365 -13.55 -16.47 35.77
CA PHE L 365 -12.20 -16.83 35.36
C PHE L 365 -12.03 -18.35 35.26
N LYS L 366 -11.31 -18.78 34.23
CA LYS L 366 -11.02 -20.20 34.07
C LYS L 366 -9.91 -20.55 35.06
N VAL L 367 -10.31 -21.21 36.15
CA VAL L 367 -9.45 -21.49 37.30
C VAL L 367 -8.14 -22.11 36.82
N ARG L 368 -7.05 -21.80 37.52
CA ARG L 368 -5.75 -22.32 37.15
C ARG L 368 -5.65 -23.81 37.47
N VAL L 369 -4.79 -24.50 36.72
CA VAL L 369 -4.58 -25.93 36.88
C VAL L 369 -3.79 -26.24 38.14
N VAL L 370 -3.25 -25.21 38.80
CA VAL L 370 -2.36 -25.31 39.95
C VAL L 370 -2.87 -26.33 40.97
N GLY L 371 -1.96 -27.08 41.56
CA GLY L 371 -2.30 -28.04 42.58
C GLY L 371 -1.46 -27.82 43.82
N ASN L 372 -2.04 -28.14 44.98
CA ASN L 372 -1.37 -27.89 46.24
C ASN L 372 -0.07 -28.69 46.33
N VAL L 373 1.00 -27.98 46.69
CA VAL L 373 2.30 -28.63 46.85
C VAL L 373 2.27 -29.66 47.97
N ASP L 374 1.72 -29.28 49.13
CA ASP L 374 1.54 -30.18 50.27
C ASP L 374 2.82 -30.94 50.59
N ASN L 375 3.94 -30.23 50.51
CA ASN L 375 5.25 -30.87 50.65
C ASN L 375 5.41 -31.51 52.02
N VAL L 376 5.98 -32.70 52.04
CA VAL L 376 6.12 -33.47 53.27
C VAL L 376 7.57 -33.77 53.63
N ILE L 377 8.52 -33.62 52.71
CA ILE L 377 9.88 -34.10 52.97
C ILE L 377 10.52 -33.33 54.12
N LYS L 378 10.51 -32.00 54.05
CA LYS L 378 11.02 -31.14 55.13
C LYS L 378 12.38 -31.68 55.58
N ASN L 379 13.28 -31.87 54.62
CA ASN L 379 14.53 -32.56 54.87
C ASN L 379 15.55 -31.65 55.56
N ASP L 380 16.40 -32.25 56.38
CA ASP L 380 17.49 -31.53 57.01
C ASP L 380 18.66 -31.44 56.03
N PHE L 381 19.53 -30.46 56.28
CA PHE L 381 20.66 -30.17 55.39
C PHE L 381 22.00 -30.19 56.11
N SER L 382 22.03 -29.76 57.38
CA SER L 382 23.24 -29.90 58.17
C SER L 382 23.71 -31.35 58.26
N SER L 383 22.80 -32.31 58.06
CA SER L 383 23.17 -33.72 58.14
C SER L 383 24.23 -34.11 57.11
N LEU L 384 24.10 -33.63 55.88
CA LEU L 384 25.08 -33.96 54.85
C LEU L 384 26.44 -33.36 55.20
N LYS L 385 27.49 -34.12 54.91
CA LYS L 385 28.85 -33.76 55.32
C LYS L 385 29.43 -32.74 54.34
N LEU L 386 28.78 -31.58 54.31
CA LEU L 386 29.32 -30.43 53.60
C LEU L 386 30.66 -29.99 54.21
N ASP L 387 31.55 -29.51 53.36
CA ASP L 387 32.96 -29.37 53.73
C ASP L 387 33.14 -28.52 54.99
N VAL L 388 32.48 -27.36 55.05
CA VAL L 388 32.56 -26.51 56.24
C VAL L 388 31.26 -25.77 56.52
#